data_9GVQ
#
_entry.id   9GVQ
#
_cell.length_a   1.00
_cell.length_b   1.00
_cell.length_c   1.00
_cell.angle_alpha   90.00
_cell.angle_beta   90.00
_cell.angle_gamma   90.00
#
_symmetry.space_group_name_H-M   'P 1'
#
loop_
_entity.id
_entity.type
_entity.pdbx_description
1 polymer Mucin-5AC
2 non-polymer 'CALCIUM ION'
3 non-polymer 'COPPER (II) ION'
#
_entity_poly.entity_id   1
_entity_poly.type   'polypeptide(L)'
_entity_poly.pdbx_seq_one_letter_code
;QDGSSESSYKHHPALSPIARGPSGVPLRGATVFPSLRTIPVVRASNPAHNGRVCSTWGSFHYKTFDGDVFRFPGLCNYVF
SEHCGAAYEDFNIQLRRSQESAAPTLSRVLMKVDGVVIQLTKGSVLVNGHPVLLPFSQSGVLIQQSSSYTKVEARLGLVL
MWNHDDSLLLELDTKYANKTCGLCGDFNGMPVVSELLSHNTKLTPMEFGNLQKMDDPTDQCQDPVPEPPRNCSTGFGICE
ELLHGQLFSGCVALVDVGSYLEACRQDLCFCEDTDLLSCVCHTLAEYSRQCTHAGGLPQDWRGPDFCPQKCPNNMQYHEC
RSPCADTCSNQEHSRACEDHCVAGCFCPEGTVLDDIGQTGCVPVSKCACVYNGAAYAPGATYSTDCTNCTCSGGRWSCQE
VPCPGTCSVLGGAHFSTFDGKQYTVHGDCSYVLTKPCDSSAFTVLAELRRCGLTDSETCLKSVTLSLDGAQTVVVIKASG
EVFLNQIYTQLPISAANVTIFRPSTFFIIAQTSLGLQLNLQLVPTMQLFMQLAPKLRGQTCGLCGNFNSIQADDFRTLSG
VVEATAAAFFNTFKTQAACPNIRNSFEDPCSLSVENEKYAQHWCSQLTDADGPFGRCHAAVKPGTYYSNCMFDTCNCERS
EDCLCAALSSYVHACAAKGVQLGGWRDGVCTKPMTTCPKSMTYHYHVSTCQPTCRSLSEGDITCSVGFIPVDGCICPKGT
FLDDTGKCVQASNCPCYHRGSMIPNGESVHDSGAICTCTHGKLSCIGGQAPAPVCAAPMVFFDCRNATPGDTGAGCQKSC
HTLDMTCYSPQCVPGCVCPDGLVADGEGGCITAEDCPCVHNEASYRAGQTIRVGCNTCTCDSRMWRCTDDPCLATCAVYG
DGHYLTFDGQSYSFNGDCEYTLVQNHCGGKDSTQDSFRVVTENVPCGTTGTTCSKAIKIFLGGFELKLSHGKVEVIGTDE
SQEVPYTIRQMGIYLVVDTDIGLVLLWDKKTSIFINLSPEFKGRVCGLCGNFDDIAVNDFATRSRSVVGDVLEFGNSWKL
SPSCPDALAPKDPCTANPFRKSWAQKQCSILHGPTFAACHAHVEPARYYEACVNDACACDSGGDCECFCTAVAAYAQACH
EVGLCVSWRTPSICPLFCDYYNPEGQCEWHYQPCGVPCLRTCRNPRGDCLRDVRGLEGCYPKCPPEAPIFDEDKMQCVAT
CPTPPLPPRCHVHGKSYRPGAVVPSDKNCQSCLCTERGVECTYKAEACVCTYNGQRFHPGDVIYHTTDGTGGCISARCGA
NGTIERRVYPCSPTTPVPPTTFSFSTPPLVVSSTHTPSNGPSSAHTGPPSSAWPTTAGTSPRTRLPTASASLPPVCGEKC
LWSPWMDVSRPGRGTDSGDFDTLENLRAHGYRVCESPRSVECRAEDAPGVPLRALGQRVQCSPDVGLTCRNREQASGLCY
NYQIRVQCCTPLPCST
;
_entity_poly.pdbx_strand_id   A,B,C,D
#
loop_
_chem_comp.id
_chem_comp.type
_chem_comp.name
_chem_comp.formula
CA non-polymer 'CALCIUM ION' 'Ca 2'
CU non-polymer 'COPPER (II) ION' 'Cu 2'
#
# COMPACT_ATOMS: atom_id res chain seq x y z
N PRO A 40 35.55 115.73 26.90
CA PRO A 40 35.89 117.04 27.45
C PRO A 40 36.47 116.95 28.85
N VAL A 41 37.77 117.20 28.98
CA VAL A 41 38.46 117.14 30.26
C VAL A 41 38.47 118.53 30.87
N VAL A 42 37.89 118.65 32.08
CA VAL A 42 37.83 119.91 32.80
C VAL A 42 38.59 119.74 34.11
N ARG A 43 39.62 120.56 34.31
CA ARG A 43 40.43 120.49 35.51
C ARG A 43 39.88 121.41 36.59
N ALA A 44 40.22 121.09 37.84
CA ALA A 44 39.80 121.88 38.99
C ALA A 44 40.90 121.83 40.03
N SER A 45 41.29 122.98 40.54
CA SER A 45 42.26 123.06 41.63
C SER A 45 41.83 123.99 42.76
N ASN A 46 41.13 125.08 42.45
CA ASN A 46 40.68 126.01 43.47
C ASN A 46 39.51 125.40 44.24
N PRO A 47 39.58 125.28 45.57
CA PRO A 47 38.44 124.75 46.32
C PRO A 47 37.42 125.81 46.72
N ALA A 48 37.72 127.09 46.54
CA ALA A 48 36.76 128.14 46.82
C ALA A 48 35.71 128.17 45.72
N HIS A 49 34.49 127.75 46.05
CA HIS A 49 33.40 127.64 45.08
C HIS A 49 32.19 128.46 45.54
N ASN A 50 32.45 129.66 46.04
CA ASN A 50 31.35 130.54 46.45
C ASN A 50 30.52 131.00 45.26
N GLY A 51 31.06 130.91 44.04
CA GLY A 51 30.31 131.31 42.87
C GLY A 51 29.21 130.34 42.48
N ARG A 52 29.23 129.13 43.04
CA ARG A 52 28.22 128.12 42.74
C ARG A 52 27.12 128.08 43.79
N VAL A 53 27.14 128.98 44.77
CA VAL A 53 26.23 128.94 45.91
C VAL A 53 25.42 130.22 45.94
N CYS A 54 24.09 130.08 46.01
CA CYS A 54 23.19 131.18 46.26
C CYS A 54 22.32 130.85 47.47
N SER A 55 22.05 131.86 48.29
CA SER A 55 21.35 131.61 49.54
C SER A 55 20.57 132.84 49.95
N THR A 56 19.57 132.61 50.80
CA THR A 56 18.81 133.67 51.44
C THR A 56 18.75 133.40 52.94
N TRP A 57 18.84 134.45 53.75
CA TRP A 57 18.94 134.27 55.18
C TRP A 57 18.50 135.56 55.88
N GLY A 58 18.22 135.43 57.17
CA GLY A 58 17.97 136.59 58.01
C GLY A 58 16.79 137.42 57.55
N SER A 59 16.96 138.74 57.62
CA SER A 59 15.90 139.69 57.27
C SER A 59 15.98 139.98 55.78
N PHE A 60 15.47 139.04 54.99
CA PHE A 60 15.34 139.19 53.53
C PHE A 60 16.67 139.48 52.87
N HIS A 61 17.74 138.80 53.31
CA HIS A 61 19.06 138.97 52.73
C HIS A 61 19.27 137.90 51.67
N TYR A 62 19.69 138.33 50.47
CA TYR A 62 19.90 137.44 49.34
C TYR A 62 21.33 137.56 48.86
N LYS A 63 21.94 136.41 48.52
CA LYS A 63 23.24 136.37 47.87
C LYS A 63 23.09 135.60 46.56
N THR A 64 23.41 136.26 45.45
CA THR A 64 23.32 135.62 44.15
C THR A 64 24.51 134.70 43.92
N PHE A 65 24.46 133.92 42.85
CA PHE A 65 25.58 133.05 42.51
C PHE A 65 26.84 133.85 42.21
N ASP A 66 26.70 135.08 41.74
CA ASP A 66 27.84 135.90 41.35
C ASP A 66 28.41 136.71 42.50
N GLY A 67 27.84 136.61 43.70
CA GLY A 67 28.37 137.29 44.86
C GLY A 67 27.71 138.60 45.23
N ASP A 68 26.61 138.96 44.57
CA ASP A 68 25.92 140.21 44.88
C ASP A 68 24.98 139.99 46.07
N VAL A 69 25.26 140.66 47.17
CA VAL A 69 24.47 140.56 48.39
C VAL A 69 23.56 141.79 48.46
N PHE A 70 22.26 141.57 48.57
CA PHE A 70 21.28 142.64 48.64
C PHE A 70 20.14 142.22 49.57
N ARG A 71 19.23 143.15 49.83
CA ARG A 71 18.05 142.89 50.65
C ARG A 71 16.81 143.20 49.83
N PHE A 72 15.84 142.29 49.88
CA PHE A 72 14.56 142.46 49.18
C PHE A 72 13.44 141.94 50.07
N PRO A 73 12.73 142.83 50.77
CA PRO A 73 11.67 142.42 51.71
C PRO A 73 10.35 142.06 51.03
N GLY A 74 10.41 141.09 50.10
CA GLY A 74 9.22 140.64 49.41
C GLY A 74 8.63 139.41 50.08
N LEU A 75 7.32 139.44 50.31
CA LEU A 75 6.61 138.34 50.94
C LEU A 75 5.75 137.55 49.97
N CYS A 76 5.95 137.74 48.67
CA CYS A 76 5.17 137.04 47.65
C CYS A 76 5.88 135.75 47.27
N ASN A 77 5.41 135.10 46.21
CA ASN A 77 6.04 133.89 45.69
C ASN A 77 7.00 134.31 44.58
N TYR A 78 8.27 133.93 44.72
CA TYR A 78 9.32 134.37 43.82
C TYR A 78 10.11 133.16 43.31
N VAL A 79 10.71 133.32 42.14
CA VAL A 79 11.53 132.27 41.56
C VAL A 79 12.93 132.36 42.16
N PHE A 80 13.27 131.39 43.00
CA PHE A 80 14.61 131.37 43.61
C PHE A 80 15.68 131.13 42.55
N SER A 81 15.51 130.10 41.73
CA SER A 81 16.43 129.80 40.65
C SER A 81 15.81 128.77 39.71
N GLU A 82 15.93 128.98 38.40
CA GLU A 82 15.40 128.07 37.41
C GLU A 82 16.34 128.02 36.21
N HIS A 83 16.28 126.90 35.48
CA HIS A 83 17.16 126.67 34.33
C HIS A 83 16.47 127.15 33.06
N CYS A 84 16.58 128.45 32.80
CA CYS A 84 15.95 129.07 31.65
C CYS A 84 16.87 129.15 30.44
N GLY A 85 18.09 128.64 30.53
CA GLY A 85 19.03 128.72 29.44
C GLY A 85 18.97 127.59 28.44
N ALA A 86 17.98 126.70 28.56
CA ALA A 86 17.83 125.58 27.64
C ALA A 86 16.38 125.45 27.23
N ALA A 87 16.15 124.72 26.14
CA ALA A 87 14.79 124.47 25.68
C ALA A 87 13.99 123.68 26.71
N TYR A 88 14.64 122.73 27.38
CA TYR A 88 14.02 121.96 28.45
C TYR A 88 14.61 122.41 29.78
N GLU A 89 13.74 122.65 30.76
CA GLU A 89 14.15 123.18 32.05
C GLU A 89 14.45 122.03 33.00
N ASP A 90 15.70 121.97 33.48
CA ASP A 90 16.09 120.90 34.39
C ASP A 90 15.53 121.10 35.79
N PHE A 91 15.53 122.35 36.27
CA PHE A 91 15.06 122.61 37.63
C PHE A 91 14.33 123.95 37.67
N ASN A 92 13.45 124.09 38.65
CA ASN A 92 12.69 125.32 38.86
C ASN A 92 12.32 125.37 40.35
N ILE A 93 13.01 126.21 41.10
CA ILE A 93 12.82 126.32 42.54
C ILE A 93 12.19 127.67 42.87
N GLN A 94 11.10 127.65 43.63
CA GLN A 94 10.42 128.86 44.06
C GLN A 94 10.25 128.83 45.57
N LEU A 95 10.30 130.01 46.18
CA LEU A 95 10.19 130.16 47.63
C LEU A 95 9.19 131.25 47.96
N ARG A 96 8.52 131.08 49.11
CA ARG A 96 7.54 132.04 49.58
CA ARG A 96 7.54 132.05 49.59
C ARG A 96 7.77 132.34 51.05
N ARG A 97 7.56 133.59 51.44
CA ARG A 97 7.76 134.04 52.81
C ARG A 97 6.45 134.48 53.43
N SER A 98 6.39 134.38 54.76
CA SER A 98 5.24 134.80 55.55
C SER A 98 5.72 135.55 56.78
N GLN A 99 4.88 136.43 57.29
CA GLN A 99 5.18 137.22 58.47
C GLN A 99 4.53 136.63 59.71
N ALA A 103 8.00 138.07 61.80
CA ALA A 103 9.25 137.39 61.48
C ALA A 103 9.27 136.94 60.02
N PRO A 104 10.39 137.16 59.34
CA PRO A 104 10.49 136.75 57.94
C PRO A 104 10.64 135.24 57.79
N THR A 105 9.56 134.50 58.01
CA THR A 105 9.61 133.05 57.96
C THR A 105 9.44 132.56 56.53
N LEU A 106 9.97 131.37 56.24
CA LEU A 106 9.78 130.72 54.96
C LEU A 106 8.62 129.73 55.08
N SER A 107 7.60 129.90 54.25
CA SER A 107 6.39 129.10 54.36
C SER A 107 6.34 127.94 53.37
N ARG A 108 6.79 128.15 52.14
CA ARG A 108 6.70 127.11 51.12
C ARG A 108 7.92 127.18 50.21
N VAL A 109 8.42 126.01 49.83
CA VAL A 109 9.46 125.89 48.82
C VAL A 109 8.98 124.90 47.77
N LEU A 110 8.86 125.35 46.53
CA LEU A 110 8.39 124.53 45.42
C LEU A 110 9.55 124.23 44.49
N MET A 111 9.78 122.94 44.23
CA MET A 111 10.87 122.50 43.36
C MET A 111 10.31 121.63 42.25
N LYS A 112 10.67 121.94 41.01
CA LYS A 112 10.39 121.09 39.85
C LYS A 112 11.73 120.55 39.36
N VAL A 113 11.98 119.27 39.61
CA VAL A 113 13.25 118.63 39.26
C VAL A 113 12.94 117.49 38.31
N ASP A 114 13.09 117.74 37.02
CA ASP A 114 12.97 116.72 35.97
C ASP A 114 11.66 115.94 36.10
N GLY A 115 10.57 116.67 36.27
CA GLY A 115 9.26 116.06 36.39
C GLY A 115 8.85 115.66 37.79
N VAL A 116 9.69 115.90 38.79
CA VAL A 116 9.37 115.60 40.18
C VAL A 116 9.03 116.91 40.89
N VAL A 117 7.87 116.96 41.53
CA VAL A 117 7.40 118.17 42.22
C VAL A 117 7.56 117.93 43.71
N ILE A 118 8.35 118.78 44.36
CA ILE A 118 8.60 118.69 45.80
C ILE A 118 8.13 119.98 46.44
N GLN A 119 7.22 119.86 47.40
CA GLN A 119 6.73 120.99 48.19
C GLN A 119 7.20 120.82 49.63
N LEU A 120 7.99 121.78 50.10
CA LEU A 120 8.52 121.75 51.46
C LEU A 120 7.84 122.84 52.26
N THR A 121 7.17 122.45 53.35
CA THR A 121 6.57 123.38 54.29
C THR A 121 6.97 122.95 55.69
N LYS A 122 6.68 123.81 56.66
CA LYS A 122 7.11 123.55 58.03
C LYS A 122 6.45 122.29 58.56
N GLY A 123 7.24 121.22 58.69
CA GLY A 123 6.74 119.95 59.14
C GLY A 123 6.07 119.09 58.08
N SER A 124 6.24 119.41 56.81
CA SER A 124 5.59 118.62 55.76
C SER A 124 6.45 118.61 54.50
N VAL A 125 6.58 117.42 53.91
CA VAL A 125 7.28 117.23 52.64
C VAL A 125 6.33 116.47 51.72
N LEU A 126 5.97 117.09 50.59
CA LEU A 126 5.08 116.49 49.62
C LEU A 126 5.84 116.22 48.33
N VAL A 127 5.66 115.03 47.78
CA VAL A 127 6.26 114.65 46.50
C VAL A 127 5.14 114.26 45.55
N ASN A 128 4.98 115.04 44.48
CA ASN A 128 3.90 114.84 43.51
C ASN A 128 2.53 114.83 44.18
N GLY A 129 2.37 115.69 45.19
CA GLY A 129 1.10 115.81 45.88
C GLY A 129 0.84 114.77 46.95
N HIS A 130 1.82 113.92 47.26
CA HIS A 130 1.64 112.87 48.24
C HIS A 130 2.63 113.05 49.38
N PRO A 131 2.16 113.07 50.63
CA PRO A 131 3.10 113.15 51.76
C PRO A 131 4.01 111.93 51.79
N VAL A 132 5.27 112.15 52.17
CA VAL A 132 6.28 111.11 52.18
C VAL A 132 6.97 111.10 53.54
N LEU A 133 7.62 109.96 53.83
CA LEU A 133 8.39 109.78 55.05
C LEU A 133 9.87 109.83 54.73
N LEU A 134 10.60 110.71 55.42
CA LEU A 134 12.01 110.86 55.14
C LEU A 134 12.83 109.80 55.86
N PRO A 135 13.95 109.35 55.27
CA PRO A 135 14.52 109.73 53.96
C PRO A 135 13.70 109.21 52.80
N PHE A 136 13.66 109.95 51.69
CA PHE A 136 12.84 109.59 50.54
C PHE A 136 13.67 109.74 49.28
N SER A 137 13.89 108.63 48.58
CA SER A 137 14.65 108.62 47.34
C SER A 137 13.74 108.21 46.19
N GLN A 138 13.73 109.02 45.13
CA GLN A 138 12.87 108.75 43.98
C GLN A 138 13.35 109.55 42.78
N SER A 139 13.51 108.87 41.64
CA SER A 139 13.82 109.51 40.36
C SER A 139 15.09 110.37 40.46
N GLY A 140 16.09 109.87 41.17
CA GLY A 140 17.34 110.58 41.31
C GLY A 140 17.30 111.75 42.26
N VAL A 141 16.25 111.89 43.06
CA VAL A 141 16.11 112.97 44.02
C VAL A 141 16.03 112.36 45.41
N LEU A 142 16.90 112.81 46.31
CA LEU A 142 16.96 112.31 47.68
C LEU A 142 16.63 113.45 48.64
N ILE A 143 15.61 113.25 49.47
CA ILE A 143 15.20 114.23 50.46
C ILE A 143 15.43 113.62 51.84
N GLN A 144 16.21 114.31 52.67
CA GLN A 144 16.55 113.79 53.99
C GLN A 144 16.58 114.93 55.00
N GLN A 145 16.06 114.65 56.20
CA GLN A 145 16.01 115.62 57.28
C GLN A 145 17.05 115.29 58.32
N SER A 146 17.75 116.32 58.80
CA SER A 146 18.74 116.18 59.86
C SER A 146 18.29 117.01 61.06
N SER A 147 19.16 117.09 62.07
CA SER A 147 18.85 117.85 63.28
C SER A 147 18.80 119.35 63.05
N SER A 148 19.32 119.84 61.91
CA SER A 148 19.37 121.26 61.66
C SER A 148 18.93 121.68 60.26
N TYR A 149 18.60 120.73 59.38
CA TYR A 149 18.31 121.10 58.00
C TYR A 149 17.44 120.05 57.34
N THR A 150 16.86 120.44 56.21
CA THR A 150 16.23 119.53 55.25
C THR A 150 16.97 119.68 53.94
N LYS A 151 17.53 118.57 53.44
CA LYS A 151 18.38 118.57 52.26
C LYS A 151 17.69 117.83 51.13
N VAL A 152 17.65 118.46 49.95
CA VAL A 152 17.15 117.84 48.73
C VAL A 152 18.29 117.83 47.73
N GLU A 153 18.76 116.64 47.38
CA GLU A 153 19.87 116.47 46.44
C GLU A 153 19.33 115.88 45.14
N ALA A 154 19.60 116.54 44.03
CA ALA A 154 19.19 116.09 42.71
C ALA A 154 20.43 115.71 41.91
N ARG A 155 20.43 114.48 41.41
CA ARG A 155 21.58 113.90 40.71
C ARG A 155 21.94 114.67 39.45
N LEU A 156 21.03 115.48 38.92
CA LEU A 156 21.39 116.36 37.82
C LEU A 156 22.36 117.44 38.24
N GLY A 157 22.62 117.58 39.55
CA GLY A 157 23.68 118.43 40.02
C GLY A 157 23.26 119.59 40.90
N LEU A 158 22.21 119.43 41.72
CA LEU A 158 21.81 120.51 42.60
C LEU A 158 21.63 120.00 44.03
N VAL A 159 21.88 120.90 44.99
CA VAL A 159 21.66 120.62 46.40
C VAL A 159 20.93 121.81 47.01
N LEU A 160 19.79 121.56 47.64
CA LEU A 160 19.03 122.59 48.34
C LEU A 160 18.99 122.28 49.82
N MET A 161 19.24 123.30 50.64
CA MET A 161 19.28 123.19 52.09
C MET A 161 18.29 124.19 52.67
N TRP A 162 17.31 123.69 53.41
CA TRP A 162 16.39 124.54 54.17
C TRP A 162 16.74 124.32 55.64
N ASN A 163 17.46 125.27 56.23
CA ASN A 163 17.94 125.11 57.59
C ASN A 163 16.87 125.57 58.58
N HIS A 164 17.15 125.36 59.87
CA HIS A 164 16.21 125.69 60.93
C HIS A 164 16.36 127.12 61.46
N ASP A 165 17.37 127.87 60.99
CA ASP A 165 17.40 129.30 61.19
C ASP A 165 16.78 130.05 60.02
N ASP A 166 15.95 129.37 59.23
CA ASP A 166 15.20 129.95 58.12
C ASP A 166 16.13 130.50 57.05
N SER A 167 17.04 129.64 56.59
CA SER A 167 17.96 129.96 55.50
C SER A 167 17.84 128.92 54.41
N LEU A 168 17.67 129.38 53.18
CA LEU A 168 17.55 128.51 52.01
C LEU A 168 18.80 128.70 51.16
N LEU A 169 19.61 127.65 51.05
CA LEU A 169 20.88 127.70 50.36
C LEU A 169 20.86 126.72 49.19
N LEU A 170 21.22 127.19 48.00
CA LEU A 170 21.23 126.37 46.80
C LEU A 170 22.64 126.31 46.24
N GLU A 171 23.12 125.08 45.98
CA GLU A 171 24.42 124.85 45.36
C GLU A 171 24.19 124.13 44.05
N LEU A 172 24.73 124.70 42.97
CA LEU A 172 24.51 124.21 41.62
C LEU A 172 25.80 123.68 41.01
N ASP A 173 25.67 122.69 40.12
CA ASP A 173 26.80 122.23 39.34
C ASP A 173 27.26 123.33 38.39
N THR A 174 28.56 123.31 38.07
CA THR A 174 29.12 124.33 37.20
C THR A 174 28.61 124.24 35.77
N LYS A 175 27.96 123.15 35.39
CA LYS A 175 27.40 123.03 34.04
C LYS A 175 26.19 123.92 33.82
N TYR A 176 25.61 124.46 34.89
CA TYR A 176 24.46 125.36 34.80
C TYR A 176 24.87 126.82 34.74
N ALA A 177 26.16 127.11 34.69
CA ALA A 177 26.62 128.50 34.64
C ALA A 177 26.12 129.18 33.38
N ASN A 178 25.77 130.46 33.51
CA ASN A 178 25.29 131.31 32.41
C ASN A 178 23.97 130.80 31.83
N LYS A 179 23.20 130.03 32.59
CA LYS A 179 21.97 129.45 32.08
C LYS A 179 20.81 129.52 33.07
N THR A 180 20.92 130.30 34.14
CA THR A 180 19.89 130.37 35.18
C THR A 180 19.30 131.77 35.25
N CYS A 181 18.17 131.86 35.96
CA CYS A 181 17.54 133.14 36.24
C CYS A 181 16.75 133.02 37.53
N GLY A 182 16.41 134.17 38.10
CA GLY A 182 15.69 134.24 39.35
C GLY A 182 16.39 135.18 40.32
N LEU A 183 16.04 135.05 41.60
CA LEU A 183 16.64 135.88 42.63
C LEU A 183 18.12 135.58 42.83
N CYS A 184 18.60 134.44 42.35
CA CYS A 184 19.99 134.03 42.55
C CYS A 184 20.91 134.45 41.42
N GLY A 185 20.42 135.24 40.47
CA GLY A 185 21.25 135.73 39.39
C GLY A 185 21.34 134.78 38.22
N ASP A 186 22.10 135.21 37.21
CA ASP A 186 22.25 134.45 35.98
C ASP A 186 23.47 133.52 35.99
N PHE A 187 24.26 133.53 37.07
CA PHE A 187 25.32 132.56 37.29
C PHE A 187 26.36 132.59 36.16
N ASN A 188 27.00 133.75 36.01
CA ASN A 188 28.05 133.92 35.01
C ASN A 188 29.33 134.50 35.58
N GLY A 189 29.44 134.63 36.89
CA GLY A 189 30.66 135.11 37.53
C GLY A 189 30.81 136.61 37.59
N MET A 190 29.82 137.39 37.15
CA MET A 190 29.89 138.83 37.18
C MET A 190 28.67 139.36 37.93
N PRO A 191 28.87 140.20 38.95
CA PRO A 191 27.77 140.45 39.92
C PRO A 191 26.63 141.27 39.35
N VAL A 192 26.91 142.36 38.65
CA VAL A 192 25.89 143.32 38.27
C VAL A 192 25.34 143.03 36.87
N VAL A 193 26.20 142.69 35.93
CA VAL A 193 25.79 142.53 34.53
C VAL A 193 24.81 141.38 34.40
N SER A 194 23.75 141.61 33.61
CA SER A 194 22.70 140.65 33.24
C SER A 194 21.74 140.34 34.38
N GLU A 195 21.90 140.95 35.54
CA GLU A 195 20.94 140.81 36.64
C GLU A 195 20.31 142.12 37.04
N LEU A 196 21.10 143.19 37.13
CA LEU A 196 20.61 144.51 37.47
C LEU A 196 20.42 145.40 36.24
N LEU A 197 20.48 144.81 35.04
CA LEU A 197 20.29 145.54 33.80
C LEU A 197 19.13 144.92 33.04
N SER A 198 18.11 145.72 32.74
CA SER A 198 16.99 145.27 31.94
C SER A 198 17.21 145.62 30.47
N HIS A 199 17.30 146.92 30.16
CA HIS A 199 17.70 147.39 28.84
C HIS A 199 18.65 148.57 29.06
N ASN A 200 19.93 148.26 29.22
CA ASN A 200 21.02 149.22 29.40
C ASN A 200 20.85 150.10 30.64
N THR A 201 19.84 149.84 31.46
CA THR A 201 19.57 150.63 32.64
C THR A 201 20.05 149.91 33.89
N LYS A 202 19.87 150.55 35.04
CA LYS A 202 20.28 150.01 36.34
C LYS A 202 19.05 149.67 37.16
N LEU A 203 18.99 148.44 37.64
CA LEU A 203 17.86 147.96 38.43
C LEU A 203 18.22 147.95 39.90
N THR A 204 17.38 148.60 40.71
CA THR A 204 17.55 148.54 42.14
C THR A 204 17.22 147.13 42.65
N PRO A 205 17.77 146.73 43.80
CA PRO A 205 17.47 145.39 44.31
C PRO A 205 15.98 145.13 44.49
N MET A 206 15.20 146.13 44.88
CA MET A 206 13.75 145.94 45.01
C MET A 206 13.11 145.67 43.65
N GLU A 207 13.50 146.43 42.62
CA GLU A 207 12.97 146.19 41.28
C GLU A 207 13.37 144.81 40.78
N PHE A 208 14.63 144.42 40.99
CA PHE A 208 15.09 143.10 40.57
C PHE A 208 14.32 142.00 41.27
N GLY A 209 14.08 142.15 42.57
CA GLY A 209 13.29 141.16 43.29
C GLY A 209 11.85 141.10 42.81
N ASN A 210 11.24 142.26 42.53
CA ASN A 210 9.87 142.27 42.03
C ASN A 210 9.77 141.66 40.64
N LEU A 211 10.83 141.77 39.83
CA LEU A 211 10.81 141.21 38.49
C LEU A 211 10.77 139.69 38.49
N GLN A 212 11.09 139.04 39.61
CA GLN A 212 11.13 137.59 39.70
C GLN A 212 9.91 137.00 40.39
N LYS A 213 8.80 137.74 40.44
CA LYS A 213 7.59 137.24 41.08
C LYS A 213 6.88 136.25 40.16
N MET A 214 6.32 135.20 40.78
CA MET A 214 5.47 134.23 40.10
C MET A 214 4.28 133.96 41.03
N ASP A 215 3.20 134.69 40.83
CA ASP A 215 2.08 134.65 41.75
C ASP A 215 1.27 133.36 41.59
N ASP A 216 0.49 133.06 42.62
CA ASP A 216 -0.45 131.96 42.57
C ASP A 216 -1.63 132.31 41.67
N PRO A 217 -2.39 131.31 41.21
CA PRO A 217 -3.50 131.60 40.29
C PRO A 217 -4.52 132.57 40.85
N THR A 218 -4.81 132.51 42.15
CA THR A 218 -5.79 133.39 42.76
C THR A 218 -5.24 134.32 43.82
N ASP A 219 -3.96 134.18 44.20
CA ASP A 219 -3.34 135.02 45.23
C ASP A 219 -2.46 136.05 44.55
N GLN A 220 -3.03 137.21 44.26
CA GLN A 220 -2.27 138.34 43.71
C GLN A 220 -1.61 139.07 44.87
N CYS A 221 -0.45 138.57 45.29
CA CYS A 221 0.26 139.17 46.40
C CYS A 221 0.79 140.54 46.02
N GLN A 222 0.59 141.52 46.91
CA GLN A 222 1.00 142.88 46.61
C GLN A 222 2.50 143.04 46.77
N ASP A 223 3.10 143.82 45.87
CA ASP A 223 4.53 144.07 45.94
C ASP A 223 4.86 144.91 47.17
N PRO A 224 6.03 144.72 47.77
CA PRO A 224 6.39 145.51 48.96
C PRO A 224 6.53 146.98 48.63
N VAL A 225 6.12 147.81 49.59
CA VAL A 225 6.21 149.26 49.46
C VAL A 225 7.54 149.73 50.05
N PRO A 226 8.34 150.49 49.31
CA PRO A 226 9.62 150.97 49.87
C PRO A 226 9.40 151.82 51.10
N GLU A 227 10.31 151.68 52.07
CA GLU A 227 10.23 152.43 53.32
C GLU A 227 11.43 153.36 53.44
N PRO A 228 11.25 154.51 54.09
CA PRO A 228 12.38 155.40 54.30
C PRO A 228 13.40 154.76 55.22
N PRO A 229 14.68 155.07 55.04
CA PRO A 229 15.70 154.51 55.94
C PRO A 229 15.52 155.02 57.35
N ARG A 230 15.50 154.08 58.31
CA ARG A 230 15.26 154.44 59.71
C ARG A 230 16.42 155.22 60.31
N ASN A 231 17.59 155.23 59.66
CA ASN A 231 18.80 155.83 60.22
C ASN A 231 19.13 155.23 61.59
N CYS A 232 18.88 153.93 61.72
CA CYS A 232 19.07 153.21 62.97
C CYS A 232 20.54 152.91 63.22
N PHE A 236 31.38 151.59 64.25
CA PHE A 236 31.92 150.54 65.11
C PHE A 236 30.89 150.12 66.15
N GLY A 237 30.48 148.86 66.11
CA GLY A 237 29.49 148.33 67.02
C GLY A 237 29.77 146.88 67.34
N ILE A 238 28.73 146.18 67.82
CA ILE A 238 28.89 144.78 68.20
C ILE A 238 29.13 143.91 66.98
N CYS A 239 28.44 144.20 65.86
CA CYS A 239 28.66 143.43 64.64
C CYS A 239 30.10 143.58 64.15
N GLU A 240 30.64 144.80 64.22
CA GLU A 240 32.02 145.02 63.80
C GLU A 240 33.00 144.26 64.68
N GLU A 241 32.79 144.29 65.99
CA GLU A 241 33.68 143.57 66.90
C GLU A 241 33.59 142.07 66.68
N LEU A 242 32.38 141.55 66.44
CA LEU A 242 32.22 140.12 66.26
C LEU A 242 32.84 139.65 64.95
N LEU A 243 32.55 140.34 63.85
CA LEU A 243 33.03 139.89 62.54
C LEU A 243 34.50 140.19 62.31
N HIS A 244 35.00 141.31 62.82
CA HIS A 244 36.41 141.67 62.66
C HIS A 244 37.29 141.12 63.77
N GLY A 245 36.73 140.36 64.71
CA GLY A 245 37.48 139.79 65.80
C GLY A 245 38.26 138.56 65.39
N GLN A 246 38.83 137.90 66.40
CA GLN A 246 39.63 136.71 66.17
C GLN A 246 38.79 135.46 65.93
N LEU A 247 37.47 135.54 66.09
CA LEU A 247 36.61 134.39 65.82
C LEU A 247 36.69 133.99 64.35
N PHE A 248 36.68 134.97 63.45
CA PHE A 248 36.80 134.75 62.01
C PHE A 248 38.13 135.35 61.56
N SER A 249 39.19 134.56 61.65
CA SER A 249 40.52 134.98 61.22
C SER A 249 40.90 134.41 59.86
N GLY A 250 40.75 133.10 59.69
CA GLY A 250 40.98 132.48 58.40
C GLY A 250 39.85 132.63 57.41
N CYS A 251 38.70 133.15 57.86
CA CYS A 251 37.55 133.35 56.99
C CYS A 251 37.55 134.71 56.31
N VAL A 252 38.17 135.71 56.94
CA VAL A 252 38.18 137.06 56.35
C VAL A 252 39.01 137.08 55.07
N ALA A 253 40.15 136.38 55.06
CA ALA A 253 41.01 136.38 53.89
C ALA A 253 40.39 135.67 52.69
N LEU A 254 39.32 134.91 52.90
CA LEU A 254 38.65 134.19 51.83
C LEU A 254 37.34 134.84 51.38
N VAL A 255 36.52 135.27 52.33
CA VAL A 255 35.23 135.89 52.03
C VAL A 255 35.23 137.29 52.63
N ASP A 256 34.85 138.28 51.82
CA ASP A 256 34.78 139.65 52.30
C ASP A 256 33.69 139.81 53.35
N VAL A 257 33.96 140.69 54.32
CA VAL A 257 33.11 140.84 55.50
C VAL A 257 32.13 141.98 55.31
N GLY A 258 32.49 142.96 54.48
CA GLY A 258 31.74 144.20 54.41
C GLY A 258 30.27 143.99 54.10
N SER A 259 29.96 143.15 53.12
CA SER A 259 28.57 142.84 52.80
C SER A 259 27.87 142.18 53.99
N TYR A 260 28.55 141.21 54.61
CA TYR A 260 27.96 140.52 55.75
C TYR A 260 27.93 141.41 56.99
N LEU A 261 28.89 142.32 57.13
CA LEU A 261 28.80 143.31 58.20
C LEU A 261 27.59 144.21 58.03
N GLU A 262 27.36 144.68 56.80
CA GLU A 262 26.20 145.52 56.52
C GLU A 262 24.91 144.76 56.79
N ALA A 263 24.89 143.48 56.39
CA ALA A 263 23.73 142.64 56.67
C ALA A 263 23.51 142.45 58.17
N CYS A 264 24.60 142.31 58.93
CA CYS A 264 24.49 142.20 60.38
C CYS A 264 23.88 143.46 60.98
N ARG A 265 24.32 144.63 60.49
CA ARG A 265 23.74 145.88 60.97
C ARG A 265 22.25 145.96 60.66
N GLN A 266 21.86 145.56 59.46
CA GLN A 266 20.44 145.57 59.11
C GLN A 266 19.64 144.59 59.97
N ASP A 267 20.19 143.39 60.22
CA ASP A 267 19.51 142.42 61.06
C ASP A 267 19.33 142.95 62.48
N LEU A 268 20.36 143.64 63.00
CA LEU A 268 20.25 144.25 64.32
C LEU A 268 19.19 145.34 64.33
N CYS A 269 19.15 146.17 63.28
CA CYS A 269 18.23 147.30 63.28
C CYS A 269 16.78 146.84 63.17
N PHE A 270 16.53 145.77 62.41
CA PHE A 270 15.19 145.20 62.26
C PHE A 270 14.89 144.14 63.30
N CYS A 271 15.53 144.20 64.48
CA CYS A 271 15.31 143.21 65.51
C CYS A 271 13.89 143.28 66.05
N GLU A 272 13.33 142.12 66.38
CA GLU A 272 12.01 142.04 66.99
C GLU A 272 12.06 141.92 68.51
N ASP A 273 13.14 141.39 69.06
CA ASP A 273 13.33 141.25 70.49
C ASP A 273 14.32 142.30 71.00
N THR A 274 14.52 142.32 72.32
CA THR A 274 15.38 143.32 72.95
C THR A 274 16.85 142.90 72.97
N ASP A 275 17.13 141.62 73.18
CA ASP A 275 18.50 141.13 73.28
C ASP A 275 19.17 141.25 71.91
N LEU A 276 20.24 142.07 71.84
CA LEU A 276 20.93 142.27 70.57
C LEU A 276 21.79 141.07 70.19
N LEU A 277 22.13 140.21 71.15
CA LEU A 277 22.96 139.04 70.85
C LEU A 277 22.21 137.97 70.07
N SER A 278 20.88 138.05 70.02
CA SER A 278 20.09 137.03 69.34
C SER A 278 19.80 137.38 67.88
N CYS A 279 19.95 138.65 67.49
CA CYS A 279 19.70 139.05 66.12
C CYS A 279 20.92 138.92 65.22
N VAL A 280 22.09 138.60 65.78
CA VAL A 280 23.31 138.44 65.00
C VAL A 280 23.61 136.98 64.67
N CYS A 281 22.79 136.05 65.17
CA CYS A 281 23.06 134.63 64.94
C CYS A 281 22.93 134.27 63.45
N HIS A 282 21.91 134.81 62.78
CA HIS A 282 21.63 134.43 61.40
C HIS A 282 22.76 134.85 60.47
N THR A 283 23.18 136.11 60.57
CA THR A 283 24.23 136.61 59.68
C THR A 283 25.56 135.93 59.95
N LEU A 284 25.89 135.70 61.22
CA LEU A 284 27.14 135.02 61.55
C LEU A 284 27.13 133.58 61.05
N ALA A 285 25.99 132.89 61.20
CA ALA A 285 25.88 131.53 60.68
C ALA A 285 26.03 131.51 59.17
N GLU A 286 25.41 132.48 58.48
CA GLU A 286 25.54 132.54 57.03
C GLU A 286 26.98 132.80 56.61
N TYR A 287 27.67 133.69 57.33
CA TYR A 287 29.07 133.95 57.01
C TYR A 287 29.92 132.71 57.25
N SER A 288 29.65 131.96 58.32
CA SER A 288 30.36 130.71 58.54
C SER A 288 30.09 129.71 57.43
N ARG A 289 28.85 129.64 56.96
CA ARG A 289 28.51 128.76 55.84
C ARG A 289 29.29 129.14 54.58
N GLN A 290 29.34 130.45 54.29
CA GLN A 290 30.08 130.90 53.12
C GLN A 290 31.57 130.63 53.26
N CYS A 291 32.10 130.76 54.48
CA CYS A 291 33.51 130.42 54.72
C CYS A 291 33.76 128.94 54.49
N THR A 292 32.84 128.08 54.91
CA THR A 292 32.96 126.65 54.62
C THR A 292 32.93 126.40 53.12
N HIS A 293 32.06 127.10 52.40
CA HIS A 293 32.00 126.95 50.95
C HIS A 293 33.21 127.56 50.25
N ALA A 294 34.01 128.36 50.95
CA ALA A 294 35.19 129.00 50.38
C ALA A 294 36.46 128.18 50.58
N GLY A 295 36.37 127.01 51.18
CA GLY A 295 37.54 126.21 51.48
C GLY A 295 38.21 126.55 52.81
N GLY A 296 37.54 127.33 53.66
CA GLY A 296 38.10 127.67 54.96
C GLY A 296 37.70 126.70 56.04
N LEU A 297 38.24 126.93 57.23
CA LEU A 297 38.02 126.07 58.40
C LEU A 297 37.53 126.95 59.55
N PRO A 298 36.25 127.31 59.55
CA PRO A 298 35.74 128.16 60.64
C PRO A 298 35.85 127.47 61.99
N GLN A 299 36.11 128.28 63.01
CA GLN A 299 36.19 127.81 64.38
C GLN A 299 34.87 128.08 65.10
N ASP A 300 34.55 127.23 66.07
CA ASP A 300 33.29 127.35 66.79
C ASP A 300 33.21 128.69 67.51
N TRP A 301 32.07 129.37 67.34
CA TRP A 301 31.85 130.67 67.96
C TRP A 301 30.61 130.72 68.82
N ARG A 302 29.75 129.70 68.77
CA ARG A 302 28.53 129.68 69.56
C ARG A 302 28.86 129.35 71.02
N GLY A 303 27.84 129.35 71.87
CA GLY A 303 28.00 129.06 73.27
C GLY A 303 26.68 128.77 73.94
N PRO A 304 26.71 128.52 75.25
CA PRO A 304 25.46 128.29 75.98
C PRO A 304 24.49 129.46 75.93
N ASP A 305 25.00 130.69 75.86
CA ASP A 305 24.17 131.87 75.77
C ASP A 305 24.34 132.66 74.49
N PHE A 306 25.44 132.45 73.75
CA PHE A 306 25.68 133.14 72.47
C PHE A 306 25.24 132.20 71.36
N CYS A 307 24.00 132.39 70.89
CA CYS A 307 23.39 131.58 69.84
C CYS A 307 23.49 130.10 70.19
N PRO A 308 22.74 129.62 71.18
CA PRO A 308 22.87 128.23 71.60
C PRO A 308 22.21 127.28 70.62
N GLN A 309 22.89 126.17 70.36
CA GLN A 309 22.40 125.12 69.47
C GLN A 309 22.33 123.80 70.23
N LYS A 310 21.20 123.12 70.10
CA LYS A 310 20.99 121.85 70.79
C LYS A 310 21.16 120.68 69.81
N CYS A 311 21.71 119.59 70.31
CA CYS A 311 21.95 118.41 69.49
C CYS A 311 21.35 117.18 70.17
N PRO A 312 20.88 116.22 69.39
CA PRO A 312 20.32 115.00 69.98
C PRO A 312 21.39 114.15 70.65
N ASN A 313 20.97 113.42 71.67
CA ASN A 313 21.82 112.46 72.40
C ASN A 313 23.04 113.21 72.93
N ASN A 314 24.25 112.68 72.77
CA ASN A 314 25.46 113.34 73.26
C ASN A 314 26.25 114.03 72.16
N MET A 315 25.62 114.25 71.00
CA MET A 315 26.29 114.94 69.91
C MET A 315 26.53 116.40 70.27
N GLN A 316 27.58 116.97 69.67
CA GLN A 316 27.94 118.36 69.88
C GLN A 316 27.86 119.13 68.57
N TYR A 317 27.49 120.40 68.66
CA TYR A 317 27.38 121.26 67.50
C TYR A 317 28.73 121.86 67.16
N HIS A 318 29.17 121.67 65.92
CA HIS A 318 30.44 122.20 65.45
C HIS A 318 30.22 122.95 64.15
N GLU A 319 31.07 123.96 63.92
CA GLU A 319 30.94 124.79 62.73
C GLU A 319 31.62 124.21 61.51
N CYS A 320 32.60 123.32 61.69
CA CYS A 320 33.36 122.78 60.56
C CYS A 320 33.81 121.36 60.90
N ARG A 321 33.06 120.37 60.43
CA ARG A 321 33.44 118.97 60.52
C ARG A 321 32.96 118.26 59.27
N SER A 322 33.55 117.10 59.00
CA SER A 322 33.24 116.36 57.79
C SER A 322 31.80 115.88 57.81
N PRO A 323 31.04 116.10 56.74
CA PRO A 323 29.65 115.59 56.70
C PRO A 323 29.58 114.07 56.65
N CYS A 324 30.64 113.39 56.25
CA CYS A 324 30.66 111.93 56.19
C CYS A 324 30.88 111.42 57.61
N ALA A 325 29.79 111.15 58.30
CA ALA A 325 29.84 110.74 59.69
C ALA A 325 30.07 109.24 59.80
N ASP A 326 31.04 108.85 60.62
CA ASP A 326 31.31 107.44 60.83
C ASP A 326 30.22 106.82 61.70
N THR A 327 29.73 105.65 61.30
CA THR A 327 28.73 104.90 62.03
C THR A 327 29.25 103.51 62.35
N CYS A 328 28.42 102.69 62.99
CA CYS A 328 28.80 101.31 63.26
C CYS A 328 28.96 100.53 61.96
N SER A 329 28.06 100.75 60.99
CA SER A 329 28.14 100.05 59.72
C SER A 329 29.36 100.50 58.92
N ASN A 330 29.57 101.81 58.82
CA ASN A 330 30.70 102.39 58.09
C ASN A 330 31.50 103.23 59.06
N GLN A 331 32.55 102.65 59.62
CA GLN A 331 33.36 103.30 60.65
C GLN A 331 34.53 104.08 60.07
N GLU A 332 34.68 104.12 58.74
CA GLU A 332 35.74 104.88 58.09
C GLU A 332 35.18 105.81 57.03
N HIS A 333 33.93 106.26 57.23
CA HIS A 333 33.29 107.13 56.24
C HIS A 333 33.96 108.49 56.17
N SER A 334 34.45 109.02 57.29
CA SER A 334 35.08 110.33 57.30
C SER A 334 36.34 110.35 56.43
N ARG A 335 37.13 109.28 56.49
CA ARG A 335 38.34 109.21 55.67
C ARG A 335 37.99 109.18 54.19
N ALA A 336 36.95 108.44 53.81
CA ALA A 336 36.51 108.36 52.42
C ALA A 336 35.37 109.36 52.18
N CYS A 337 35.74 110.65 52.22
CA CYS A 337 34.80 111.73 52.03
C CYS A 337 35.32 112.67 50.95
N GLU A 338 34.41 113.12 50.09
CA GLU A 338 34.75 114.04 49.01
C GLU A 338 34.23 115.45 49.20
N ASP A 339 33.28 115.66 50.11
CA ASP A 339 32.73 116.98 50.36
C ASP A 339 33.58 117.74 51.38
N HIS A 340 33.41 119.05 51.41
CA HIS A 340 34.10 119.89 52.37
C HIS A 340 33.37 119.87 53.71
N CYS A 341 34.02 120.43 54.72
CA CYS A 341 33.45 120.45 56.07
C CYS A 341 32.20 121.31 56.12
N VAL A 342 31.28 120.94 57.01
CA VAL A 342 30.02 121.65 57.20
C VAL A 342 29.77 121.84 58.69
N ALA A 343 28.71 122.57 59.01
CA ALA A 343 28.30 122.83 60.38
C ALA A 343 27.10 121.97 60.73
N GLY A 344 27.11 121.41 61.94
CA GLY A 344 25.99 120.59 62.38
C GLY A 344 26.36 119.81 63.63
N CYS A 345 25.51 118.84 63.93
CA CYS A 345 25.70 117.98 65.10
C CYS A 345 26.58 116.79 64.71
N PHE A 346 27.65 116.57 65.48
CA PHE A 346 28.59 115.50 65.21
C PHE A 346 28.90 114.77 66.50
N CYS A 347 29.28 113.50 66.36
CA CYS A 347 29.63 112.69 67.53
C CYS A 347 30.94 113.18 68.14
N PRO A 348 31.08 113.04 69.46
CA PRO A 348 32.36 113.39 70.10
C PRO A 348 33.48 112.50 69.60
N GLU A 349 34.69 113.06 69.60
CA GLU A 349 35.85 112.33 69.08
C GLU A 349 36.06 111.03 69.84
N GLY A 350 36.40 109.98 69.10
CA GLY A 350 36.54 108.66 69.67
C GLY A 350 35.30 107.80 69.66
N THR A 351 34.16 108.34 69.20
CA THR A 351 32.92 107.61 69.15
C THR A 351 32.33 107.73 67.75
N VAL A 352 31.50 106.75 67.39
CA VAL A 352 30.83 106.72 66.09
C VAL A 352 29.33 106.56 66.35
N LEU A 353 28.53 106.99 65.38
CA LEU A 353 27.09 106.92 65.51
C LEU A 353 26.60 105.47 65.50
N ASP A 354 25.55 105.22 66.26
CA ASP A 354 24.94 103.89 66.34
C ASP A 354 23.69 103.90 65.47
N ASP A 355 23.87 103.56 64.19
CA ASP A 355 22.73 103.46 63.28
C ASP A 355 21.95 102.16 63.45
N ILE A 356 22.57 101.12 64.00
CA ILE A 356 21.88 99.85 64.18
C ILE A 356 20.82 99.95 65.26
N GLY A 357 21.14 100.58 66.39
CA GLY A 357 20.23 100.63 67.51
C GLY A 357 19.64 102.00 67.78
N GLN A 358 20.16 103.03 67.10
CA GLN A 358 19.71 104.41 67.29
C GLN A 358 19.83 104.83 68.75
N THR A 359 20.97 104.51 69.36
CA THR A 359 21.25 104.83 70.75
C THR A 359 22.32 105.91 70.88
N GLY A 360 22.31 106.87 69.96
CA GLY A 360 23.27 107.96 70.02
C GLY A 360 24.66 107.52 69.57
N CYS A 361 25.65 108.28 70.00
CA CYS A 361 27.05 108.02 69.67
C CYS A 361 27.64 107.05 70.69
N VAL A 362 28.20 105.95 70.20
CA VAL A 362 28.75 104.91 71.06
C VAL A 362 30.20 104.68 70.63
N PRO A 363 31.03 104.16 71.53
CA PRO A 363 32.41 103.82 71.14
C PRO A 363 32.44 102.69 70.12
N VAL A 364 33.56 102.60 69.42
CA VAL A 364 33.74 101.59 68.37
C VAL A 364 33.64 100.20 68.97
N SER A 365 34.17 100.01 70.18
CA SER A 365 34.14 98.71 70.83
C SER A 365 32.71 98.28 71.19
N LYS A 366 31.79 99.22 71.34
CA LYS A 366 30.41 98.92 71.71
C LYS A 366 29.49 98.78 70.49
N CYS A 367 30.01 98.93 69.28
CA CYS A 367 29.18 98.83 68.08
C CYS A 367 28.69 97.40 67.89
N ALA A 368 27.42 97.27 67.52
CA ALA A 368 26.83 95.98 67.26
C ALA A 368 27.10 95.55 65.82
N CYS A 369 26.64 94.35 65.47
CA CYS A 369 26.78 93.81 64.12
C CYS A 369 25.42 93.31 63.64
N VAL A 370 25.25 93.32 62.32
CA VAL A 370 24.00 92.94 61.69
C VAL A 370 24.26 91.77 60.74
N TYR A 371 23.48 90.70 60.90
CA TYR A 371 23.57 89.53 60.03
C TYR A 371 22.17 89.03 59.75
N ASN A 372 21.81 88.92 58.48
CA ASN A 372 20.50 88.43 58.05
C ASN A 372 19.37 89.27 58.61
N GLY A 373 19.62 90.57 58.81
CA GLY A 373 18.62 91.47 59.32
C GLY A 373 18.40 91.44 60.82
N ALA A 374 19.17 90.64 61.55
CA ALA A 374 19.05 90.53 63.00
C ALA A 374 20.28 91.14 63.64
N ALA A 375 20.07 92.12 64.51
CA ALA A 375 21.17 92.79 65.18
C ALA A 375 21.77 91.87 66.25
N TYR A 376 23.10 91.78 66.27
CA TYR A 376 23.81 90.99 67.26
C TYR A 376 24.41 91.91 68.32
N ALA A 377 25.25 91.36 69.18
CA ALA A 377 25.87 92.09 70.26
C ALA A 377 27.38 91.89 70.21
N PRO A 378 28.15 92.84 70.75
CA PRO A 378 29.61 92.66 70.80
C PRO A 378 29.97 91.39 71.56
N GLY A 379 30.66 90.48 70.88
CA GLY A 379 31.01 89.19 71.42
C GLY A 379 30.09 88.05 71.02
N ALA A 380 28.91 88.37 70.46
CA ALA A 380 28.02 87.33 69.99
C ALA A 380 28.58 86.66 68.74
N THR A 381 28.22 85.39 68.55
CA THR A 381 28.74 84.58 67.46
C THR A 381 27.60 83.93 66.69
N TYR A 382 27.83 83.70 65.40
CA TYR A 382 26.96 82.87 64.58
C TYR A 382 27.82 81.90 63.80
N SER A 383 27.17 80.86 63.28
CA SER A 383 27.90 79.81 62.56
C SER A 383 27.10 79.36 61.35
N THR A 384 27.79 79.15 60.25
CA THR A 384 27.24 78.50 59.07
C THR A 384 27.80 77.09 58.98
N ASP A 385 27.43 76.37 57.91
CA ASP A 385 27.99 75.05 57.70
C ASP A 385 29.47 75.09 57.39
N CYS A 386 29.98 76.22 56.88
CA CYS A 386 31.35 76.31 56.41
C CYS A 386 32.22 77.29 57.21
N THR A 387 31.64 78.10 58.10
CA THR A 387 32.41 79.13 58.79
C THR A 387 31.77 79.45 60.13
N ASN A 388 32.54 80.13 60.97
CA ASN A 388 32.10 80.53 62.31
C ASN A 388 32.57 81.97 62.54
N CYS A 389 31.62 82.89 62.70
CA CYS A 389 31.93 84.31 62.78
C CYS A 389 31.53 84.87 64.14
N THR A 390 32.28 85.87 64.59
CA THR A 390 32.04 86.56 65.86
C THR A 390 32.09 88.07 65.64
N CYS A 391 31.20 88.78 66.33
CA CYS A 391 31.11 90.23 66.22
C CYS A 391 32.11 90.89 67.18
N SER A 392 32.79 91.92 66.68
CA SER A 392 33.75 92.66 67.48
C SER A 392 34.00 94.01 66.82
N GLY A 393 33.85 95.09 67.58
CA GLY A 393 34.08 96.42 67.04
C GLY A 393 33.19 96.77 65.86
N GLY A 394 32.02 96.15 65.78
CA GLY A 394 31.13 96.38 64.66
C GLY A 394 31.48 95.61 63.41
N ARG A 395 32.45 94.71 63.46
N ARG A 395 32.47 94.73 63.46
CA ARG A 395 32.87 93.94 62.30
CA ARG A 395 32.90 93.94 62.31
C ARG A 395 32.89 92.46 62.64
C ARG A 395 32.86 92.46 62.64
N TRP A 396 32.70 91.64 61.60
CA TRP A 396 32.65 90.20 61.76
C TRP A 396 34.03 89.59 61.51
N SER A 397 34.51 88.82 62.47
CA SER A 397 35.74 88.06 62.33
C SER A 397 35.37 86.59 62.17
N CYS A 398 35.76 85.99 61.05
CA CYS A 398 35.29 84.67 60.67
C CYS A 398 36.45 83.69 60.58
N GLN A 399 36.23 82.49 61.10
CA GLN A 399 37.19 81.39 61.03
C GLN A 399 36.58 80.25 60.24
N GLU A 400 37.38 79.67 59.34
CA GLU A 400 36.94 78.55 58.54
C GLU A 400 36.90 77.26 59.36
N VAL A 401 35.93 76.41 59.03
CA VAL A 401 35.78 75.11 59.69
C VAL A 401 35.73 74.03 58.62
N PRO A 402 36.02 72.78 58.97
CA PRO A 402 35.91 71.70 58.00
C PRO A 402 34.51 71.65 57.40
N CYS A 403 34.44 71.41 56.10
CA CYS A 403 33.19 71.56 55.37
C CYS A 403 33.11 70.55 54.23
N PRO A 404 32.23 69.57 54.31
CA PRO A 404 32.08 68.62 53.20
C PRO A 404 31.47 69.29 51.98
N GLY A 405 31.80 68.76 50.81
CA GLY A 405 31.29 69.28 49.56
C GLY A 405 30.17 68.41 49.00
N THR A 406 29.34 69.02 48.15
CA THR A 406 28.17 68.34 47.60
C THR A 406 28.12 68.57 46.10
N CYS A 407 28.10 67.47 45.34
CA CYS A 407 27.79 67.50 43.91
C CYS A 407 26.40 66.93 43.70
N SER A 408 25.73 67.39 42.65
CA SER A 408 24.36 66.98 42.40
C SER A 408 24.11 66.82 40.91
N VAL A 409 23.48 65.71 40.53
CA VAL A 409 22.99 65.48 39.17
C VAL A 409 21.48 65.33 39.28
N LEU A 410 20.76 66.33 38.79
CA LEU A 410 19.31 66.42 38.94
C LEU A 410 18.66 66.52 37.57
N GLY A 411 17.56 65.79 37.40
CA GLY A 411 16.83 65.80 36.15
C GLY A 411 17.52 65.11 35.00
N GLY A 412 18.67 64.48 35.25
CA GLY A 412 19.45 63.85 34.20
C GLY A 412 20.29 64.80 33.39
N ALA A 413 20.14 66.12 33.57
CA ALA A 413 20.90 67.08 32.80
C ALA A 413 21.48 68.23 33.60
N HIS A 414 21.03 68.48 34.83
CA HIS A 414 21.46 69.64 35.60
C HIS A 414 22.55 69.21 36.58
N PHE A 415 23.74 69.78 36.43
CA PHE A 415 24.89 69.43 37.25
C PHE A 415 25.27 70.60 38.14
N SER A 416 25.57 70.31 39.40
CA SER A 416 26.10 71.29 40.34
C SER A 416 27.33 70.68 40.99
N THR A 417 28.49 71.27 40.74
CA THR A 417 29.76 70.67 41.14
C THR A 417 30.01 70.86 42.63
N PHE A 418 31.17 70.35 43.09
CA PHE A 418 31.53 70.48 44.50
C PHE A 418 31.78 71.93 44.89
N ASP A 419 32.25 72.76 43.97
CA ASP A 419 32.55 74.15 44.23
C ASP A 419 31.37 75.08 43.97
N GLY A 420 30.19 74.53 43.66
CA GLY A 420 29.00 75.31 43.45
C GLY A 420 28.72 75.69 42.02
N LYS A 421 29.61 75.38 41.08
CA LYS A 421 29.37 75.70 39.68
C LYS A 421 28.21 74.87 39.15
N GLN A 422 27.32 75.53 38.41
CA GLN A 422 26.11 74.89 37.88
C GLN A 422 26.13 74.97 36.36
N TYR A 423 25.71 73.88 35.71
CA TYR A 423 25.60 73.84 34.27
C TYR A 423 24.55 72.80 33.88
N THR A 424 24.29 72.70 32.58
CA THR A 424 23.24 71.84 32.08
C THR A 424 23.64 71.31 30.70
N VAL A 425 24.03 70.05 30.64
CA VAL A 425 24.38 69.40 29.38
C VAL A 425 23.59 68.09 29.29
N HIS A 426 23.00 67.84 28.12
CA HIS A 426 22.19 66.65 27.88
C HIS A 426 23.08 65.61 27.20
N GLY A 427 23.72 64.75 28.01
CA GLY A 427 24.61 63.75 27.48
C GLY A 427 23.90 62.51 26.97
N ASP A 428 24.65 61.70 26.22
CA ASP A 428 24.15 60.45 25.66
C ASP A 428 25.20 59.35 25.80
N CYS A 429 25.84 59.25 26.97
CA CYS A 429 26.92 58.29 27.18
C CYS A 429 27.10 58.09 28.68
N SER A 430 28.16 57.37 29.04
CA SER A 430 28.55 57.17 30.42
C SER A 430 29.74 58.09 30.72
N TYR A 431 29.62 58.87 31.79
CA TYR A 431 30.56 59.96 32.06
C TYR A 431 31.18 59.80 33.44
N VAL A 432 32.38 60.33 33.59
CA VAL A 432 33.13 60.25 34.84
C VAL A 432 32.70 61.43 35.72
N LEU A 433 32.00 61.13 36.81
CA LEU A 433 31.53 62.19 37.70
C LEU A 433 32.63 62.66 38.63
N THR A 434 33.14 61.76 39.49
CA THR A 434 34.21 62.12 40.40
C THR A 434 35.23 60.99 40.43
N LYS A 435 36.50 61.38 40.59
CA LYS A 435 37.63 60.46 40.61
C LYS A 435 38.89 61.20 41.03
N PRO A 436 39.72 60.62 41.89
CA PRO A 436 41.05 61.20 42.13
C PRO A 436 41.88 61.17 40.85
N CYS A 437 42.63 62.25 40.64
CA CYS A 437 43.39 62.37 39.39
C CYS A 437 44.61 61.44 39.41
N ASP A 438 45.30 61.35 40.54
CA ASP A 438 46.55 60.62 40.66
C ASP A 438 46.36 59.19 41.13
N SER A 439 45.13 58.73 41.32
CA SER A 439 44.88 57.39 41.83
C SER A 439 43.54 56.90 41.29
N SER A 440 43.19 55.67 41.68
CA SER A 440 41.92 55.06 41.31
C SER A 440 41.28 54.41 42.52
N ALA A 441 41.39 55.08 43.68
CA ALA A 441 40.80 54.55 44.90
C ALA A 441 39.28 54.45 44.78
N PHE A 442 38.66 55.47 44.19
CA PHE A 442 37.23 55.45 43.92
C PHE A 442 36.97 56.13 42.59
N THR A 443 35.81 55.81 42.00
CA THR A 443 35.40 56.42 40.74
C THR A 443 33.90 56.29 40.63
N VAL A 444 33.22 57.39 40.30
CA VAL A 444 31.78 57.41 40.15
C VAL A 444 31.45 57.74 38.69
N LEU A 445 30.63 56.89 38.08
CA LEU A 445 30.19 57.08 36.70
C LEU A 445 28.69 57.24 36.65
N ALA A 446 28.22 58.01 35.66
CA ALA A 446 26.80 58.24 35.46
C ALA A 446 26.43 57.89 34.03
N GLU A 447 25.36 57.12 33.86
CA GLU A 447 24.90 56.71 32.53
C GLU A 447 23.75 57.63 32.15
N LEU A 448 24.09 58.77 31.55
CA LEU A 448 23.11 59.73 31.07
C LEU A 448 22.79 59.42 29.61
N ARG A 449 21.55 59.00 29.34
CA ARG A 449 21.17 58.56 28.01
C ARG A 449 19.92 59.28 27.54
N ARG A 450 19.85 59.56 26.25
CA ARG A 450 18.66 60.19 25.69
C ARG A 450 17.48 59.22 25.78
N CYS A 451 16.42 59.66 26.46
CA CYS A 451 15.26 58.82 26.74
C CYS A 451 14.00 59.38 26.09
N GLY A 452 14.13 60.04 24.94
CA GLY A 452 13.00 60.62 24.26
C GLY A 452 13.25 60.74 22.78
N LEU A 453 12.25 61.25 22.06
CA LEU A 453 12.38 61.43 20.62
C LEU A 453 13.42 62.48 20.28
N THR A 454 13.49 63.56 21.07
CA THR A 454 14.44 64.63 20.84
C THR A 454 15.77 64.34 21.55
N ASP A 455 16.74 65.20 21.31
CA ASP A 455 18.07 65.07 21.88
C ASP A 455 18.25 65.79 23.21
N SER A 456 17.18 66.40 23.73
CA SER A 456 17.28 67.18 24.96
C SER A 456 16.44 66.58 26.10
N GLU A 457 16.15 65.28 26.03
CA GLU A 457 15.43 64.58 27.09
C GLU A 457 16.34 63.46 27.57
N THR A 458 17.10 63.73 28.63
CA THR A 458 18.11 62.83 29.14
C THR A 458 17.67 62.23 30.47
N CYS A 459 17.89 60.92 30.61
CA CYS A 459 17.57 60.19 31.82
C CYS A 459 18.86 59.60 32.39
N LEU A 460 18.95 59.60 33.72
CA LEU A 460 20.04 58.94 34.43
C LEU A 460 19.64 57.49 34.66
N LYS A 461 20.21 56.58 33.87
CA LYS A 461 19.78 55.19 33.89
C LYS A 461 20.53 54.36 34.93
N SER A 462 21.77 54.71 35.24
CA SER A 462 22.54 53.94 36.22
C SER A 462 23.66 54.82 36.77
N VAL A 463 24.16 54.40 37.94
CA VAL A 463 25.30 55.03 38.59
C VAL A 463 26.27 53.92 39.00
N THR A 464 27.53 54.09 38.64
CA THR A 464 28.56 53.08 38.89
C THR A 464 29.56 53.62 39.91
N LEU A 465 29.78 52.85 40.98
CA LEU A 465 30.77 53.18 42.00
C LEU A 465 31.86 52.12 41.93
N SER A 466 33.06 52.54 41.52
CA SER A 466 34.20 51.66 41.39
C SER A 466 35.19 51.94 42.50
N LEU A 467 35.69 50.88 43.14
CA LEU A 467 36.56 51.00 44.31
C LEU A 467 37.80 50.16 44.12
N ASP A 468 38.95 50.75 44.42
CA ASP A 468 40.25 50.07 44.45
C ASP A 468 40.61 49.49 43.08
N GLY A 469 40.71 50.38 42.10
CA GLY A 469 41.09 49.95 40.76
C GLY A 469 40.12 48.98 40.13
N ALA A 470 38.82 49.25 40.24
CA ALA A 470 37.75 48.41 39.69
C ALA A 470 37.71 47.03 40.32
N GLN A 471 38.28 46.88 41.53
CA GLN A 471 38.17 45.62 42.25
C GLN A 471 36.84 45.47 42.98
N THR A 472 36.09 46.56 43.16
CA THR A 472 34.75 46.49 43.74
C THR A 472 33.86 47.43 42.95
N VAL A 473 33.02 46.87 42.07
CA VAL A 473 32.17 47.66 41.20
C VAL A 473 30.72 47.43 41.61
N VAL A 474 30.02 48.52 41.93
CA VAL A 474 28.61 48.49 42.28
C VAL A 474 27.86 49.33 41.26
N VAL A 475 26.92 48.69 40.54
CA VAL A 475 26.11 49.37 39.55
C VAL A 475 24.68 49.43 40.07
N ILE A 476 24.18 50.64 40.25
CA ILE A 476 22.82 50.86 40.73
C ILE A 476 22.00 51.40 39.57
N LYS A 477 20.98 50.66 39.17
CA LYS A 477 20.17 51.03 38.00
C LYS A 477 19.00 51.90 38.42
N ALA A 478 18.36 52.52 37.43
CA ALA A 478 17.22 53.38 37.69
C ALA A 478 16.00 52.61 38.15
N SER A 479 15.99 51.29 37.97
CA SER A 479 14.88 50.44 38.40
C SER A 479 15.04 49.93 39.83
N GLY A 480 16.09 50.36 40.53
CA GLY A 480 16.33 49.92 41.88
C GLY A 480 17.21 48.69 42.01
N GLU A 481 17.55 48.04 40.91
CA GLU A 481 18.41 46.86 40.97
C GLU A 481 19.85 47.26 41.30
N VAL A 482 20.50 46.46 42.13
CA VAL A 482 21.88 46.69 42.53
C VAL A 482 22.71 45.47 42.11
N PHE A 483 23.79 45.72 41.38
CA PHE A 483 24.70 44.68 40.92
C PHE A 483 26.05 44.90 41.58
N LEU A 484 26.45 43.96 42.44
CA LEU A 484 27.77 43.96 43.04
C LEU A 484 28.64 42.96 42.28
N ASN A 485 29.71 43.47 41.67
CA ASN A 485 30.66 42.64 40.91
C ASN A 485 29.93 41.78 39.89
N GLN A 486 29.03 42.42 39.14
CA GLN A 486 28.25 41.79 38.07
C GLN A 486 27.27 40.74 38.60
N ILE A 487 26.95 40.76 39.89
CA ILE A 487 26.01 39.82 40.49
C ILE A 487 24.86 40.62 41.08
N TYR A 488 23.64 40.30 40.64
CA TYR A 488 22.45 40.99 41.15
C TYR A 488 22.28 40.65 42.61
N THR A 489 22.53 41.61 43.49
CA THR A 489 22.49 41.37 44.93
C THR A 489 21.22 41.97 45.54
N GLN A 490 21.07 41.78 46.85
CA GLN A 490 19.94 42.32 47.59
C GLN A 490 20.45 43.21 48.70
N LEU A 491 19.89 44.41 48.81
CA LEU A 491 20.30 45.34 49.84
C LEU A 491 19.82 44.85 51.21
N PRO A 492 20.56 45.18 52.28
CA PRO A 492 21.81 45.95 52.34
C PRO A 492 23.04 45.08 52.05
N ILE A 493 24.11 45.70 51.56
CA ILE A 493 25.37 45.01 51.32
C ILE A 493 26.46 45.70 52.12
N SER A 494 27.28 44.90 52.81
CA SER A 494 28.47 45.40 53.50
C SER A 494 29.67 44.78 52.79
N ALA A 495 30.09 45.41 51.70
CA ALA A 495 31.18 44.89 50.89
C ALA A 495 32.49 45.50 51.37
N ALA A 496 33.56 45.31 50.59
CA ALA A 496 34.87 45.86 50.94
C ALA A 496 34.82 47.38 50.85
N ASN A 497 34.98 48.05 51.99
CA ASN A 497 35.09 49.50 52.08
C ASN A 497 33.82 50.24 51.68
N VAL A 498 32.67 49.56 51.62
CA VAL A 498 31.43 50.21 51.21
C VAL A 498 30.25 49.52 51.87
N THR A 499 29.24 50.31 52.22
CA THR A 499 27.97 49.80 52.74
C THR A 499 26.83 50.48 52.01
N ILE A 500 25.94 49.68 51.42
CA ILE A 500 24.83 50.18 50.62
C ILE A 500 23.53 49.68 51.25
N PHE A 501 22.60 50.61 51.46
CA PHE A 501 21.33 50.27 52.08
C PHE A 501 20.21 51.10 51.48
N ARG A 502 18.98 50.79 51.89
CA ARG A 502 17.77 51.43 51.40
C ARG A 502 17.03 52.03 52.59
N PRO A 503 17.23 53.32 52.89
CA PRO A 503 16.49 53.93 54.00
C PRO A 503 14.98 53.93 53.78
N SER A 504 14.53 54.00 52.53
CA SER A 504 13.11 53.94 52.21
C SER A 504 12.96 53.34 50.82
N THR A 505 11.73 53.28 50.33
CA THR A 505 11.47 52.81 48.99
C THR A 505 11.87 53.81 47.91
N PHE A 506 12.19 55.05 48.30
CA PHE A 506 12.51 56.11 47.35
C PHE A 506 14.01 56.33 47.17
N PHE A 507 14.84 55.91 48.12
CA PHE A 507 16.25 56.28 48.12
C PHE A 507 17.12 55.06 48.35
N ILE A 508 18.33 55.12 47.79
CA ILE A 508 19.40 54.16 48.06
C ILE A 508 20.63 54.95 48.47
N ILE A 509 21.24 54.58 49.59
CA ILE A 509 22.38 55.32 50.12
C ILE A 509 23.58 54.38 50.19
N ALA A 510 24.70 54.82 49.60
CA ALA A 510 25.94 54.05 49.58
C ALA A 510 27.05 54.88 50.20
N GLN A 511 27.59 54.40 51.31
CA GLN A 511 28.63 55.10 52.04
C GLN A 511 29.93 54.31 51.98
N THR A 512 31.00 54.97 51.56
CA THR A 512 32.32 54.35 51.53
C THR A 512 33.18 54.86 52.67
N SER A 513 34.26 54.13 52.95
CA SER A 513 35.19 54.51 54.01
C SER A 513 36.22 55.54 53.53
N LEU A 514 36.16 55.94 52.28
CA LEU A 514 37.10 56.92 51.72
C LEU A 514 36.58 58.35 51.84
N GLY A 515 35.45 58.55 52.52
CA GLY A 515 34.86 59.87 52.64
C GLY A 515 33.82 60.21 51.59
N LEU A 516 33.30 59.22 50.88
CA LEU A 516 32.33 59.44 49.81
C LEU A 516 30.97 58.87 50.19
N GLN A 517 29.92 59.61 49.88
CA GLN A 517 28.56 59.16 50.15
C GLN A 517 27.68 59.47 48.95
N LEU A 518 26.80 58.53 48.61
CA LEU A 518 25.92 58.66 47.46
C LEU A 518 24.48 58.50 47.92
N ASN A 519 23.65 59.49 47.62
CA ASN A 519 22.20 59.41 47.80
C ASN A 519 21.58 59.32 46.41
N LEU A 520 20.77 58.28 46.18
CA LEU A 520 20.22 58.01 44.87
C LEU A 520 18.70 57.96 45.01
N GLN A 521 18.02 58.98 44.46
CA GLN A 521 16.57 59.02 44.46
C GLN A 521 16.05 58.28 43.23
N LEU A 522 15.17 57.31 43.46
CA LEU A 522 14.65 56.46 42.40
C LEU A 522 13.21 56.79 42.02
N VAL A 523 12.50 57.54 42.84
CA VAL A 523 11.10 57.89 42.59
C VAL A 523 10.99 59.41 42.57
N PRO A 524 10.44 60.01 41.51
CA PRO A 524 9.93 59.38 40.29
C PRO A 524 11.03 59.12 39.26
N THR A 525 12.11 59.90 39.31
CA THR A 525 13.23 59.74 38.40
C THR A 525 14.52 59.65 39.20
N MET A 526 15.54 59.07 38.56
CA MET A 526 16.82 58.83 39.24
C MET A 526 17.62 60.12 39.32
N GLN A 527 17.94 60.54 40.54
CA GLN A 527 18.74 61.73 40.78
C GLN A 527 19.83 61.39 41.79
N LEU A 528 20.97 62.07 41.69
CA LEU A 528 22.14 61.74 42.49
C LEU A 528 22.61 62.93 43.30
N PHE A 529 22.92 62.68 44.57
CA PHE A 529 23.56 63.65 45.46
C PHE A 529 24.80 63.00 46.05
N MET A 530 25.98 63.48 45.67
CA MET A 530 27.24 62.97 46.19
C MET A 530 27.79 63.94 47.22
N GLN A 531 28.22 63.39 48.35
CA GLN A 531 28.85 64.17 49.41
C GLN A 531 30.28 63.67 49.62
N LEU A 532 31.20 64.62 49.70
CA LEU A 532 32.63 64.32 49.80
C LEU A 532 33.22 64.96 51.05
N ALA A 533 34.07 64.20 51.72
CA ALA A 533 34.70 64.68 52.95
C ALA A 533 35.71 65.79 52.63
N PRO A 534 35.98 66.68 53.58
CA PRO A 534 36.94 67.77 53.31
C PRO A 534 38.36 67.29 53.06
N LYS A 535 38.70 66.05 53.44
CA LYS A 535 40.05 65.55 53.25
C LYS A 535 40.41 65.38 51.78
N LEU A 536 39.43 65.41 50.88
CA LEU A 536 39.67 65.23 49.45
C LEU A 536 39.61 66.53 48.68
N ARG A 537 39.75 67.67 49.36
CA ARG A 537 39.71 68.96 48.69
C ARG A 537 40.94 69.14 47.82
N GLY A 538 40.72 69.54 46.56
CA GLY A 538 41.80 69.76 45.63
C GLY A 538 42.39 68.53 45.01
N GLN A 539 41.84 67.34 45.29
CA GLN A 539 42.40 66.09 44.81
C GLN A 539 41.54 65.38 43.77
N THR A 540 40.22 65.50 43.85
CA THR A 540 39.36 64.83 42.88
C THR A 540 39.30 65.63 41.58
N CYS A 541 38.74 65.00 40.55
CA CYS A 541 38.53 65.65 39.26
C CYS A 541 37.62 64.82 38.36
N GLY A 542 36.69 65.50 37.70
CA GLY A 542 35.67 64.85 36.91
C GLY A 542 34.63 65.87 36.49
N LEU A 543 33.39 65.38 36.33
CA LEU A 543 32.28 66.28 36.03
C LEU A 543 31.87 67.12 37.23
N CYS A 544 32.36 66.79 38.43
CA CYS A 544 32.01 67.50 39.65
C CYS A 544 33.09 68.47 40.11
N GLY A 545 34.08 68.75 39.28
CA GLY A 545 35.11 69.70 39.62
C GLY A 545 36.21 69.08 40.47
N ASN A 546 37.17 69.93 40.82
CA ASN A 546 38.34 69.51 41.58
C ASN A 546 38.22 69.81 43.08
N PHE A 547 37.08 70.31 43.53
CA PHE A 547 36.80 70.48 44.96
C PHE A 547 37.84 71.36 45.65
N ASN A 548 38.24 72.44 44.99
CA ASN A 548 39.24 73.35 45.53
C ASN A 548 38.68 74.75 45.79
N SER A 549 37.36 74.84 45.99
CA SER A 549 36.66 76.07 46.36
C SER A 549 36.72 77.14 45.28
N ILE A 550 37.18 76.81 44.08
CA ILE A 550 37.28 77.76 42.97
C ILE A 550 36.37 77.28 41.86
N GLN A 551 35.44 78.13 41.43
CA GLN A 551 34.54 77.79 40.34
C GLN A 551 35.16 77.99 38.97
N ALA A 552 36.20 78.83 38.87
CA ALA A 552 36.77 79.15 37.57
C ALA A 552 37.39 77.93 36.91
N ASP A 553 38.09 77.11 37.69
CA ASP A 553 38.80 75.96 37.14
C ASP A 553 37.97 74.67 37.15
N ASP A 554 36.68 74.76 37.41
CA ASP A 554 35.83 73.58 37.41
C ASP A 554 35.57 73.05 35.99
N PHE A 555 35.82 73.87 34.97
CA PHE A 555 35.71 73.44 33.58
C PHE A 555 37.07 73.09 32.99
N ARG A 556 38.05 72.76 33.82
CA ARG A 556 39.38 72.41 33.34
CA ARG A 556 39.38 72.41 33.34
C ARG A 556 39.39 70.93 32.97
N THR A 557 39.76 70.64 31.73
CA THR A 557 39.82 69.26 31.25
C THR A 557 41.13 68.62 31.69
N LEU A 558 41.28 67.33 31.37
CA LEU A 558 42.52 66.64 31.67
C LEU A 558 43.69 67.11 30.84
N SER A 559 43.41 67.83 29.73
CA SER A 559 44.49 68.40 28.93
C SER A 559 45.25 69.45 29.72
N GLY A 560 44.54 70.31 30.46
CA GLY A 560 45.19 71.28 31.31
C GLY A 560 44.62 72.69 31.22
N VAL A 561 43.70 72.92 30.29
CA VAL A 561 43.13 74.24 30.08
C VAL A 561 41.67 74.24 30.50
N VAL A 562 41.17 75.43 30.83
CA VAL A 562 39.79 75.62 31.25
C VAL A 562 38.95 75.94 30.02
N GLU A 563 37.91 75.15 29.78
CA GLU A 563 37.02 75.38 28.65
C GLU A 563 36.06 76.53 28.94
N ALA A 564 35.47 77.05 27.88
CA ALA A 564 34.56 78.19 27.98
C ALA A 564 33.10 77.78 28.06
N THR A 565 32.73 76.64 27.50
CA THR A 565 31.35 76.18 27.49
C THR A 565 31.24 74.88 28.26
N ALA A 566 30.06 74.65 28.84
CA ALA A 566 29.83 73.42 29.59
C ALA A 566 29.87 72.19 28.70
N ALA A 567 29.40 72.30 27.45
CA ALA A 567 29.36 71.14 26.57
C ALA A 567 30.75 70.67 26.18
N ALA A 568 31.67 71.60 25.90
CA ALA A 568 33.01 71.23 25.49
C ALA A 568 33.75 70.47 26.59
N PHE A 569 33.66 70.96 27.83
CA PHE A 569 34.28 70.25 28.93
C PHE A 569 33.54 68.96 29.27
N PHE A 570 32.21 68.96 29.07
CA PHE A 570 31.41 67.77 29.36
C PHE A 570 31.77 66.62 28.42
N ASN A 571 31.98 66.93 27.15
CA ASN A 571 32.26 65.89 26.15
C ASN A 571 33.64 65.25 26.33
N THR A 572 34.53 65.86 27.12
CA THR A 572 35.85 65.29 27.31
C THR A 572 35.88 64.20 28.38
N PHE A 573 34.78 63.99 29.10
CA PHE A 573 34.70 62.95 30.11
C PHE A 573 33.85 61.76 29.67
N LYS A 574 33.70 61.56 28.36
CA LYS A 574 33.09 60.35 27.87
C LYS A 574 33.98 59.15 28.16
N THR A 575 33.37 57.96 28.18
CA THR A 575 34.12 56.73 28.39
C THR A 575 34.26 55.90 27.13
N GLN A 576 33.46 56.16 26.09
CA GLN A 576 33.50 55.39 24.86
C GLN A 576 33.59 56.34 23.67
N ALA A 577 34.25 55.87 22.60
CA ALA A 577 34.44 56.70 21.42
C ALA A 577 33.16 56.91 20.64
N ALA A 578 32.29 55.91 20.59
CA ALA A 578 31.08 55.98 19.78
C ALA A 578 30.05 56.95 20.31
N CYS A 579 30.21 57.45 21.54
CA CYS A 579 29.23 58.34 22.12
C CYS A 579 29.25 59.69 21.39
N PRO A 580 28.08 60.30 21.17
CA PRO A 580 28.05 61.57 20.45
C PRO A 580 28.65 62.71 21.26
N ASN A 581 29.11 63.73 20.53
CA ASN A 581 29.61 64.96 21.14
C ASN A 581 28.45 65.93 21.29
N ILE A 582 28.13 66.28 22.54
CA ILE A 582 26.98 67.11 22.82
C ILE A 582 27.34 68.57 22.58
N ARG A 583 26.52 69.25 21.78
CA ARG A 583 26.66 70.68 21.53
C ARG A 583 25.45 71.38 22.14
N ASN A 584 25.70 72.36 23.01
CA ASN A 584 24.64 73.02 23.75
C ASN A 584 24.00 74.12 22.90
N SER A 585 22.73 73.93 22.57
CA SER A 585 21.98 74.94 21.83
C SER A 585 21.29 75.88 22.82
N PHE A 586 20.40 76.73 22.32
CA PHE A 586 19.72 77.70 23.16
C PHE A 586 18.21 77.53 23.09
N GLU A 587 17.75 76.29 23.19
CA GLU A 587 16.33 76.01 23.10
C GLU A 587 15.59 76.50 24.35
N ASP A 588 14.30 76.81 24.17
CA ASP A 588 13.41 77.17 25.26
C ASP A 588 12.16 76.33 25.12
N PRO A 589 12.10 75.17 25.78
CA PRO A 589 10.94 74.27 25.59
C PRO A 589 9.61 74.90 25.98
N CYS A 590 9.59 75.76 27.00
CA CYS A 590 8.33 76.34 27.44
C CYS A 590 7.70 77.20 26.36
N SER A 591 8.51 77.74 25.44
CA SER A 591 7.99 78.54 24.34
C SER A 591 7.34 77.69 23.25
N LEU A 592 7.54 76.36 23.26
CA LEU A 592 7.02 75.51 22.21
C LEU A 592 5.59 75.03 22.46
N SER A 593 5.05 75.23 23.65
CA SER A 593 3.70 74.76 23.96
C SER A 593 3.06 75.70 24.96
N VAL A 594 1.83 76.14 24.65
CA VAL A 594 1.11 77.03 25.56
C VAL A 594 0.69 76.27 26.81
N GLU A 595 0.09 75.09 26.65
CA GLU A 595 -0.41 74.34 27.78
C GLU A 595 0.73 73.86 28.68
N ASN A 596 1.83 73.40 28.08
CA ASN A 596 2.97 72.97 28.87
C ASN A 596 3.57 74.13 29.67
N GLU A 597 3.68 75.29 29.04
CA GLU A 597 4.20 76.46 29.75
C GLU A 597 3.26 76.88 30.88
N LYS A 598 1.95 76.84 30.64
CA LYS A 598 1.00 77.18 31.69
C LYS A 598 1.10 76.22 32.87
N TYR A 599 1.18 74.92 32.58
CA TYR A 599 1.30 73.92 33.64
C TYR A 599 2.59 74.11 34.43
N ALA A 600 3.71 74.32 33.72
CA ALA A 600 4.99 74.49 34.39
C ALA A 600 5.00 75.75 35.24
N GLN A 601 4.46 76.85 34.73
CA GLN A 601 4.41 78.08 35.51
C GLN A 601 3.52 77.93 36.73
N HIS A 602 2.37 77.26 36.58
CA HIS A 602 1.45 77.12 37.69
C HIS A 602 2.02 76.24 38.79
N TRP A 603 2.69 75.15 38.44
CA TRP A 603 3.12 74.19 39.45
C TRP A 603 4.57 74.35 39.90
N CYS A 604 5.40 75.05 39.14
CA CYS A 604 6.80 75.26 39.52
C CYS A 604 7.02 76.57 40.26
N SER A 605 6.10 77.52 40.15
CA SER A 605 6.25 78.80 40.85
C SER A 605 6.12 78.67 42.35
N GLN A 606 5.64 77.52 42.85
CA GLN A 606 5.59 77.31 44.30
C GLN A 606 6.97 77.27 44.92
N LEU A 607 8.00 76.96 44.13
CA LEU A 607 9.37 76.98 44.64
C LEU A 607 9.78 78.39 45.05
N THR A 608 9.42 79.39 44.26
CA THR A 608 9.78 80.78 44.52
C THR A 608 8.70 81.54 45.28
N ASP A 609 7.61 80.88 45.66
CA ASP A 609 6.54 81.53 46.41
C ASP A 609 6.94 81.58 47.88
N ALA A 610 7.12 82.79 48.40
CA ALA A 610 7.59 82.93 49.78
C ALA A 610 6.56 82.47 50.80
N ASP A 611 5.27 82.50 50.43
CA ASP A 611 4.20 82.11 51.33
C ASP A 611 3.57 80.78 50.92
N GLY A 612 4.37 79.87 50.36
CA GLY A 612 3.87 78.59 49.94
C GLY A 612 4.43 77.46 50.77
N PRO A 613 4.27 76.22 50.30
CA PRO A 613 4.79 75.06 51.04
C PRO A 613 6.30 75.07 51.19
N PHE A 614 7.03 75.75 50.29
CA PHE A 614 8.48 75.78 50.32
C PHE A 614 9.03 77.10 50.83
N GLY A 615 8.19 77.94 51.44
CA GLY A 615 8.62 79.25 51.88
C GLY A 615 9.56 79.23 53.07
N ARG A 616 9.53 78.16 53.86
CA ARG A 616 10.39 78.07 55.04
C ARG A 616 11.83 77.69 54.70
N CYS A 617 12.20 77.71 53.43
CA CYS A 617 13.54 77.32 53.00
C CYS A 617 14.26 78.37 52.19
N HIS A 618 13.62 79.49 51.85
CA HIS A 618 14.24 80.48 50.98
C HIS A 618 15.49 81.08 51.61
N ALA A 619 15.55 81.12 52.95
CA ALA A 619 16.75 81.62 53.62
C ALA A 619 17.89 80.61 53.57
N ALA A 620 17.57 79.32 53.56
CA ALA A 620 18.61 78.29 53.56
C ALA A 620 19.11 78.00 52.14
N VAL A 621 18.20 77.71 51.22
CA VAL A 621 18.54 77.36 49.84
C VAL A 621 17.85 78.33 48.90
N LYS A 622 18.61 78.90 47.97
CA LYS A 622 18.04 79.78 46.96
C LYS A 622 17.27 78.95 45.93
N PRO A 623 15.99 79.21 45.71
CA PRO A 623 15.19 78.37 44.81
C PRO A 623 15.24 78.75 43.33
N GLY A 624 16.07 79.72 42.94
CA GLY A 624 16.07 80.16 41.55
C GLY A 624 16.52 79.08 40.60
N THR A 625 17.64 78.41 40.93
CA THR A 625 18.12 77.33 40.09
C THR A 625 17.13 76.17 40.04
N TYR A 626 16.53 75.84 41.19
CA TYR A 626 15.54 74.78 41.21
C TYR A 626 14.29 75.18 40.42
N TYR A 627 13.91 76.45 40.45
CA TYR A 627 12.79 76.91 39.64
C TYR A 627 13.10 76.78 38.15
N SER A 628 14.32 77.15 37.75
CA SER A 628 14.70 77.01 36.34
C SER A 628 14.70 75.55 35.92
N ASN A 629 15.24 74.67 36.76
CA ASN A 629 15.22 73.23 36.46
C ASN A 629 13.80 72.72 36.35
N CYS A 630 12.92 73.15 37.27
CA CYS A 630 11.52 72.74 37.22
C CYS A 630 10.87 73.17 35.90
N MET A 631 11.06 74.42 35.52
CA MET A 631 10.45 74.91 34.29
C MET A 631 10.96 74.14 33.07
N PHE A 632 12.28 74.01 32.96
CA PHE A 632 12.86 73.33 31.80
C PHE A 632 12.41 71.87 31.73
N ASP A 633 12.50 71.15 32.85
CA ASP A 633 12.14 69.74 32.86
C ASP A 633 10.65 69.54 32.57
N THR A 634 9.78 70.35 33.20
CA THR A 634 8.36 70.19 32.98
C THR A 634 7.97 70.50 31.53
N CYS A 635 8.58 71.54 30.95
CA CYS A 635 8.24 71.88 29.57
C CYS A 635 8.85 70.92 28.57
N ASN A 636 9.97 70.27 28.91
CA ASN A 636 10.71 69.48 27.93
C ASN A 636 10.27 68.01 27.90
N CYS A 637 10.27 67.34 29.05
CA CYS A 637 10.02 65.90 29.07
C CYS A 637 8.55 65.59 28.82
N GLU A 638 8.32 64.39 28.27
CA GLU A 638 6.96 63.97 27.93
C GLU A 638 6.10 63.81 29.17
N ARG A 639 6.64 63.18 30.21
CA ARG A 639 5.91 63.00 31.48
C ARG A 639 6.18 64.21 32.35
N SER A 640 5.38 65.25 32.14
CA SER A 640 5.61 66.54 32.80
C SER A 640 5.49 66.42 34.30
N GLU A 641 4.50 65.66 34.79
CA GLU A 641 4.33 65.52 36.23
C GLU A 641 5.53 64.87 36.88
N ASP A 642 6.13 63.88 36.21
CA ASP A 642 7.29 63.20 36.77
C ASP A 642 8.46 64.16 36.96
N CYS A 643 8.72 65.00 35.95
CA CYS A 643 9.85 65.93 36.04
C CYS A 643 9.56 67.05 37.05
N LEU A 644 8.31 67.52 37.10
CA LEU A 644 7.94 68.50 38.12
C LEU A 644 8.14 67.94 39.52
N CYS A 645 7.70 66.70 39.74
CA CYS A 645 7.86 66.07 41.04
C CYS A 645 9.34 65.86 41.36
N ALA A 646 10.14 65.52 40.34
CA ALA A 646 11.57 65.36 40.56
C ALA A 646 12.23 66.65 41.00
N ALA A 647 11.87 67.77 40.34
CA ALA A 647 12.45 69.05 40.73
C ALA A 647 12.02 69.44 42.14
N LEU A 648 10.73 69.28 42.46
CA LEU A 648 10.26 69.60 43.81
C LEU A 648 10.94 68.75 44.86
N SER A 649 11.10 67.44 44.58
CA SER A 649 11.77 66.55 45.51
C SER A 649 13.24 66.90 45.67
N SER A 650 13.89 67.34 44.59
CA SER A 650 15.29 67.76 44.69
C SER A 650 15.42 68.98 45.60
N TYR A 651 14.52 69.96 45.43
CA TYR A 651 14.56 71.12 46.32
C TYR A 651 14.29 70.72 47.76
N VAL A 652 13.33 69.81 47.99
CA VAL A 652 13.00 69.37 49.34
C VAL A 652 14.20 68.65 49.96
N HIS A 653 14.90 67.83 49.17
CA HIS A 653 16.07 67.12 49.68
C HIS A 653 17.19 68.09 50.01
N ALA A 654 17.39 69.12 49.18
CA ALA A 654 18.39 70.13 49.51
C ALA A 654 18.04 70.85 50.81
N CYS A 655 16.76 71.19 51.00
CA CYS A 655 16.33 71.82 52.23
C CYS A 655 16.56 70.91 53.44
N ALA A 656 16.24 69.62 53.29
CA ALA A 656 16.48 68.67 54.37
C ALA A 656 17.97 68.55 54.69
N ALA A 657 18.81 68.61 53.66
CA ALA A 657 20.25 68.61 53.88
C ALA A 657 20.68 69.85 54.65
N LYS A 658 20.07 71.00 54.35
CA LYS A 658 20.35 72.22 55.11
C LYS A 658 19.71 72.20 56.50
N GLY A 659 18.87 71.23 56.80
CA GLY A 659 18.25 71.11 58.11
C GLY A 659 16.83 71.62 58.22
N VAL A 660 16.20 71.97 57.09
CA VAL A 660 14.84 72.48 57.09
C VAL A 660 13.90 71.37 56.61
N GLN A 661 12.80 71.17 57.34
CA GLN A 661 11.81 70.16 57.00
C GLN A 661 10.59 70.84 56.40
N LEU A 662 10.14 70.33 55.26
CA LEU A 662 8.98 70.89 54.56
C LEU A 662 7.87 69.86 54.42
N GLY A 663 7.57 69.15 55.51
CA GLY A 663 6.53 68.13 55.44
C GLY A 663 5.19 68.71 55.04
N GLY A 664 4.42 67.89 54.33
CA GLY A 664 3.14 68.36 53.80
C GLY A 664 3.23 69.15 52.53
N TRP A 665 4.31 68.98 51.76
CA TRP A 665 4.50 69.71 50.52
C TRP A 665 3.88 69.01 49.31
N ARG A 666 3.40 67.78 49.48
CA ARG A 666 2.81 67.02 48.39
C ARG A 666 1.31 67.22 48.26
N ASP A 667 0.72 68.14 49.02
CA ASP A 667 -0.70 68.42 48.90
C ASP A 667 -0.93 69.33 47.70
N GLY A 668 -1.69 68.84 46.73
CA GLY A 668 -1.96 69.61 45.53
C GLY A 668 -1.33 69.00 44.28
N VAL A 669 -0.11 68.48 44.43
CA VAL A 669 0.59 67.84 43.33
C VAL A 669 1.55 66.81 43.92
N CYS A 670 1.94 65.82 43.10
CA CYS A 670 2.78 64.71 43.52
C CYS A 670 2.12 63.90 44.64
N THR A 671 0.79 63.77 44.57
CA THR A 671 0.07 62.97 45.56
C THR A 671 0.21 61.47 45.29
N LYS A 672 0.39 61.09 44.03
CA LYS A 672 0.36 59.68 43.66
C LYS A 672 1.41 58.83 44.38
N PRO A 673 2.68 59.22 44.47
CA PRO A 673 3.65 58.36 45.16
C PRO A 673 3.31 58.08 46.62
N MET A 674 2.53 58.94 47.26
CA MET A 674 2.13 58.71 48.63
C MET A 674 1.18 57.52 48.77
N THR A 675 0.52 57.11 47.70
CA THR A 675 -0.45 56.03 47.72
C THR A 675 -0.07 54.91 46.75
N THR A 676 1.21 54.51 46.76
CA THR A 676 1.66 53.47 45.85
C THR A 676 2.57 52.43 46.48
N CYS A 677 2.98 52.58 47.75
CA CYS A 677 3.88 51.63 48.36
C CYS A 677 3.15 50.34 48.73
N PRO A 678 3.90 49.27 49.02
CA PRO A 678 3.27 47.97 49.34
C PRO A 678 2.30 48.06 50.50
N LYS A 679 1.61 46.93 50.72
CA LYS A 679 0.46 46.89 51.62
C LYS A 679 0.83 47.31 53.03
N SER A 680 1.94 46.79 53.55
CA SER A 680 2.32 47.02 54.94
C SER A 680 3.18 48.26 55.15
N MET A 681 3.45 49.02 54.08
CA MET A 681 4.26 50.23 54.18
C MET A 681 3.37 51.46 54.17
N THR A 682 3.86 52.52 54.82
CA THR A 682 3.16 53.80 54.85
C THR A 682 4.16 54.92 54.60
N TYR A 683 3.67 56.03 54.06
CA TYR A 683 4.54 57.13 53.67
C TYR A 683 5.01 57.92 54.88
N HIS A 684 6.19 58.55 54.72
CA HIS A 684 6.75 59.43 55.73
C HIS A 684 7.54 60.52 55.03
N TYR A 685 7.31 61.77 55.46
CA TYR A 685 8.02 62.91 54.89
C TYR A 685 9.44 62.99 55.41
N HIS A 686 9.68 62.50 56.62
CA HIS A 686 10.99 62.60 57.27
C HIS A 686 11.43 61.20 57.68
N VAL A 687 12.49 60.70 57.07
CA VAL A 687 13.08 59.40 57.41
C VAL A 687 14.56 59.65 57.68
N SER A 688 14.89 59.89 58.94
CA SER A 688 16.27 60.14 59.35
C SER A 688 16.92 58.93 60.01
N THR A 689 16.21 57.81 60.11
CA THR A 689 16.71 56.61 60.74
C THR A 689 16.78 55.48 59.71
N CYS A 690 17.09 54.28 60.19
CA CYS A 690 17.22 53.11 59.33
C CYS A 690 16.05 52.16 59.57
N GLN A 691 15.72 51.39 58.54
CA GLN A 691 14.57 50.49 58.62
C GLN A 691 14.83 49.35 59.60
N PRO A 692 14.01 49.18 60.63
CA PRO A 692 14.16 48.04 61.53
C PRO A 692 13.65 46.77 60.87
N THR A 693 14.37 45.67 61.09
CA THR A 693 14.04 44.38 60.50
C THR A 693 14.05 43.31 61.58
N CYS A 694 13.49 42.14 61.23
CA CYS A 694 13.54 41.01 62.14
C CYS A 694 14.98 40.58 62.39
N ARG A 695 15.81 40.59 61.35
CA ARG A 695 17.22 40.29 61.53
C ARG A 695 17.91 41.33 62.41
N SER A 696 17.49 42.59 62.31
CA SER A 696 18.01 43.61 63.21
C SER A 696 17.61 43.34 64.65
N LEU A 697 16.38 42.87 64.85
CA LEU A 697 15.93 42.52 66.20
C LEU A 697 16.73 41.35 66.76
N SER A 698 16.99 40.34 65.92
CA SER A 698 17.69 39.14 66.40
C SER A 698 19.16 39.42 66.64
N GLU A 699 19.89 39.84 65.60
CA GLU A 699 21.32 40.07 65.73
C GLU A 699 21.62 41.25 66.64
N GLY A 700 20.82 42.30 66.56
CA GLY A 700 20.99 43.49 67.37
C GLY A 700 21.66 44.64 66.65
N ASP A 701 22.30 44.39 65.51
CA ASP A 701 22.96 45.42 64.73
C ASP A 701 22.33 45.51 63.35
N ILE A 702 22.05 46.73 62.90
CA ILE A 702 21.45 46.98 61.61
C ILE A 702 22.51 47.56 60.67
N THR A 703 22.56 47.04 59.45
CA THR A 703 23.53 47.49 58.46
C THR A 703 23.10 48.87 57.95
N CYS A 704 23.78 49.91 58.43
CA CYS A 704 23.42 51.27 58.07
C CYS A 704 24.62 52.18 58.30
N SER A 705 24.53 53.38 57.75
CA SER A 705 25.56 54.41 57.91
C SER A 705 25.25 55.35 59.06
N VAL A 706 24.19 55.08 59.83
CA VAL A 706 23.81 55.86 61.00
C VAL A 706 23.47 57.30 60.61
N GLY A 707 24.46 58.04 60.13
CA GLY A 707 24.25 59.44 59.81
C GLY A 707 24.18 59.74 58.33
N PHE A 708 23.02 60.17 57.87
CA PHE A 708 22.83 60.54 56.48
C PHE A 708 21.81 61.66 56.39
N ILE A 709 21.78 62.34 55.25
CA ILE A 709 20.81 63.41 55.04
C ILE A 709 19.40 62.81 55.06
N PRO A 710 18.47 63.35 55.86
CA PRO A 710 17.14 62.75 55.96
C PRO A 710 16.43 62.71 54.61
N VAL A 711 15.71 61.62 54.37
CA VAL A 711 15.00 61.42 53.12
C VAL A 711 13.52 61.18 53.40
N ASP A 712 12.74 60.98 52.33
CA ASP A 712 11.31 60.73 52.43
C ASP A 712 10.98 59.48 51.66
N GLY A 713 9.81 58.91 51.93
CA GLY A 713 9.37 57.75 51.20
C GLY A 713 8.53 56.85 52.07
N CYS A 714 8.18 55.68 51.53
CA CYS A 714 7.32 54.73 52.23
C CYS A 714 8.18 53.74 53.01
N ILE A 715 7.95 53.66 54.32
CA ILE A 715 8.69 52.77 55.20
C ILE A 715 7.70 51.98 56.04
N CYS A 716 8.23 51.06 56.83
CA CYS A 716 7.41 50.33 57.79
C CYS A 716 6.92 51.29 58.87
N PRO A 717 5.66 51.16 59.31
CA PRO A 717 5.15 52.04 60.36
C PRO A 717 5.87 51.81 61.67
N LYS A 718 5.72 52.78 62.58
CA LYS A 718 6.40 52.71 63.87
C LYS A 718 5.92 51.49 64.66
N GLY A 719 6.87 50.83 65.33
CA GLY A 719 6.58 49.62 66.05
C GLY A 719 6.49 48.38 65.19
N THR A 720 6.74 48.49 63.89
CA THR A 720 6.62 47.39 62.95
C THR A 720 7.95 47.17 62.25
N PHE A 721 8.36 45.91 62.12
CA PHE A 721 9.67 45.55 61.60
C PHE A 721 9.54 44.90 60.23
N LEU A 722 10.48 45.21 59.34
CA LEU A 722 10.44 44.69 57.97
C LEU A 722 10.91 43.25 57.96
N ASP A 723 10.02 42.34 57.55
CA ASP A 723 10.35 40.93 57.44
C ASP A 723 11.11 40.68 56.14
N ASP A 724 11.80 39.54 56.08
CA ASP A 724 12.66 39.22 54.94
C ASP A 724 11.88 39.11 53.63
N THR A 725 10.56 38.91 53.69
CA THR A 725 9.73 38.83 52.50
C THR A 725 9.16 40.20 52.10
N GLY A 726 9.80 41.29 52.51
CA GLY A 726 9.32 42.61 52.16
C GLY A 726 7.99 42.97 52.77
N LYS A 727 7.72 42.52 53.99
CA LYS A 727 6.46 42.78 54.66
C LYS A 727 6.74 43.33 56.06
N CYS A 728 5.97 44.33 56.47
CA CYS A 728 6.08 44.89 57.81
C CYS A 728 5.19 44.10 58.76
N VAL A 729 5.81 43.47 59.76
CA VAL A 729 5.09 42.62 60.72
C VAL A 729 5.42 43.10 62.13
N GLN A 730 4.53 42.75 63.06
CA GLN A 730 4.72 43.11 64.45
CA GLN A 730 4.72 43.11 64.45
C GLN A 730 5.86 42.28 65.06
N ALA A 731 6.31 42.72 66.24
CA ALA A 731 7.40 42.04 66.93
C ALA A 731 7.03 40.60 67.29
N SER A 732 5.74 40.29 67.43
CA SER A 732 5.30 38.94 67.76
C SER A 732 5.31 38.01 66.56
N ASN A 733 5.54 38.53 65.35
CA ASN A 733 5.59 37.71 64.15
C ASN A 733 6.97 37.66 63.52
N CYS A 734 7.95 38.35 64.09
CA CYS A 734 9.30 38.31 63.55
C CYS A 734 9.95 36.98 63.89
N PRO A 735 10.42 36.20 62.89
CA PRO A 735 11.06 34.91 63.11
C PRO A 735 12.27 34.98 64.05
N CYS A 736 12.84 33.69 64.79
CA CYS A 736 14.09 33.62 65.54
C CYS A 736 15.25 33.26 64.62
N TYR A 737 16.46 33.62 65.02
CA TYR A 737 17.66 33.35 64.23
C TYR A 737 18.75 32.81 65.15
N HIS A 738 19.39 31.73 64.72
CA HIS A 738 20.49 31.12 65.48
C HIS A 738 21.63 30.85 64.52
N ARG A 739 22.82 31.37 64.83
CA ARG A 739 24.01 31.22 64.00
C ARG A 739 23.75 31.69 62.57
N GLY A 740 22.99 32.76 62.44
CA GLY A 740 22.69 33.31 61.13
C GLY A 740 21.67 32.53 60.32
N SER A 741 21.00 31.56 60.92
CA SER A 741 20.03 30.73 60.23
C SER A 741 18.63 30.97 60.80
N MET A 742 17.66 31.11 59.92
CA MET A 742 16.28 31.35 60.34
C MET A 742 15.72 30.11 61.04
N ILE A 743 15.13 30.33 62.21
CA ILE A 743 14.50 29.27 63.00
C ILE A 743 12.99 29.51 62.98
N PRO A 744 12.21 28.69 62.25
CA PRO A 744 10.76 28.91 62.21
C PRO A 744 10.13 28.72 63.58
N ASN A 745 9.01 29.40 63.79
CA ASN A 745 8.29 29.29 65.06
C ASN A 745 7.84 27.86 65.29
N GLY A 746 8.06 27.38 66.52
CA GLY A 746 7.77 26.00 66.86
C GLY A 746 8.93 25.05 66.68
N GLU A 747 10.02 25.49 66.05
CA GLU A 747 11.20 24.66 65.86
C GLU A 747 12.17 24.86 67.03
N SER A 748 13.13 23.95 67.12
CA SER A 748 14.12 23.98 68.20
C SER A 748 15.52 23.74 67.63
N VAL A 749 16.51 24.18 68.38
CA VAL A 749 17.91 23.99 68.04
C VAL A 749 18.63 23.41 69.25
N HIS A 750 19.71 22.68 68.97
CA HIS A 750 20.55 22.07 70.00
C HIS A 750 21.92 22.73 69.97
N ASP A 751 22.36 23.23 71.11
CA ASP A 751 23.64 23.92 71.19
C ASP A 751 24.26 23.65 72.56
N SER A 752 25.42 22.99 72.56
CA SER A 752 26.17 22.71 73.78
C SER A 752 25.31 22.01 74.82
N GLY A 753 24.52 21.04 74.36
CA GLY A 753 23.65 20.29 75.25
C GLY A 753 22.43 21.03 75.73
N ALA A 754 22.08 22.16 75.12
CA ALA A 754 20.92 22.93 75.50
C ALA A 754 19.93 22.99 74.34
N ILE A 755 18.66 22.81 74.65
CA ILE A 755 17.59 22.82 73.65
C ILE A 755 16.88 24.16 73.73
N CYS A 756 16.88 24.91 72.63
CA CYS A 756 16.27 26.22 72.58
C CYS A 756 15.17 26.22 71.53
N THR A 757 13.95 26.52 71.97
CA THR A 757 12.78 26.55 71.10
C THR A 757 12.38 27.98 70.78
N CYS A 758 11.97 28.21 69.53
CA CYS A 758 11.54 29.52 69.07
C CYS A 758 10.03 29.62 69.25
N THR A 759 9.59 30.41 70.23
CA THR A 759 8.18 30.64 70.49
C THR A 759 7.91 32.14 70.53
N HIS A 760 6.89 32.57 69.80
CA HIS A 760 6.45 33.97 69.79
C HIS A 760 7.61 34.91 69.45
N GLY A 761 8.47 34.48 68.53
CA GLY A 761 9.57 35.29 68.09
C GLY A 761 10.75 35.35 69.03
N LYS A 762 10.73 34.60 70.14
CA LYS A 762 11.81 34.58 71.10
C LYS A 762 12.36 33.16 71.23
N LEU A 763 13.69 33.06 71.28
CA LEU A 763 14.36 31.77 71.37
C LEU A 763 14.59 31.43 72.83
N SER A 764 13.58 30.85 73.47
CA SER A 764 13.75 30.41 74.85
C SER A 764 14.62 29.17 74.90
N CYS A 765 15.30 28.97 76.02
CA CYS A 765 16.22 27.84 76.17
C CYS A 765 15.86 27.08 77.43
N ILE A 766 15.64 25.78 77.31
CA ILE A 766 15.29 24.96 78.47
C ILE A 766 16.51 24.86 79.40
N GLY A 767 16.25 24.77 80.69
CA GLY A 767 17.32 24.80 81.67
C GLY A 767 17.82 26.18 82.01
N GLY A 768 17.05 27.22 81.68
CA GLY A 768 17.46 28.58 81.94
C GLY A 768 18.18 29.21 80.76
N GLN A 769 19.42 28.80 80.55
CA GLN A 769 20.25 29.30 79.46
C GLN A 769 21.48 28.40 79.34
N ALA A 770 22.43 28.82 78.51
CA ALA A 770 23.72 28.15 78.36
C ALA A 770 24.80 29.21 78.58
N PRO A 771 25.13 29.50 79.84
CA PRO A 771 25.97 30.68 80.15
C PRO A 771 27.30 30.72 79.41
N ALA A 772 28.14 29.70 79.59
CA ALA A 772 29.45 29.71 78.95
C ALA A 772 30.01 28.30 78.83
N PRO A 773 30.14 27.76 77.61
CA PRO A 773 30.85 26.49 77.45
C PRO A 773 32.31 26.63 77.87
N VAL A 774 32.83 25.57 78.48
CA VAL A 774 34.20 25.55 79.00
C VAL A 774 34.93 24.36 78.39
N CYS A 775 36.10 24.62 77.82
CA CYS A 775 36.93 23.58 77.23
C CYS A 775 38.12 23.32 78.15
N ALA A 776 38.25 22.07 78.61
CA ALA A 776 39.37 21.69 79.46
C ALA A 776 40.67 21.68 78.66
N ALA A 777 41.78 21.84 79.37
CA ALA A 777 43.08 21.88 78.71
C ALA A 777 43.36 20.54 78.04
N PRO A 778 44.06 20.56 76.89
CA PRO A 778 44.64 21.71 76.19
C PRO A 778 43.65 22.39 75.25
N MET A 779 42.39 21.98 75.23
CA MET A 779 41.39 22.66 74.41
C MET A 779 41.19 24.09 74.88
N VAL A 780 41.05 25.00 73.92
CA VAL A 780 40.70 26.38 74.22
C VAL A 780 39.30 26.64 73.67
N PHE A 781 38.75 27.80 74.03
CA PHE A 781 37.44 28.22 73.54
C PHE A 781 37.64 29.34 72.52
N PHE A 782 36.93 29.26 71.41
CA PHE A 782 36.99 30.27 70.36
C PHE A 782 35.59 30.84 70.19
N ASP A 783 35.46 32.15 70.43
CA ASP A 783 34.20 32.86 70.27
C ASP A 783 34.31 33.80 69.09
N CYS A 784 33.28 33.81 68.24
CA CYS A 784 33.29 34.59 67.01
C CYS A 784 32.76 36.01 67.21
N ARG A 785 32.75 36.51 68.44
CA ARG A 785 32.32 37.88 68.68
C ARG A 785 33.24 38.87 67.99
N ASN A 786 34.55 38.72 68.17
CA ASN A 786 35.56 39.50 67.47
C ASN A 786 36.33 38.54 66.57
N ALA A 787 35.78 38.32 65.37
CA ALA A 787 36.31 37.35 64.43
C ALA A 787 36.79 38.04 63.16
N THR A 788 38.04 37.78 62.78
CA THR A 788 38.57 38.32 61.55
C THR A 788 37.93 37.63 60.34
N PRO A 789 37.77 38.33 59.23
CA PRO A 789 37.26 37.69 58.01
C PRO A 789 38.22 36.62 57.51
N GLY A 790 37.67 35.58 56.89
CA GLY A 790 38.44 34.43 56.47
C GLY A 790 38.69 33.41 57.55
N ASP A 791 38.16 33.63 58.76
CA ASP A 791 38.40 32.76 59.89
C ASP A 791 37.24 31.78 60.04
N THR A 792 37.57 30.55 60.45
CA THR A 792 36.58 29.50 60.65
C THR A 792 36.35 29.17 62.11
N GLY A 793 37.27 29.50 63.00
CA GLY A 793 37.11 29.17 64.40
C GLY A 793 37.08 27.67 64.61
N ALA A 794 36.02 27.19 65.25
CA ALA A 794 35.82 25.77 65.49
C ALA A 794 35.07 25.08 64.35
N GLY A 795 34.76 25.81 63.27
CA GLY A 795 34.04 25.21 62.16
C GLY A 795 34.83 24.12 61.46
N CYS A 796 36.16 24.26 61.39
CA CYS A 796 37.02 23.30 60.74
C CYS A 796 37.98 22.66 61.73
N GLN A 797 37.50 22.42 62.95
CA GLN A 797 38.24 21.66 63.95
C GLN A 797 37.84 20.20 63.84
N LYS A 798 38.77 19.34 63.47
CA LYS A 798 38.48 17.95 63.17
C LYS A 798 38.69 17.08 64.41
N SER A 799 38.31 15.81 64.27
CA SER A 799 38.41 14.85 65.37
C SER A 799 38.94 13.54 64.81
N CYS A 800 39.09 12.55 65.70
CA CYS A 800 39.53 11.23 65.28
C CYS A 800 38.42 10.51 64.50
N HIS A 801 37.15 10.83 64.78
CA HIS A 801 36.02 10.22 64.10
C HIS A 801 35.65 10.95 62.81
N THR A 802 36.18 12.14 62.57
CA THR A 802 35.93 12.87 61.33
C THR A 802 36.97 12.41 60.30
N LEU A 803 36.60 11.41 59.50
CA LEU A 803 37.53 10.83 58.56
C LEU A 803 37.77 11.72 57.34
N ASP A 804 37.01 12.80 57.19
CA ASP A 804 37.22 13.77 56.12
C ASP A 804 38.06 14.91 56.67
N MET A 805 39.21 15.15 56.06
CA MET A 805 40.20 16.08 56.58
C MET A 805 40.10 17.47 55.96
N THR A 806 39.05 17.74 55.20
CA THR A 806 38.95 18.97 54.41
C THR A 806 38.11 20.00 55.16
N CYS A 807 38.63 21.23 55.22
CA CYS A 807 37.87 22.34 55.78
C CYS A 807 36.71 22.69 54.86
N TYR A 808 35.51 22.83 55.43
CA TYR A 808 34.30 23.04 54.64
C TYR A 808 33.54 24.28 55.09
N SER A 809 33.56 24.57 56.38
CA SER A 809 32.76 25.66 56.92
C SER A 809 33.27 27.00 56.40
N PRO A 810 32.41 27.83 55.79
CA PRO A 810 32.85 29.14 55.31
C PRO A 810 32.71 30.27 56.33
N GLN A 811 32.10 30.02 57.47
CA GLN A 811 31.87 31.05 58.48
C GLN A 811 32.42 30.58 59.83
N CYS A 812 32.72 31.55 60.68
CA CYS A 812 33.25 31.24 62.00
C CYS A 812 32.20 30.52 62.85
N VAL A 813 32.66 29.50 63.58
CA VAL A 813 31.81 28.74 64.48
C VAL A 813 32.47 28.73 65.86
N PRO A 814 31.79 29.18 66.91
CA PRO A 814 32.40 29.19 68.24
C PRO A 814 32.36 27.82 68.87
N GLY A 815 33.43 27.45 69.56
CA GLY A 815 33.48 26.16 70.20
C GLY A 815 34.88 25.82 70.68
N CYS A 816 35.06 24.56 71.05
CA CYS A 816 36.34 24.07 71.53
C CYS A 816 37.29 23.87 70.35
N VAL A 817 38.52 24.34 70.50
CA VAL A 817 39.54 24.29 69.45
C VAL A 817 40.82 23.73 70.03
N CYS A 818 41.43 22.77 69.33
CA CYS A 818 42.73 22.24 69.70
C CYS A 818 43.82 23.25 69.35
N PRO A 819 45.01 23.11 69.92
CA PRO A 819 46.16 23.86 69.43
C PRO A 819 46.40 23.56 67.96
N ASP A 820 46.90 24.56 67.23
CA ASP A 820 46.99 24.48 65.79
C ASP A 820 47.80 23.27 65.35
N GLY A 821 47.30 22.56 64.34
CA GLY A 821 47.94 21.37 63.83
C GLY A 821 47.60 20.09 64.56
N LEU A 822 46.56 20.08 65.39
CA LEU A 822 46.18 18.92 66.17
C LEU A 822 44.69 18.67 66.03
N VAL A 823 44.29 17.42 66.25
CA VAL A 823 42.90 17.01 66.18
C VAL A 823 42.48 16.45 67.53
N ALA A 824 41.17 16.48 67.77
CA ALA A 824 40.64 16.03 69.06
C ALA A 824 40.73 14.52 69.19
N ASP A 825 41.04 14.06 70.41
CA ASP A 825 41.10 12.64 70.72
C ASP A 825 39.75 12.05 71.11
N GLY A 826 38.75 12.89 71.35
CA GLY A 826 37.48 12.42 71.87
C GLY A 826 37.45 12.18 73.36
N GLU A 827 38.57 12.43 74.06
CA GLU A 827 38.64 12.29 75.51
C GLU A 827 39.12 13.54 76.20
N GLY A 828 39.61 14.54 75.48
CA GLY A 828 40.04 15.79 76.08
C GLY A 828 41.40 16.26 75.61
N GLY A 829 42.16 15.39 74.93
CA GLY A 829 43.49 15.71 74.47
C GLY A 829 43.53 16.06 73.00
N CYS A 830 44.70 16.55 72.57
CA CYS A 830 44.94 16.91 71.18
C CYS A 830 46.23 16.24 70.73
N ILE A 831 46.16 15.52 69.61
CA ILE A 831 47.31 14.85 69.03
C ILE A 831 47.27 14.99 67.51
N THR A 832 48.39 14.66 66.87
CA THR A 832 48.51 14.80 65.43
C THR A 832 47.60 13.82 64.71
N ALA A 833 47.33 14.12 63.44
CA ALA A 833 46.30 13.39 62.70
C ALA A 833 46.64 11.91 62.57
N GLU A 834 47.89 11.58 62.24
CA GLU A 834 48.25 10.19 61.99
C GLU A 834 48.28 9.34 63.25
N ASP A 835 48.16 9.94 64.43
CA ASP A 835 48.16 9.19 65.68
C ASP A 835 46.76 8.84 66.17
N CYS A 836 45.72 9.20 65.43
CA CYS A 836 44.36 8.82 65.81
C CYS A 836 44.20 7.30 65.73
N PRO A 837 43.54 6.69 66.70
CA PRO A 837 43.21 5.27 66.59
C PRO A 837 42.19 5.03 65.49
N CYS A 838 42.21 3.81 64.97
CA CYS A 838 41.28 3.43 63.91
C CYS A 838 39.90 3.13 64.51
N VAL A 839 38.86 3.58 63.83
CA VAL A 839 37.49 3.46 64.30
C VAL A 839 36.78 2.39 63.48
N HIS A 840 36.12 1.47 64.17
CA HIS A 840 35.40 0.38 63.51
C HIS A 840 34.30 -0.13 64.43
N ASN A 841 33.07 -0.17 63.91
CA ASN A 841 31.91 -0.75 64.60
C ASN A 841 31.77 -0.19 66.01
N GLU A 842 31.74 1.14 66.12
CA GLU A 842 31.61 1.85 67.39
C GLU A 842 32.69 1.44 68.38
N ALA A 843 33.91 1.22 67.89
CA ALA A 843 35.04 0.85 68.74
C ALA A 843 36.30 1.49 68.20
N SER A 844 37.28 1.64 69.09
CA SER A 844 38.56 2.25 68.75
C SER A 844 39.68 1.24 68.95
N TYR A 845 40.62 1.20 68.01
CA TYR A 845 41.74 0.28 68.04
C TYR A 845 43.03 1.07 67.84
N ARG A 846 44.02 0.82 68.72
CA ARG A 846 45.29 1.50 68.59
C ARG A 846 46.08 0.96 67.40
N ALA A 847 47.10 1.70 67.00
CA ALA A 847 47.93 1.29 65.88
C ALA A 847 48.59 -0.05 66.14
N GLY A 848 48.51 -0.94 65.15
CA GLY A 848 49.01 -2.29 65.28
C GLY A 848 47.99 -3.32 65.66
N GLN A 849 46.82 -2.91 66.16
CA GLN A 849 45.78 -3.84 66.51
C GLN A 849 45.17 -4.46 65.26
N THR A 850 44.61 -5.66 65.43
CA THR A 850 44.12 -6.47 64.32
C THR A 850 42.63 -6.77 64.50
N ILE A 851 41.88 -6.64 63.41
CA ILE A 851 40.48 -7.05 63.36
C ILE A 851 40.34 -8.09 62.26
N ARG A 852 39.32 -8.93 62.39
CA ARG A 852 39.03 -9.96 61.39
C ARG A 852 37.70 -9.64 60.73
N VAL A 853 37.71 -9.48 59.41
CA VAL A 853 36.50 -9.23 58.64
C VAL A 853 36.43 -10.27 57.52
N GLY A 854 35.34 -11.01 57.46
CA GLY A 854 35.24 -12.10 56.50
C GLY A 854 36.34 -13.11 56.74
N CYS A 855 37.09 -13.41 55.67
CA CYS A 855 38.25 -14.29 55.75
C CYS A 855 39.56 -13.51 55.73
N ASN A 856 39.51 -12.21 56.00
CA ASN A 856 40.67 -11.34 55.92
C ASN A 856 40.96 -10.71 57.27
N THR A 857 42.22 -10.29 57.44
CA THR A 857 42.70 -9.64 58.64
C THR A 857 43.14 -8.23 58.29
N CYS A 858 42.66 -7.24 59.05
CA CYS A 858 42.98 -5.85 58.82
C CYS A 858 43.73 -5.28 60.01
N THR A 859 44.81 -4.56 59.73
CA THR A 859 45.67 -3.96 60.75
C THR A 859 45.57 -2.45 60.68
N CYS A 860 45.44 -1.82 61.85
CA CYS A 860 45.41 -0.37 61.92
C CYS A 860 46.80 0.22 61.70
N ASP A 861 46.88 1.28 60.90
CA ASP A 861 48.15 1.94 60.62
C ASP A 861 47.85 3.32 60.08
N SER A 862 48.27 4.36 60.81
CA SER A 862 48.14 5.75 60.38
C SER A 862 46.70 6.07 59.98
N ARG A 863 45.77 5.72 60.86
CA ARG A 863 44.33 5.96 60.74
C ARG A 863 43.67 5.08 59.69
N MET A 864 44.41 4.27 58.96
CA MET A 864 43.86 3.50 57.86
C MET A 864 43.98 2.01 58.13
N TRP A 865 43.04 1.25 57.60
CA TRP A 865 43.03 -0.20 57.76
C TRP A 865 43.71 -0.86 56.57
N ARG A 866 44.70 -1.70 56.85
CA ARG A 866 45.39 -2.47 55.83
CA ARG A 866 45.39 -2.48 55.83
C ARG A 866 44.80 -3.89 55.83
N CYS A 867 44.17 -4.26 54.73
CA CYS A 867 43.46 -5.53 54.62
C CYS A 867 44.02 -6.38 53.49
N THR A 868 44.20 -7.66 53.77
CA THR A 868 44.62 -8.60 52.74
C THR A 868 43.49 -8.87 51.76
N ASP A 869 43.85 -9.09 50.49
CA ASP A 869 42.88 -9.32 49.43
C ASP A 869 42.78 -10.82 49.18
N ASP A 870 42.02 -11.50 50.03
CA ASP A 870 41.71 -12.92 49.87
C ASP A 870 40.22 -13.08 49.66
N PRO A 871 39.77 -13.63 48.53
CA PRO A 871 38.33 -13.85 48.35
C PRO A 871 37.79 -14.80 49.40
N CYS A 872 36.57 -14.50 49.87
CA CYS A 872 35.95 -15.24 50.96
C CYS A 872 34.69 -15.95 50.47
N LEU A 873 34.22 -16.88 51.29
CA LEU A 873 32.99 -17.60 50.98
C LEU A 873 31.77 -16.69 51.10
N ALA A 874 30.70 -17.07 50.41
CA ALA A 874 29.44 -16.35 50.48
C ALA A 874 28.37 -17.25 51.10
N THR A 875 27.54 -16.66 51.94
CA THR A 875 26.53 -17.40 52.69
C THR A 875 25.13 -16.99 52.23
N CYS A 876 24.34 -17.98 51.84
CA CYS A 876 22.93 -17.81 51.55
C CYS A 876 22.12 -18.43 52.68
N ALA A 877 21.21 -17.66 53.26
CA ALA A 877 20.45 -18.09 54.42
C ALA A 877 18.97 -18.17 54.07
N VAL A 878 18.32 -19.26 54.45
CA VAL A 878 16.88 -19.41 54.30
C VAL A 878 16.32 -19.87 55.64
N TYR A 879 15.35 -19.14 56.18
CA TYR A 879 14.81 -19.53 57.47
C TYR A 879 13.40 -19.00 57.63
N GLY A 880 12.69 -19.56 58.62
CA GLY A 880 11.38 -19.09 58.98
C GLY A 880 10.36 -19.28 57.87
N ASP A 881 9.42 -18.34 57.78
CA ASP A 881 8.35 -18.38 56.79
C ASP A 881 8.86 -17.77 55.48
N GLY A 882 9.82 -18.47 54.88
CA GLY A 882 10.38 -18.05 53.61
C GLY A 882 11.17 -16.76 53.63
N HIS A 883 12.03 -16.58 54.63
CA HIS A 883 12.93 -15.43 54.69
C HIS A 883 14.25 -15.81 54.04
N TYR A 884 14.59 -15.15 52.95
CA TYR A 884 15.78 -15.46 52.17
C TYR A 884 16.77 -14.30 52.22
N LEU A 885 18.06 -14.65 52.31
CA LEU A 885 19.16 -13.71 52.15
C LEU A 885 20.14 -14.34 51.18
N THR A 886 20.34 -13.69 50.04
CA THR A 886 21.09 -14.29 48.94
C THR A 886 22.60 -14.20 49.21
N PHE A 887 23.38 -14.70 48.24
CA PHE A 887 24.84 -14.64 48.36
C PHE A 887 25.33 -13.21 48.38
N ASP A 888 24.75 -12.35 47.54
CA ASP A 888 25.19 -10.97 47.39
C ASP A 888 24.58 -10.03 48.42
N GLY A 889 23.76 -10.53 49.33
CA GLY A 889 23.19 -9.72 50.38
C GLY A 889 21.77 -9.22 50.14
N GLN A 890 21.10 -9.69 49.11
CA GLN A 890 19.72 -9.30 48.84
C GLN A 890 18.79 -10.07 49.76
N SER A 891 18.09 -9.35 50.63
CA SER A 891 17.17 -9.96 51.59
C SER A 891 15.74 -9.75 51.12
N TYR A 892 14.95 -10.83 51.15
CA TYR A 892 13.57 -10.76 50.70
C TYR A 892 12.76 -11.86 51.39
N SER A 893 11.45 -11.84 51.13
CA SER A 893 10.53 -12.83 51.68
C SER A 893 9.73 -13.43 50.54
N PHE A 894 9.74 -14.75 50.43
CA PHE A 894 8.98 -15.47 49.43
C PHE A 894 8.27 -16.64 50.11
N ASN A 895 7.03 -16.88 49.71
CA ASN A 895 6.18 -17.89 50.36
CA ASN A 895 6.17 -17.87 50.35
C ASN A 895 5.66 -18.89 49.33
N GLY A 896 6.57 -19.40 48.50
CA GLY A 896 6.17 -20.39 47.52
C GLY A 896 5.84 -21.72 48.17
N ASP A 897 4.82 -22.37 47.64
CA ASP A 897 4.36 -23.67 48.15
C ASP A 897 4.99 -24.84 47.42
N CYS A 898 5.72 -24.61 46.35
CA CYS A 898 6.24 -25.67 45.50
C CYS A 898 7.65 -26.06 45.94
N GLU A 899 8.32 -26.86 45.13
CA GLU A 899 9.72 -27.24 45.33
C GLU A 899 10.58 -26.31 44.48
N TYR A 900 11.53 -25.63 45.12
CA TYR A 900 12.25 -24.55 44.49
C TYR A 900 13.75 -24.82 44.47
N THR A 901 14.41 -24.37 43.41
CA THR A 901 15.85 -24.51 43.26
C THR A 901 16.53 -23.44 44.11
N LEU A 902 17.10 -23.84 45.25
CA LEU A 902 17.84 -22.90 46.07
C LEU A 902 19.10 -22.42 45.35
N VAL A 903 19.90 -23.36 44.83
CA VAL A 903 21.13 -23.01 44.12
C VAL A 903 21.47 -24.13 43.17
N GLN A 904 22.13 -23.77 42.06
CA GLN A 904 22.57 -24.71 41.05
C GLN A 904 23.51 -23.99 40.09
N ASN A 905 24.47 -24.72 39.56
CA ASN A 905 25.38 -24.18 38.56
C ASN A 905 24.93 -24.61 37.17
N HIS A 906 25.74 -24.29 36.16
CA HIS A 906 25.43 -24.60 34.76
C HIS A 906 24.09 -23.97 34.36
N CYS A 907 23.99 -22.65 34.54
CA CYS A 907 22.77 -21.91 34.22
C CYS A 907 22.82 -21.36 32.81
N GLY A 908 23.82 -20.53 32.50
CA GLY A 908 23.99 -20.00 31.17
C GLY A 908 24.99 -20.81 30.37
N GLY A 909 24.50 -21.48 29.32
CA GLY A 909 25.31 -22.38 28.53
C GLY A 909 25.32 -23.81 29.03
N LYS A 910 25.23 -24.00 30.35
CA LYS A 910 25.11 -25.30 30.99
C LYS A 910 26.31 -26.20 30.72
N ASP A 911 27.47 -25.62 30.39
CA ASP A 911 28.69 -26.39 30.19
C ASP A 911 29.75 -26.07 31.24
N SER A 912 30.16 -24.80 31.33
CA SER A 912 31.15 -24.31 32.29
C SER A 912 32.28 -25.31 32.54
N THR A 913 32.37 -25.79 33.78
CA THR A 913 33.35 -26.80 34.16
C THR A 913 32.88 -27.42 35.47
N GLN A 914 33.75 -28.21 36.10
CA GLN A 914 33.48 -28.84 37.39
C GLN A 914 32.26 -29.76 37.32
N ASP A 915 31.76 -30.17 38.48
CA ASP A 915 30.64 -31.10 38.57
C ASP A 915 29.35 -30.36 38.88
N SER A 916 28.26 -30.76 38.24
CA SER A 916 26.97 -30.15 38.49
C SER A 916 26.48 -30.46 39.89
N PHE A 917 25.94 -29.44 40.55
CA PHE A 917 25.36 -29.60 41.89
C PHE A 917 24.03 -28.85 41.93
N ARG A 918 23.14 -29.33 42.78
CA ARG A 918 21.82 -28.73 42.94
C ARG A 918 21.40 -28.84 44.40
N VAL A 919 21.09 -27.70 45.01
CA VAL A 919 20.45 -27.65 46.32
C VAL A 919 19.05 -27.13 46.11
N VAL A 920 18.05 -27.93 46.49
CA VAL A 920 16.65 -27.66 46.23
C VAL A 920 15.88 -27.72 47.55
N THR A 921 14.99 -26.76 47.75
CA THR A 921 14.18 -26.69 48.96
C THR A 921 12.76 -27.14 48.65
N GLU A 922 12.16 -27.86 49.60
CA GLU A 922 10.77 -28.28 49.52
C GLU A 922 9.99 -27.55 50.62
N ASN A 923 8.90 -26.91 50.24
CA ASN A 923 8.16 -26.04 51.14
C ASN A 923 6.76 -26.60 51.39
N VAL A 924 6.25 -26.38 52.61
CA VAL A 924 4.89 -26.75 52.97
C VAL A 924 4.23 -25.54 53.60
N PRO A 925 2.90 -25.39 53.48
CA PRO A 925 2.24 -24.26 54.14
C PRO A 925 2.45 -24.33 55.65
N CYS A 926 2.82 -23.19 56.23
CA CYS A 926 3.11 -23.08 57.66
C CYS A 926 2.32 -21.89 58.19
N GLY A 927 1.07 -22.15 58.57
CA GLY A 927 0.14 -21.11 58.97
C GLY A 927 -1.02 -21.00 58.00
N THR A 928 -2.01 -20.22 58.41
CA THR A 928 -3.21 -19.99 57.61
C THR A 928 -3.22 -18.64 56.89
N THR A 929 -2.14 -17.87 57.01
CA THR A 929 -2.08 -16.55 56.38
C THR A 929 -1.47 -16.58 54.99
N GLY A 930 -1.12 -17.75 54.48
CA GLY A 930 -0.50 -17.86 53.17
C GLY A 930 1.01 -18.02 53.21
N THR A 931 1.60 -18.13 54.40
CA THR A 931 3.04 -18.31 54.50
C THR A 931 3.41 -19.78 54.42
N THR A 932 4.54 -20.06 53.78
CA THR A 932 5.06 -21.41 53.64
C THR A 932 6.47 -21.45 54.19
N CYS A 933 6.82 -22.60 54.79
CA CYS A 933 8.14 -22.78 55.37
C CYS A 933 8.71 -24.12 54.93
N SER A 934 10.04 -24.22 54.99
CA SER A 934 10.74 -25.39 54.47
C SER A 934 10.47 -26.62 55.33
N LYS A 935 10.42 -27.78 54.67
CA LYS A 935 10.23 -29.06 55.33
C LYS A 935 11.38 -30.02 55.11
N ALA A 936 11.89 -30.10 53.88
CA ALA A 936 13.01 -30.97 53.55
C ALA A 936 13.96 -30.24 52.62
N ILE A 937 15.24 -30.59 52.71
CA ILE A 937 16.27 -29.99 51.86
C ILE A 937 16.95 -31.11 51.08
N LYS A 938 16.94 -31.01 49.75
CA LYS A 938 17.50 -32.05 48.90
C LYS A 938 18.68 -31.51 48.12
N ILE A 939 19.82 -32.19 48.25
CA ILE A 939 21.07 -31.80 47.62
C ILE A 939 21.46 -32.86 46.61
N PHE A 940 21.67 -32.45 45.37
CA PHE A 940 22.06 -33.34 44.28
C PHE A 940 23.43 -32.92 43.76
N LEU A 941 24.38 -33.85 43.74
CA LEU A 941 25.58 -33.65 42.96
C LEU A 941 26.18 -35.00 42.61
N GLY A 942 26.91 -35.03 41.50
CA GLY A 942 27.32 -36.32 40.96
C GLY A 942 26.10 -37.15 40.63
N GLY A 943 26.16 -38.43 41.00
CA GLY A 943 24.99 -39.27 40.91
C GLY A 943 24.34 -39.45 42.27
N PHE A 944 24.66 -38.57 43.20
CA PHE A 944 24.30 -38.73 44.60
C PHE A 944 23.32 -37.67 45.06
N GLU A 945 22.38 -38.09 45.91
CA GLU A 945 21.33 -37.23 46.44
C GLU A 945 21.21 -37.45 47.95
N LEU A 946 21.18 -36.34 48.69
CA LEU A 946 20.83 -36.35 50.10
C LEU A 946 19.49 -35.64 50.31
N LYS A 947 18.66 -36.25 51.14
CA LYS A 947 17.40 -35.65 51.58
C LYS A 947 17.50 -35.47 53.10
N LEU A 948 17.74 -34.22 53.51
CA LEU A 948 17.66 -33.86 54.92
C LEU A 948 16.19 -33.60 55.23
N SER A 949 15.58 -34.52 55.97
CA SER A 949 14.15 -34.45 56.24
C SER A 949 13.90 -34.86 57.68
N HIS A 950 12.79 -34.37 58.23
CA HIS A 950 12.46 -34.57 59.64
C HIS A 950 13.61 -34.09 60.51
N GLY A 951 14.48 -35.00 60.92
CA GLY A 951 15.67 -34.64 61.68
C GLY A 951 16.87 -35.49 61.31
N LYS A 952 16.83 -36.12 60.14
CA LYS A 952 17.88 -37.04 59.71
C LYS A 952 18.14 -36.87 58.22
N VAL A 953 19.03 -37.71 57.71
CA VAL A 953 19.48 -37.66 56.32
C VAL A 953 19.19 -39.00 55.67
N GLU A 954 18.67 -38.97 54.44
CA GLU A 954 18.53 -40.15 53.61
C GLU A 954 19.43 -40.01 52.39
N VAL A 955 20.28 -41.01 52.16
CA VAL A 955 21.16 -41.04 51.01
C VAL A 955 20.49 -41.90 49.94
N ILE A 956 19.96 -41.26 48.90
CA ILE A 956 19.23 -41.97 47.86
C ILE A 956 20.11 -41.97 46.60
N GLY A 957 21.42 -41.85 46.80
CA GLY A 957 22.35 -41.86 45.69
C GLY A 957 22.66 -43.26 45.21
N THR A 958 23.42 -43.30 44.11
CA THR A 958 23.82 -44.55 43.46
C THR A 958 22.61 -45.42 43.11
N GLN A 962 32.22 -43.99 41.45
CA GLN A 962 32.83 -43.03 42.36
C GLN A 962 32.35 -43.23 43.79
N GLU A 963 33.15 -42.78 44.76
CA GLU A 963 32.80 -42.93 46.16
C GLU A 963 31.93 -41.76 46.60
N VAL A 964 31.70 -41.66 47.91
CA VAL A 964 30.75 -40.70 48.47
C VAL A 964 31.50 -39.40 48.76
N PRO A 965 31.19 -38.29 48.05
CA PRO A 965 31.79 -36.99 48.37
C PRO A 965 30.98 -36.19 49.39
N TYR A 966 30.71 -36.81 50.53
CA TYR A 966 29.89 -36.21 51.58
C TYR A 966 30.58 -36.37 52.92
N THR A 967 30.27 -35.46 53.84
CA THR A 967 30.77 -35.54 55.21
C THR A 967 29.69 -34.96 56.12
N ILE A 968 28.85 -35.83 56.66
CA ILE A 968 27.77 -35.42 57.55
C ILE A 968 28.33 -35.39 58.96
N ARG A 969 28.31 -34.22 59.59
CA ARG A 969 28.88 -34.02 60.92
C ARG A 969 27.85 -33.33 61.81
N GLN A 970 27.58 -33.93 62.97
CA GLN A 970 26.66 -33.34 63.93
C GLN A 970 27.44 -32.41 64.85
N MET A 971 27.27 -31.10 64.68
CA MET A 971 28.00 -30.11 65.48
C MET A 971 27.00 -29.13 66.06
N GLY A 972 26.91 -29.12 67.40
CA GLY A 972 25.95 -28.25 68.05
C GLY A 972 24.53 -28.61 67.67
N ILE A 973 23.69 -27.58 67.52
CA ILE A 973 22.33 -27.79 66.99
C ILE A 973 22.32 -27.96 65.48
N TYR A 974 23.49 -27.98 64.84
CA TYR A 974 23.58 -27.97 63.39
C TYR A 974 24.06 -29.33 62.87
N LEU A 975 23.62 -29.64 61.66
CA LEU A 975 24.10 -30.77 60.89
C LEU A 975 24.81 -30.21 59.67
N VAL A 976 26.09 -30.55 59.52
CA VAL A 976 26.94 -29.95 58.51
C VAL A 976 27.20 -30.99 57.43
N VAL A 977 26.78 -30.68 56.21
CA VAL A 977 27.08 -31.47 55.04
C VAL A 977 28.24 -30.81 54.31
N ASP A 978 29.36 -31.53 54.23
CA ASP A 978 30.60 -31.01 53.65
C ASP A 978 30.86 -31.71 52.32
N THR A 979 31.17 -30.92 51.29
CA THR A 979 31.47 -31.43 49.97
C THR A 979 32.87 -31.02 49.57
N ASP A 980 33.47 -31.81 48.68
CA ASP A 980 34.81 -31.54 48.19
C ASP A 980 34.84 -30.53 47.05
N ILE A 981 33.68 -30.04 46.61
CA ILE A 981 33.61 -29.09 45.52
C ILE A 981 33.58 -27.64 46.00
N GLY A 982 33.65 -27.41 47.30
CA GLY A 982 33.61 -26.07 47.85
C GLY A 982 32.25 -25.61 48.36
N LEU A 983 31.30 -26.52 48.50
CA LEU A 983 29.95 -26.20 48.96
C LEU A 983 29.73 -26.82 50.33
N VAL A 984 29.21 -26.02 51.27
CA VAL A 984 28.98 -26.46 52.64
C VAL A 984 27.55 -26.12 53.02
N LEU A 985 26.89 -27.03 53.74
CA LEU A 985 25.52 -26.80 54.18
C LEU A 985 25.42 -26.98 55.68
N LEU A 986 24.69 -26.06 56.34
CA LEU A 986 24.36 -26.17 57.75
C LEU A 986 22.84 -26.22 57.87
N TRP A 987 22.33 -27.26 58.52
CA TRP A 987 20.90 -27.47 58.65
C TRP A 987 20.56 -27.66 60.12
N ASP A 988 19.64 -26.85 60.63
CA ASP A 988 19.24 -26.95 62.03
C ASP A 988 18.11 -27.94 62.26
N LYS A 989 17.95 -28.92 61.36
CA LYS A 989 16.89 -29.93 61.44
C LYS A 989 15.51 -29.30 61.42
N LYS A 990 15.41 -28.08 60.88
CA LYS A 990 14.18 -27.31 60.86
C LYS A 990 14.20 -26.45 59.60
N THR A 991 13.36 -25.41 59.57
CA THR A 991 13.22 -24.59 58.37
C THR A 991 14.50 -23.84 57.99
N SER A 992 15.48 -23.74 58.89
CA SER A 992 16.69 -22.98 58.62
C SER A 992 17.70 -23.80 57.84
N ILE A 993 18.37 -23.15 56.89
CA ILE A 993 19.43 -23.75 56.10
C ILE A 993 20.40 -22.63 55.68
N PHE A 994 21.69 -22.90 55.84
CA PHE A 994 22.74 -21.96 55.46
C PHE A 994 23.67 -22.64 54.46
N ILE A 995 23.91 -21.98 53.34
CA ILE A 995 24.70 -22.53 52.25
C ILE A 995 25.93 -21.66 52.06
N ASN A 996 27.10 -22.25 52.24
CA ASN A 996 28.38 -21.56 52.07
C ASN A 996 28.99 -21.99 50.74
N LEU A 997 29.31 -21.00 49.90
CA LEU A 997 29.87 -21.23 48.57
C LEU A 997 31.26 -20.61 48.49
N SER A 998 32.19 -21.36 47.91
CA SER A 998 33.54 -20.86 47.71
C SER A 998 33.54 -19.78 46.62
N PRO A 999 34.54 -18.89 46.65
CA PRO A 999 34.63 -17.84 45.60
C PRO A 999 34.93 -18.39 44.21
N GLU A 1000 35.03 -19.70 44.03
CA GLU A 1000 35.24 -20.28 42.71
C GLU A 1000 33.96 -20.37 41.90
N PHE A 1001 32.80 -20.06 42.49
CA PHE A 1001 31.51 -20.18 41.82
C PHE A 1001 30.87 -18.82 41.55
N LYS A 1002 31.64 -17.75 41.57
CA LYS A 1002 31.08 -16.43 41.31
C LYS A 1002 30.62 -16.32 39.86
N GLY A 1003 29.36 -15.94 39.68
CA GLY A 1003 28.79 -15.81 38.36
C GLY A 1003 28.39 -17.11 37.70
N ARG A 1004 28.49 -18.23 38.41
CA ARG A 1004 28.20 -19.55 37.85
C ARG A 1004 26.93 -20.17 38.38
N VAL A 1005 26.36 -19.63 39.47
CA VAL A 1005 25.21 -20.24 40.12
C VAL A 1005 23.97 -19.40 39.83
N CYS A 1006 22.81 -19.96 40.12
CA CYS A 1006 21.52 -19.29 39.95
C CYS A 1006 20.51 -19.95 40.88
N GLY A 1007 19.28 -19.42 40.85
CA GLY A 1007 18.23 -19.94 41.69
C GLY A 1007 17.66 -18.91 42.63
N LEU A 1008 17.04 -19.37 43.73
CA LEU A 1008 16.49 -18.46 44.73
C LEU A 1008 17.56 -17.79 45.56
N CYS A 1009 18.82 -18.24 45.49
CA CYS A 1009 19.91 -17.69 46.27
C CYS A 1009 20.72 -16.64 45.50
N GLY A 1010 20.27 -16.26 44.32
CA GLY A 1010 21.00 -15.28 43.53
C GLY A 1010 22.00 -15.92 42.59
N ASN A 1011 22.87 -15.06 42.04
CA ASN A 1011 23.85 -15.50 41.06
C ASN A 1011 25.29 -15.27 41.49
N PHE A 1012 25.53 -14.69 42.67
CA PHE A 1012 26.86 -14.59 43.27
C PHE A 1012 27.81 -13.82 42.33
N ASP A 1013 27.50 -12.53 42.16
CA ASP A 1013 28.37 -11.65 41.39
C ASP A 1013 28.56 -10.30 42.09
N ASP A 1014 28.42 -10.28 43.42
CA ASP A 1014 28.64 -9.11 44.28
C ASP A 1014 27.60 -8.02 44.08
N ILE A 1015 26.66 -8.19 43.16
CA ILE A 1015 25.60 -7.20 42.91
C ILE A 1015 24.29 -7.78 43.41
N ALA A 1016 23.63 -7.07 44.31
CA ALA A 1016 22.42 -7.58 44.95
C ALA A 1016 21.14 -7.22 44.19
N VAL A 1017 21.18 -6.26 43.28
CA VAL A 1017 19.95 -5.83 42.62
C VAL A 1017 19.57 -6.78 41.49
N ASN A 1018 20.54 -7.46 40.89
CA ASN A 1018 20.28 -8.41 39.82
C ASN A 1018 20.08 -9.83 40.32
N ASP A 1019 20.02 -10.02 41.64
CA ASP A 1019 19.76 -11.35 42.21
C ASP A 1019 18.33 -11.82 41.96
N PHE A 1020 17.45 -10.95 41.48
CA PHE A 1020 16.08 -11.31 41.17
C PHE A 1020 15.92 -11.85 39.76
N ALA A 1021 17.00 -12.33 39.15
CA ALA A 1021 16.92 -12.90 37.82
C ALA A 1021 16.06 -14.16 37.84
N THR A 1022 15.11 -14.24 36.91
CA THR A 1022 14.21 -15.37 36.84
C THR A 1022 14.89 -16.55 36.15
N ARG A 1023 14.14 -17.65 36.01
CA ARG A 1023 14.65 -18.79 35.26
C ARG A 1023 14.85 -18.45 33.80
N SER A 1024 14.05 -17.53 33.27
CA SER A 1024 14.18 -17.05 31.89
C SER A 1024 15.32 -16.06 31.71
N ARG A 1025 16.18 -15.91 32.72
CA ARG A 1025 17.36 -15.05 32.64
C ARG A 1025 16.98 -13.59 32.41
N SER A 1026 16.07 -13.09 33.24
CA SER A 1026 15.65 -11.70 33.20
C SER A 1026 15.44 -11.21 34.62
N VAL A 1027 16.01 -10.04 34.94
CA VAL A 1027 15.86 -9.47 36.27
C VAL A 1027 14.53 -8.73 36.34
N VAL A 1028 13.71 -9.10 37.32
CA VAL A 1028 12.38 -8.51 37.49
C VAL A 1028 12.31 -7.83 38.86
N GLY A 1029 11.35 -6.93 38.98
CA GLY A 1029 11.13 -6.22 40.22
C GLY A 1029 10.13 -6.85 41.15
N ASP A 1030 9.34 -7.80 40.67
CA ASP A 1030 8.36 -8.49 41.49
C ASP A 1030 9.00 -9.71 42.13
N VAL A 1031 8.94 -9.79 43.46
CA VAL A 1031 9.51 -10.93 44.17
C VAL A 1031 8.70 -12.18 43.90
N LEU A 1032 7.38 -12.04 43.79
CA LEU A 1032 6.52 -13.20 43.56
C LEU A 1032 6.82 -13.87 42.23
N GLU A 1033 6.97 -13.08 41.17
CA GLU A 1033 7.26 -13.66 39.85
C GLU A 1033 8.63 -14.32 39.83
N PHE A 1034 9.63 -13.66 40.41
CA PHE A 1034 10.98 -14.23 40.45
C PHE A 1034 11.00 -15.54 41.22
N GLY A 1035 10.30 -15.58 42.37
CA GLY A 1035 10.24 -16.81 43.13
C GLY A 1035 9.50 -17.92 42.41
N ASN A 1036 8.35 -17.59 41.80
CA ASN A 1036 7.55 -18.59 41.11
C ASN A 1036 8.23 -19.10 39.86
N SER A 1037 9.14 -18.34 39.27
CA SER A 1037 9.87 -18.81 38.10
C SER A 1037 10.84 -19.95 38.42
N TRP A 1038 11.12 -20.21 39.69
CA TRP A 1038 12.12 -21.19 40.08
C TRP A 1038 11.52 -22.47 40.65
N LYS A 1039 10.20 -22.66 40.54
CA LYS A 1039 9.60 -23.90 40.98
C LYS A 1039 10.00 -25.04 40.05
N LEU A 1040 10.25 -26.21 40.62
CA LEU A 1040 10.70 -27.35 39.83
C LEU A 1040 9.61 -27.83 38.87
N SER A 1041 8.37 -27.91 39.35
CA SER A 1041 7.28 -28.45 38.54
C SER A 1041 6.51 -27.31 37.88
N PRO A 1042 6.47 -27.23 36.55
CA PRO A 1042 5.65 -26.20 35.91
C PRO A 1042 4.17 -26.34 36.22
N SER A 1043 3.70 -27.54 36.53
CA SER A 1043 2.30 -27.77 36.85
C SER A 1043 1.93 -27.33 38.25
N CYS A 1044 2.91 -26.99 39.08
CA CYS A 1044 2.61 -26.56 40.44
C CYS A 1044 1.98 -25.16 40.41
N PRO A 1045 0.93 -24.94 41.20
CA PRO A 1045 0.27 -23.62 41.20
C PRO A 1045 1.21 -22.52 41.65
N ASP A 1046 1.04 -21.34 41.05
CA ASP A 1046 1.83 -20.18 41.41
C ASP A 1046 1.47 -19.68 42.80
N ALA A 1047 2.46 -19.14 43.50
CA ALA A 1047 2.25 -18.59 44.82
C ALA A 1047 1.68 -17.17 44.73
N LEU A 1048 0.72 -16.88 45.59
CA LEU A 1048 0.09 -15.57 45.64
C LEU A 1048 0.64 -14.75 46.80
N ALA A 1049 0.29 -13.47 46.81
CA ALA A 1049 0.75 -12.59 47.88
C ALA A 1049 0.03 -12.93 49.18
N PRO A 1050 0.75 -13.22 50.26
CA PRO A 1050 0.10 -13.57 51.52
C PRO A 1050 -0.44 -12.34 52.24
N LYS A 1051 -1.30 -12.60 53.22
CA LYS A 1051 -1.85 -11.54 54.04
C LYS A 1051 -0.81 -11.06 55.06
N ASP A 1052 -1.08 -9.90 55.63
CA ASP A 1052 -0.22 -9.39 56.69
C ASP A 1052 -0.41 -10.24 57.93
N PRO A 1053 0.63 -10.92 58.42
CA PRO A 1053 0.42 -11.86 59.55
C PRO A 1053 -0.11 -11.19 60.81
N CYS A 1054 0.32 -9.97 61.10
CA CYS A 1054 -0.13 -9.28 62.31
C CYS A 1054 -1.43 -8.52 62.11
N THR A 1055 -1.93 -8.42 60.89
CA THR A 1055 -3.25 -7.86 60.63
C THR A 1055 -4.32 -8.94 60.58
N ALA A 1056 -4.00 -10.09 59.97
CA ALA A 1056 -4.94 -11.21 59.95
C ALA A 1056 -5.07 -11.83 61.34
N ASN A 1057 -4.02 -11.80 62.15
CA ASN A 1057 -4.02 -12.34 63.51
C ASN A 1057 -3.55 -11.25 64.46
N PRO A 1058 -4.41 -10.27 64.76
CA PRO A 1058 -3.98 -9.21 65.70
C PRO A 1058 -3.88 -9.68 67.14
N PHE A 1059 -4.68 -10.70 67.53
CA PHE A 1059 -4.66 -11.18 68.89
C PHE A 1059 -3.29 -11.76 69.29
N ARG A 1060 -2.48 -12.16 68.31
CA ARG A 1060 -1.13 -12.61 68.58
C ARG A 1060 -0.12 -11.48 68.58
N LYS A 1061 -0.44 -10.35 67.94
CA LYS A 1061 0.55 -9.32 67.65
C LYS A 1061 1.32 -8.90 68.89
N SER A 1062 0.59 -8.53 69.95
CA SER A 1062 1.25 -8.10 71.18
C SER A 1062 2.25 -9.13 71.65
N TRP A 1063 1.80 -10.39 71.77
CA TRP A 1063 2.71 -11.46 72.21
C TRP A 1063 3.95 -11.47 71.33
N ALA A 1064 3.75 -11.43 70.01
CA ALA A 1064 4.88 -11.43 69.09
C ALA A 1064 5.87 -10.35 69.45
N GLN A 1065 5.38 -9.11 69.60
CA GLN A 1065 6.28 -8.02 69.95
C GLN A 1065 6.94 -8.30 71.29
N LYS A 1066 6.15 -8.68 72.29
CA LYS A 1066 6.70 -8.95 73.61
C LYS A 1066 7.69 -10.11 73.54
N GLN A 1067 7.49 -11.04 72.61
CA GLN A 1067 8.44 -12.13 72.48
C GLN A 1067 9.70 -11.67 71.75
N CYS A 1068 9.57 -10.80 70.76
CA CYS A 1068 10.71 -10.45 69.91
C CYS A 1068 11.52 -9.28 70.45
N SER A 1069 11.08 -8.66 71.55
CA SER A 1069 11.85 -7.59 72.17
C SER A 1069 13.20 -8.07 72.68
N ILE A 1070 13.40 -9.38 72.80
CA ILE A 1070 14.72 -9.91 73.14
C ILE A 1070 15.75 -9.49 72.11
N LEU A 1071 15.33 -9.28 70.86
CA LEU A 1071 16.25 -8.83 69.81
C LEU A 1071 16.56 -7.34 69.91
N HIS A 1072 16.08 -6.66 70.95
CA HIS A 1072 16.34 -5.24 71.13
C HIS A 1072 16.81 -4.89 72.54
N GLY A 1073 16.98 -5.88 73.42
CA GLY A 1073 17.30 -5.60 74.80
C GLY A 1073 18.75 -5.87 75.15
N PRO A 1074 19.04 -5.96 76.44
CA PRO A 1074 20.42 -6.19 76.88
C PRO A 1074 20.99 -7.54 76.47
N THR A 1075 20.15 -8.49 76.08
CA THR A 1075 20.64 -9.82 75.72
C THR A 1075 21.57 -9.76 74.52
N PHE A 1076 21.21 -8.98 73.50
CA PHE A 1076 22.01 -8.84 72.29
C PHE A 1076 22.61 -7.44 72.16
N ALA A 1077 22.92 -6.81 73.30
CA ALA A 1077 23.45 -5.44 73.28
C ALA A 1077 24.82 -5.40 72.62
N ALA A 1078 25.67 -6.39 72.90
CA ALA A 1078 27.02 -6.38 72.33
C ALA A 1078 27.00 -6.60 70.82
N CYS A 1079 26.04 -7.40 70.32
CA CYS A 1079 25.98 -7.70 68.90
C CYS A 1079 25.36 -6.57 68.08
N HIS A 1080 24.65 -5.63 68.72
CA HIS A 1080 23.95 -4.60 67.99
C HIS A 1080 24.88 -3.72 67.17
N ALA A 1081 26.16 -3.61 67.57
CA ALA A 1081 27.13 -2.83 66.81
C ALA A 1081 27.75 -3.62 65.66
N HIS A 1082 27.50 -4.93 65.57
CA HIS A 1082 28.10 -5.76 64.53
C HIS A 1082 27.09 -6.45 63.62
N VAL A 1083 25.86 -6.66 64.05
CA VAL A 1083 24.79 -7.20 63.20
C VAL A 1083 23.55 -6.37 63.44
N GLU A 1084 22.98 -5.84 62.36
CA GLU A 1084 21.78 -5.02 62.47
C GLU A 1084 20.57 -5.91 62.75
N PRO A 1085 19.83 -5.67 63.84
CA PRO A 1085 18.73 -6.58 64.20
C PRO A 1085 17.38 -6.17 63.61
N ALA A 1086 17.39 -5.27 62.62
CA ALA A 1086 16.13 -4.75 62.09
C ALA A 1086 15.33 -5.82 61.36
N ARG A 1087 15.92 -6.39 60.29
CA ARG A 1087 15.20 -7.39 59.52
CA ARG A 1087 15.20 -7.39 59.52
C ARG A 1087 14.96 -8.66 60.33
N TYR A 1088 15.87 -9.00 61.24
CA TYR A 1088 15.65 -10.17 62.10
C TYR A 1088 14.47 -9.95 63.03
N TYR A 1089 14.37 -8.75 63.61
CA TYR A 1089 13.21 -8.44 64.46
C TYR A 1089 11.92 -8.46 63.66
N GLU A 1090 11.94 -7.90 62.45
CA GLU A 1090 10.74 -7.90 61.62
C GLU A 1090 10.31 -9.33 61.27
N ALA A 1091 11.26 -10.17 60.91
CA ALA A 1091 10.96 -11.57 60.61
C ALA A 1091 10.45 -12.29 61.85
N CYS A 1092 11.02 -12.01 63.01
CA CYS A 1092 10.54 -12.59 64.25
C CYS A 1092 9.08 -12.25 64.49
N VAL A 1093 8.74 -10.96 64.39
CA VAL A 1093 7.37 -10.54 64.65
C VAL A 1093 6.41 -11.14 63.62
N ASN A 1094 6.80 -11.13 62.35
CA ASN A 1094 5.93 -11.67 61.30
C ASN A 1094 5.71 -13.17 61.48
N ASP A 1095 6.77 -13.92 61.79
CA ASP A 1095 6.64 -15.35 61.98
C ASP A 1095 5.78 -15.67 63.21
N ALA A 1096 6.00 -14.95 64.31
CA ALA A 1096 5.20 -15.18 65.50
C ALA A 1096 3.73 -14.82 65.26
N CYS A 1097 3.46 -13.83 64.42
CA CYS A 1097 2.08 -13.51 64.07
C CYS A 1097 1.48 -14.59 63.17
N ALA A 1098 2.29 -15.17 62.28
CA ALA A 1098 1.80 -16.14 61.31
C ALA A 1098 1.91 -17.59 61.77
N CYS A 1099 2.59 -17.85 62.89
CA CYS A 1099 2.74 -19.22 63.38
C CYS A 1099 1.52 -19.62 64.18
N ASP A 1100 0.34 -19.51 63.57
CA ASP A 1100 -0.94 -19.68 64.26
C ASP A 1100 -1.51 -21.09 64.16
N SER A 1101 -0.83 -22.01 63.47
CA SER A 1101 -1.30 -23.37 63.32
C SER A 1101 -0.74 -24.33 64.36
N GLY A 1102 0.09 -23.83 65.27
CA GLY A 1102 0.66 -24.70 66.30
C GLY A 1102 2.17 -24.71 66.22
N GLY A 1103 2.80 -24.49 67.38
CA GLY A 1103 4.24 -24.50 67.47
C GLY A 1103 4.87 -23.14 67.22
N ASP A 1104 4.31 -22.10 67.87
CA ASP A 1104 4.86 -20.76 67.69
C ASP A 1104 6.20 -20.60 68.37
N CYS A 1105 6.46 -21.39 69.42
CA CYS A 1105 7.75 -21.33 70.08
C CYS A 1105 8.87 -21.80 69.15
N GLU A 1106 8.59 -22.77 68.29
CA GLU A 1106 9.58 -23.15 67.27
C GLU A 1106 9.84 -22.01 66.31
N CYS A 1107 8.79 -21.31 65.89
CA CYS A 1107 8.96 -20.16 64.99
C CYS A 1107 9.81 -19.09 65.65
N PHE A 1108 9.51 -18.77 66.91
CA PHE A 1108 10.27 -17.75 67.64
C PHE A 1108 11.71 -18.18 67.84
N CYS A 1109 11.94 -19.45 68.20
CA CYS A 1109 13.29 -19.93 68.41
C CYS A 1109 14.11 -19.88 67.13
N THR A 1110 13.51 -20.27 66.00
CA THR A 1110 14.20 -20.17 64.72
C THR A 1110 14.52 -18.72 64.37
N ALA A 1111 13.56 -17.82 64.57
CA ALA A 1111 13.78 -16.41 64.23
C ALA A 1111 14.89 -15.80 65.07
N VAL A 1112 14.94 -16.14 66.36
CA VAL A 1112 16.00 -15.59 67.20
C VAL A 1112 17.33 -16.30 66.95
N ALA A 1113 17.31 -17.58 66.61
CA ALA A 1113 18.54 -18.32 66.35
C ALA A 1113 19.19 -17.87 65.04
N ALA A 1114 18.41 -17.36 64.10
CA ALA A 1114 19.01 -16.76 62.91
C ALA A 1114 19.91 -15.59 63.29
N TYR A 1115 19.40 -14.67 64.10
CA TYR A 1115 20.20 -13.54 64.56
C TYR A 1115 21.35 -14.00 65.45
N ALA A 1116 21.11 -15.03 66.26
CA ALA A 1116 22.19 -15.55 67.11
C ALA A 1116 23.33 -16.13 66.27
N GLN A 1117 23.00 -16.85 65.20
CA GLN A 1117 24.02 -17.38 64.31
C GLN A 1117 24.75 -16.25 63.59
N ALA A 1118 24.02 -15.22 63.16
CA ALA A 1118 24.66 -14.07 62.55
C ALA A 1118 25.64 -13.40 63.50
N CYS A 1119 25.26 -13.29 64.78
CA CYS A 1119 26.15 -12.75 65.80
C CYS A 1119 27.37 -13.62 66.00
N HIS A 1120 27.16 -14.94 66.07
CA HIS A 1120 28.25 -15.86 66.35
C HIS A 1120 29.24 -15.94 65.20
N GLU A 1121 28.76 -15.73 63.97
CA GLU A 1121 29.64 -15.84 62.81
C GLU A 1121 30.71 -14.74 62.81
N VAL A 1122 30.43 -13.59 63.41
CA VAL A 1122 31.35 -12.46 63.39
C VAL A 1122 32.13 -12.35 64.70
N GLY A 1123 32.24 -13.44 65.46
CA GLY A 1123 33.11 -13.50 66.61
C GLY A 1123 32.47 -13.22 67.95
N LEU A 1124 31.20 -12.84 67.97
CA LEU A 1124 30.50 -12.54 69.22
C LEU A 1124 29.62 -13.72 69.61
N CYS A 1125 29.95 -14.37 70.71
CA CYS A 1125 29.20 -15.53 71.20
C CYS A 1125 28.41 -15.10 72.43
N VAL A 1126 27.17 -14.70 72.21
CA VAL A 1126 26.27 -14.30 73.28
C VAL A 1126 25.47 -15.50 73.74
N SER A 1127 25.24 -15.58 75.06
CA SER A 1127 24.45 -16.65 75.65
C SER A 1127 23.03 -16.12 75.84
N TRP A 1128 22.13 -16.51 74.95
CA TRP A 1128 20.75 -16.03 74.98
C TRP A 1128 19.73 -17.06 75.43
N ARG A 1129 20.04 -18.35 75.30
CA ARG A 1129 19.09 -19.38 75.68
C ARG A 1129 19.03 -19.51 77.20
N THR A 1130 17.82 -19.50 77.72
CA THR A 1130 17.51 -19.67 79.14
C THR A 1130 16.47 -20.77 79.26
N PRO A 1131 16.30 -21.36 80.45
CA PRO A 1131 15.30 -22.43 80.59
C PRO A 1131 13.89 -22.02 80.18
N SER A 1132 13.62 -20.72 80.06
CA SER A 1132 12.33 -20.24 79.58
C SER A 1132 12.37 -19.69 78.16
N ILE A 1133 13.56 -19.53 77.59
CA ILE A 1133 13.72 -18.98 76.24
C ILE A 1133 14.55 -19.98 75.45
N CYS A 1134 13.88 -20.83 74.66
CA CYS A 1134 14.52 -21.81 73.81
C CYS A 1134 15.55 -22.68 74.55
N PRO A 1135 15.11 -23.48 75.53
CA PRO A 1135 16.06 -24.32 76.25
C PRO A 1135 16.62 -25.43 75.38
N LEU A 1136 17.83 -25.87 75.71
CA LEU A 1136 18.50 -26.96 75.02
C LEU A 1136 18.75 -28.07 76.02
N PHE A 1137 18.26 -29.28 75.72
CA PHE A 1137 18.38 -30.42 76.63
C PHE A 1137 19.70 -31.15 76.36
N CYS A 1138 20.79 -30.51 76.82
CA CYS A 1138 22.11 -31.11 76.66
C CYS A 1138 22.25 -32.35 77.53
N ASP A 1139 21.66 -32.32 78.74
CA ASP A 1139 21.76 -33.45 79.66
C ASP A 1139 21.18 -34.73 79.07
N TYR A 1140 20.31 -34.62 78.06
CA TYR A 1140 19.79 -35.80 77.39
C TYR A 1140 20.90 -36.66 76.80
N TYR A 1141 22.01 -36.04 76.41
CA TYR A 1141 23.11 -36.76 75.76
C TYR A 1141 24.11 -37.35 76.75
N ASN A 1142 23.94 -37.09 78.04
CA ASN A 1142 24.86 -37.65 79.04
C ASN A 1142 24.61 -39.13 79.22
N PRO A 1143 25.62 -39.98 79.09
CA PRO A 1143 25.45 -41.40 79.41
C PRO A 1143 25.20 -41.60 80.90
N GLU A 1144 24.63 -42.75 81.23
CA GLU A 1144 24.26 -43.06 82.60
C GLU A 1144 25.46 -42.93 83.53
N GLY A 1145 25.40 -41.98 84.46
CA GLY A 1145 26.47 -41.72 85.39
C GLY A 1145 27.50 -40.71 84.94
N GLN A 1146 27.40 -40.20 83.71
CA GLN A 1146 28.36 -39.26 83.17
C GLN A 1146 27.75 -37.86 83.10
N CYS A 1147 28.63 -36.86 82.99
CA CYS A 1147 28.22 -35.46 82.85
C CYS A 1147 29.29 -34.78 81.99
N GLU A 1148 29.05 -34.74 80.68
CA GLU A 1148 30.06 -34.27 79.74
C GLU A 1148 29.55 -33.17 78.83
N TRP A 1149 28.28 -33.23 78.44
CA TRP A 1149 27.76 -32.35 77.41
C TRP A 1149 27.40 -30.99 77.99
N HIS A 1150 27.94 -29.93 77.38
CA HIS A 1150 27.71 -28.57 77.81
C HIS A 1150 27.28 -27.71 76.62
N TYR A 1151 26.51 -26.67 76.91
CA TYR A 1151 26.10 -25.73 75.87
C TYR A 1151 27.24 -24.78 75.55
N GLN A 1152 27.57 -24.66 74.27
CA GLN A 1152 28.61 -23.76 73.80
C GLN A 1152 28.02 -22.78 72.79
N PRO A 1153 28.03 -21.47 73.06
CA PRO A 1153 27.61 -20.49 72.05
C PRO A 1153 28.61 -20.41 70.90
N CYS A 1154 29.89 -20.25 71.25
CA CYS A 1154 30.94 -20.23 70.24
C CYS A 1154 31.05 -21.54 69.49
N GLY A 1155 30.67 -22.65 70.13
CA GLY A 1155 30.93 -23.95 69.58
C GLY A 1155 32.35 -24.39 69.85
N VAL A 1156 32.65 -25.62 69.47
CA VAL A 1156 33.99 -26.15 69.65
C VAL A 1156 34.47 -26.65 68.29
N PRO A 1157 35.07 -25.78 67.47
CA PRO A 1157 35.46 -26.21 66.11
C PRO A 1157 36.47 -27.35 66.10
N CYS A 1158 37.36 -27.41 67.08
CA CYS A 1158 38.35 -28.48 67.15
C CYS A 1158 38.39 -29.20 68.49
N LEU A 1159 37.22 -29.63 68.97
CA LEU A 1159 37.15 -30.72 69.91
C LEU A 1159 37.86 -31.95 69.34
N ARG A 1160 38.40 -32.78 70.22
CA ARG A 1160 39.16 -33.94 69.80
C ARG A 1160 38.21 -35.12 69.57
N THR A 1161 38.18 -35.61 68.34
CA THR A 1161 37.43 -36.80 67.96
C THR A 1161 38.36 -37.73 67.22
N CYS A 1162 37.88 -38.96 66.96
CA CYS A 1162 38.70 -39.91 66.22
C CYS A 1162 38.51 -39.82 64.71
N ARG A 1163 37.69 -38.89 64.23
CA ARG A 1163 37.72 -38.53 62.82
C ARG A 1163 38.66 -37.36 62.55
N ASN A 1164 39.01 -36.59 63.58
CA ASN A 1164 40.05 -35.56 63.51
C ASN A 1164 40.94 -35.82 64.72
N PRO A 1165 41.77 -36.87 64.66
CA PRO A 1165 42.52 -37.28 65.86
C PRO A 1165 43.45 -36.21 66.39
N ARG A 1166 44.07 -35.43 65.51
CA ARG A 1166 45.06 -34.46 65.95
C ARG A 1166 44.43 -33.36 66.79
N GLY A 1167 43.23 -32.94 66.43
CA GLY A 1167 42.58 -31.81 67.05
C GLY A 1167 42.60 -30.53 66.24
N ASP A 1168 42.72 -30.62 64.92
CA ASP A 1168 42.76 -29.45 64.07
C ASP A 1168 41.35 -29.00 63.72
N CYS A 1169 41.08 -27.70 63.86
CA CYS A 1169 39.81 -27.12 63.49
C CYS A 1169 39.90 -26.39 62.16
N LEU A 1170 39.02 -26.80 61.24
CA LEU A 1170 39.07 -26.47 59.82
C LEU A 1170 38.63 -25.05 59.51
N ARG A 1171 38.16 -24.30 60.50
CA ARG A 1171 37.54 -23.00 60.28
C ARG A 1171 36.34 -23.20 59.36
N ASP A 1172 35.99 -22.16 58.58
CA ASP A 1172 34.97 -22.24 57.54
C ASP A 1172 33.57 -22.43 58.11
N VAL A 1173 33.49 -22.62 59.44
CA VAL A 1173 32.22 -22.67 60.16
C VAL A 1173 32.44 -21.99 61.50
N ARG A 1174 31.61 -21.00 61.79
CA ARG A 1174 31.79 -20.17 62.99
CA ARG A 1174 31.78 -20.17 62.98
C ARG A 1174 30.51 -20.12 63.80
N GLY A 1175 30.65 -20.25 65.10
CA GLY A 1175 29.54 -20.09 66.03
C GLY A 1175 28.39 -21.05 65.83
N LEU A 1176 28.68 -22.32 65.60
CA LEU A 1176 27.63 -23.34 65.55
C LEU A 1176 27.35 -23.77 67.00
N GLU A 1177 26.48 -23.01 67.65
CA GLU A 1177 26.19 -23.22 69.07
C GLU A 1177 25.44 -24.52 69.28
N GLY A 1178 25.45 -24.99 70.53
CA GLY A 1178 24.69 -26.16 70.88
C GLY A 1178 25.45 -27.02 71.89
N CYS A 1179 24.96 -28.24 72.08
CA CYS A 1179 25.57 -29.15 73.04
C CYS A 1179 26.83 -29.77 72.43
N TYR A 1180 27.94 -29.66 73.15
CA TYR A 1180 29.21 -30.23 72.77
C TYR A 1180 29.78 -31.04 73.92
N PRO A 1181 30.52 -32.11 73.64
CA PRO A 1181 31.08 -32.92 74.72
C PRO A 1181 32.40 -32.39 75.23
N LYS A 1182 32.62 -32.55 76.53
CA LYS A 1182 33.87 -32.21 77.19
C LYS A 1182 34.44 -33.51 77.75
N CYS A 1183 35.20 -34.21 76.91
CA CYS A 1183 35.70 -35.52 77.29
C CYS A 1183 36.75 -35.39 78.39
N PRO A 1184 36.75 -36.27 79.38
CA PRO A 1184 37.70 -36.17 80.49
C PRO A 1184 39.09 -36.60 80.04
N PRO A 1185 40.12 -36.24 80.81
CA PRO A 1185 41.49 -36.67 80.44
C PRO A 1185 41.66 -38.18 80.41
N GLU A 1186 40.82 -38.93 81.13
CA GLU A 1186 40.92 -40.39 81.07
C GLU A 1186 40.52 -40.93 79.70
N ALA A 1187 39.54 -40.30 79.05
CA ALA A 1187 39.09 -40.69 77.72
C ALA A 1187 38.99 -39.43 76.87
N PRO A 1188 40.12 -38.95 76.36
CA PRO A 1188 40.15 -37.65 75.67
C PRO A 1188 39.68 -37.67 74.23
N ILE A 1189 39.04 -38.75 73.76
CA ILE A 1189 38.55 -38.84 72.39
C ILE A 1189 37.04 -38.93 72.44
N PHE A 1190 36.37 -38.23 71.53
CA PHE A 1190 34.91 -38.33 71.42
C PHE A 1190 34.56 -39.10 70.15
N ASP A 1191 33.97 -40.28 70.33
CA ASP A 1191 33.52 -41.10 69.21
C ASP A 1191 32.08 -40.76 68.90
N GLU A 1192 31.85 -40.21 67.71
CA GLU A 1192 30.52 -39.86 67.24
C GLU A 1192 29.77 -41.05 66.64
N ASP A 1193 30.48 -42.07 66.17
CA ASP A 1193 29.82 -43.28 65.67
C ASP A 1193 29.03 -43.96 66.78
N LYS A 1194 29.63 -44.06 67.97
CA LYS A 1194 28.94 -44.58 69.14
C LYS A 1194 28.52 -43.50 70.12
N MET A 1195 29.05 -42.28 69.96
CA MET A 1195 28.63 -41.10 70.70
C MET A 1195 28.96 -41.20 72.20
N GLN A 1196 30.26 -41.33 72.50
CA GLN A 1196 30.67 -41.25 73.90
C GLN A 1196 32.16 -40.94 73.95
N CYS A 1197 32.66 -40.71 75.16
CA CYS A 1197 34.09 -40.49 75.36
C CYS A 1197 34.81 -41.82 75.50
N VAL A 1198 35.84 -42.00 74.68
CA VAL A 1198 36.69 -43.19 74.68
C VAL A 1198 38.15 -42.74 74.59
N ALA A 1199 39.05 -43.66 74.95
CA ALA A 1199 40.46 -43.35 74.85
C ALA A 1199 40.94 -43.36 73.40
N THR A 1200 40.43 -44.30 72.60
CA THR A 1200 40.82 -44.38 71.20
C THR A 1200 39.72 -45.12 70.43
N CYS A 1201 39.67 -44.85 69.13
CA CYS A 1201 38.71 -45.50 68.24
C CYS A 1201 39.39 -46.55 67.37
N VAL B 41 21.70 -41.56 59.49
CA VAL B 41 21.87 -41.57 58.04
C VAL B 41 21.44 -42.91 57.46
N VAL B 42 20.46 -42.89 56.56
CA VAL B 42 19.93 -44.08 55.92
C VAL B 42 20.35 -44.07 54.46
N ARG B 43 20.94 -45.16 54.00
CA ARG B 43 21.41 -45.29 52.63
C ARG B 43 20.51 -46.22 51.84
N ALA B 44 20.21 -45.83 50.60
CA ALA B 44 19.37 -46.64 49.71
C ALA B 44 19.84 -46.39 48.28
N SER B 45 20.40 -47.43 47.66
CA SER B 45 20.95 -47.32 46.31
C SER B 45 20.31 -48.30 45.33
N ASN B 46 19.25 -49.00 45.74
CA ASN B 46 18.59 -49.96 44.87
C ASN B 46 17.33 -49.33 44.29
N PRO B 47 17.28 -49.05 42.98
CA PRO B 47 16.08 -48.42 42.41
C PRO B 47 14.84 -49.30 42.47
N ALA B 48 14.99 -50.62 42.56
CA ALA B 48 13.85 -51.52 42.62
C ALA B 48 13.11 -51.29 43.94
N HIS B 49 11.91 -50.72 43.86
CA HIS B 49 11.14 -50.35 45.04
C HIS B 49 9.68 -50.74 44.89
N ASN B 50 9.43 -51.94 44.36
CA ASN B 50 8.07 -52.46 44.31
C ASN B 50 7.52 -52.76 45.70
N GLY B 51 8.39 -52.84 46.71
CA GLY B 51 7.94 -53.09 48.06
C GLY B 51 7.21 -51.92 48.69
N ARG B 52 7.39 -50.72 48.16
CA ARG B 52 6.72 -49.53 48.66
C ARG B 52 5.50 -49.15 47.83
N VAL B 53 5.07 -50.02 46.92
CA VAL B 53 3.99 -49.72 46.00
C VAL B 53 2.90 -50.78 46.16
N CYS B 54 1.66 -50.33 46.31
CA CYS B 54 0.50 -51.20 46.28
C CYS B 54 -0.49 -50.66 45.26
N SER B 55 -1.18 -51.56 44.57
CA SER B 55 -2.04 -51.14 43.47
C SER B 55 -3.20 -52.11 43.31
N THR B 56 -4.26 -51.62 42.67
CA THR B 56 -5.39 -52.44 42.26
C THR B 56 -5.70 -52.13 40.81
N TRP B 57 -6.10 -53.15 40.06
CA TRP B 57 -6.31 -53.00 38.62
C TRP B 57 -7.18 -54.13 38.10
N GLY B 58 -7.74 -53.91 36.91
CA GLY B 58 -8.44 -54.97 36.21
C GLY B 58 -9.66 -55.48 36.95
N SER B 59 -9.86 -56.79 36.86
CA SER B 59 -11.00 -57.44 37.51
C SER B 59 -10.63 -57.80 38.95
N PHE B 60 -10.57 -56.75 39.78
CA PHE B 60 -10.34 -56.89 41.22
C PHE B 60 -9.02 -57.61 41.53
N HIS B 61 -7.94 -57.10 40.95
CA HIS B 61 -6.61 -57.62 41.23
C HIS B 61 -5.89 -56.65 42.16
N TYR B 62 -5.43 -57.16 43.30
CA TYR B 62 -4.75 -56.36 44.31
C TYR B 62 -3.33 -56.85 44.50
N LYS B 63 -2.38 -55.93 44.53
CA LYS B 63 -1.00 -56.23 44.85
C LYS B 63 -0.63 -55.47 46.12
N THR B 64 -0.25 -56.19 47.16
CA THR B 64 0.07 -55.59 48.44
C THR B 64 1.47 -54.98 48.39
N PHE B 65 1.83 -54.27 49.46
CA PHE B 65 3.18 -53.68 49.53
C PHE B 65 4.25 -54.77 49.55
N ASP B 66 3.94 -55.93 50.11
CA ASP B 66 4.93 -56.99 50.25
C ASP B 66 5.03 -57.88 49.02
N GLY B 67 4.30 -57.58 47.96
CA GLY B 67 4.37 -58.33 46.72
C GLY B 67 3.28 -59.36 46.53
N ASP B 68 2.44 -59.58 47.54
CA ASP B 68 1.37 -60.55 47.41
C ASP B 68 0.32 -60.08 46.41
N VAL B 69 0.00 -60.94 45.44
CA VAL B 69 -0.99 -60.64 44.41
C VAL B 69 -2.15 -61.60 44.58
N PHE B 70 -3.35 -61.06 44.75
CA PHE B 70 -4.55 -61.86 44.91
C PHE B 70 -5.70 -61.19 44.18
N ARG B 71 -6.86 -61.86 44.18
CA ARG B 71 -8.07 -61.33 43.57
C ARG B 71 -9.18 -61.32 44.61
N PHE B 72 -9.79 -60.16 44.81
CA PHE B 72 -10.88 -60.00 45.76
C PHE B 72 -12.01 -59.22 45.08
N PRO B 73 -13.01 -59.91 44.54
CA PRO B 73 -14.11 -59.22 43.84
C PRO B 73 -15.16 -58.65 44.80
N GLY B 74 -14.74 -57.65 45.57
CA GLY B 74 -15.63 -56.98 46.50
C GLY B 74 -16.04 -55.62 45.96
N LEU B 75 -17.34 -55.35 46.00
CA LEU B 75 -17.92 -54.11 45.51
C LEU B 75 -18.28 -53.14 46.62
N CYS B 76 -17.84 -53.41 47.85
CA CYS B 76 -18.19 -52.59 48.99
C CYS B 76 -17.13 -51.51 49.20
N ASN B 77 -17.20 -50.80 50.32
CA ASN B 77 -16.21 -49.80 50.69
C ASN B 77 -15.17 -50.45 51.59
N TYR B 78 -13.91 -50.41 51.17
CA TYR B 78 -12.84 -51.10 51.86
C TYR B 78 -11.71 -50.12 52.15
N VAL B 79 -10.95 -50.42 53.20
CA VAL B 79 -9.79 -49.60 53.58
C VAL B 79 -8.63 -50.00 52.66
N PHE B 80 -8.28 -49.11 51.73
CA PHE B 80 -7.16 -49.38 50.84
C PHE B 80 -5.84 -49.42 51.62
N SER B 81 -5.60 -48.40 52.43
CA SER B 81 -4.41 -48.35 53.29
C SER B 81 -4.55 -47.25 54.33
N GLU B 82 -4.24 -47.55 55.58
CA GLU B 82 -4.31 -46.57 56.65
C GLU B 82 -3.14 -46.77 57.60
N HIS B 83 -2.78 -45.70 58.31
CA HIS B 83 -1.62 -45.70 59.19
C HIS B 83 -2.07 -46.05 60.61
N CYS B 84 -2.14 -47.36 60.86
CA CYS B 84 -2.55 -47.87 62.16
C CYS B 84 -1.37 -48.16 63.08
N GLY B 85 -0.14 -47.91 62.64
CA GLY B 85 1.03 -48.20 63.44
C GLY B 85 1.40 -47.17 64.47
N ALA B 86 0.64 -46.09 64.59
CA ALA B 86 0.92 -45.02 65.54
C ALA B 86 -0.38 -44.55 66.16
N ALA B 87 -0.23 -43.78 67.25
CA ALA B 87 -1.41 -43.24 67.93
C ALA B 87 -2.17 -42.27 67.03
N TYR B 88 -1.45 -41.44 66.27
CA TYR B 88 -2.04 -40.49 65.35
C TYR B 88 -1.87 -41.01 63.93
N GLU B 89 -2.97 -41.04 63.18
CA GLU B 89 -2.98 -41.60 61.82
C GLU B 89 -2.64 -40.51 60.82
N ASP B 90 -1.53 -40.68 60.11
CA ASP B 90 -1.12 -39.69 59.12
C ASP B 90 -1.99 -39.73 57.87
N PHE B 91 -2.42 -40.92 57.45
CA PHE B 91 -3.19 -41.05 56.22
C PHE B 91 -4.22 -42.16 56.38
N ASN B 92 -5.27 -42.08 55.56
CA ASN B 92 -6.32 -43.09 55.55
C ASN B 92 -6.99 -43.04 54.18
N ILE B 93 -6.78 -44.06 53.37
CA ILE B 93 -7.30 -44.13 52.00
C ILE B 93 -8.27 -45.29 51.90
N GLN B 94 -9.47 -45.02 51.39
CA GLN B 94 -10.49 -46.03 51.16
C GLN B 94 -10.97 -45.94 49.72
N LEU B 95 -11.26 -47.11 49.14
CA LEU B 95 -11.71 -47.20 47.76
C LEU B 95 -13.02 -47.98 47.69
N ARG B 96 -13.86 -47.60 46.74
CA ARG B 96 -15.15 -48.23 46.53
CA ARG B 96 -15.16 -48.23 46.53
C ARG B 96 -15.36 -48.48 45.04
N ARG B 97 -15.89 -49.65 44.72
CA ARG B 97 -16.16 -50.06 43.35
C ARG B 97 -17.66 -49.99 43.06
N SER B 98 -18.01 -50.23 41.81
CA SER B 98 -19.40 -50.20 41.38
C SER B 98 -19.59 -51.19 40.24
N GLN B 99 -20.82 -51.25 39.72
CA GLN B 99 -21.14 -52.13 38.60
C GLN B 99 -22.02 -51.41 37.58
N ALA B 103 -18.32 -54.64 35.29
CA ALA B 103 -17.51 -53.43 35.17
C ALA B 103 -16.84 -53.09 36.51
N PRO B 104 -15.69 -53.70 36.77
CA PRO B 104 -14.97 -53.40 38.02
C PRO B 104 -14.34 -52.03 38.04
N THR B 105 -15.17 -50.98 37.92
CA THR B 105 -14.69 -49.62 37.87
C THR B 105 -14.83 -48.94 39.23
N LEU B 106 -13.78 -48.25 39.64
CA LEU B 106 -13.82 -47.50 40.89
C LEU B 106 -14.80 -46.34 40.77
N SER B 107 -15.57 -46.11 41.84
CA SER B 107 -16.56 -45.04 41.88
C SER B 107 -16.22 -43.93 42.84
N ARG B 108 -15.49 -44.22 43.93
CA ARG B 108 -15.13 -43.20 44.90
C ARG B 108 -13.85 -43.60 45.60
N VAL B 109 -12.97 -42.62 45.83
CA VAL B 109 -11.77 -42.79 46.61
C VAL B 109 -11.78 -41.73 47.70
N LEU B 110 -11.67 -42.16 48.96
CA LEU B 110 -11.71 -41.26 50.11
C LEU B 110 -10.35 -41.24 50.79
N MET B 111 -9.81 -40.04 50.97
CA MET B 111 -8.49 -39.87 51.56
C MET B 111 -8.59 -38.93 52.76
N LYS B 112 -7.94 -39.31 53.86
CA LYS B 112 -7.79 -38.45 55.02
C LYS B 112 -6.30 -38.23 55.25
N VAL B 113 -5.80 -37.05 54.90
CA VAL B 113 -4.38 -36.76 54.95
C VAL B 113 -4.18 -35.57 55.88
N ASP B 114 -3.92 -35.86 57.15
CA ASP B 114 -3.57 -34.86 58.17
C ASP B 114 -4.61 -33.73 58.22
N GLY B 115 -5.84 -34.12 58.52
CA GLY B 115 -6.92 -33.16 58.64
C GLY B 115 -7.56 -32.74 57.35
N VAL B 116 -7.10 -33.25 56.21
CA VAL B 116 -7.66 -32.93 54.90
C VAL B 116 -8.40 -34.14 54.38
N VAL B 117 -9.65 -33.94 53.96
CA VAL B 117 -10.50 -35.00 53.44
C VAL B 117 -10.62 -34.78 51.94
N ILE B 118 -10.10 -35.73 51.16
CA ILE B 118 -10.11 -35.67 49.71
C ILE B 118 -10.97 -36.80 49.18
N GLN B 119 -12.01 -36.46 48.44
CA GLN B 119 -12.91 -37.43 47.82
C GLN B 119 -12.79 -37.31 46.31
N LEU B 120 -12.49 -38.43 45.64
CA LEU B 120 -12.30 -38.45 44.20
C LEU B 120 -13.42 -39.28 43.57
N THR B 121 -14.27 -38.63 42.79
CA THR B 121 -15.29 -39.29 42.00
C THR B 121 -15.03 -39.01 40.54
N LYS B 122 -15.74 -39.74 39.67
CA LYS B 122 -15.54 -39.59 38.23
C LYS B 122 -15.82 -38.16 37.79
N GLY B 123 -14.77 -37.45 37.41
CA GLY B 123 -14.89 -36.06 37.01
C GLY B 123 -15.13 -35.08 38.13
N SER B 124 -14.78 -35.42 39.37
CA SER B 124 -14.99 -34.51 40.48
C SER B 124 -13.96 -34.78 41.58
N VAL B 125 -13.44 -33.70 42.14
CA VAL B 125 -12.52 -33.75 43.27
C VAL B 125 -13.05 -32.82 44.35
N LEU B 126 -13.26 -33.35 45.55
CA LEU B 126 -13.75 -32.58 46.68
C LEU B 126 -12.69 -32.53 47.76
N VAL B 127 -12.37 -31.34 48.24
CA VAL B 127 -11.42 -31.14 49.33
C VAL B 127 -12.19 -30.51 50.49
N ASN B 128 -12.26 -31.22 51.61
CA ASN B 128 -13.01 -30.78 52.79
C ASN B 128 -14.48 -30.52 52.47
N GLY B 129 -15.03 -31.30 51.53
CA GLY B 129 -16.43 -31.19 51.18
C GLY B 129 -16.77 -30.18 50.11
N HIS B 130 -15.79 -29.40 49.63
CA HIS B 130 -16.08 -28.40 48.61
C HIS B 130 -15.42 -28.77 47.29
N PRO B 131 -16.09 -28.50 46.16
CA PRO B 131 -15.46 -28.77 44.86
C PRO B 131 -14.32 -27.80 44.60
N VAL B 132 -13.26 -28.33 43.98
CA VAL B 132 -12.07 -27.56 43.69
C VAL B 132 -11.71 -27.74 42.22
N LEU B 133 -10.93 -26.79 41.69
CA LEU B 133 -10.47 -26.81 40.32
C LEU B 133 -9.00 -27.17 40.29
N LEU B 134 -8.67 -28.24 39.58
CA LEU B 134 -7.29 -28.71 39.51
C LEU B 134 -6.46 -27.84 38.58
N PRO B 135 -5.17 -27.65 38.87
CA PRO B 135 -4.41 -28.18 40.02
C PRO B 135 -4.77 -27.49 41.32
N PHE B 136 -4.70 -28.19 42.45
CA PHE B 136 -5.11 -27.64 43.73
C PHE B 136 -4.08 -27.99 44.78
N SER B 137 -3.51 -26.98 45.44
CA SER B 137 -2.50 -27.16 46.46
C SER B 137 -3.00 -26.58 47.78
N GLN B 138 -2.97 -27.40 48.84
CA GLN B 138 -3.43 -26.95 50.14
C GLN B 138 -2.93 -27.92 51.21
N SER B 139 -2.39 -27.36 52.31
CA SER B 139 -1.98 -28.13 53.48
C SER B 139 -1.01 -29.25 53.11
N GLY B 140 -0.07 -28.94 52.22
CA GLY B 140 0.92 -29.94 51.83
C GLY B 140 0.38 -31.03 50.94
N VAL B 141 -0.79 -30.84 50.35
CA VAL B 141 -1.42 -31.82 49.47
C VAL B 141 -1.61 -31.17 48.11
N LEU B 142 -1.12 -31.83 47.07
CA LEU B 142 -1.21 -31.30 45.70
C LEU B 142 -1.96 -32.31 44.84
N ILE B 143 -3.06 -31.86 44.24
CA ILE B 143 -3.90 -32.69 43.38
C ILE B 143 -3.81 -32.13 41.96
N GLN B 144 -3.45 -32.99 41.02
CA GLN B 144 -3.29 -32.57 39.63
C GLN B 144 -3.86 -33.63 38.68
N GLN B 145 -4.51 -33.18 37.62
CA GLN B 145 -5.10 -34.05 36.62
C GLN B 145 -4.28 -34.02 35.34
N SER B 146 -4.14 -35.19 34.72
CA SER B 146 -3.45 -35.30 33.44
C SER B 146 -4.33 -35.99 32.42
N SER B 147 -3.78 -36.31 31.26
CA SER B 147 -4.56 -36.97 30.22
C SER B 147 -4.87 -38.42 30.55
N SER B 148 -4.22 -38.99 31.57
CA SER B 148 -4.40 -40.40 31.89
C SER B 148 -4.61 -40.70 33.37
N TYR B 149 -4.37 -39.75 34.28
CA TYR B 149 -4.46 -40.04 35.69
C TYR B 149 -4.83 -38.79 36.48
N THR B 150 -5.26 -39.02 37.71
CA THR B 150 -5.39 -37.99 38.73
C THR B 150 -4.45 -38.34 39.87
N LYS B 151 -3.54 -37.43 40.21
CA LYS B 151 -2.48 -37.70 41.16
C LYS B 151 -2.62 -36.79 42.37
N VAL B 152 -2.55 -37.38 43.56
CA VAL B 152 -2.56 -36.67 44.82
C VAL B 152 -1.24 -36.97 45.52
N GLU B 153 -0.45 -35.92 45.76
CA GLU B 153 0.85 -36.04 46.43
C GLU B 153 0.78 -35.36 47.78
N ALA B 154 1.13 -36.09 48.83
CA ALA B 154 1.17 -35.58 50.19
C ALA B 154 2.61 -35.58 50.69
N ARG B 155 3.06 -34.42 51.17
CA ARG B 155 4.44 -34.19 51.56
C ARG B 155 4.87 -35.02 52.75
N LEU B 156 3.94 -35.64 53.46
CA LEU B 156 4.32 -36.62 54.47
C LEU B 156 4.93 -37.87 53.85
N GLY B 157 4.87 -37.99 52.52
CA GLY B 157 5.52 -39.07 51.82
C GLY B 157 4.57 -40.08 51.20
N LEU B 158 3.44 -39.63 50.66
CA LEU B 158 2.52 -40.54 50.00
C LEU B 158 2.15 -40.00 48.62
N VAL B 159 1.95 -40.91 47.67
CA VAL B 159 1.48 -40.58 46.34
C VAL B 159 0.35 -41.53 45.98
N LEU B 160 -0.78 -40.99 45.55
CA LEU B 160 -1.89 -41.78 45.05
C LEU B 160 -2.14 -41.42 43.60
N MET B 161 -2.34 -42.42 42.76
CA MET B 161 -2.58 -42.22 41.34
C MET B 161 -3.81 -43.02 40.93
N TRP B 162 -4.88 -42.32 40.57
CA TRP B 162 -6.09 -42.96 40.03
C TRP B 162 -6.00 -42.82 38.51
N ASN B 163 -5.65 -43.93 37.85
CA ASN B 163 -5.45 -43.91 36.41
C ASN B 163 -6.77 -44.04 35.67
N HIS B 164 -6.76 -43.68 34.39
CA HIS B 164 -7.95 -43.77 33.56
C HIS B 164 -8.29 -45.21 33.18
N ASP B 165 -7.40 -46.16 33.43
CA ASP B 165 -7.69 -47.57 33.28
C ASP B 165 -8.44 -48.14 34.49
N ASP B 166 -9.00 -47.26 35.32
CA ASP B 166 -9.70 -47.66 36.56
C ASP B 166 -8.77 -48.47 37.46
N SER B 167 -7.53 -48.02 37.57
CA SER B 167 -6.52 -48.65 38.43
C SER B 167 -6.01 -47.63 39.43
N LEU B 168 -5.90 -48.04 40.68
CA LEU B 168 -5.44 -47.18 41.77
C LEU B 168 -4.08 -47.66 42.25
N LEU B 169 -3.12 -46.75 42.31
CA LEU B 169 -1.77 -47.05 42.73
C LEU B 169 -1.37 -46.15 43.89
N LEU B 170 -0.55 -46.70 44.79
CA LEU B 170 -0.16 -45.98 46.00
C LEU B 170 1.31 -46.21 46.29
N GLU B 171 2.09 -45.14 46.27
CA GLU B 171 3.48 -45.15 46.72
C GLU B 171 3.55 -44.60 48.14
N LEU B 172 4.20 -45.35 49.02
CA LEU B 172 4.36 -44.98 50.42
C LEU B 172 5.84 -44.82 50.75
N ASP B 173 6.12 -43.91 51.68
CA ASP B 173 7.48 -43.74 52.16
C ASP B 173 7.92 -44.94 52.99
N THR B 174 9.24 -45.14 53.06
CA THR B 174 9.78 -46.24 53.84
C THR B 174 9.57 -46.05 55.34
N LYS B 175 9.28 -44.82 55.78
CA LYS B 175 9.02 -44.54 57.18
C LYS B 175 7.72 -45.16 57.68
N TYR B 176 6.86 -45.65 56.77
CA TYR B 176 5.59 -46.26 57.14
C TYR B 176 5.67 -47.79 57.14
N ALA B 177 6.87 -48.35 57.06
CA ALA B 177 7.02 -49.80 57.03
C ALA B 177 6.57 -50.42 58.34
N ASN B 178 5.86 -51.54 58.24
CA ASN B 178 5.38 -52.30 59.39
C ASN B 178 4.46 -51.46 60.28
N LYS B 179 3.77 -50.49 59.68
CA LYS B 179 2.90 -49.60 60.45
C LYS B 179 1.59 -49.30 59.74
N THR B 180 1.24 -50.05 58.69
CA THR B 180 0.03 -49.81 57.93
C THR B 180 -0.86 -51.04 57.96
N CYS B 181 -2.11 -50.85 57.52
CA CYS B 181 -3.06 -51.95 57.39
C CYS B 181 -4.05 -51.61 56.30
N GLY B 182 -4.74 -52.63 55.81
CA GLY B 182 -5.70 -52.51 54.74
C GLY B 182 -5.42 -53.54 53.67
N LEU B 183 -6.03 -53.33 52.49
CA LEU B 183 -5.87 -54.26 51.39
C LEU B 183 -4.45 -54.31 50.83
N CYS B 184 -3.59 -53.35 51.19
CA CYS B 184 -2.22 -53.31 50.69
C CYS B 184 -1.23 -53.98 51.63
N GLY B 185 -1.71 -54.66 52.67
CA GLY B 185 -0.83 -55.37 53.57
C GLY B 185 -0.29 -54.49 54.68
N ASP B 186 0.54 -55.10 55.52
CA ASP B 186 1.14 -54.42 56.66
C ASP B 186 2.47 -53.76 56.33
N PHE B 187 2.98 -53.92 55.11
CA PHE B 187 4.17 -53.21 54.63
C PHE B 187 5.38 -53.55 55.49
N ASN B 188 5.70 -54.85 55.58
CA ASN B 188 6.86 -55.31 56.34
C ASN B 188 7.82 -56.18 55.54
N GLY B 189 7.48 -56.59 54.33
CA GLY B 189 8.36 -57.38 53.52
C GLY B 189 7.90 -58.81 53.31
N MET B 190 7.32 -59.41 54.35
CA MET B 190 6.83 -60.78 54.25
C MET B 190 5.47 -60.80 53.56
N PRO B 191 5.32 -61.50 52.43
CA PRO B 191 4.05 -61.42 51.69
C PRO B 191 2.84 -61.94 52.45
N VAL B 192 3.01 -62.94 53.29
CA VAL B 192 1.89 -63.63 53.93
C VAL B 192 1.80 -63.31 55.42
N VAL B 193 2.93 -63.19 56.10
CA VAL B 193 2.94 -63.05 57.54
C VAL B 193 2.23 -61.77 57.96
N SER B 194 1.36 -61.89 58.96
CA SER B 194 0.64 -60.79 59.61
C SER B 194 -0.42 -60.15 58.72
N GLU B 195 -0.70 -60.72 57.55
CA GLU B 195 -1.82 -60.27 56.72
C GLU B 195 -2.85 -61.36 56.52
N LEU B 196 -2.42 -62.56 56.16
CA LEU B 196 -3.30 -63.70 55.99
C LEU B 196 -3.30 -64.62 57.20
N LEU B 197 -2.75 -64.17 58.33
CA LEU B 197 -2.71 -64.94 59.57
C LEU B 197 -3.43 -64.15 60.65
N SER B 198 -4.70 -64.46 60.88
CA SER B 198 -5.43 -63.83 61.97
C SER B 198 -4.90 -64.30 63.33
N HIS B 199 -4.99 -65.61 63.59
CA HIS B 199 -4.35 -66.22 64.75
C HIS B 199 -3.94 -67.63 64.34
N ASN B 200 -2.72 -67.76 63.83
CA ASN B 200 -2.17 -69.02 63.35
C ASN B 200 -3.11 -69.71 62.36
N THR B 201 -3.86 -68.90 61.59
CA THR B 201 -4.82 -69.42 60.63
C THR B 201 -4.56 -68.77 59.28
N LYS B 202 -4.44 -69.60 58.24
CA LYS B 202 -4.14 -69.11 56.90
C LYS B 202 -5.40 -68.54 56.28
N LEU B 203 -5.47 -67.22 56.19
CA LEU B 203 -6.64 -66.55 55.62
C LEU B 203 -6.61 -66.61 54.10
N THR B 204 -7.78 -66.78 53.51
CA THR B 204 -7.93 -66.69 52.07
C THR B 204 -8.04 -65.22 51.65
N PRO B 205 -7.76 -64.91 50.39
CA PRO B 205 -7.94 -63.52 49.93
C PRO B 205 -9.35 -62.99 50.14
N MET B 206 -10.36 -63.85 49.98
CA MET B 206 -11.74 -63.42 50.25
C MET B 206 -11.90 -62.99 51.70
N GLU B 207 -11.41 -63.81 52.64
CA GLU B 207 -11.55 -63.48 54.05
C GLU B 207 -10.80 -62.21 54.41
N PHE B 208 -9.58 -62.04 53.88
CA PHE B 208 -8.80 -60.84 54.15
C PHE B 208 -9.50 -59.60 53.61
N GLY B 209 -9.97 -59.67 52.36
CA GLY B 209 -10.66 -58.53 51.78
C GLY B 209 -11.92 -58.17 52.53
N ASN B 210 -12.67 -59.18 52.98
CA ASN B 210 -13.85 -58.90 53.80
C ASN B 210 -13.47 -58.31 55.15
N LEU B 211 -12.32 -58.73 55.70
CA LEU B 211 -11.85 -58.17 56.95
C LEU B 211 -11.46 -56.71 56.81
N GLN B 212 -11.02 -56.30 55.63
CA GLN B 212 -10.64 -54.91 55.39
C GLN B 212 -11.83 -54.03 54.98
N LYS B 213 -13.05 -54.41 55.35
CA LYS B 213 -14.23 -53.65 54.99
C LYS B 213 -14.48 -52.50 55.98
N MET B 214 -14.95 -51.38 55.44
CA MET B 214 -15.35 -50.22 56.25
C MET B 214 -16.59 -49.61 55.60
N ASP B 215 -17.76 -49.94 56.15
CA ASP B 215 -19.02 -49.61 55.49
C ASP B 215 -19.49 -48.20 55.83
N ASP B 216 -20.43 -47.71 55.03
CA ASP B 216 -21.09 -46.43 55.25
C ASP B 216 -22.15 -46.55 56.34
N PRO B 217 -22.56 -45.43 56.95
CA PRO B 217 -23.54 -45.49 58.05
C PRO B 217 -24.86 -46.15 57.65
N THR B 218 -25.53 -45.60 56.64
CA THR B 218 -26.83 -46.08 56.22
C THR B 218 -26.76 -47.10 55.09
N ASP B 219 -25.57 -47.41 54.59
CA ASP B 219 -25.40 -48.33 53.47
C ASP B 219 -24.81 -49.63 54.00
N GLN B 220 -25.67 -50.62 54.20
CA GLN B 220 -25.23 -51.96 54.57
C GLN B 220 -24.88 -52.74 53.30
N CYS B 221 -23.72 -53.39 53.32
CA CYS B 221 -23.18 -54.07 52.16
C CYS B 221 -23.08 -55.57 52.41
N GLN B 222 -23.37 -56.34 51.37
CA GLN B 222 -23.27 -57.80 51.42
C GLN B 222 -21.92 -58.24 50.89
N ASP B 223 -21.25 -59.10 51.64
CA ASP B 223 -19.95 -59.60 51.20
C ASP B 223 -20.11 -60.42 49.92
N PRO B 224 -19.15 -60.36 49.00
CA PRO B 224 -19.29 -61.11 47.75
C PRO B 224 -19.37 -62.61 47.99
N VAL B 225 -20.20 -63.27 47.20
CA VAL B 225 -20.39 -64.72 47.32
C VAL B 225 -19.24 -65.42 46.62
N PRO B 226 -18.52 -66.32 47.30
CA PRO B 226 -17.45 -67.07 46.63
C PRO B 226 -18.00 -68.00 45.57
N GLU B 227 -17.67 -67.74 44.31
CA GLU B 227 -18.24 -68.54 43.23
C GLU B 227 -17.28 -69.63 42.79
N PRO B 228 -17.80 -70.79 42.38
CA PRO B 228 -16.93 -71.84 41.87
C PRO B 228 -16.30 -71.42 40.56
N PRO B 229 -15.12 -71.98 40.23
CA PRO B 229 -14.46 -71.59 38.97
C PRO B 229 -15.30 -71.95 37.76
N ARG B 230 -15.17 -71.13 36.72
CA ARG B 230 -15.92 -71.31 35.48
C ARG B 230 -15.27 -72.30 34.52
N ASN B 231 -14.11 -72.84 34.87
CA ASN B 231 -13.37 -73.79 34.03
C ASN B 231 -13.08 -73.18 32.65
N CYS B 232 -12.36 -72.07 32.67
CA CYS B 232 -11.99 -71.38 31.45
C CYS B 232 -10.48 -71.40 31.24
N GLY B 237 -3.85 -69.23 24.93
CA GLY B 237 -3.11 -68.37 25.84
C GLY B 237 -2.53 -67.14 25.17
N ILE B 238 -3.36 -66.11 25.03
CA ILE B 238 -2.92 -64.88 24.38
C ILE B 238 -1.81 -64.22 25.19
N CYS B 239 -1.99 -64.11 26.51
CA CYS B 239 -1.01 -63.41 27.35
C CYS B 239 0.35 -64.10 27.33
N GLU B 240 0.38 -65.41 27.05
CA GLU B 240 1.66 -66.13 27.06
C GLU B 240 2.61 -65.61 25.99
N GLU B 241 2.08 -65.19 24.84
CA GLU B 241 2.94 -64.71 23.76
C GLU B 241 3.59 -63.37 24.12
N LEU B 242 2.80 -62.41 24.58
CA LEU B 242 3.35 -61.08 24.85
C LEU B 242 4.15 -61.04 26.15
N LEU B 243 3.64 -61.65 27.22
CA LEU B 243 4.31 -61.56 28.51
C LEU B 243 5.65 -62.29 28.48
N HIS B 244 5.72 -63.45 27.83
CA HIS B 244 6.97 -64.19 27.70
C HIS B 244 7.77 -63.80 26.46
N GLY B 245 7.24 -62.92 25.62
CA GLY B 245 7.94 -62.50 24.42
C GLY B 245 9.02 -61.48 24.71
N GLN B 246 9.77 -61.15 23.65
CA GLN B 246 10.82 -60.16 23.75
C GLN B 246 10.28 -58.77 24.09
N LEU B 247 9.02 -58.51 23.76
CA LEU B 247 8.44 -57.18 23.98
C LEU B 247 8.51 -56.77 25.45
N PHE B 248 8.41 -57.74 26.36
CA PHE B 248 8.56 -57.50 27.80
C PHE B 248 9.82 -58.13 28.35
N SER B 249 10.76 -58.54 27.49
CA SER B 249 11.95 -59.25 27.96
C SER B 249 12.72 -58.43 28.98
N GLY B 250 13.00 -57.18 28.67
CA GLY B 250 13.75 -56.30 29.56
C GLY B 250 13.03 -56.01 30.86
N CYS B 251 11.84 -56.60 31.03
CA CYS B 251 11.08 -56.49 32.27
C CYS B 251 10.98 -57.79 33.04
N VAL B 252 11.26 -58.94 32.42
CA VAL B 252 11.10 -60.22 33.11
C VAL B 252 12.12 -60.35 34.23
N ALA B 253 13.34 -59.85 34.02
CA ALA B 253 14.41 -60.05 35.00
C ALA B 253 14.18 -59.31 36.30
N LEU B 254 13.27 -58.33 36.33
CA LEU B 254 13.02 -57.54 37.53
C LEU B 254 11.72 -57.88 38.23
N VAL B 255 10.64 -58.10 37.50
CA VAL B 255 9.34 -58.42 38.07
C VAL B 255 8.92 -59.79 37.55
N ASP B 256 8.59 -60.70 38.46
CA ASP B 256 8.12 -62.02 38.08
C ASP B 256 6.77 -61.91 37.39
N VAL B 257 6.57 -62.75 36.36
CA VAL B 257 5.40 -62.62 35.50
C VAL B 257 4.32 -63.65 35.80
N GLY B 258 4.58 -64.62 36.68
CA GLY B 258 3.59 -65.66 36.94
C GLY B 258 2.30 -65.11 37.51
N SER B 259 2.40 -64.24 38.52
CA SER B 259 1.21 -63.63 39.09
C SER B 259 0.47 -62.79 38.05
N TYR B 260 1.21 -62.03 37.26
CA TYR B 260 0.57 -61.21 36.24
C TYR B 260 0.08 -62.06 35.06
N LEU B 261 0.72 -63.20 34.81
CA LEU B 261 0.17 -64.14 33.83
C LEU B 261 -1.19 -64.66 34.27
N GLU B 262 -1.29 -65.05 35.55
CA GLU B 262 -2.58 -65.52 36.08
C GLU B 262 -3.61 -64.39 36.06
N ALA B 263 -3.19 -63.17 36.39
CA ALA B 263 -4.09 -62.03 36.35
C ALA B 263 -4.60 -61.76 34.94
N CYS B 264 -3.71 -61.86 33.95
CA CYS B 264 -4.14 -61.67 32.57
C CYS B 264 -5.09 -62.75 32.12
N ARG B 265 -4.83 -64.00 32.51
CA ARG B 265 -5.77 -65.08 32.19
C ARG B 265 -7.14 -64.81 32.81
N GLN B 266 -7.16 -64.39 34.08
CA GLN B 266 -8.43 -64.08 34.73
C GLN B 266 -9.15 -62.94 34.05
N ASP B 267 -8.43 -61.88 33.68
CA ASP B 267 -9.05 -60.74 33.02
C ASP B 267 -9.61 -61.13 31.65
N LEU B 268 -8.86 -61.93 30.89
CA LEU B 268 -9.34 -62.38 29.59
C LEU B 268 -10.57 -63.25 29.72
N CYS B 269 -10.60 -64.13 30.74
CA CYS B 269 -11.72 -65.02 30.92
C CYS B 269 -12.94 -64.32 31.51
N PHE B 270 -12.73 -63.33 32.37
CA PHE B 270 -13.83 -62.72 33.13
C PHE B 270 -14.47 -61.52 32.46
N CYS B 271 -13.92 -61.04 31.35
CA CYS B 271 -14.46 -59.81 30.77
C CYS B 271 -15.56 -60.13 29.76
N GLU B 272 -16.48 -59.18 29.60
CA GLU B 272 -17.81 -59.44 29.06
C GLU B 272 -17.94 -59.14 27.57
N ASP B 273 -16.85 -58.87 26.86
CA ASP B 273 -16.91 -58.67 25.42
C ASP B 273 -15.83 -59.49 24.75
N THR B 274 -16.08 -59.88 23.51
CA THR B 274 -15.11 -60.69 22.76
C THR B 274 -14.10 -59.82 22.03
N ASP B 275 -13.55 -58.84 22.75
CA ASP B 275 -12.38 -58.10 22.29
C ASP B 275 -11.13 -58.66 22.95
N LEU B 276 -10.91 -59.96 22.72
CA LEU B 276 -9.91 -60.70 23.48
C LEU B 276 -8.52 -60.09 23.31
N LEU B 277 -8.21 -59.56 22.13
CA LEU B 277 -6.95 -58.88 21.93
C LEU B 277 -6.89 -57.58 22.72
N SER B 278 -8.01 -56.88 22.83
CA SER B 278 -8.07 -55.58 23.50
C SER B 278 -8.69 -55.65 24.88
N CYS B 279 -8.91 -56.84 25.43
CA CYS B 279 -9.48 -56.99 26.77
C CYS B 279 -8.43 -57.35 27.80
N VAL B 280 -7.14 -57.29 27.45
CA VAL B 280 -6.05 -57.60 28.36
C VAL B 280 -5.12 -56.41 28.53
N CYS B 281 -5.59 -55.21 28.16
CA CYS B 281 -4.73 -54.02 28.26
C CYS B 281 -4.43 -53.65 29.70
N HIS B 282 -5.37 -53.89 30.61
CA HIS B 282 -5.20 -53.44 31.99
C HIS B 282 -4.06 -54.18 32.68
N THR B 283 -4.01 -55.51 32.52
CA THR B 283 -2.96 -56.29 33.16
C THR B 283 -1.59 -55.96 32.59
N LEU B 284 -1.51 -55.77 31.26
CA LEU B 284 -0.24 -55.40 30.65
C LEU B 284 0.21 -54.01 31.12
N ALA B 285 -0.72 -53.07 31.23
CA ALA B 285 -0.38 -51.75 31.73
C ALA B 285 0.12 -51.81 33.18
N GLU B 286 -0.54 -52.64 34.01
CA GLU B 286 -0.08 -52.79 35.39
C GLU B 286 1.30 -53.41 35.45
N TYR B 287 1.56 -54.41 34.60
CA TYR B 287 2.89 -55.02 34.58
C TYR B 287 3.95 -54.01 34.14
N SER B 288 3.62 -53.16 33.15
CA SER B 288 4.54 -52.12 32.74
C SER B 288 4.78 -51.12 33.87
N ARG B 289 3.73 -50.77 34.61
CA ARG B 289 3.88 -49.87 35.75
C ARG B 289 4.81 -50.47 36.80
N GLN B 290 4.62 -51.75 37.10
CA GLN B 290 5.49 -52.41 38.09
C GLN B 290 6.92 -52.49 37.59
N CYS B 291 7.11 -52.71 36.29
CA CYS B 291 8.46 -52.72 35.73
C CYS B 291 9.11 -51.35 35.87
N THR B 292 8.37 -50.28 35.61
CA THR B 292 8.91 -48.94 35.81
C THR B 292 9.25 -48.70 37.28
N HIS B 293 8.40 -49.18 38.18
CA HIS B 293 8.67 -49.02 39.61
C HIS B 293 9.84 -49.89 40.08
N ALA B 294 10.22 -50.89 39.30
CA ALA B 294 11.31 -51.79 39.66
C ALA B 294 12.65 -51.36 39.10
N GLY B 295 12.72 -50.19 38.47
CA GLY B 295 13.94 -49.72 37.85
C GLY B 295 14.16 -50.19 36.43
N GLY B 296 13.20 -50.87 35.82
CA GLY B 296 13.31 -51.31 34.45
C GLY B 296 12.92 -50.22 33.47
N LEU B 297 13.10 -50.52 32.20
CA LEU B 297 12.80 -49.60 31.10
C LEU B 297 11.93 -50.32 30.08
N PRO B 298 10.62 -50.39 30.33
CA PRO B 298 9.73 -51.05 29.37
C PRO B 298 9.71 -50.32 28.03
N GLN B 299 9.56 -51.09 26.95
CA GLN B 299 9.43 -50.53 25.62
C GLN B 299 7.97 -50.59 25.19
N ASP B 300 7.62 -49.74 24.22
CA ASP B 300 6.24 -49.58 23.81
C ASP B 300 5.67 -50.89 23.28
N TRP B 301 4.47 -51.24 23.74
CA TRP B 301 3.80 -52.46 23.33
C TRP B 301 2.41 -52.20 22.76
N ARG B 302 1.95 -50.95 22.74
CA ARG B 302 0.63 -50.63 22.24
C ARG B 302 0.68 -50.41 20.73
N GLY B 303 -0.45 -50.00 20.16
CA GLY B 303 -0.55 -49.75 18.74
C GLY B 303 -1.90 -49.19 18.35
N PRO B 304 -2.06 -48.84 17.07
CA PRO B 304 -3.35 -48.30 16.62
C PRO B 304 -4.51 -49.28 16.80
N ASP B 305 -4.24 -50.58 16.69
CA ASP B 305 -5.28 -51.59 16.84
C ASP B 305 -5.18 -52.40 18.12
N PHE B 306 -4.02 -52.41 18.77
CA PHE B 306 -3.80 -53.18 20.00
C PHE B 306 -3.67 -52.19 21.16
N CYS B 307 -4.75 -52.04 21.94
CA CYS B 307 -4.80 -51.16 23.10
C CYS B 307 -4.33 -49.76 22.74
N PRO B 308 -5.10 -49.00 21.96
CA PRO B 308 -4.64 -47.66 21.54
C PRO B 308 -4.92 -46.62 22.60
N GLN B 309 -4.00 -45.66 22.71
CA GLN B 309 -4.11 -44.55 23.63
C GLN B 309 -4.12 -43.24 22.85
N LYS B 310 -4.98 -42.32 23.26
CA LYS B 310 -5.13 -41.03 22.59
C LYS B 310 -4.47 -39.95 23.42
N CYS B 311 -3.65 -39.12 22.77
CA CYS B 311 -2.93 -38.05 23.44
C CYS B 311 -3.34 -36.70 22.89
N PRO B 312 -3.46 -35.69 23.75
CA PRO B 312 -3.85 -34.36 23.26
C PRO B 312 -2.78 -33.73 22.39
N ASN B 313 -3.22 -32.87 21.47
CA ASN B 313 -2.35 -32.09 20.59
C ASN B 313 -1.49 -33.06 19.78
N ASN B 314 -0.18 -32.85 19.67
CA ASN B 314 0.69 -33.72 18.89
C ASN B 314 1.50 -34.67 19.78
N MET B 315 1.14 -34.80 21.05
CA MET B 315 1.87 -35.68 21.95
C MET B 315 1.67 -37.14 21.56
N GLN B 316 2.61 -37.98 21.99
CA GLN B 316 2.57 -39.41 21.74
C GLN B 316 2.62 -40.18 23.05
N TYR B 317 1.93 -41.32 23.08
CA TYR B 317 1.92 -42.15 24.27
C TYR B 317 3.17 -43.03 24.30
N HIS B 318 3.84 -43.06 25.46
CA HIS B 318 5.05 -43.85 25.62
C HIS B 318 5.00 -44.57 26.97
N GLU B 319 5.76 -45.67 27.06
CA GLU B 319 5.72 -46.51 28.24
C GLU B 319 6.77 -46.16 29.28
N CYS B 320 7.91 -45.58 28.86
CA CYS B 320 8.98 -45.29 29.81
C CYS B 320 9.70 -44.02 29.34
N ARG B 321 9.27 -42.88 29.89
CA ARG B 321 9.94 -41.60 29.68
C ARG B 321 9.91 -40.82 30.98
N SER B 322 10.80 -39.84 31.08
CA SER B 322 10.93 -39.06 32.30
C SER B 322 9.65 -38.26 32.55
N PRO B 323 9.13 -38.26 33.79
CA PRO B 323 7.91 -37.49 34.07
C PRO B 323 8.13 -35.99 34.14
N CYS B 324 9.37 -35.54 34.19
CA CYS B 324 9.68 -34.10 34.26
C CYS B 324 9.69 -33.57 32.83
N ALA B 325 8.51 -33.19 32.35
CA ALA B 325 8.37 -32.69 30.99
C ALA B 325 9.04 -31.34 30.84
N ASP B 326 9.72 -31.15 29.72
CA ASP B 326 10.37 -29.88 29.43
C ASP B 326 9.38 -28.92 28.80
N THR B 327 9.30 -27.71 29.35
CA THR B 327 8.41 -26.66 28.85
C THR B 327 9.24 -25.48 28.37
N CYS B 328 8.55 -24.46 27.86
CA CYS B 328 9.24 -23.24 27.45
C CYS B 328 9.90 -22.55 28.63
N SER B 329 9.20 -22.50 29.77
CA SER B 329 9.77 -21.88 30.97
C SER B 329 10.92 -22.72 31.52
N ASN B 330 10.78 -24.03 31.54
CA ASN B 330 11.78 -24.95 32.08
C ASN B 330 12.17 -25.93 30.98
N GLN B 331 13.19 -25.56 30.20
CA GLN B 331 13.64 -26.38 29.09
C GLN B 331 14.71 -27.40 29.50
N GLU B 332 15.14 -27.39 30.76
CA GLU B 332 16.12 -28.35 31.26
C GLU B 332 15.54 -29.21 32.38
N HIS B 333 14.20 -29.34 32.44
CA HIS B 333 13.58 -30.06 33.54
C HIS B 333 13.90 -31.56 33.49
N SER B 334 13.91 -32.15 32.29
CA SER B 334 14.15 -33.59 32.18
C SER B 334 15.55 -33.97 32.63
N ARG B 335 16.54 -33.10 32.38
CA ARG B 335 17.90 -33.38 32.80
C ARG B 335 18.10 -33.25 34.30
N ALA B 336 17.10 -32.73 35.02
CA ALA B 336 17.17 -32.56 36.47
C ALA B 336 15.97 -33.23 37.13
N CYS B 337 15.67 -34.45 36.70
CA CYS B 337 14.55 -35.22 37.22
C CYS B 337 15.07 -36.35 38.11
N GLU B 338 14.41 -36.52 39.26
CA GLU B 338 14.82 -37.52 40.24
C GLU B 338 13.93 -38.77 40.24
N ASP B 339 12.75 -38.71 39.65
CA ASP B 339 11.85 -39.85 39.61
C ASP B 339 12.15 -40.73 38.39
N HIS B 340 11.79 -42.00 38.51
CA HIS B 340 12.00 -42.94 37.43
C HIS B 340 11.04 -42.66 36.28
N CYS B 341 11.30 -43.31 35.15
CA CYS B 341 10.48 -43.12 33.96
C CYS B 341 9.07 -43.64 34.19
N VAL B 342 8.09 -42.96 33.57
CA VAL B 342 6.69 -43.30 33.70
C VAL B 342 6.09 -43.42 32.31
N ALA B 343 4.85 -43.89 32.26
CA ALA B 343 4.10 -44.06 31.02
C ALA B 343 3.04 -42.96 30.91
N GLY B 344 2.94 -42.36 29.73
CA GLY B 344 1.96 -41.32 29.54
C GLY B 344 2.19 -40.61 28.22
N CYS B 345 1.52 -39.46 28.08
CA CYS B 345 1.64 -38.63 26.89
C CYS B 345 2.84 -37.71 27.03
N PHE B 346 3.70 -37.70 26.01
CA PHE B 346 4.92 -36.92 26.04
C PHE B 346 5.11 -36.21 24.70
N CYS B 347 5.85 -35.11 24.73
CA CYS B 347 6.11 -34.36 23.52
C CYS B 347 7.08 -35.12 22.63
N PRO B 348 6.98 -34.96 21.30
CA PRO B 348 7.95 -35.57 20.40
C PRO B 348 9.35 -35.02 20.65
N GLU B 349 10.35 -35.88 20.42
CA GLU B 349 11.73 -35.51 20.68
C GLU B 349 12.13 -34.32 19.81
N GLY B 350 12.85 -33.37 20.41
CA GLY B 350 13.26 -32.16 19.75
C GLY B 350 12.39 -30.95 20.02
N THR B 351 11.29 -31.11 20.76
CA THR B 351 10.39 -30.02 21.09
C THR B 351 10.14 -30.01 22.59
N VAL B 352 9.52 -28.93 23.06
CA VAL B 352 9.15 -28.78 24.46
C VAL B 352 7.70 -28.31 24.54
N LEU B 353 7.07 -28.57 25.68
CA LEU B 353 5.68 -28.20 25.87
C LEU B 353 5.54 -26.69 25.96
N ASP B 354 4.43 -26.17 25.45
CA ASP B 354 4.12 -24.75 25.50
C ASP B 354 3.18 -24.52 26.68
N ASP B 355 3.74 -24.03 27.79
CA ASP B 355 2.96 -23.71 28.97
C ASP B 355 2.50 -22.26 28.99
N ILE B 356 2.86 -21.47 27.98
CA ILE B 356 2.47 -20.08 27.90
C ILE B 356 1.23 -19.88 27.05
N GLY B 357 1.23 -20.43 25.84
CA GLY B 357 0.09 -20.29 24.95
C GLY B 357 -0.82 -21.50 24.94
N GLN B 358 -0.40 -22.58 25.61
CA GLN B 358 -1.15 -23.84 25.64
C GLN B 358 -1.49 -24.31 24.22
N THR B 359 -0.49 -24.32 23.36
CA THR B 359 -0.65 -24.71 21.96
C THR B 359 0.12 -25.99 21.63
N GLY B 360 0.16 -26.91 22.58
CA GLY B 360 0.84 -28.17 22.34
C GLY B 360 2.36 -28.03 22.35
N CYS B 361 3.01 -29.05 21.83
CA CYS B 361 4.47 -29.09 21.80
C CYS B 361 4.99 -28.23 20.67
N VAL B 362 5.96 -27.36 20.97
CA VAL B 362 6.56 -26.46 19.98
C VAL B 362 8.07 -26.58 20.08
N PRO B 363 8.77 -26.26 19.00
CA PRO B 363 10.25 -26.25 19.07
C PRO B 363 10.75 -25.16 20.01
N VAL B 364 11.96 -25.38 20.53
CA VAL B 364 12.55 -24.45 21.48
C VAL B 364 12.71 -23.07 20.86
N SER B 365 13.09 -23.01 19.58
CA SER B 365 13.33 -21.73 18.93
C SER B 365 12.06 -20.88 18.81
N LYS B 366 10.88 -21.50 18.89
CA LYS B 366 9.62 -20.78 18.78
C LYS B 366 8.92 -20.59 20.11
N CYS B 367 9.61 -20.85 21.22
CA CYS B 367 9.01 -20.66 22.53
C CYS B 367 8.87 -19.17 22.84
N ALA B 368 7.76 -18.81 23.48
CA ALA B 368 7.51 -17.43 23.88
C ALA B 368 8.23 -17.11 25.19
N CYS B 369 8.22 -15.83 25.54
CA CYS B 369 8.82 -15.34 26.77
C CYS B 369 7.81 -14.52 27.56
N VAL B 370 7.94 -14.55 28.88
CA VAL B 370 7.02 -13.87 29.77
C VAL B 370 7.79 -12.85 30.59
N TYR B 371 7.29 -11.61 30.63
CA TYR B 371 7.88 -10.55 31.42
C TYR B 371 6.76 -9.73 32.05
N ASN B 372 6.73 -9.69 33.38
CA ASN B 372 5.74 -8.91 34.13
C ASN B 372 4.31 -9.33 33.77
N GLY B 373 4.11 -10.64 33.60
CA GLY B 373 2.79 -11.19 33.37
C GLY B 373 2.28 -11.08 31.96
N ALA B 374 3.06 -10.53 31.03
CA ALA B 374 2.66 -10.38 29.64
C ALA B 374 3.52 -11.29 28.77
N ALA B 375 2.86 -12.11 27.95
CA ALA B 375 3.56 -13.03 27.08
C ALA B 375 4.10 -12.29 25.86
N TYR B 376 5.38 -12.48 25.57
CA TYR B 376 6.03 -11.87 24.42
C TYR B 376 6.15 -12.91 23.30
N ALA B 377 6.89 -12.54 22.24
CA ALA B 377 7.08 -13.39 21.08
C ALA B 377 8.56 -13.55 20.81
N PRO B 378 8.96 -14.64 20.14
CA PRO B 378 10.37 -14.80 19.76
C PRO B 378 10.84 -13.63 18.91
N GLY B 379 11.79 -12.87 19.44
CA GLY B 379 12.28 -11.68 18.80
C GLY B 379 11.75 -10.38 19.39
N ALA B 380 10.72 -10.44 20.23
CA ALA B 380 10.22 -9.25 20.88
C ALA B 380 11.22 -8.74 21.92
N THR B 381 11.17 -7.43 22.18
CA THR B 381 12.12 -6.78 23.07
C THR B 381 11.39 -5.91 24.07
N TYR B 382 12.00 -5.78 25.25
CA TYR B 382 11.57 -4.78 26.24
C TYR B 382 12.80 -4.04 26.75
N SER B 383 12.55 -2.88 27.35
CA SER B 383 13.63 -2.03 27.84
C SER B 383 13.22 -1.37 29.14
N THR B 384 14.20 -1.17 30.00
CA THR B 384 14.07 -0.37 31.22
C THR B 384 15.04 0.80 31.12
N ASP B 385 15.24 1.49 32.24
CA ASP B 385 16.16 2.62 32.25
C ASP B 385 17.55 2.22 31.79
N CYS B 386 18.07 1.09 32.30
CA CYS B 386 19.41 0.65 31.93
C CYS B 386 19.47 -0.86 31.72
N THR B 387 18.52 -1.42 30.98
CA THR B 387 18.67 -2.76 30.43
C THR B 387 17.85 -2.84 29.15
N ASN B 388 18.23 -3.79 28.29
CA ASN B 388 17.57 -3.97 27.00
C ASN B 388 17.55 -5.45 26.70
N CYS B 389 16.38 -6.08 26.79
CA CYS B 389 16.27 -7.53 26.71
C CYS B 389 15.45 -7.93 25.49
N THR B 390 15.85 -9.04 24.87
CA THR B 390 15.15 -9.61 23.72
C THR B 390 14.83 -11.06 23.99
N CYS B 391 13.68 -11.51 23.46
CA CYS B 391 13.22 -12.87 23.67
C CYS B 391 13.79 -13.78 22.58
N SER B 392 14.54 -14.80 22.99
CA SER B 392 15.16 -15.75 22.07
C SER B 392 15.10 -17.14 22.68
N GLY B 393 14.51 -18.09 21.94
CA GLY B 393 14.49 -19.48 22.38
C GLY B 393 13.79 -19.69 23.71
N GLY B 394 12.82 -18.85 24.04
CA GLY B 394 12.14 -18.95 25.32
C GLY B 394 12.86 -18.31 26.48
N ARG B 395 14.04 -17.73 26.24
N ARG B 395 14.05 -17.74 26.25
CA ARG B 395 14.81 -17.07 27.29
CA ARG B 395 14.84 -17.08 27.28
C ARG B 395 15.00 -15.60 26.94
C ARG B 395 14.99 -15.60 26.94
N TRP B 396 15.60 -14.87 27.87
CA TRP B 396 15.82 -13.43 27.72
C TRP B 396 17.32 -13.19 27.57
N SER B 397 17.70 -12.48 26.51
CA SER B 397 19.07 -12.02 26.31
C SER B 397 19.09 -10.53 26.59
N CYS B 398 19.78 -10.13 27.66
CA CYS B 398 19.74 -8.76 28.15
C CYS B 398 21.12 -8.11 27.97
N GLN B 399 21.12 -6.89 27.46
CA GLN B 399 22.33 -6.09 27.31
C GLN B 399 22.21 -4.84 28.15
N GLU B 400 23.37 -4.33 28.57
CA GLU B 400 23.44 -3.18 29.47
C GLU B 400 23.56 -1.88 28.68
N VAL B 401 22.90 -0.84 29.17
CA VAL B 401 23.01 0.50 28.62
C VAL B 401 23.27 1.47 29.77
N PRO B 402 23.82 2.65 29.49
CA PRO B 402 24.24 3.54 30.58
C PRO B 402 23.09 3.87 31.52
N CYS B 403 23.42 3.95 32.80
CA CYS B 403 22.43 4.13 33.87
C CYS B 403 22.86 5.26 34.78
N PRO B 404 22.18 6.41 34.75
CA PRO B 404 22.43 7.44 35.75
C PRO B 404 21.96 6.97 37.13
N GLY B 405 22.70 7.41 38.16
CA GLY B 405 22.39 7.03 39.52
C GLY B 405 21.61 8.11 40.23
N THR B 406 20.86 7.70 41.25
CA THR B 406 20.00 8.62 41.99
C THR B 406 20.15 8.37 43.49
N CYS B 407 20.69 9.36 44.18
CA CYS B 407 20.70 9.40 45.64
C CYS B 407 19.54 10.26 46.12
N SER B 408 19.06 9.97 47.33
CA SER B 408 17.91 10.69 47.84
C SER B 408 18.00 10.83 49.35
N VAL B 409 17.78 12.04 49.84
CA VAL B 409 17.65 12.33 51.26
C VAL B 409 16.23 12.83 51.49
N LEU B 410 15.43 12.05 52.18
CA LEU B 410 14.01 12.31 52.36
C LEU B 410 13.68 12.37 53.86
N GLY B 411 12.85 13.34 54.23
CA GLY B 411 12.46 13.52 55.61
C GLY B 411 13.57 14.00 56.52
N GLY B 412 14.74 14.31 55.97
CA GLY B 412 15.89 14.68 56.76
C GLY B 412 16.61 13.53 57.41
N ALA B 413 16.08 12.32 57.32
CA ALA B 413 16.68 11.17 58.00
C ALA B 413 16.80 9.93 57.14
N HIS B 414 16.04 9.80 56.06
CA HIS B 414 16.02 8.57 55.26
C HIS B 414 16.91 8.77 54.03
N PHE B 415 17.94 7.93 53.91
CA PHE B 415 18.90 8.03 52.83
C PHE B 415 18.80 6.81 51.93
N SER B 416 18.85 7.06 50.62
CA SER B 416 18.94 6.01 49.62
C SER B 416 20.11 6.34 48.71
N THR B 417 21.10 5.45 48.66
CA THR B 417 22.35 5.76 47.97
C THR B 417 22.22 5.50 46.47
N PHE B 418 23.33 5.73 45.76
CA PHE B 418 23.34 5.53 44.31
C PHE B 418 23.14 4.07 43.94
N ASP B 419 23.62 3.15 44.76
CA ASP B 419 23.53 1.72 44.49
C ASP B 419 22.24 1.10 45.04
N GLY B 420 21.33 1.91 45.57
CA GLY B 420 20.07 1.43 46.08
C GLY B 420 20.05 1.08 47.55
N LYS B 421 21.18 1.16 48.24
CA LYS B 421 21.19 0.90 49.68
C LYS B 421 20.41 1.98 50.41
N GLN B 422 19.56 1.56 51.34
CA GLN B 422 18.66 2.46 52.05
C GLN B 422 18.87 2.32 53.55
N TYR B 423 19.00 3.44 54.24
CA TYR B 423 19.18 3.45 55.68
C TYR B 423 18.52 4.70 56.25
N THR B 424 18.56 4.82 57.58
CA THR B 424 17.89 5.92 58.27
C THR B 424 18.72 6.27 59.50
N VAL B 425 19.41 7.41 59.45
CA VAL B 425 20.19 7.92 60.57
C VAL B 425 19.77 9.34 60.85
N HIS B 426 19.69 9.69 62.13
CA HIS B 426 19.26 11.02 62.57
C HIS B 426 20.48 11.80 63.03
N GLY B 427 21.11 12.50 62.08
CA GLY B 427 22.31 13.25 62.38
C GLY B 427 22.04 14.63 62.96
N ASP B 428 23.11 15.23 63.49
CA ASP B 428 23.06 16.57 64.08
C ASP B 428 24.28 17.37 63.67
N CYS B 429 24.65 17.31 62.39
CA CYS B 429 25.85 17.99 61.92
C CYS B 429 25.71 18.21 60.41
N SER B 430 26.81 18.64 59.78
CA SER B 430 26.91 18.78 58.34
C SER B 430 27.75 17.62 57.82
N TYR B 431 27.20 16.87 56.88
CA TYR B 431 27.80 15.62 56.44
C TYR B 431 28.11 15.67 54.95
N VAL B 432 29.12 14.89 54.54
CA VAL B 432 29.56 14.86 53.15
C VAL B 432 28.66 13.88 52.40
N LEU B 433 27.71 14.41 51.62
CA LEU B 433 26.80 13.55 50.88
C LEU B 433 27.51 12.89 49.71
N THR B 434 28.29 13.64 48.94
CA THR B 434 28.98 13.05 47.80
C THR B 434 30.23 13.86 47.48
N LYS B 435 31.25 13.15 46.99
CA LYS B 435 32.54 13.73 46.63
C LYS B 435 33.39 12.70 45.90
N PRO B 436 34.12 13.09 44.86
CA PRO B 436 35.17 12.20 44.33
C PRO B 436 36.22 11.93 45.40
N CYS B 437 36.69 10.69 45.45
CA CYS B 437 37.58 10.29 46.54
C CYS B 437 38.95 10.96 46.40
N ASP B 438 39.53 10.91 45.20
CA ASP B 438 40.89 11.38 44.97
C ASP B 438 40.97 12.83 44.52
N SER B 439 39.84 13.47 44.21
CA SER B 439 39.84 14.82 43.68
C SER B 439 38.81 15.66 44.44
N SER B 440 38.73 16.93 44.07
CA SER B 440 37.78 17.87 44.64
C SER B 440 37.07 18.65 43.54
N ALA B 441 36.73 17.96 42.45
CA ALA B 441 36.01 18.61 41.35
C ALA B 441 34.65 19.10 41.81
N PHE B 442 33.97 18.32 42.64
CA PHE B 442 32.70 18.75 43.21
C PHE B 442 32.57 18.15 44.60
N THR B 443 31.66 18.71 45.40
CA THR B 443 31.39 18.21 46.73
C THR B 443 30.00 18.68 47.15
N VAL B 444 29.16 17.75 47.57
CA VAL B 444 27.81 18.05 48.03
C VAL B 444 27.70 17.63 49.49
N LEU B 445 27.34 18.58 50.34
CA LEU B 445 27.13 18.37 51.77
C LEU B 445 25.68 18.68 52.13
N ALA B 446 25.22 18.10 53.23
CA ALA B 446 23.89 18.36 53.75
C ALA B 446 24.00 18.75 55.23
N GLU B 447 23.19 19.73 55.63
CA GLU B 447 23.15 20.19 57.01
C GLU B 447 21.93 19.57 57.68
N LEU B 448 22.11 18.37 58.23
CA LEU B 448 21.04 17.65 58.90
C LEU B 448 21.15 17.97 60.40
N ARG B 449 20.24 18.81 60.90
CA ARG B 449 20.25 19.24 62.28
C ARG B 449 18.93 18.85 62.94
N ARG B 450 18.92 18.83 64.27
CA ARG B 450 17.71 18.52 65.01
C ARG B 450 16.86 19.77 65.15
N CYS B 451 15.72 19.82 64.46
CA CYS B 451 14.78 20.92 64.59
C CYS B 451 13.54 20.48 65.36
N GLY B 452 13.74 19.64 66.37
CA GLY B 452 12.68 19.21 67.26
C GLY B 452 13.19 19.12 68.68
N LEU B 453 12.28 18.72 69.58
CA LEU B 453 12.59 18.66 71.00
C LEU B 453 13.33 17.39 71.40
N THR B 454 13.42 16.39 70.53
CA THR B 454 14.09 15.13 70.83
C THR B 454 15.28 14.95 69.90
N ASP B 455 16.00 13.85 70.11
CA ASP B 455 17.17 13.52 69.30
C ASP B 455 16.83 12.74 68.04
N SER B 456 15.55 12.43 67.83
CA SER B 456 15.13 11.60 66.71
C SER B 456 14.30 12.37 65.69
N GLU B 457 14.30 13.70 65.75
CA GLU B 457 13.62 14.53 64.75
C GLU B 457 14.70 15.33 64.02
N THR B 458 15.25 14.73 62.98
CA THR B 458 16.29 15.35 62.17
C THR B 458 15.66 16.04 60.96
N CYS B 459 16.37 17.03 60.44
CA CYS B 459 15.73 18.14 59.75
C CYS B 459 16.77 18.75 58.82
N LEU B 460 16.48 18.77 57.53
CA LEU B 460 17.44 19.25 56.53
C LEU B 460 17.33 20.77 56.45
N LYS B 461 18.40 21.47 56.86
CA LYS B 461 18.39 22.93 56.90
C LYS B 461 19.00 23.54 55.64
N SER B 462 20.08 22.96 55.13
CA SER B 462 20.75 23.51 53.96
C SER B 462 21.51 22.43 53.23
N VAL B 463 21.76 22.67 51.95
CA VAL B 463 22.57 21.81 51.10
C VAL B 463 23.67 22.66 50.48
N THR B 464 24.91 22.20 50.58
CA THR B 464 26.07 22.92 50.08
C THR B 464 26.68 22.18 48.91
N LEU B 465 26.84 22.89 47.80
CA LEU B 465 27.48 22.35 46.59
C LEU B 465 28.80 23.11 46.39
N SER B 466 29.91 22.41 46.58
CA SER B 466 31.24 22.98 46.41
C SER B 466 31.83 22.49 45.09
N LEU B 467 32.39 23.42 44.31
CA LEU B 467 32.85 23.13 42.96
C LEU B 467 34.29 23.61 42.79
N ASP B 468 35.13 22.72 42.27
CA ASP B 468 36.49 23.00 41.84
C ASP B 468 37.32 23.57 43.00
N GLY B 469 37.57 22.70 43.96
CA GLY B 469 38.41 23.05 45.09
C GLY B 469 37.86 24.17 45.94
N ALA B 470 36.56 24.14 46.21
CA ALA B 470 35.85 25.16 47.00
C ALA B 470 35.96 26.54 46.38
N GLN B 471 36.19 26.62 45.06
CA GLN B 471 36.20 27.91 44.38
C GLN B 471 34.82 28.36 43.96
N THR B 472 33.81 27.49 44.03
CA THR B 472 32.42 27.89 43.76
C THR B 472 31.53 27.18 44.77
N VAL B 473 31.11 27.91 45.80
CA VAL B 473 30.30 27.34 46.88
C VAL B 473 28.90 27.91 46.77
N VAL B 474 27.91 27.03 46.64
CA VAL B 474 26.50 27.42 46.57
C VAL B 474 25.77 26.77 47.74
N VAL B 475 25.11 27.59 48.54
CA VAL B 475 24.38 27.13 49.72
C VAL B 475 22.91 27.39 49.50
N ILE B 476 22.10 26.32 49.53
CA ILE B 476 20.65 26.43 49.39
C ILE B 476 20.04 26.10 50.74
N LYS B 477 19.32 27.06 51.32
CA LYS B 477 18.75 26.91 52.65
C LYS B 477 17.30 26.46 52.57
N ALA B 478 16.77 26.03 53.72
CA ALA B 478 15.40 25.56 53.79
C ALA B 478 14.38 26.65 53.49
N SER B 479 14.76 27.91 53.65
CA SER B 479 13.87 29.03 53.37
C SER B 479 13.85 29.41 51.89
N GLY B 480 14.51 28.64 51.03
CA GLY B 480 14.55 28.94 49.61
C GLY B 480 15.59 29.95 49.21
N GLU B 481 16.46 30.37 50.11
CA GLU B 481 17.48 31.36 49.82
C GLU B 481 18.74 30.68 49.30
N VAL B 482 19.29 31.24 48.23
CA VAL B 482 20.47 30.69 47.57
C VAL B 482 21.62 31.69 47.73
N PHE B 483 22.74 31.22 48.27
CA PHE B 483 23.93 32.03 48.47
C PHE B 483 25.02 31.51 47.53
N LEU B 484 25.54 32.39 46.68
CA LEU B 484 26.63 32.07 45.77
C LEU B 484 27.87 32.81 46.25
N ASN B 485 28.84 32.06 46.78
CA ASN B 485 30.08 32.63 47.31
C ASN B 485 29.79 33.66 48.40
N GLN B 486 29.04 33.23 49.42
CA GLN B 486 28.68 34.04 50.57
C GLN B 486 27.92 35.31 50.18
N ILE B 487 27.28 35.32 49.01
CA ILE B 487 26.49 36.45 48.54
C ILE B 487 25.08 35.96 48.26
N TYR B 488 24.09 36.62 48.88
CA TYR B 488 22.69 36.27 48.66
C TYR B 488 22.32 36.70 47.25
N THR B 489 22.24 35.74 46.34
CA THR B 489 21.96 36.01 44.94
C THR B 489 20.47 35.79 44.64
N GLN B 490 20.11 35.86 43.37
CA GLN B 490 18.72 35.74 42.95
C GLN B 490 18.64 34.78 41.76
N LEU B 491 17.87 33.72 41.91
CA LEU B 491 17.70 32.75 40.84
C LEU B 491 16.91 33.37 39.68
N PRO B 492 17.19 32.96 38.44
CA PRO B 492 18.15 31.93 38.02
C PRO B 492 19.57 32.47 37.86
N ILE B 493 20.57 31.61 37.97
CA ILE B 493 21.97 31.99 37.87
C ILE B 493 22.65 31.08 36.85
N SER B 494 23.57 31.65 36.08
CA SER B 494 24.46 30.90 35.21
C SER B 494 25.88 31.18 35.69
N ALA B 495 26.31 30.42 36.70
CA ALA B 495 27.61 30.63 37.33
C ALA B 495 28.66 29.75 36.65
N ALA B 496 29.83 29.65 37.27
CA ALA B 496 30.92 28.84 36.75
C ALA B 496 30.53 27.37 36.81
N ASN B 497 30.24 26.78 35.65
CA ASN B 497 29.96 25.37 35.44
C ASN B 497 28.63 24.91 36.05
N VAL B 498 27.89 25.79 36.72
CA VAL B 498 26.65 25.41 37.40
C VAL B 498 25.56 26.42 37.07
N THR B 499 24.36 25.92 36.84
CA THR B 499 23.18 26.74 36.60
C THR B 499 22.08 26.32 37.56
N ILE B 500 21.53 27.29 38.29
CA ILE B 500 20.51 27.04 39.31
C ILE B 500 19.28 27.85 38.95
N PHE B 501 18.11 27.21 39.03
CA PHE B 501 16.87 27.87 38.65
C PHE B 501 15.71 27.28 39.43
N ARG B 502 14.53 27.87 39.26
CA ARG B 502 13.31 27.45 39.93
CA ARG B 502 13.31 27.45 39.93
C ARG B 502 12.29 26.98 38.91
N PRO B 503 12.11 25.67 38.72
CA PRO B 503 11.03 25.22 37.84
C PRO B 503 9.66 25.64 38.31
N SER B 504 9.47 25.75 39.62
CA SER B 504 8.23 26.24 40.22
C SER B 504 8.58 26.88 41.55
N THR B 505 7.55 27.16 42.36
CA THR B 505 7.78 27.72 43.69
C THR B 505 8.07 26.64 44.73
N PHE B 506 8.05 25.37 44.35
CA PHE B 506 8.31 24.27 45.28
C PHE B 506 9.71 23.69 45.15
N PHE B 507 10.38 23.89 44.02
CA PHE B 507 11.61 23.17 43.71
C PHE B 507 12.70 24.12 43.25
N ILE B 508 13.94 23.74 43.56
CA ILE B 508 15.13 24.41 43.06
C ILE B 508 16.01 23.36 42.39
N ILE B 509 16.42 23.61 41.16
CA ILE B 509 17.20 22.66 40.38
C ILE B 509 18.55 23.28 40.07
N ALA B 510 19.62 22.55 40.40
CA ALA B 510 21.00 22.99 40.15
C ALA B 510 21.69 21.93 39.30
N GLN B 511 22.08 22.31 38.09
CA GLN B 511 22.71 21.40 37.13
C GLN B 511 24.16 21.83 36.91
N THR B 512 25.08 20.88 36.99
CA THR B 512 26.49 21.15 36.75
C THR B 512 26.94 20.50 35.45
N SER B 513 28.05 20.99 34.92
CA SER B 513 28.64 20.42 33.71
C SER B 513 29.43 19.15 33.97
N LEU B 514 29.63 18.79 35.24
CA LEU B 514 30.37 17.59 35.62
C LEU B 514 29.49 16.34 35.64
N GLY B 515 28.20 16.47 35.31
CA GLY B 515 27.29 15.34 35.38
C GLY B 515 26.56 15.19 36.68
N LEU B 516 26.33 16.28 37.41
CA LEU B 516 25.68 16.23 38.70
C LEU B 516 24.49 17.18 38.72
N GLN B 517 23.33 16.66 39.08
CA GLN B 517 22.11 17.45 39.17
C GLN B 517 21.50 17.32 40.56
N LEU B 518 20.96 18.43 41.06
CA LEU B 518 20.34 18.47 42.37
C LEU B 518 18.92 18.99 42.22
N ASN B 519 17.95 18.20 42.70
CA ASN B 519 16.57 18.64 42.82
C ASN B 519 16.27 18.84 44.30
N LEU B 520 15.81 20.02 44.66
CA LEU B 520 15.62 20.40 46.05
C LEU B 520 14.16 20.79 46.26
N GLN B 521 13.44 19.98 47.04
CA GLN B 521 12.06 20.25 47.39
C GLN B 521 12.03 21.09 48.65
N LEU B 522 11.39 22.26 48.56
CA LEU B 522 11.31 23.19 49.67
C LEU B 522 9.94 23.24 50.34
N VAL B 523 8.92 22.70 49.70
CA VAL B 523 7.57 22.69 50.23
C VAL B 523 7.10 21.25 50.33
N PRO B 524 6.68 20.78 51.51
CA PRO B 524 6.61 21.51 52.78
C PRO B 524 7.95 21.52 53.52
N THR B 525 8.77 20.49 53.35
CA THR B 525 10.07 20.39 53.99
C THR B 525 11.11 20.10 52.93
N MET B 526 12.37 20.41 53.26
CA MET B 526 13.46 20.22 52.33
C MET B 526 13.75 18.73 52.12
N GLN B 527 13.81 18.32 50.85
CA GLN B 527 14.23 16.98 50.48
C GLN B 527 15.14 17.09 49.27
N LEU B 528 16.08 16.16 49.15
CA LEU B 528 17.09 16.23 48.09
C LEU B 528 17.03 14.99 47.22
N PHE B 529 17.07 15.20 45.91
CA PHE B 529 17.20 14.14 44.91
C PHE B 529 18.41 14.48 44.05
N MET B 530 19.51 13.76 44.27
CA MET B 530 20.74 13.96 43.52
C MET B 530 20.84 12.94 42.41
N GLN B 531 21.25 13.39 41.22
CA GLN B 531 21.39 12.52 40.07
C GLN B 531 22.81 12.64 39.53
N LEU B 532 23.44 11.50 39.26
CA LEU B 532 24.82 11.43 38.81
C LEU B 532 24.89 10.73 37.45
N ALA B 533 25.74 11.25 36.59
CA ALA B 533 25.92 10.69 35.27
C ALA B 533 26.62 9.34 35.35
N PRO B 534 26.41 8.47 34.36
CA PRO B 534 27.07 7.15 34.40
C PRO B 534 28.59 7.21 34.33
N LYS B 535 29.16 8.33 33.86
CA LYS B 535 30.60 8.44 33.73
C LYS B 535 31.31 8.46 35.09
N LEU B 536 30.58 8.68 36.18
CA LEU B 536 31.17 8.75 37.51
C LEU B 536 30.94 7.49 38.33
N ARG B 537 30.87 6.33 37.67
CA ARG B 537 30.65 5.07 38.36
C ARG B 537 31.95 4.57 38.96
N GLY B 538 31.92 4.24 40.25
CA GLY B 538 33.09 3.78 40.95
C GLY B 538 34.07 4.86 41.33
N GLN B 539 33.70 6.13 41.16
CA GLN B 539 34.62 7.24 41.40
C GLN B 539 34.27 8.08 42.62
N THR B 540 32.99 8.21 42.94
CA THR B 540 32.57 9.04 44.07
C THR B 540 32.59 8.23 45.37
N CYS B 541 32.40 8.94 46.48
CA CYS B 541 32.32 8.33 47.80
C CYS B 541 31.87 9.37 48.80
N GLY B 542 31.08 8.92 49.77
CA GLY B 542 30.44 9.75 50.75
C GLY B 542 29.25 9.02 51.34
N LEU B 543 28.23 9.78 51.76
CA LEU B 543 27.01 9.17 52.28
C LEU B 543 26.17 8.52 51.19
N CYS B 544 26.43 8.81 49.92
CA CYS B 544 25.65 8.27 48.82
C CYS B 544 26.32 7.06 48.17
N GLY B 545 27.36 6.51 48.79
CA GLY B 545 28.02 5.33 48.26
C GLY B 545 29.04 5.67 47.19
N ASN B 546 29.63 4.62 46.64
CA ASN B 546 30.68 4.76 45.64
C ASN B 546 30.21 4.46 44.22
N PHE B 547 28.91 4.27 44.02
CA PHE B 547 28.30 4.24 42.69
C PHE B 547 28.91 3.15 41.80
N ASN B 548 29.12 1.97 42.35
CA ASN B 548 29.67 0.85 41.59
C ASN B 548 28.72 -0.35 41.57
N SER B 549 27.42 -0.10 41.73
CA SER B 549 26.34 -1.06 41.63
C SER B 549 26.35 -2.10 42.75
N ILE B 550 27.29 -2.03 43.69
CA ILE B 550 27.39 -2.98 44.79
C ILE B 550 26.89 -2.30 46.06
N GLN B 551 25.86 -2.90 46.67
CA GLN B 551 25.31 -2.34 47.91
C GLN B 551 26.17 -2.67 49.12
N ALA B 552 26.94 -3.76 49.06
CA ALA B 552 27.66 -4.23 50.24
C ALA B 552 28.71 -3.23 50.69
N ASP B 553 29.44 -2.62 49.75
CA ASP B 553 30.55 -1.74 50.08
C ASP B 553 30.12 -0.28 50.23
N ASP B 554 28.82 0.00 50.24
CA ASP B 554 28.36 1.37 50.41
C ASP B 554 28.58 1.89 51.82
N PHE B 555 28.73 0.99 52.80
CA PHE B 555 29.01 1.37 54.17
C PHE B 555 30.51 1.36 54.47
N ARG B 556 31.35 1.49 53.45
CA ARG B 556 32.79 1.48 53.62
CA ARG B 556 32.79 1.48 53.62
C ARG B 556 33.27 2.91 53.90
N THR B 557 33.96 3.09 55.03
CA THR B 557 34.47 4.40 55.40
C THR B 557 35.76 4.69 54.67
N LEU B 558 36.33 5.87 54.94
CA LEU B 558 37.59 6.26 54.31
C LEU B 558 38.77 5.50 54.87
N SER B 559 38.59 4.75 55.96
CA SER B 559 39.67 3.95 56.53
C SER B 559 39.87 2.62 55.80
N GLY B 560 38.91 2.21 54.97
CA GLY B 560 39.06 1.01 54.18
C GLY B 560 38.27 -0.20 54.64
N VAL B 561 37.40 -0.06 55.65
CA VAL B 561 36.61 -1.16 56.14
C VAL B 561 35.13 -0.82 56.00
N VAL B 562 34.31 -1.86 55.94
CA VAL B 562 32.86 -1.72 55.80
C VAL B 562 32.25 -1.86 57.18
N GLU B 563 31.52 -0.83 57.61
CA GLU B 563 30.85 -0.88 58.89
C GLU B 563 29.61 -1.78 58.81
N ALA B 564 29.14 -2.20 59.98
CA ALA B 564 27.98 -3.08 60.07
C ALA B 564 26.67 -2.34 60.30
N THR B 565 26.71 -1.12 60.83
CA THR B 565 25.53 -0.35 61.13
C THR B 565 25.55 0.96 60.36
N ALA B 566 24.35 1.51 60.11
CA ALA B 566 24.26 2.76 59.37
C ALA B 566 24.82 3.92 60.18
N ALA B 567 24.64 3.90 61.51
CA ALA B 567 25.10 5.00 62.34
C ALA B 567 26.62 5.08 62.38
N ALA B 568 27.30 3.93 62.46
CA ALA B 568 28.76 3.94 62.52
C ALA B 568 29.37 4.52 61.25
N PHE B 569 28.85 4.12 60.09
CA PHE B 569 29.33 4.69 58.84
C PHE B 569 28.91 6.14 58.69
N PHE B 570 27.74 6.50 59.21
CA PHE B 570 27.24 7.87 59.12
C PHE B 570 28.12 8.83 59.91
N ASN B 571 28.57 8.42 61.10
CA ASN B 571 29.33 9.29 61.97
C ASN B 571 30.73 9.59 61.44
N THR B 572 31.22 8.83 60.46
CA THR B 572 32.57 9.05 59.94
C THR B 572 32.63 10.15 58.90
N PHE B 573 31.50 10.72 58.50
CA PHE B 573 31.48 11.77 57.49
C PHE B 573 31.05 13.12 58.08
N LYS B 574 31.23 13.31 59.38
CA LYS B 574 31.04 14.63 59.96
C LYS B 574 32.11 15.59 59.46
N THR B 575 31.80 16.88 59.51
CA THR B 575 32.75 17.92 59.13
C THR B 575 33.36 18.65 60.31
N GLN B 576 32.80 18.49 61.51
CA GLN B 576 33.28 19.19 62.69
C GLN B 576 33.42 18.20 63.85
N ALA B 577 34.34 18.50 64.76
CA ALA B 577 34.58 17.63 65.90
C ALA B 577 33.46 17.73 66.93
N ALA B 578 32.90 18.92 67.10
CA ALA B 578 31.91 19.14 68.14
C ALA B 578 30.58 18.42 67.86
N CYS B 579 30.38 17.95 66.63
CA CYS B 579 29.13 17.28 66.30
C CYS B 579 29.03 15.96 67.05
N PRO B 580 27.84 15.60 67.52
CA PRO B 580 27.69 14.36 68.31
C PRO B 580 27.85 13.12 67.45
N ASN B 581 28.19 12.02 68.11
CA ASN B 581 28.27 10.70 67.47
C ASN B 581 26.90 10.05 67.55
N ILE B 582 26.22 9.93 66.41
CA ILE B 582 24.86 9.41 66.40
C ILE B 582 24.88 7.90 66.62
N ARG B 583 24.07 7.42 67.55
CA ARG B 583 23.88 6.00 67.79
C ARG B 583 22.44 5.64 67.47
N ASN B 584 22.26 4.55 66.73
CA ASN B 584 20.94 4.16 66.27
C ASN B 584 20.21 3.38 67.34
N SER B 585 18.97 3.77 67.62
CA SER B 585 18.12 3.11 68.61
C SER B 585 16.91 2.50 67.92
N PHE B 586 16.39 1.45 68.54
CA PHE B 586 15.25 0.71 67.99
C PHE B 586 13.94 1.27 68.53
N GLU B 587 13.69 2.53 68.17
CA GLU B 587 12.49 3.23 68.60
C GLU B 587 11.34 2.98 67.64
N ASP B 588 10.13 2.99 68.18
CA ASP B 588 8.90 2.89 67.40
C ASP B 588 7.98 4.03 67.81
N PRO B 589 8.11 5.19 67.16
CA PRO B 589 7.30 6.35 67.57
C PRO B 589 5.81 6.12 67.46
N CYS B 590 5.36 5.32 66.49
CA CYS B 590 3.93 5.06 66.33
C CYS B 590 3.34 4.36 67.54
N SER B 591 4.16 3.62 68.29
CA SER B 591 3.70 2.96 69.50
C SER B 591 3.61 3.90 70.69
N LEU B 592 4.08 5.14 70.56
CA LEU B 592 4.06 6.09 71.66
C LEU B 592 2.80 6.95 71.70
N SER B 593 1.95 6.85 70.69
CA SER B 593 0.73 7.66 70.64
C SER B 593 -0.31 6.94 69.81
N VAL B 594 -1.52 6.81 70.38
CA VAL B 594 -2.61 6.15 69.66
C VAL B 594 -3.09 6.99 68.50
N GLU B 595 -3.33 8.29 68.76
CA GLU B 595 -3.89 9.16 67.73
C GLU B 595 -2.92 9.37 66.58
N ASN B 596 -1.63 9.51 66.89
CA ASN B 596 -0.63 9.64 65.83
C ASN B 596 -0.58 8.38 64.99
N GLU B 597 -0.66 7.21 65.62
CA GLU B 597 -0.70 5.96 64.88
C GLU B 597 -1.93 5.89 63.97
N LYS B 598 -3.10 6.28 64.49
CA LYS B 598 -4.31 6.24 63.68
C LYS B 598 -4.20 7.17 62.48
N TYR B 599 -3.71 8.40 62.70
CA TYR B 599 -3.58 9.36 61.62
C TYR B 599 -2.59 8.86 60.57
N ALA B 600 -1.44 8.37 61.01
CA ALA B 600 -0.42 7.90 60.08
C ALA B 600 -0.91 6.69 59.29
N GLN B 601 -1.59 5.76 59.96
CA GLN B 601 -2.10 4.58 59.25
C GLN B 601 -3.19 4.96 58.27
N HIS B 602 -4.06 5.90 58.63
CA HIS B 602 -5.14 6.30 57.73
C HIS B 602 -4.60 7.01 56.50
N TRP B 603 -3.61 7.88 56.65
CA TRP B 603 -3.19 8.71 55.54
C TRP B 603 -2.00 8.18 54.77
N CYS B 604 -1.12 7.40 55.39
CA CYS B 604 0.04 6.85 54.70
C CYS B 604 -0.25 5.54 53.98
N SER B 605 -1.36 4.88 54.30
CA SER B 605 -1.71 3.63 53.64
C SER B 605 -2.17 3.82 52.20
N GLN B 606 -2.43 5.07 51.79
CA GLN B 606 -2.79 5.33 50.40
C GLN B 606 -1.66 4.99 49.45
N LEU B 607 -0.41 4.96 49.93
CA LEU B 607 0.71 4.60 49.08
C LEU B 607 0.63 3.15 48.63
N THR B 608 0.21 2.25 49.52
CA THR B 608 0.14 0.83 49.23
C THR B 608 -1.23 0.39 48.73
N ASP B 609 -2.17 1.32 48.56
CA ASP B 609 -3.49 0.97 48.04
C ASP B 609 -3.41 0.78 46.54
N ALA B 610 -3.86 -0.38 46.06
CA ALA B 610 -3.73 -0.70 44.64
C ALA B 610 -4.66 0.14 43.76
N ASP B 611 -5.76 0.64 44.33
CA ASP B 611 -6.71 1.45 43.57
C ASP B 611 -6.76 2.90 44.00
N GLY B 612 -5.88 3.33 44.90
CA GLY B 612 -5.87 4.70 45.39
C GLY B 612 -5.21 5.65 44.41
N PRO B 613 -4.99 6.89 44.86
CA PRO B 613 -4.34 7.89 43.98
C PRO B 613 -2.94 7.50 43.56
N PHE B 614 -2.25 6.64 44.32
CA PHE B 614 -0.90 6.22 43.99
C PHE B 614 -0.85 4.81 43.42
N GLY B 615 -1.99 4.22 43.08
CA GLY B 615 -2.03 2.86 42.60
C GLY B 615 -1.48 2.68 41.19
N ARG B 616 -1.45 3.75 40.40
CA ARG B 616 -0.92 3.66 39.04
C ARG B 616 0.59 3.48 39.00
N CYS B 617 1.27 3.60 40.13
CA CYS B 617 2.72 3.61 40.18
C CYS B 617 3.31 2.40 40.91
N HIS B 618 2.48 1.47 41.37
CA HIS B 618 2.99 0.34 42.14
C HIS B 618 3.90 -0.57 41.32
N ALA B 619 3.85 -0.47 39.99
CA ALA B 619 4.74 -1.27 39.15
C ALA B 619 6.10 -0.58 38.98
N ALA B 620 6.09 0.72 38.67
CA ALA B 620 7.33 1.43 38.42
C ALA B 620 8.17 1.56 39.69
N VAL B 621 7.56 2.01 40.79
CA VAL B 621 8.25 2.24 42.05
C VAL B 621 7.56 1.44 43.13
N LYS B 622 8.34 0.68 43.89
CA LYS B 622 7.79 -0.08 45.01
C LYS B 622 7.55 0.86 46.20
N PRO B 623 6.33 0.91 46.74
CA PRO B 623 6.00 1.90 47.76
C PRO B 623 6.24 1.48 49.21
N GLY B 624 6.88 0.34 49.46
CA GLY B 624 7.07 -0.11 50.83
C GLY B 624 7.95 0.82 51.64
N THR B 625 9.09 1.21 51.06
CA THR B 625 10.00 2.11 51.76
C THR B 625 9.36 3.47 52.00
N TYR B 626 8.61 3.98 51.02
CA TYR B 626 7.94 5.26 51.18
C TYR B 626 6.84 5.16 52.23
N TYR B 627 6.14 4.02 52.29
CA TYR B 627 5.14 3.83 53.33
C TYR B 627 5.79 3.82 54.72
N SER B 628 6.92 3.13 54.86
CA SER B 628 7.60 3.10 56.15
C SER B 628 8.09 4.49 56.55
N ASN B 629 8.66 5.23 55.59
CA ASN B 629 9.09 6.60 55.87
C ASN B 629 7.92 7.48 56.26
N CYS B 630 6.79 7.34 55.57
CA CYS B 630 5.59 8.11 55.91
C CYS B 630 5.15 7.82 57.33
N MET B 631 5.07 6.54 57.69
CA MET B 631 4.64 6.17 59.03
C MET B 631 5.58 6.74 60.09
N PHE B 632 6.88 6.53 59.90
CA PHE B 632 7.85 6.99 60.89
C PHE B 632 7.82 8.51 61.04
N ASP B 633 7.82 9.23 59.91
CA ASP B 633 7.85 10.69 59.98
C ASP B 633 6.56 11.25 60.58
N THR B 634 5.40 10.70 60.17
CA THR B 634 4.14 11.19 60.70
C THR B 634 4.03 10.94 62.20
N CYS B 635 4.46 9.76 62.66
CA CYS B 635 4.40 9.47 64.08
C CYS B 635 5.44 10.26 64.88
N ASN B 636 6.55 10.63 64.25
CA ASN B 636 7.68 11.20 64.97
C ASN B 636 7.60 12.72 65.09
N CYS B 637 7.47 13.42 63.97
CA CYS B 637 7.56 14.87 63.98
C CYS B 637 6.30 15.50 64.57
N GLU B 638 6.46 16.75 65.05
CA GLU B 638 5.35 17.46 65.68
C GLU B 638 4.31 17.89 64.64
N ARG B 639 4.77 18.42 63.50
CA ARG B 639 3.87 18.81 62.41
C ARG B 639 3.63 17.58 61.55
N SER B 640 2.66 16.77 61.96
CA SER B 640 2.43 15.48 61.31
C SER B 640 2.03 15.64 59.86
N GLU B 641 1.16 16.62 59.57
CA GLU B 641 0.70 16.81 58.20
C GLU B 641 1.83 17.18 57.27
N ASP B 642 2.77 17.99 57.75
CA ASP B 642 3.91 18.39 56.91
C ASP B 642 4.76 17.18 56.53
N CYS B 643 5.06 16.31 57.50
CA CYS B 643 5.88 15.13 57.21
C CYS B 643 5.13 14.15 56.32
N LEU B 644 3.83 13.97 56.56
CA LEU B 644 3.03 13.10 55.69
C LEU B 644 3.04 13.61 54.25
N CYS B 645 2.84 14.92 54.09
CA CYS B 645 2.85 15.51 52.75
C CYS B 645 4.22 15.40 52.11
N ALA B 646 5.28 15.55 52.89
CA ALA B 646 6.63 15.39 52.36
C ALA B 646 6.86 13.98 51.86
N ALA B 647 6.43 12.97 52.62
CA ALA B 647 6.60 11.59 52.17
C ALA B 647 5.78 11.30 50.91
N LEU B 648 4.53 11.77 50.87
CA LEU B 648 3.71 11.55 49.69
C LEU B 648 4.31 12.25 48.47
N SER B 649 4.81 13.47 48.64
CA SER B 649 5.42 14.20 47.54
C SER B 649 6.72 13.54 47.09
N SER B 650 7.47 12.96 48.02
CA SER B 650 8.67 12.22 47.64
C SER B 650 8.31 11.02 46.79
N TYR B 651 7.26 10.28 47.17
CA TYR B 651 6.83 9.16 46.33
C TYR B 651 6.36 9.63 44.97
N VAL B 652 5.63 10.76 44.93
CA VAL B 652 5.14 11.29 43.67
C VAL B 652 6.30 11.70 42.77
N HIS B 653 7.32 12.32 43.35
CA HIS B 653 8.51 12.71 42.58
C HIS B 653 9.26 11.49 42.05
N ALA B 654 9.39 10.45 42.89
CA ALA B 654 10.03 9.22 42.43
C ALA B 654 9.25 8.60 41.28
N CYS B 655 7.91 8.64 41.35
CA CYS B 655 7.10 8.16 40.25
C CYS B 655 7.30 9.00 39.00
N ALA B 656 7.36 10.32 39.15
CA ALA B 656 7.54 11.20 38.00
C ALA B 656 8.90 10.99 37.35
N ALA B 657 9.91 10.60 38.13
CA ALA B 657 11.20 10.27 37.55
C ALA B 657 11.12 9.05 36.64
N LYS B 658 10.13 8.18 36.85
CA LYS B 658 9.94 6.99 36.03
C LYS B 658 9.03 7.23 34.84
N GLY B 659 8.44 8.42 34.71
CA GLY B 659 7.53 8.72 33.64
C GLY B 659 6.06 8.51 33.96
N VAL B 660 5.71 8.34 35.22
CA VAL B 660 4.33 8.12 35.64
C VAL B 660 3.79 9.40 36.25
N GLN B 661 2.62 9.83 35.78
CA GLN B 661 1.97 11.04 36.27
C GLN B 661 0.84 10.66 37.21
N LEU B 662 0.83 11.27 38.39
CA LEU B 662 -0.17 10.96 39.41
C LEU B 662 -0.96 12.19 39.80
N GLY B 663 -1.42 12.96 38.81
CA GLY B 663 -2.15 14.18 39.10
C GLY B 663 -3.45 13.90 39.83
N GLY B 664 -3.88 14.88 40.63
CA GLY B 664 -5.07 14.73 41.43
C GLY B 664 -4.87 13.99 42.74
N TRP B 665 -3.63 13.76 43.16
CA TRP B 665 -3.36 13.01 44.39
C TRP B 665 -3.52 13.84 45.65
N ARG B 666 -3.63 15.17 45.53
CA ARG B 666 -3.73 16.04 46.70
C ARG B 666 -5.14 16.18 47.22
N ASP B 667 -6.12 15.52 46.62
CA ASP B 667 -7.48 15.55 47.14
C ASP B 667 -7.53 14.88 48.52
N GLY B 668 -8.22 15.52 49.45
CA GLY B 668 -8.25 15.04 50.82
C GLY B 668 -7.24 15.76 51.68
N VAL B 669 -6.11 15.12 51.93
CA VAL B 669 -5.02 15.73 52.67
C VAL B 669 -4.01 16.29 51.68
N CYS B 670 -3.12 17.15 52.19
CA CYS B 670 -2.07 17.78 51.38
C CYS B 670 -2.64 18.67 50.29
N THR B 671 -3.76 19.34 50.58
CA THR B 671 -4.36 20.28 49.65
C THR B 671 -4.02 21.73 49.97
N LYS B 672 -3.49 22.00 51.16
CA LYS B 672 -3.13 23.37 51.52
C LYS B 672 -2.12 24.02 50.58
N PRO B 673 -1.03 23.36 50.15
CA PRO B 673 -0.12 24.01 49.20
C PRO B 673 -0.77 24.38 47.88
N MET B 674 -1.88 23.74 47.52
CA MET B 674 -2.55 24.08 46.27
C MET B 674 -3.05 25.53 46.26
N THR B 675 -3.57 26.00 47.39
CA THR B 675 -4.23 27.29 47.46
C THR B 675 -3.31 28.43 47.87
N THR B 676 -2.31 28.16 48.71
CA THR B 676 -1.47 29.21 49.28
C THR B 676 -0.20 29.35 48.44
N CYS B 677 -0.23 30.29 47.51
CA CYS B 677 0.94 30.65 46.70
C CYS B 677 0.68 32.01 46.08
N PRO B 678 1.71 32.64 45.44
CA PRO B 678 1.54 33.99 44.90
C PRO B 678 0.25 34.26 44.14
N LYS B 679 -0.15 35.53 44.09
CA LYS B 679 -1.50 35.91 43.66
C LYS B 679 -1.77 35.49 42.23
N SER B 680 -0.83 35.73 41.32
CA SER B 680 -1.03 35.50 39.90
C SER B 680 -0.59 34.11 39.47
N MET B 681 -0.15 33.27 40.40
CA MET B 681 0.35 31.94 40.09
C MET B 681 -0.70 30.88 40.41
N THR B 682 -0.77 29.85 39.57
CA THR B 682 -1.71 28.76 39.72
C THR B 682 -0.94 27.45 39.87
N TYR B 683 -1.45 26.56 40.71
CA TYR B 683 -0.80 25.28 40.95
C TYR B 683 -0.87 24.40 39.71
N HIS B 684 0.14 23.55 39.55
CA HIS B 684 0.22 22.58 38.46
C HIS B 684 0.85 21.31 38.98
N TYR B 685 0.25 20.16 38.65
CA TYR B 685 0.78 18.88 39.08
C TYR B 685 2.04 18.51 38.29
N HIS B 686 2.05 18.82 37.01
CA HIS B 686 3.15 18.44 36.11
C HIS B 686 3.81 19.71 35.60
N VAL B 687 5.09 19.88 35.92
CA VAL B 687 5.89 21.01 35.44
C VAL B 687 7.16 20.41 34.84
N SER B 688 7.15 20.17 33.53
CA SER B 688 8.32 19.65 32.84
C SER B 688 9.06 20.71 32.05
N THR B 689 8.37 21.75 31.61
CA THR B 689 9.00 22.85 30.90
C THR B 689 9.55 23.86 31.90
N CYS B 690 9.97 25.02 31.42
CA CYS B 690 10.53 26.07 32.26
C CYS B 690 9.64 27.30 32.21
N GLN B 691 9.67 28.07 33.28
CA GLN B 691 8.79 29.23 33.42
C GLN B 691 9.22 30.33 32.46
N PRO B 692 8.37 30.76 31.53
CA PRO B 692 8.74 31.87 30.65
C PRO B 692 8.77 33.19 31.41
N THR B 693 9.61 34.10 30.93
CA THR B 693 9.77 35.41 31.55
C THR B 693 9.83 36.48 30.47
N CYS B 694 9.65 37.73 30.90
CA CYS B 694 9.78 38.85 29.98
C CYS B 694 11.21 38.96 29.45
N ARG B 695 12.19 38.73 30.33
CA ARG B 695 13.58 38.71 29.88
C ARG B 695 13.83 37.59 28.87
N SER B 696 13.14 36.46 29.03
CA SER B 696 13.25 35.38 28.05
C SER B 696 12.70 35.83 26.69
N LEU B 697 11.59 36.57 26.70
CA LEU B 697 11.05 37.11 25.45
C LEU B 697 12.02 38.10 24.82
N SER B 698 12.61 38.97 25.63
CA SER B 698 13.54 39.97 25.10
C SER B 698 14.78 39.32 24.50
N GLU B 699 15.55 38.59 25.33
CA GLU B 699 16.79 38.00 24.86
C GLU B 699 16.56 36.84 23.90
N GLY B 700 15.41 36.18 23.97
CA GLY B 700 15.16 35.00 23.16
C GLY B 700 15.73 33.71 23.71
N ASP B 701 16.39 33.76 24.86
CA ASP B 701 16.98 32.59 25.49
C ASP B 701 16.62 32.58 26.97
N ILE B 702 16.61 31.39 27.56
CA ILE B 702 16.22 31.21 28.95
C ILE B 702 17.35 30.48 29.69
N THR B 703 17.39 30.70 31.00
CA THR B 703 18.34 30.03 31.88
C THR B 703 17.64 28.82 32.48
N CYS B 704 17.90 27.65 31.90
CA CYS B 704 17.21 26.44 32.31
C CYS B 704 18.02 25.23 31.88
N SER B 705 17.69 24.09 32.46
CA SER B 705 18.36 22.83 32.15
C SER B 705 17.64 22.02 31.08
N VAL B 706 16.58 22.56 30.50
CA VAL B 706 15.81 21.92 29.43
C VAL B 706 15.23 20.59 29.91
N GLY B 707 16.10 19.63 30.20
CA GLY B 707 15.66 18.31 30.61
C GLY B 707 15.86 18.01 32.08
N PHE B 708 14.78 17.89 32.83
CA PHE B 708 14.85 17.55 34.24
C PHE B 708 13.61 16.74 34.62
N ILE B 709 13.68 16.10 35.77
CA ILE B 709 12.53 15.31 36.25
C ILE B 709 11.37 16.26 36.52
N PRO B 710 10.17 15.99 36.00
CA PRO B 710 9.05 16.92 36.19
C PRO B 710 8.70 17.11 37.65
N VAL B 711 8.33 18.34 37.99
CA VAL B 711 7.98 18.70 39.37
C VAL B 711 6.57 19.29 39.40
N ASP B 712 6.13 19.71 40.57
CA ASP B 712 4.82 20.32 40.76
C ASP B 712 5.00 21.65 41.48
N GLY B 713 3.90 22.41 41.56
CA GLY B 713 3.93 23.68 42.26
C GLY B 713 3.20 24.78 41.54
N CYS B 714 3.15 25.97 42.12
CA CYS B 714 2.45 27.10 41.51
C CYS B 714 3.38 27.79 40.52
N ILE B 715 2.93 27.90 39.27
CA ILE B 715 3.66 28.58 38.22
C ILE B 715 2.72 29.60 37.56
N CYS B 716 3.31 30.42 36.70
CA CYS B 716 2.50 31.36 35.94
C CYS B 716 1.61 30.58 34.96
N PRO B 717 0.34 30.92 34.84
CA PRO B 717 -0.56 30.16 33.96
C PRO B 717 -0.16 30.32 32.50
N LYS B 718 -0.70 29.42 31.67
CA LYS B 718 -0.39 29.43 30.25
C LYS B 718 -0.85 30.73 29.62
N GLY B 719 -0.04 31.24 28.68
CA GLY B 719 -0.30 32.53 28.09
C GLY B 719 0.10 33.71 28.95
N THR B 720 0.86 33.48 30.01
CA THR B 720 1.27 34.54 30.93
C THR B 720 2.76 34.43 31.18
N PHE B 721 3.39 35.56 31.50
CA PHE B 721 4.83 35.62 31.70
C PHE B 721 5.14 36.28 33.04
N LEU B 722 6.30 35.94 33.58
CA LEU B 722 6.74 36.42 34.89
C LEU B 722 7.78 37.51 34.70
N ASP B 723 7.55 38.66 35.34
CA ASP B 723 8.45 39.79 35.23
C ASP B 723 9.46 39.78 36.37
N ASP B 724 10.29 40.83 36.44
CA ASP B 724 11.29 40.93 37.49
C ASP B 724 10.67 41.17 38.86
N THR B 725 9.47 41.78 38.91
CA THR B 725 8.83 42.01 40.20
C THR B 725 8.43 40.70 40.86
N GLY B 726 7.81 39.79 40.11
CA GLY B 726 7.44 38.50 40.64
C GLY B 726 5.99 38.13 40.43
N LYS B 727 5.28 38.87 39.58
CA LYS B 727 3.89 38.58 39.26
C LYS B 727 3.78 38.13 37.80
N CYS B 728 2.69 37.45 37.49
CA CYS B 728 2.45 36.94 36.15
C CYS B 728 1.69 37.99 35.35
N VAL B 729 2.25 38.40 34.21
CA VAL B 729 1.65 39.40 33.34
C VAL B 729 1.61 38.86 31.92
N GLN B 730 0.68 39.39 31.13
CA GLN B 730 0.51 38.96 29.76
C GLN B 730 1.67 39.46 28.89
N ALA B 731 1.71 38.96 27.66
CA ALA B 731 2.77 39.38 26.73
C ALA B 731 2.68 40.86 26.40
N SER B 732 1.47 41.44 26.49
CA SER B 732 1.30 42.86 26.22
C SER B 732 1.74 43.75 27.38
N ASN B 733 2.05 43.16 28.54
CA ASN B 733 2.50 43.93 29.69
C ASN B 733 3.97 43.73 30.02
N CYS B 734 4.67 42.83 29.32
CA CYS B 734 6.08 42.63 29.58
C CYS B 734 6.88 43.84 29.09
N PRO B 735 7.73 44.44 29.95
CA PRO B 735 8.57 45.59 29.59
C PRO B 735 9.48 45.31 28.39
N CYS B 736 10.16 46.47 27.43
CA CYS B 736 11.20 46.25 26.43
C CYS B 736 12.58 46.32 27.07
N TYR B 737 13.52 45.57 26.50
CA TYR B 737 14.89 45.51 27.01
C TYR B 737 15.86 45.81 25.89
N HIS B 738 16.80 46.72 26.14
CA HIS B 738 17.84 47.08 25.18
C HIS B 738 19.18 47.07 25.90
N ARG B 739 20.15 46.35 25.33
CA ARG B 739 21.48 46.19 25.91
C ARG B 739 21.42 45.64 27.34
N GLY B 740 20.43 44.80 27.62
CA GLY B 740 20.25 44.26 28.95
C GLY B 740 19.64 45.20 29.96
N SER B 741 19.18 46.38 29.53
CA SER B 741 18.59 47.37 30.41
C SER B 741 17.11 47.50 30.13
N MET B 742 16.32 47.53 31.20
CA MET B 742 14.87 47.62 31.05
C MET B 742 14.46 48.99 30.55
N ILE B 743 13.67 49.02 29.48
CA ILE B 743 13.17 50.25 28.88
C ILE B 743 11.69 50.35 29.20
N PRO B 744 11.25 51.33 29.99
CA PRO B 744 9.83 51.44 30.31
C PRO B 744 9.01 51.79 29.07
N ASN B 745 7.74 51.40 29.10
CA ASN B 745 6.84 51.70 27.99
C ASN B 745 6.72 53.21 27.82
N GLY B 746 6.84 53.67 26.58
CA GLY B 746 6.85 55.08 26.27
C GLY B 746 8.23 55.70 26.18
N GLU B 747 9.25 55.06 26.75
CA GLU B 747 10.61 55.54 26.67
C GLU B 747 11.23 55.17 25.32
N SER B 748 12.35 55.82 25.00
CA SER B 748 13.02 55.60 23.73
C SER B 748 14.52 55.46 23.97
N VAL B 749 15.18 54.80 23.03
CA VAL B 749 16.63 54.62 23.05
C VAL B 749 17.18 55.09 21.70
N HIS B 750 18.45 55.50 21.73
CA HIS B 750 19.15 55.99 20.55
C HIS B 750 20.38 55.12 20.33
N ASP B 751 20.34 54.26 19.32
CA ASP B 751 21.44 53.35 19.01
C ASP B 751 21.83 53.50 17.55
N SER B 752 23.09 53.87 17.30
CA SER B 752 23.66 53.96 15.96
C SER B 752 22.83 54.87 15.06
N GLY B 753 22.36 55.99 15.62
CA GLY B 753 21.57 56.94 14.87
C GLY B 753 20.11 56.56 14.69
N ALA B 754 19.67 55.44 15.26
CA ALA B 754 18.29 55.00 15.14
C ALA B 754 17.58 55.23 16.47
N ILE B 755 16.37 55.78 16.41
CA ILE B 755 15.55 56.04 17.58
C ILE B 755 14.49 54.96 17.67
N CYS B 756 14.55 54.16 18.73
CA CYS B 756 13.64 53.05 18.93
C CYS B 756 12.80 53.30 20.17
N THR B 757 11.49 53.36 20.01
CA THR B 757 10.56 53.63 21.10
C THR B 757 9.91 52.33 21.57
N CYS B 758 9.76 52.19 22.88
CA CYS B 758 9.15 51.00 23.47
C CYS B 758 7.66 51.29 23.68
N THR B 759 6.81 50.67 22.86
CA THR B 759 5.37 50.81 22.99
C THR B 759 4.72 49.43 22.97
N HIS B 760 3.77 49.22 23.87
CA HIS B 760 3.01 47.97 23.96
C HIS B 760 3.93 46.76 24.09
N GLY B 761 5.03 46.93 24.82
CA GLY B 761 5.97 45.86 25.04
C GLY B 761 6.85 45.52 23.86
N LYS B 762 6.86 46.34 22.81
CA LYS B 762 7.67 46.09 21.62
C LYS B 762 8.47 47.33 21.29
N LEU B 763 9.73 47.12 20.88
CA LEU B 763 10.64 48.20 20.53
C LEU B 763 10.52 48.45 19.02
N SER B 764 9.78 49.49 18.64
CA SER B 764 9.62 49.87 17.24
C SER B 764 10.59 51.00 16.92
N CYS B 765 11.39 50.80 15.89
CA CYS B 765 12.43 51.75 15.52
C CYS B 765 11.98 52.59 14.34
N ILE B 766 12.35 53.88 14.36
CA ILE B 766 12.03 54.77 13.25
C ILE B 766 12.78 54.31 12.01
N GLY B 767 12.06 54.13 10.91
CA GLY B 767 12.63 53.58 9.70
C GLY B 767 12.46 52.09 9.54
N GLY B 768 11.60 51.46 10.34
CA GLY B 768 11.37 50.03 10.25
C GLY B 768 12.32 49.21 11.09
N GLN B 769 13.58 49.13 10.67
CA GLN B 769 14.59 48.39 11.40
C GLN B 769 15.94 49.03 11.15
N ALA B 770 16.77 49.06 12.20
CA ALA B 770 18.10 49.65 12.08
C ALA B 770 18.99 48.75 11.24
N PRO B 771 19.57 49.24 10.14
CA PRO B 771 20.48 48.40 9.36
C PRO B 771 21.80 48.18 10.10
N ALA B 772 22.44 47.06 9.76
CA ALA B 772 23.72 46.70 10.36
C ALA B 772 24.74 47.79 10.06
N PRO B 773 25.20 48.53 11.08
CA PRO B 773 26.15 49.62 10.82
C PRO B 773 27.46 49.09 10.27
N VAL B 774 28.05 49.87 9.35
CA VAL B 774 29.29 49.52 8.69
C VAL B 774 30.32 50.60 9.01
N CYS B 775 31.48 50.18 9.49
CA CYS B 775 32.56 51.08 9.88
C CYS B 775 33.71 50.94 8.89
N ALA B 776 34.22 52.07 8.43
CA ALA B 776 35.26 52.10 7.42
C ALA B 776 36.59 51.58 7.99
N ALA B 777 37.48 51.20 7.08
CA ALA B 777 38.78 50.69 7.48
C ALA B 777 39.60 51.81 8.14
N PRO B 778 40.44 51.47 9.12
CA PRO B 778 40.73 50.12 9.63
C PRO B 778 39.81 49.72 10.78
N MET B 779 38.80 50.51 11.08
CA MET B 779 37.84 50.15 12.13
C MET B 779 36.98 48.98 11.67
N VAL B 780 36.81 47.99 12.54
CA VAL B 780 36.04 46.80 12.24
C VAL B 780 34.89 46.71 13.22
N PHE B 781 33.71 46.33 12.73
CA PHE B 781 32.53 46.21 13.57
C PHE B 781 32.66 44.96 14.42
N PHE B 782 32.74 45.13 15.74
CA PHE B 782 32.77 44.03 16.68
C PHE B 782 31.39 43.87 17.29
N ASP B 783 30.86 42.66 17.22
CA ASP B 783 29.56 42.32 17.78
C ASP B 783 29.71 41.36 18.95
N CYS B 784 28.76 41.40 19.87
CA CYS B 784 28.81 40.59 21.08
C CYS B 784 28.17 39.21 20.89
N ARG B 785 27.98 38.77 19.65
CA ARG B 785 27.45 37.43 19.42
C ARG B 785 28.41 36.37 19.95
N ASN B 786 29.67 36.44 19.54
CA ASN B 786 30.72 35.59 20.10
C ASN B 786 31.53 36.39 21.12
N ALA B 787 30.92 36.59 22.29
CA ALA B 787 31.48 37.42 23.34
C ALA B 787 32.09 36.53 24.41
N THR B 788 33.40 36.34 24.35
CA THR B 788 34.10 35.58 25.37
C THR B 788 34.13 36.35 26.68
N PRO B 789 34.19 35.67 27.82
CA PRO B 789 34.23 36.36 29.11
C PRO B 789 35.44 37.30 29.20
N GLY B 790 35.22 38.44 29.85
CA GLY B 790 36.29 39.40 30.06
C GLY B 790 36.69 40.18 28.83
N ASP B 791 35.83 40.27 27.82
CA ASP B 791 36.12 40.98 26.59
C ASP B 791 35.13 42.13 26.43
N THR B 792 35.65 43.36 26.46
CA THR B 792 34.80 44.53 26.38
C THR B 792 34.31 44.81 24.95
N GLY B 793 35.15 44.54 23.96
CA GLY B 793 34.79 44.85 22.59
C GLY B 793 34.96 46.32 22.27
N ALA B 794 33.86 47.00 21.94
CA ALA B 794 33.89 48.43 21.67
C ALA B 794 33.55 49.27 22.89
N GLY B 795 33.31 48.65 24.05
CA GLY B 795 32.96 49.40 25.24
C GLY B 795 34.12 50.15 25.86
N CYS B 796 35.36 49.75 25.56
CA CYS B 796 36.54 50.43 26.06
C CYS B 796 37.41 50.94 24.91
N GLN B 797 36.79 51.28 23.79
CA GLN B 797 37.47 51.89 22.66
C GLN B 797 37.47 53.40 22.84
N LYS B 798 38.64 54.00 22.89
CA LYS B 798 38.80 55.42 23.18
C LYS B 798 38.92 56.22 21.90
N SER B 799 38.90 57.55 22.06
CA SER B 799 39.01 58.48 20.94
C SER B 799 39.90 59.64 21.36
N CYS B 800 40.12 60.57 20.42
CA CYS B 800 40.89 61.77 20.74
C CYS B 800 40.12 62.71 21.65
N HIS B 801 38.81 62.53 21.79
CA HIS B 801 38.00 63.37 22.66
C HIS B 801 37.81 62.78 24.05
N THR B 802 37.94 61.46 24.20
CA THR B 802 37.83 60.82 25.50
C THR B 802 39.20 60.92 26.19
N LEU B 803 39.37 61.96 27.00
CA LEU B 803 40.64 62.20 27.67
C LEU B 803 40.92 61.21 28.80
N ASP B 804 39.92 60.47 29.25
CA ASP B 804 40.11 59.44 30.27
C ASP B 804 40.33 58.11 29.57
N MET B 805 41.54 57.57 29.66
CA MET B 805 41.92 56.36 28.95
C MET B 805 41.61 55.10 29.74
N THR B 806 41.07 55.22 30.95
CA THR B 806 40.75 54.03 31.74
C THR B 806 39.56 53.31 31.14
N CYS B 807 39.65 51.97 31.09
CA CYS B 807 38.58 51.14 30.56
C CYS B 807 37.59 50.83 31.68
N TYR B 808 36.35 51.31 31.53
CA TYR B 808 35.34 51.18 32.58
C TYR B 808 34.23 50.19 32.25
N SER B 809 34.05 49.82 30.99
CA SER B 809 32.94 48.97 30.61
C SER B 809 33.09 47.59 31.22
N PRO B 810 32.08 47.07 31.94
CA PRO B 810 32.19 45.72 32.51
C PRO B 810 31.77 44.64 31.54
N GLN B 811 30.92 44.96 30.58
CA GLN B 811 30.36 43.99 29.66
C GLN B 811 30.58 44.41 28.21
N CYS B 812 30.37 43.46 27.31
CA CYS B 812 30.60 43.70 25.89
C CYS B 812 29.62 44.70 25.32
N VAL B 813 30.14 45.60 24.48
CA VAL B 813 29.32 46.58 23.77
C VAL B 813 29.69 46.52 22.29
N PRO B 814 28.75 46.28 21.39
CA PRO B 814 29.07 46.23 19.96
C PRO B 814 29.41 47.62 19.42
N GLY B 815 30.21 47.65 18.37
CA GLY B 815 30.56 48.89 17.73
C GLY B 815 31.86 48.78 16.98
N CYS B 816 32.27 49.91 16.38
CA CYS B 816 33.51 49.95 15.62
C CYS B 816 34.71 49.97 16.55
N VAL B 817 35.69 49.11 16.27
CA VAL B 817 36.91 49.00 17.06
C VAL B 817 38.10 49.17 16.14
N CYS B 818 39.03 50.04 16.54
CA CYS B 818 40.29 50.20 15.84
C CYS B 818 41.20 49.01 16.13
N PRO B 819 42.22 48.78 15.29
CA PRO B 819 43.20 47.73 15.61
C PRO B 819 43.82 47.89 17.00
N ASP B 820 44.40 46.81 17.51
CA ASP B 820 44.87 46.80 18.90
C ASP B 820 45.89 47.90 19.14
N GLY B 821 45.71 48.63 20.24
CA GLY B 821 46.59 49.73 20.57
C GLY B 821 46.36 50.99 19.77
N LEU B 822 45.18 51.17 19.18
CA LEU B 822 44.87 52.32 18.36
C LEU B 822 43.60 52.99 18.87
N VAL B 823 43.53 54.31 18.69
CA VAL B 823 42.36 55.09 19.10
C VAL B 823 41.86 55.86 17.89
N ALA B 824 40.56 56.17 17.91
CA ALA B 824 39.93 56.89 16.80
C ALA B 824 40.30 58.36 16.85
N ASP B 825 40.47 58.96 15.67
CA ASP B 825 40.81 60.37 15.54
C ASP B 825 39.60 61.23 15.19
N GLY B 826 38.41 60.66 15.18
CA GLY B 826 37.21 61.40 14.87
C GLY B 826 36.90 61.58 13.40
N GLU B 827 37.78 61.10 12.51
CA GLU B 827 37.57 61.19 11.07
C GLU B 827 37.55 59.82 10.41
N GLY B 828 37.41 58.75 11.20
CA GLY B 828 37.38 57.40 10.68
C GLY B 828 38.68 56.65 10.77
N GLY B 829 39.81 57.34 10.93
CA GLY B 829 41.09 56.70 11.04
C GLY B 829 41.42 56.30 12.47
N CYS B 830 42.58 55.64 12.61
CA CYS B 830 43.09 55.23 13.91
C CYS B 830 44.52 55.71 14.05
N ILE B 831 44.82 56.34 15.19
CA ILE B 831 46.15 56.85 15.48
C ILE B 831 46.53 56.48 16.90
N THR B 832 47.81 56.65 17.22
CA THR B 832 48.27 56.40 18.58
C THR B 832 47.74 57.48 19.52
N ALA B 833 47.70 57.14 20.81
CA ALA B 833 47.16 58.07 21.81
C ALA B 833 47.99 59.34 21.89
N GLU B 834 49.32 59.21 21.84
CA GLU B 834 50.19 60.38 21.93
C GLU B 834 50.07 61.29 20.71
N ASP B 835 49.55 60.79 19.60
CA ASP B 835 49.40 61.58 18.38
C ASP B 835 48.02 62.22 18.24
N CYS B 836 47.15 62.06 19.23
CA CYS B 836 45.84 62.69 19.17
C CYS B 836 46.00 64.21 19.27
N PRO B 837 45.31 64.97 18.43
CA PRO B 837 45.37 66.44 18.53
C PRO B 837 44.71 66.94 19.81
N CYS B 838 45.18 68.08 20.29
CA CYS B 838 44.60 68.70 21.47
C CYS B 838 43.25 69.32 21.14
N VAL B 839 42.35 69.29 22.11
CA VAL B 839 40.99 69.79 21.95
C VAL B 839 40.79 70.97 22.89
N HIS B 840 40.24 72.06 22.37
CA HIS B 840 39.98 73.25 23.17
C HIS B 840 38.88 74.06 22.51
N ASN B 841 37.75 74.22 23.21
CA ASN B 841 36.64 75.05 22.76
C ASN B 841 36.13 74.61 21.38
N GLU B 842 35.75 73.34 21.29
CA GLU B 842 35.17 72.76 20.08
C GLU B 842 36.12 72.90 18.89
N ALA B 843 37.43 72.83 19.13
CA ALA B 843 38.42 72.94 18.07
C ALA B 843 39.53 71.93 18.34
N SER B 844 40.23 71.56 17.26
CA SER B 844 41.33 70.61 17.32
C SER B 844 42.60 71.30 16.88
N TYR B 845 43.67 71.14 17.66
CA TYR B 845 44.96 71.74 17.39
C TYR B 845 46.02 70.66 17.31
N ARG B 846 46.84 70.71 16.25
CA ARG B 846 47.92 69.75 16.11
C ARG B 846 49.04 70.04 17.10
N ALA B 847 49.96 69.08 17.22
CA ALA B 847 51.09 69.24 18.13
C ALA B 847 51.93 70.45 17.72
N GLY B 848 52.28 71.27 18.70
CA GLY B 848 53.05 72.47 18.47
C GLY B 848 52.25 73.72 18.21
N GLN B 849 50.94 73.62 18.03
CA GLN B 849 50.12 74.79 17.82
C GLN B 849 49.99 75.60 19.11
N THR B 850 49.72 76.89 18.96
CA THR B 850 49.71 77.84 20.06
C THR B 850 48.33 78.45 20.23
N ILE B 851 47.85 78.47 21.48
CA ILE B 851 46.63 79.17 21.84
C ILE B 851 46.97 80.13 22.97
N ARG B 852 46.11 81.14 23.13
CA ARG B 852 46.31 82.17 24.14
C ARG B 852 45.12 82.16 25.09
N VAL B 853 45.40 81.91 26.38
CA VAL B 853 44.41 81.98 27.43
C VAL B 853 44.84 83.06 28.42
N GLY B 854 43.94 83.99 28.72
CA GLY B 854 44.28 85.11 29.57
C GLY B 854 45.47 85.90 29.03
N CYS B 855 46.61 85.79 29.71
CA CYS B 855 47.86 86.35 29.23
C CYS B 855 48.89 85.30 28.86
N ASN B 856 48.66 84.04 29.21
CA ASN B 856 49.63 82.98 29.00
C ASN B 856 49.53 82.42 27.59
N THR B 857 50.47 81.55 27.25
CA THR B 857 50.51 80.85 25.97
C THR B 857 50.56 79.36 26.22
N CYS B 858 49.66 78.62 25.56
CA CYS B 858 49.57 77.18 25.72
C CYS B 858 49.93 76.50 24.40
N THR B 859 50.85 75.54 24.47
CA THR B 859 51.30 74.78 23.32
C THR B 859 50.83 73.34 23.45
N CYS B 860 50.28 72.80 22.36
CA CYS B 860 49.85 71.41 22.36
C CYS B 860 51.05 70.47 22.28
N ASP B 861 51.02 69.42 23.09
CA ASP B 861 52.10 68.44 23.13
C ASP B 861 51.56 67.14 23.70
N SER B 862 51.49 66.12 22.86
CA SER B 862 51.07 64.76 23.25
C SER B 862 49.78 64.79 24.08
N ARG B 863 48.74 65.37 23.48
CA ARG B 863 47.39 65.48 24.03
C ARG B 863 47.28 66.47 25.18
N MET B 864 48.39 67.05 25.63
CA MET B 864 48.38 67.95 26.77
C MET B 864 48.63 69.38 26.34
N TRP B 865 48.27 70.31 27.21
CA TRP B 865 48.54 71.73 27.00
C TRP B 865 49.62 72.19 27.96
N ARG B 866 50.70 72.74 27.42
CA ARG B 866 51.79 73.29 28.22
CA ARG B 866 51.80 73.29 28.21
C ARG B 866 51.62 74.80 28.26
N CYS B 867 51.34 75.33 29.45
CA CYS B 867 51.04 76.75 29.62
C CYS B 867 51.99 77.38 30.62
N THR B 868 52.40 78.61 30.35
CA THR B 868 53.16 79.38 31.32
C THR B 868 52.27 79.76 32.50
N ASP B 869 52.90 80.15 33.60
CA ASP B 869 52.20 80.46 34.83
C ASP B 869 52.39 81.92 35.23
N ASP B 870 52.27 82.83 34.27
CA ASP B 870 52.39 84.26 34.57
C ASP B 870 51.06 84.81 35.04
N PRO B 871 50.97 85.32 36.27
CA PRO B 871 49.73 85.98 36.71
C PRO B 871 49.52 87.28 35.97
N CYS B 872 48.26 87.67 35.82
CA CYS B 872 47.91 88.93 35.18
C CYS B 872 46.58 89.43 35.74
N LEU B 873 45.98 90.40 35.04
CA LEU B 873 44.90 91.19 35.59
C LEU B 873 43.60 90.39 35.69
N ALA B 874 42.65 90.96 36.43
CA ALA B 874 41.28 90.49 36.47
C ALA B 874 40.34 91.66 36.19
N THR B 875 39.22 91.36 35.54
CA THR B 875 38.30 92.39 35.06
C THR B 875 36.98 92.27 35.82
N CYS B 876 36.55 93.37 36.43
CA CYS B 876 35.22 93.50 37.01
C CYS B 876 34.37 94.32 36.05
N ALA B 877 33.23 93.77 35.64
CA ALA B 877 32.39 94.39 34.63
C ALA B 877 31.05 94.75 35.23
N VAL B 878 30.68 96.03 35.17
CA VAL B 878 29.37 96.51 35.62
C VAL B 878 28.68 97.17 34.44
N TYR B 879 27.46 96.73 34.15
CA TYR B 879 26.76 97.30 32.99
C TYR B 879 25.26 97.12 33.17
N GLY B 880 24.51 97.86 32.36
CA GLY B 880 23.08 97.74 32.28
C GLY B 880 22.39 98.15 33.57
N ASP B 881 21.24 97.52 33.84
CA ASP B 881 20.47 97.78 35.05
C ASP B 881 21.04 96.95 36.19
N GLY B 882 22.23 97.35 36.62
CA GLY B 882 22.88 96.73 37.75
C GLY B 882 23.30 95.28 37.56
N HIS B 883 23.91 94.99 36.42
CA HIS B 883 24.48 93.67 36.16
C HIS B 883 25.97 93.70 36.49
N TYR B 884 26.38 92.91 37.47
CA TYR B 884 27.74 92.92 37.98
C TYR B 884 28.41 91.57 37.75
N LEU B 885 29.70 91.61 37.39
CA LEU B 885 30.55 90.44 37.34
C LEU B 885 31.86 90.80 38.02
N THR B 886 32.17 90.08 39.10
CA THR B 886 33.28 90.45 39.97
C THR B 886 34.61 89.98 39.37
N PHE B 887 35.70 90.27 40.10
CA PHE B 887 37.02 89.84 39.66
C PHE B 887 37.12 88.32 39.61
N ASP B 888 36.53 87.64 40.59
CA ASP B 888 36.63 86.20 40.70
C ASP B 888 35.58 85.46 39.89
N GLY B 889 34.75 86.17 39.12
CA GLY B 889 33.78 85.55 38.26
C GLY B 889 32.38 85.40 38.82
N GLN B 890 32.08 86.05 39.94
CA GLN B 890 30.74 85.97 40.52
C GLN B 890 29.82 86.95 39.79
N SER B 891 28.81 86.43 39.13
CA SER B 891 27.85 87.23 38.39
C SER B 891 26.57 87.38 39.21
N TYR B 892 26.06 88.61 39.28
CA TYR B 892 24.85 88.86 40.03
C TYR B 892 24.18 90.13 39.51
N SER B 893 23.01 90.43 40.05
CA SER B 893 22.24 91.61 39.70
C SER B 893 21.85 92.33 40.97
N PHE B 894 22.18 93.62 41.05
CA PHE B 894 21.86 94.45 42.20
C PHE B 894 21.37 95.80 41.71
N ASN B 895 20.31 96.30 42.34
CA ASN B 895 19.69 97.57 41.98
CA ASN B 895 19.70 97.57 41.98
C ASN B 895 19.70 98.48 43.21
N GLY B 896 20.78 99.23 43.37
CA GLY B 896 20.94 100.16 44.49
C GLY B 896 20.90 101.60 44.00
N ASP B 897 20.18 102.44 44.73
CA ASP B 897 19.94 103.82 44.31
C ASP B 897 21.06 104.77 44.71
N CYS B 898 21.87 104.41 45.69
CA CYS B 898 22.86 105.32 46.25
C CYS B 898 24.20 105.19 45.52
N GLU B 899 25.24 105.80 46.07
CA GLU B 899 26.59 105.61 45.60
C GLU B 899 27.22 104.40 46.29
N TYR B 900 27.88 103.55 45.52
CA TYR B 900 28.40 102.29 46.02
C TYR B 900 29.88 102.16 45.70
N THR B 901 30.63 101.62 46.66
CA THR B 901 32.06 101.39 46.47
C THR B 901 32.26 100.21 45.53
N LEU B 902 32.61 100.50 44.27
CA LEU B 902 32.89 99.42 43.33
C LEU B 902 34.14 98.66 43.75
N VAL B 903 35.22 99.37 44.05
CA VAL B 903 36.46 98.71 44.48
C VAL B 903 37.26 99.69 45.33
N GLN B 904 38.01 99.16 46.28
CA GLN B 904 38.92 99.95 47.10
C GLN B 904 39.90 99.02 47.79
N ASN B 905 41.09 99.53 48.06
CA ASN B 905 42.08 98.80 48.83
C ASN B 905 42.09 99.31 50.26
N HIS B 906 43.01 98.76 51.06
CA HIS B 906 43.10 99.09 52.49
C HIS B 906 41.77 98.81 53.19
N CYS B 907 41.30 97.57 53.04
CA CYS B 907 40.06 97.12 53.67
C CYS B 907 40.30 96.46 55.02
N GLY B 908 41.15 95.44 55.05
CA GLY B 908 41.54 94.81 56.29
C GLY B 908 42.91 95.30 56.72
N GLY B 909 42.96 95.88 57.92
CA GLY B 909 44.16 96.50 58.43
C GLY B 909 44.33 97.95 58.04
N LYS B 910 43.86 98.32 56.85
CA LYS B 910 43.82 99.68 56.34
C LYS B 910 45.21 100.29 56.15
N ASP B 911 46.27 99.50 56.26
CA ASP B 911 47.62 99.99 56.03
C ASP B 911 48.27 99.34 54.81
N SER B 912 48.38 98.01 54.81
CA SER B 912 48.95 97.24 53.70
C SER B 912 50.17 97.89 53.09
N THR B 913 50.09 98.24 51.81
CA THR B 913 51.15 98.92 51.09
C THR B 913 50.50 99.76 50.00
N GLN B 914 51.31 100.22 49.04
CA GLN B 914 50.81 100.99 47.89
C GLN B 914 50.14 102.28 48.33
N ASP B 915 49.41 102.91 47.42
CA ASP B 915 48.63 104.10 47.71
C ASP B 915 47.15 103.78 47.62
N SER B 916 46.37 104.38 48.51
CA SER B 916 44.94 104.07 48.58
C SER B 916 44.22 104.56 47.33
N PHE B 917 43.40 103.69 46.76
CA PHE B 917 42.56 104.03 45.62
C PHE B 917 41.14 103.60 45.91
N ARG B 918 40.19 104.23 45.21
CA ARG B 918 38.78 103.96 45.47
C ARG B 918 37.98 104.32 44.23
N VAL B 919 37.42 103.31 43.56
CA VAL B 919 36.51 103.50 42.45
C VAL B 919 35.10 103.31 42.98
N VAL B 920 34.27 104.33 42.83
CA VAL B 920 32.92 104.37 43.38
C VAL B 920 31.95 104.65 42.25
N THR B 921 30.86 103.90 42.19
CA THR B 921 29.81 104.10 41.20
C THR B 921 28.69 104.93 41.79
N GLU B 922 28.13 105.82 40.97
CA GLU B 922 26.96 106.61 41.33
C GLU B 922 25.79 106.13 40.48
N ASN B 923 24.68 105.80 41.14
CA ASN B 923 23.56 105.15 40.48
C ASN B 923 22.34 106.06 40.48
N VAL B 924 21.40 105.75 39.59
CA VAL B 924 20.17 106.53 39.43
C VAL B 924 19.10 105.57 38.91
N PRO B 925 17.85 105.71 39.34
CA PRO B 925 16.80 104.84 38.79
C PRO B 925 16.69 104.97 37.28
N CYS B 926 16.56 103.83 36.61
CA CYS B 926 16.45 103.76 35.14
C CYS B 926 15.30 102.80 34.84
N GLY B 927 14.09 103.33 34.78
CA GLY B 927 12.89 102.54 34.60
C GLY B 927 11.91 102.78 35.73
N THR B 928 10.81 102.02 35.70
CA THR B 928 9.77 102.13 36.72
C THR B 928 9.57 100.85 37.52
N THR B 929 10.23 99.75 37.16
CA THR B 929 10.07 98.48 37.86
C THR B 929 10.98 98.35 39.08
N GLY B 930 11.76 99.37 39.39
CA GLY B 930 12.71 99.31 40.48
C GLY B 930 14.15 99.07 40.07
N THR B 931 14.43 99.01 38.77
CA THR B 931 15.79 98.85 38.30
C THR B 931 16.55 100.17 38.41
N THR B 932 17.87 100.07 38.39
CA THR B 932 18.74 101.22 38.61
C THR B 932 20.02 101.04 37.80
N CYS B 933 20.46 102.11 37.14
CA CYS B 933 21.66 102.04 36.32
C CYS B 933 22.59 103.19 36.66
N SER B 934 23.85 103.02 36.30
CA SER B 934 24.89 103.98 36.68
C SER B 934 24.79 105.26 35.86
N LYS B 935 25.13 106.37 36.50
CA LYS B 935 25.18 107.68 35.88
C LYS B 935 26.58 108.27 35.85
N ALA B 936 27.34 108.15 36.93
CA ALA B 936 28.68 108.69 37.02
C ALA B 936 29.61 107.71 37.72
N ILE B 937 30.89 107.77 37.38
CA ILE B 937 31.91 106.93 37.98
C ILE B 937 32.98 107.83 38.57
N LYS B 938 33.25 107.67 39.86
CA LYS B 938 34.23 108.49 40.56
C LYS B 938 35.41 107.63 40.98
N ILE B 939 36.61 108.04 40.57
CA ILE B 939 37.84 107.34 40.87
C ILE B 939 38.68 108.26 41.76
N PHE B 940 38.92 107.83 42.99
CA PHE B 940 39.72 108.59 43.94
C PHE B 940 41.07 107.90 44.08
N LEU B 941 42.11 108.49 43.48
CA LEU B 941 43.45 107.92 43.50
C LEU B 941 44.40 108.97 44.06
N GLY B 942 45.14 108.59 45.11
CA GLY B 942 46.01 109.56 45.76
C GLY B 942 45.22 110.73 46.29
N GLY B 943 45.68 111.94 45.97
CA GLY B 943 44.96 113.14 46.34
C GLY B 943 44.15 113.70 45.18
N PHE B 944 43.90 112.86 44.18
CA PHE B 944 43.24 113.29 42.95
C PHE B 944 41.93 112.53 42.77
N GLU B 945 40.96 113.20 42.15
CA GLU B 945 39.66 112.62 41.87
C GLU B 945 39.31 112.81 40.42
N LEU B 946 38.87 111.74 39.77
CA LEU B 946 38.33 111.78 38.42
C LEU B 946 36.84 111.48 38.47
N LYS B 947 36.05 112.29 37.77
CA LYS B 947 34.61 112.07 37.68
C LYS B 947 34.24 111.90 36.22
N LEU B 948 33.90 110.67 35.83
CA LEU B 948 33.39 110.38 34.50
C LEU B 948 31.88 110.47 34.55
N SER B 949 31.32 111.54 33.99
CA SER B 949 29.89 111.78 34.05
C SER B 949 29.40 112.31 32.72
N HIS B 950 28.15 112.02 32.39
CA HIS B 950 27.57 112.33 31.09
C HIS B 950 28.41 111.69 29.99
N GLY B 951 29.34 112.44 29.42
CA GLY B 951 30.28 111.92 28.45
C GLY B 951 31.64 112.54 28.62
N LYS B 952 31.81 113.29 29.70
CA LYS B 952 33.00 114.07 29.98
C LYS B 952 33.69 113.57 31.24
N VAL B 953 34.91 114.08 31.45
CA VAL B 953 35.75 113.78 32.60
C VAL B 953 36.07 115.08 33.30
N GLU B 954 35.93 115.09 34.63
CA GLU B 954 36.33 116.23 35.45
C GLU B 954 37.46 115.80 36.37
N VAL B 955 38.54 116.58 36.39
CA VAL B 955 39.66 116.34 37.29
C VAL B 955 39.44 117.27 38.49
N ILE B 956 38.77 116.74 39.51
CA ILE B 956 38.47 117.54 40.69
C ILE B 956 39.76 117.93 41.39
N GLY B 957 40.71 117.00 41.48
CA GLY B 957 42.04 117.32 41.96
C GLY B 957 42.08 117.74 43.43
N THR B 958 43.09 118.55 43.73
CA THR B 958 43.29 119.05 45.09
C THR B 958 43.78 120.49 45.06
N GLN B 962 51.45 116.85 43.83
CA GLN B 962 52.31 116.14 42.90
C GLN B 962 51.76 116.23 41.48
N GLU B 963 52.16 115.27 40.64
CA GLU B 963 51.68 115.19 39.27
C GLU B 963 50.43 114.31 39.20
N VAL B 964 49.65 114.50 38.14
CA VAL B 964 48.43 113.74 37.95
C VAL B 964 48.79 112.33 37.51
N PRO B 965 48.45 111.30 38.30
CA PRO B 965 48.71 109.90 37.92
C PRO B 965 47.59 109.30 37.09
N TYR B 966 47.16 110.01 36.05
CA TYR B 966 46.10 109.56 35.17
C TYR B 966 46.53 109.69 33.72
N THR B 967 46.03 108.78 32.89
CA THR B 967 46.16 108.90 31.44
C THR B 967 44.80 108.58 30.85
N ILE B 968 44.14 109.60 30.29
CA ILE B 968 42.83 109.46 29.68
C ILE B 968 43.02 109.33 28.18
N ARG B 969 42.51 108.25 27.59
CA ARG B 969 42.70 107.97 26.18
C ARG B 969 41.38 107.49 25.59
N GLN B 970 40.90 108.16 24.55
CA GLN B 970 39.67 107.77 23.88
C GLN B 970 40.01 106.81 22.74
N MET B 971 39.68 105.53 22.92
CA MET B 971 39.88 104.52 21.88
C MET B 971 38.56 103.83 21.62
N GLY B 972 38.13 103.84 20.35
CA GLY B 972 36.86 103.29 19.97
C GLY B 972 35.72 103.99 20.68
N ILE B 973 34.71 103.21 21.06
CA ILE B 973 33.62 103.71 21.88
C ILE B 973 34.00 103.82 23.35
N TYR B 974 35.24 103.49 23.70
CA TYR B 974 35.66 103.41 25.09
C TYR B 974 36.57 104.57 25.47
N LEU B 975 36.44 104.99 26.72
CA LEU B 975 37.34 105.95 27.35
C LEU B 975 38.15 105.17 28.37
N VAL B 976 39.47 105.19 28.23
CA VAL B 976 40.37 104.38 29.03
C VAL B 976 41.13 105.29 29.98
N VAL B 977 40.96 105.06 31.27
CA VAL B 977 41.73 105.75 32.30
C VAL B 977 42.77 104.77 32.81
N ASP B 978 44.05 105.10 32.60
CA ASP B 978 45.17 104.27 33.02
C ASP B 978 45.88 104.94 34.18
N THR B 979 46.17 104.17 35.22
CA THR B 979 46.94 104.65 36.36
C THR B 979 48.27 103.92 36.44
N ASP B 980 49.23 104.54 37.12
CA ASP B 980 50.55 103.97 37.27
C ASP B 980 50.64 102.94 38.38
N ILE B 981 49.56 102.73 39.14
CA ILE B 981 49.56 101.72 40.20
C ILE B 981 49.10 100.36 39.70
N GLY B 982 48.70 100.25 38.45
CA GLY B 982 48.18 99.01 37.90
C GLY B 982 46.68 98.93 37.82
N LEU B 983 45.99 100.04 37.57
CA LEU B 983 44.54 100.08 37.51
C LEU B 983 44.11 100.68 36.18
N VAL B 984 43.28 99.95 35.43
CA VAL B 984 42.77 100.41 34.15
C VAL B 984 41.25 100.43 34.21
N LEU B 985 40.65 101.45 33.62
CA LEU B 985 39.20 101.57 33.59
C LEU B 985 38.75 101.82 32.16
N LEU B 986 37.88 100.96 31.64
CA LEU B 986 37.21 101.18 30.37
C LEU B 986 35.79 101.66 30.65
N TRP B 987 35.40 102.77 30.03
CA TRP B 987 34.08 103.35 30.23
C TRP B 987 33.43 103.56 28.88
N ASP B 988 32.29 102.90 28.65
CA ASP B 988 31.56 103.12 27.41
C ASP B 988 30.80 104.43 27.38
N LYS B 989 30.99 105.28 28.40
CA LYS B 989 30.48 106.63 28.51
C LYS B 989 28.97 106.70 28.76
N LYS B 990 28.26 105.57 28.79
CA LYS B 990 26.85 105.62 29.14
C LYS B 990 26.54 104.89 30.44
N THR B 991 26.79 103.58 30.51
CA THR B 991 26.48 102.83 31.73
C THR B 991 27.49 101.73 32.06
N SER B 992 28.49 101.48 31.21
CA SER B 992 29.34 100.31 31.34
C SER B 992 30.72 100.70 31.85
N ILE B 993 31.19 99.98 32.86
CA ILE B 993 32.54 100.14 33.39
C ILE B 993 33.21 98.77 33.45
N PHE B 994 34.49 98.74 33.07
CA PHE B 994 35.31 97.54 33.11
C PHE B 994 36.60 97.89 33.83
N ILE B 995 36.77 97.39 35.04
CA ILE B 995 37.92 97.70 35.88
C ILE B 995 38.89 96.55 35.81
N ASN B 996 40.08 96.81 35.27
CA ASN B 996 41.15 95.82 35.17
C ASN B 996 42.15 96.08 36.28
N LEU B 997 42.37 95.07 37.12
CA LEU B 997 43.24 95.15 38.29
C LEU B 997 44.40 94.19 38.13
N SER B 998 45.61 94.67 38.40
CA SER B 998 46.80 93.86 38.29
C SER B 998 46.81 92.77 39.36
N PRO B 999 47.52 91.67 39.12
CA PRO B 999 47.56 90.57 40.12
C PRO B 999 48.22 90.96 41.43
N GLU B 1000 48.91 92.10 41.49
CA GLU B 1000 49.53 92.55 42.73
C GLU B 1000 48.51 92.97 43.78
N PHE B 1001 47.23 93.09 43.41
CA PHE B 1001 46.18 93.50 44.33
C PHE B 1001 45.30 92.34 44.77
N LYS B 1002 45.77 91.11 44.61
CA LYS B 1002 44.97 89.95 44.98
C LYS B 1002 44.81 89.87 46.48
N GLY B 1003 43.56 89.75 46.94
CA GLY B 1003 43.27 89.66 48.35
C GLY B 1003 43.38 90.95 49.11
N ARG B 1004 43.57 92.08 48.42
CA ARG B 1004 43.75 93.37 49.08
C ARG B 1004 42.69 94.39 48.66
N VAL B 1005 41.56 93.94 48.13
CA VAL B 1005 40.51 94.82 47.66
C VAL B 1005 39.17 94.36 48.22
N CYS B 1006 38.18 95.25 48.17
CA CYS B 1006 36.83 94.95 48.63
C CYS B 1006 35.87 95.91 47.96
N GLY B 1007 34.58 95.57 48.04
CA GLY B 1007 33.53 96.36 47.45
C GLY B 1007 32.56 95.47 46.72
N LEU B 1008 31.80 96.07 45.80
CA LEU B 1008 30.86 95.33 44.98
C LEU B 1008 31.53 94.47 43.92
N CYS B 1009 32.83 94.62 43.72
CA CYS B 1009 33.58 93.85 42.73
C CYS B 1009 34.28 92.65 43.35
N GLY B 1010 33.98 92.31 44.59
CA GLY B 1010 34.64 91.20 45.24
C GLY B 1010 35.97 91.58 45.85
N ASN B 1011 36.70 90.55 46.25
CA ASN B 1011 37.98 90.73 46.94
C ASN B 1011 39.17 90.17 46.19
N PHE B 1012 38.97 89.58 45.00
CA PHE B 1012 40.05 89.15 44.12
C PHE B 1012 40.97 88.14 44.82
N ASP B 1013 40.40 86.96 45.12
CA ASP B 1013 41.18 85.86 45.69
C ASP B 1013 40.84 84.54 45.01
N ASP B 1014 40.36 84.61 43.76
CA ASP B 1014 40.04 83.47 42.90
C ASP B 1014 38.83 82.68 43.38
N ILE B 1015 38.21 83.06 44.49
CA ILE B 1015 37.03 82.38 45.03
C ILE B 1015 35.82 83.28 44.81
N ALA B 1016 34.76 82.74 44.21
CA ALA B 1016 33.60 83.54 43.85
C ALA B 1016 32.50 83.52 44.89
N VAL B 1017 32.40 82.46 45.69
CA VAL B 1017 31.30 82.34 46.64
C VAL B 1017 31.45 83.38 47.75
N ASN B 1018 32.69 83.65 48.17
CA ASN B 1018 32.92 84.61 49.25
C ASN B 1018 32.97 86.06 48.76
N ASP B 1019 32.71 86.30 47.48
CA ASP B 1019 32.67 87.68 46.99
C ASP B 1019 31.49 88.46 47.53
N PHE B 1020 30.47 87.78 48.05
CA PHE B 1020 29.34 88.47 48.66
C PHE B 1020 29.65 88.82 50.11
N ALA B 1021 30.77 89.52 50.33
CA ALA B 1021 31.20 89.91 51.67
C ALA B 1021 30.74 91.33 51.92
N THR B 1022 29.93 91.52 52.96
CA THR B 1022 29.40 92.83 53.28
C THR B 1022 30.51 93.73 53.82
N ARG B 1023 30.14 94.99 54.08
CA ARG B 1023 31.09 95.94 54.67
C ARG B 1023 31.45 95.54 56.11
N SER B 1024 30.63 94.72 56.75
CA SER B 1024 30.93 94.18 58.07
C SER B 1024 31.85 92.97 58.01
N ARG B 1025 32.37 92.65 56.82
CA ARG B 1025 33.34 91.57 56.64
C ARG B 1025 32.74 90.20 56.96
N SER B 1026 31.50 89.99 56.52
CA SER B 1026 30.83 88.70 56.66
C SER B 1026 30.16 88.34 55.34
N VAL B 1027 30.42 87.13 54.86
CA VAL B 1027 29.83 86.65 53.62
C VAL B 1027 28.38 86.27 53.87
N VAL B 1028 27.47 86.85 53.08
CA VAL B 1028 26.04 86.60 53.22
C VAL B 1028 25.53 85.97 51.92
N GLY B 1029 24.32 85.42 51.99
CA GLY B 1029 23.70 84.80 50.84
C GLY B 1029 22.76 85.73 50.12
N ASP B 1030 22.22 86.71 50.84
CA ASP B 1030 21.30 87.68 50.24
C ASP B 1030 22.09 88.71 49.44
N VAL B 1031 21.77 88.83 48.15
CA VAL B 1031 22.44 89.82 47.32
C VAL B 1031 22.05 91.23 47.75
N LEU B 1032 20.79 91.41 48.17
CA LEU B 1032 20.34 92.73 48.57
C LEU B 1032 21.10 93.26 49.78
N GLU B 1033 21.31 92.41 50.79
CA GLU B 1033 22.05 92.84 51.97
C GLU B 1033 23.50 93.18 51.62
N PHE B 1034 24.15 92.34 50.82
CA PHE B 1034 25.54 92.58 50.44
C PHE B 1034 25.67 93.87 49.65
N GLY B 1035 24.74 94.13 48.73
CA GLY B 1035 24.77 95.37 47.98
C GLY B 1035 24.51 96.59 48.84
N ASN B 1036 23.50 96.50 49.72
CA ASN B 1036 23.14 97.64 50.55
C ASN B 1036 24.19 97.96 51.58
N SER B 1037 24.99 96.98 51.99
CA SER B 1037 26.05 97.23 52.95
C SER B 1037 27.18 98.09 52.40
N TRP B 1038 27.27 98.23 51.08
CA TRP B 1038 28.38 98.95 50.44
C TRP B 1038 28.00 100.34 49.97
N LYS B 1039 26.84 100.86 50.37
CA LYS B 1039 26.49 102.24 50.04
C LYS B 1039 27.40 103.20 50.80
N LEU B 1040 27.73 104.31 50.15
CA LEU B 1040 28.63 105.30 50.76
C LEU B 1040 27.98 105.96 51.96
N SER B 1041 26.76 106.46 51.80
CA SER B 1041 26.09 107.20 52.86
C SER B 1041 25.20 106.26 53.67
N PRO B 1042 25.44 106.09 54.97
CA PRO B 1042 24.57 105.22 55.77
C PRO B 1042 23.14 105.70 55.85
N SER B 1043 22.88 107.00 55.64
CA SER B 1043 21.54 107.54 55.73
C SER B 1043 20.72 107.31 54.47
N CYS B 1044 21.33 106.82 53.39
CA CYS B 1044 20.59 106.55 52.17
C CYS B 1044 19.66 105.36 52.37
N PRO B 1045 18.43 105.42 51.88
CA PRO B 1045 17.50 104.30 52.05
C PRO B 1045 18.02 103.02 51.41
N ASP B 1046 17.76 101.90 52.07
CA ASP B 1046 18.18 100.61 51.54
C ASP B 1046 17.34 100.20 50.35
N ALA B 1047 17.97 99.51 49.41
CA ALA B 1047 17.29 99.06 48.21
C ALA B 1047 16.42 97.84 48.51
N LEU B 1048 15.36 97.69 47.72
CA LEU B 1048 14.44 96.57 47.83
C LEU B 1048 14.49 95.73 46.56
N ALA B 1049 13.94 94.53 46.64
CA ALA B 1049 13.92 93.63 45.50
C ALA B 1049 12.99 94.16 44.43
N PRO B 1050 13.45 94.37 43.20
CA PRO B 1050 12.60 94.93 42.16
C PRO B 1050 11.62 93.90 41.61
N LYS B 1051 10.59 94.41 40.94
CA LYS B 1051 9.63 93.54 40.28
C LYS B 1051 10.28 92.91 39.04
N ASP B 1052 9.70 91.80 38.61
CA ASP B 1052 10.16 91.15 37.38
C ASP B 1052 9.80 92.06 36.20
N PRO B 1053 10.78 92.51 35.42
CA PRO B 1053 10.46 93.48 34.35
C PRO B 1053 9.52 92.93 33.29
N CYS B 1054 9.79 91.73 32.77
CA CYS B 1054 8.95 91.17 31.72
C CYS B 1054 7.58 90.73 32.25
N THR B 1055 7.43 90.60 33.56
CA THR B 1055 6.13 90.33 34.17
C THR B 1055 5.36 91.61 34.44
N ALA B 1056 6.05 92.66 34.92
CA ALA B 1056 5.40 93.94 35.15
C ALA B 1056 5.12 94.67 33.85
N ASN B 1057 5.87 94.36 32.79
CA ASN B 1057 5.70 94.99 31.48
C ASN B 1057 5.62 93.90 30.42
N PRO B 1058 4.53 93.13 30.39
CA PRO B 1058 4.42 92.05 29.39
C PRO B 1058 4.33 92.56 27.97
N PHE B 1059 3.74 93.73 27.73
CA PHE B 1059 3.54 94.23 26.38
C PHE B 1059 4.85 94.50 25.66
N ARG B 1060 5.96 94.60 26.40
CA ARG B 1060 7.27 94.77 25.80
C ARG B 1060 8.01 93.45 25.60
N LYS B 1061 7.61 92.40 26.33
CA LYS B 1061 8.40 91.18 26.39
C LYS B 1061 8.75 90.65 25.02
N SER B 1062 7.75 90.51 24.15
CA SER B 1062 7.98 89.99 22.81
C SER B 1062 9.09 90.77 22.11
N TRP B 1063 8.97 92.11 22.11
CA TRP B 1063 9.99 92.93 21.48
C TRP B 1063 11.37 92.59 22.02
N ALA B 1064 11.48 92.51 23.35
CA ALA B 1064 12.75 92.12 23.96
C ALA B 1064 13.24 90.80 23.39
N GLN B 1065 12.38 89.78 23.41
CA GLN B 1065 12.79 88.47 22.92
C GLN B 1065 13.09 88.52 21.43
N LYS B 1066 12.48 89.45 20.70
CA LYS B 1066 12.78 89.57 19.28
C LYS B 1066 14.07 90.35 19.05
N GLN B 1067 14.46 91.21 19.99
CA GLN B 1067 15.65 92.03 19.79
C GLN B 1067 16.91 91.35 20.30
N CYS B 1068 16.85 90.68 21.44
CA CYS B 1068 18.02 90.05 22.02
C CYS B 1068 18.36 88.72 21.38
N SER B 1069 17.48 88.20 20.51
CA SER B 1069 17.77 86.96 19.80
C SER B 1069 18.97 87.10 18.87
N ILE B 1070 19.50 88.31 18.69
CA ILE B 1070 20.76 88.48 17.98
C ILE B 1070 21.88 87.74 18.69
N LEU B 1071 21.79 87.61 20.01
CA LEU B 1071 22.83 86.92 20.78
C LEU B 1071 22.78 85.41 20.58
N HIS B 1072 21.73 84.88 19.96
CA HIS B 1072 21.61 83.46 19.68
C HIS B 1072 21.66 83.12 18.20
N GLY B 1073 21.65 84.11 17.32
CA GLY B 1073 21.62 83.88 15.90
C GLY B 1073 22.99 83.71 15.30
N PRO B 1074 23.08 83.76 13.96
CA PRO B 1074 24.37 83.59 13.28
C PRO B 1074 25.32 84.76 13.45
N THR B 1075 24.87 85.89 14.01
CA THR B 1075 25.75 87.04 14.17
C THR B 1075 26.89 86.73 15.12
N PHE B 1076 26.60 86.06 16.24
CA PHE B 1076 27.59 85.71 17.24
C PHE B 1076 27.91 84.21 17.26
N ALA B 1077 27.60 83.51 16.17
CA ALA B 1077 27.75 82.05 16.16
C ALA B 1077 29.19 81.64 16.39
N ALA B 1078 30.15 82.40 15.86
CA ALA B 1078 31.55 82.06 16.06
C ALA B 1078 31.99 82.25 17.50
N CYS B 1079 31.28 83.06 18.28
CA CYS B 1079 31.67 83.35 19.65
C CYS B 1079 31.01 82.41 20.67
N HIS B 1080 30.00 81.63 20.27
CA HIS B 1080 29.27 80.81 21.22
C HIS B 1080 30.17 79.75 21.85
N ALA B 1081 31.24 79.35 21.16
CA ALA B 1081 32.17 78.38 21.70
C ALA B 1081 33.19 78.99 22.66
N HIS B 1082 33.29 80.31 22.72
CA HIS B 1082 34.28 80.98 23.56
C HIS B 1082 33.69 81.82 24.68
N VAL B 1083 32.47 82.33 24.52
CA VAL B 1083 31.78 83.05 25.59
C VAL B 1083 30.35 82.54 25.65
N GLU B 1084 29.93 82.12 26.84
CA GLU B 1084 28.56 81.64 27.02
C GLU B 1084 27.60 82.81 27.02
N PRO B 1085 26.61 82.84 26.12
CA PRO B 1085 25.70 84.00 26.02
C PRO B 1085 24.45 83.93 26.89
N ALA B 1086 24.35 82.95 27.81
CA ALA B 1086 23.12 82.79 28.57
C ALA B 1086 22.85 83.99 29.45
N ARG B 1087 23.83 84.39 30.28
CA ARG B 1087 23.61 85.51 31.18
CA ARG B 1087 23.61 85.51 31.18
C ARG B 1087 23.50 86.82 30.42
N TYR B 1088 24.22 86.96 29.32
CA TYR B 1088 24.11 88.18 28.51
C TYR B 1088 22.73 88.29 27.88
N TYR B 1089 22.19 87.16 27.38
CA TYR B 1089 20.85 87.17 26.83
C TYR B 1089 19.81 87.49 27.90
N GLU B 1090 19.97 86.90 29.10
CA GLU B 1090 19.04 87.18 30.18
C GLU B 1090 19.07 88.66 30.57
N ALA B 1091 20.28 89.23 30.69
CA ALA B 1091 20.40 90.64 31.02
C ALA B 1091 19.80 91.51 29.92
N CYS B 1092 20.02 91.15 28.66
CA CYS B 1092 19.46 91.91 27.55
C CYS B 1092 17.94 91.92 27.61
N VAL B 1093 17.33 90.74 27.79
CA VAL B 1093 15.88 90.66 27.84
C VAL B 1093 15.33 91.44 29.03
N ASN B 1094 15.96 91.29 30.20
CA ASN B 1094 15.49 91.99 31.39
C ASN B 1094 15.60 93.50 31.23
N ASP B 1095 16.72 93.98 30.69
CA ASP B 1095 16.90 95.41 30.49
C ASP B 1095 15.91 95.96 29.48
N ALA B 1096 15.68 95.23 28.38
CA ALA B 1096 14.71 95.68 27.38
C ALA B 1096 13.31 95.72 27.96
N CYS B 1097 12.97 94.76 28.82
CA CYS B 1097 11.68 94.79 29.48
C CYS B 1097 11.58 95.96 30.46
N ALA B 1098 12.67 96.28 31.15
CA ALA B 1098 12.67 97.31 32.17
C ALA B 1098 13.03 98.70 31.65
N CYS B 1099 13.44 98.82 30.38
CA CYS B 1099 13.79 100.12 29.82
C CYS B 1099 12.54 100.82 29.32
N ASP B 1100 11.56 100.99 30.21
CA ASP B 1100 10.23 101.48 29.83
C ASP B 1100 10.03 102.97 30.06
N SER B 1101 11.06 103.69 30.51
CA SER B 1101 10.94 105.12 30.77
C SER B 1101 11.61 105.97 29.69
N GLY B 1102 12.05 105.36 28.59
CA GLY B 1102 12.69 106.10 27.53
C GLY B 1102 14.10 105.66 27.25
N GLY B 1103 14.37 105.24 26.00
CA GLY B 1103 15.71 104.86 25.62
C GLY B 1103 15.93 103.36 25.54
N ASP B 1104 14.98 102.63 24.93
CA ASP B 1104 15.13 101.19 24.77
C ASP B 1104 16.36 100.83 23.97
N CYS B 1105 16.67 101.60 22.94
CA CYS B 1105 17.80 101.26 22.08
C CYS B 1105 19.13 101.36 22.82
N GLU B 1106 19.25 102.33 23.73
CA GLU B 1106 20.47 102.42 24.53
C GLU B 1106 20.63 101.19 25.43
N CYS B 1107 19.54 100.76 26.07
CA CYS B 1107 19.58 99.56 26.90
C CYS B 1107 19.99 98.35 26.08
N PHE B 1108 19.36 98.17 24.92
CA PHE B 1108 19.66 97.02 24.07
C PHE B 1108 21.10 97.06 23.57
N CYS B 1109 21.57 98.24 23.16
CA CYS B 1109 22.93 98.37 22.63
C CYS B 1109 23.96 98.10 23.72
N THR B 1110 23.73 98.60 24.93
CA THR B 1110 24.66 98.30 26.03
C THR B 1110 24.68 96.81 26.33
N ALA B 1111 23.51 96.18 26.37
CA ALA B 1111 23.45 94.76 26.68
C ALA B 1111 24.17 93.93 25.63
N VAL B 1112 23.99 94.26 24.34
CA VAL B 1112 24.67 93.52 23.29
C VAL B 1112 26.16 93.83 23.27
N ALA B 1113 26.53 95.08 23.56
CA ALA B 1113 27.93 95.47 23.54
C ALA B 1113 28.71 94.82 24.68
N ALA B 1114 28.05 94.48 25.78
CA ALA B 1114 28.72 93.72 26.83
C ALA B 1114 29.21 92.38 26.28
N TYR B 1115 28.32 91.63 25.60
CA TYR B 1115 28.72 90.36 25.01
C TYR B 1115 29.73 90.57 23.88
N ALA B 1116 29.58 91.66 23.12
CA ALA B 1116 30.54 91.95 22.06
C ALA B 1116 31.94 92.18 22.61
N GLN B 1117 32.04 92.92 23.71
CA GLN B 1117 33.33 93.14 24.35
C GLN B 1117 33.88 91.85 24.93
N ALA B 1118 33.02 91.02 25.50
CA ALA B 1118 33.46 89.71 25.99
C ALA B 1118 34.04 88.86 24.85
N CYS B 1119 33.39 88.88 23.69
CA CYS B 1119 33.91 88.18 22.52
C CYS B 1119 35.22 88.77 22.04
N HIS B 1120 35.32 90.11 22.02
CA HIS B 1120 36.52 90.76 21.53
C HIS B 1120 37.72 90.51 22.44
N GLU B 1121 37.48 90.37 23.74
CA GLU B 1121 38.60 90.19 24.68
C GLU B 1121 39.36 88.90 24.41
N VAL B 1122 38.69 87.87 23.90
CA VAL B 1122 39.32 86.58 23.65
C VAL B 1122 39.75 86.43 22.19
N GLY B 1123 39.87 87.54 21.46
CA GLY B 1123 40.43 87.51 20.13
C GLY B 1123 39.47 87.23 18.99
N LEU B 1124 38.18 87.45 19.19
CA LEU B 1124 37.18 87.25 18.14
C LEU B 1124 36.71 88.61 17.65
N CYS B 1125 37.05 88.93 16.40
CA CYS B 1125 36.65 90.21 15.79
C CYS B 1125 35.33 90.00 15.05
N VAL B 1126 34.25 90.03 15.83
CA VAL B 1126 32.90 89.83 15.30
C VAL B 1126 32.28 91.20 15.04
N SER B 1127 31.75 91.39 13.84
CA SER B 1127 31.07 92.62 13.46
C SER B 1127 29.56 92.42 13.60
N TRP B 1128 28.93 93.26 14.42
CA TRP B 1128 27.50 93.13 14.70
C TRP B 1128 26.70 94.39 14.48
N ARG B 1129 27.33 95.56 14.40
CA ARG B 1129 26.61 96.82 14.25
C ARG B 1129 26.26 97.03 12.77
N THR B 1130 24.98 97.01 12.47
CA THR B 1130 24.42 97.36 11.17
C THR B 1130 23.74 98.72 11.26
N PRO B 1131 23.40 99.33 10.13
CA PRO B 1131 22.68 100.62 10.19
C PRO B 1131 21.37 100.54 10.94
N SER B 1132 20.80 99.35 11.12
CA SER B 1132 19.59 99.19 11.91
C SER B 1132 19.85 98.72 13.33
N ILE B 1133 21.01 98.14 13.60
CA ILE B 1133 21.34 97.59 14.91
C ILE B 1133 22.52 98.38 15.45
N CYS B 1134 22.25 99.31 16.36
CA CYS B 1134 23.27 100.09 17.06
C CYS B 1134 24.30 100.70 16.10
N PRO B 1135 23.89 101.62 15.23
CA PRO B 1135 24.84 102.25 14.31
C PRO B 1135 25.79 103.17 15.03
N LEU B 1136 26.98 103.33 14.45
CA LEU B 1136 27.99 104.27 14.93
C LEU B 1136 28.27 105.30 13.84
N PHE B 1137 28.28 106.57 14.22
CA PHE B 1137 28.46 107.66 13.26
C PHE B 1137 29.95 108.01 13.17
N CYS B 1138 30.69 107.13 12.49
CA CYS B 1138 32.11 107.36 12.28
C CYS B 1138 32.36 108.58 11.41
N ASP B 1139 31.54 108.76 10.37
CA ASP B 1139 31.71 109.87 9.45
C ASP B 1139 31.53 111.23 10.14
N TYR B 1140 30.92 111.24 11.31
CA TYR B 1140 30.82 112.48 12.08
C TYR B 1140 32.20 113.04 12.42
N TYR B 1141 33.20 112.18 12.55
CA TYR B 1141 34.54 112.61 12.90
C TYR B 1141 35.41 112.96 11.71
N ASN B 1142 34.91 112.77 10.50
CA ASN B 1142 35.69 113.12 9.32
C ASN B 1142 35.72 114.64 9.13
N PRO B 1143 36.90 115.24 9.02
CA PRO B 1143 36.97 116.67 8.70
C PRO B 1143 36.46 116.96 7.30
N GLU B 1144 36.35 118.24 6.99
CA GLU B 1144 35.84 118.66 5.69
C GLU B 1144 36.74 118.14 4.58
N GLY B 1145 36.14 117.39 3.64
CA GLY B 1145 36.90 116.82 2.56
C GLY B 1145 37.89 115.76 2.97
N GLN B 1146 37.55 114.93 3.96
CA GLN B 1146 38.41 113.87 4.42
C GLN B 1146 37.60 112.61 4.67
N CYS B 1147 38.28 111.46 4.62
CA CYS B 1147 37.65 110.17 4.91
C CYS B 1147 38.73 109.28 5.52
N GLU B 1148 38.78 109.25 6.84
CA GLU B 1148 39.80 108.47 7.55
C GLU B 1148 39.21 107.55 8.60
N TRP B 1149 38.14 107.95 9.27
CA TRP B 1149 37.62 107.20 10.41
C TRP B 1149 36.82 106.00 9.93
N HIS B 1150 37.16 104.82 10.46
CA HIS B 1150 36.51 103.58 10.09
C HIS B 1150 36.19 102.78 11.34
N TYR B 1151 35.13 101.99 11.28
CA TYR B 1151 34.75 101.15 12.41
C TYR B 1151 35.66 99.94 12.50
N GLN B 1152 36.17 99.68 13.70
CA GLN B 1152 37.02 98.53 13.96
C GLN B 1152 36.40 97.70 15.08
N PRO B 1153 36.13 96.41 14.85
CA PRO B 1153 35.54 95.56 15.92
C PRO B 1153 36.53 95.26 17.03
N CYS B 1154 37.76 94.88 16.67
CA CYS B 1154 38.80 94.65 17.65
C CYS B 1154 39.66 95.87 17.90
N GLY B 1155 39.38 96.97 17.19
CA GLY B 1155 40.15 98.19 17.37
C GLY B 1155 41.53 98.10 16.76
N VAL B 1156 42.29 99.16 16.98
CA VAL B 1156 43.68 99.23 16.59
C VAL B 1156 44.53 99.32 17.86
N PRO B 1157 45.13 98.21 18.28
CA PRO B 1157 45.89 98.25 19.55
C PRO B 1157 47.05 99.23 19.52
N CYS B 1158 47.91 99.14 18.51
CA CYS B 1158 49.02 100.07 18.33
C CYS B 1158 48.83 100.87 17.04
N LEU B 1159 48.22 102.04 17.20
CA LEU B 1159 48.04 103.04 16.15
C LEU B 1159 48.96 104.21 16.44
N ARG B 1160 49.63 104.70 15.40
CA ARG B 1160 50.60 105.77 15.59
C ARG B 1160 49.91 107.07 15.98
N THR B 1161 50.44 107.73 17.01
CA THR B 1161 49.88 108.99 17.50
C THR B 1161 51.01 109.80 18.14
N CYS B 1162 50.66 110.99 18.61
CA CYS B 1162 51.66 111.88 19.21
C CYS B 1162 52.24 111.27 20.49
N ARG B 1163 51.39 110.73 21.36
CA ARG B 1163 51.89 110.12 22.59
C ARG B 1163 52.55 108.77 22.33
N ASN B 1164 52.35 108.17 21.16
CA ASN B 1164 52.95 106.90 20.80
C ASN B 1164 53.54 107.01 19.40
N PRO B 1165 54.59 107.82 19.24
CA PRO B 1165 55.15 108.05 17.89
C PRO B 1165 55.69 106.79 17.24
N ARG B 1166 56.26 105.87 18.02
CA ARG B 1166 56.84 104.66 17.46
C ARG B 1166 55.80 103.61 17.11
N GLY B 1167 54.54 103.82 17.47
CA GLY B 1167 53.50 102.85 17.19
C GLY B 1167 53.62 101.61 18.04
N ASP B 1168 53.53 101.79 19.35
CA ASP B 1168 53.65 100.69 20.31
C ASP B 1168 52.27 100.34 20.88
N CYS B 1169 52.09 99.08 21.23
CA CYS B 1169 50.87 98.60 21.86
C CYS B 1169 51.19 97.65 23.01
N LEU B 1170 50.79 98.05 24.21
CA LEU B 1170 51.11 97.42 25.48
C LEU B 1170 50.17 96.28 25.84
N ARG B 1171 49.22 95.94 24.97
CA ARG B 1171 48.20 94.92 25.25
C ARG B 1171 47.40 95.42 26.45
N ASP B 1172 46.91 94.49 27.28
CA ASP B 1172 46.26 94.78 28.55
C ASP B 1172 44.86 95.36 28.33
N VAL B 1173 44.54 95.67 27.08
CA VAL B 1173 43.20 96.07 26.65
C VAL B 1173 42.96 95.49 25.26
N ARG B 1174 41.91 94.69 25.10
CA ARG B 1174 41.68 93.98 23.85
C ARG B 1174 40.27 94.24 23.33
N GLY B 1175 40.18 94.42 22.01
CA GLY B 1175 38.91 94.52 21.33
C GLY B 1175 38.05 95.69 21.72
N LEU B 1176 38.62 96.89 21.80
CA LEU B 1176 37.86 98.11 22.06
C LEU B 1176 37.32 98.60 20.72
N GLU B 1177 36.11 98.16 20.38
CA GLU B 1177 35.50 98.48 19.11
C GLU B 1177 35.15 99.96 19.03
N GLY B 1178 35.07 100.47 17.81
CA GLY B 1178 34.62 101.83 17.60
C GLY B 1178 35.30 102.45 16.39
N CYS B 1179 35.09 103.75 16.25
CA CYS B 1179 35.65 104.49 15.13
C CYS B 1179 37.11 104.83 15.42
N TYR B 1180 38.01 104.36 14.56
CA TYR B 1180 39.43 104.65 14.64
C TYR B 1180 39.91 105.35 13.38
N PRO B 1181 40.87 106.26 13.50
CA PRO B 1181 41.36 106.97 12.31
C PRO B 1181 42.40 106.15 11.56
N LYS B 1182 42.31 106.19 10.24
CA LYS B 1182 43.28 105.56 9.34
C LYS B 1182 44.03 106.70 8.65
N CYS B 1183 45.10 107.15 9.29
CA CYS B 1183 45.86 108.27 8.76
C CYS B 1183 46.54 107.88 7.45
N PRO B 1184 46.54 108.76 6.46
CA PRO B 1184 47.19 108.44 5.17
C PRO B 1184 48.70 108.52 5.32
N PRO B 1185 49.45 107.96 4.36
CA PRO B 1185 50.92 108.04 4.45
C PRO B 1185 51.44 109.46 4.43
N GLU B 1186 50.72 110.40 3.83
CA GLU B 1186 51.16 111.80 3.83
C GLU B 1186 51.22 112.37 5.23
N ALA B 1187 50.20 112.08 6.05
CA ALA B 1187 50.13 112.56 7.42
C ALA B 1187 49.85 111.35 8.32
N PRO B 1188 50.88 110.65 8.76
CA PRO B 1188 50.69 109.35 9.42
C PRO B 1188 50.58 109.36 10.93
N ILE B 1189 50.60 110.53 11.58
CA ILE B 1189 50.56 110.60 13.03
C ILE B 1189 49.25 111.27 13.45
N PHE B 1190 48.48 110.60 14.29
CA PHE B 1190 47.19 111.10 14.73
C PHE B 1190 47.34 111.91 16.00
N ASP B 1191 47.04 113.20 15.92
CA ASP B 1191 47.04 114.09 17.09
C ASP B 1191 45.64 114.07 17.68
N GLU B 1192 45.51 113.49 18.88
CA GLU B 1192 44.21 113.44 19.54
C GLU B 1192 43.75 114.83 19.97
N ASP B 1193 44.68 115.65 20.48
CA ASP B 1193 44.31 117.00 20.92
C ASP B 1193 43.77 117.82 19.75
N LYS B 1194 44.45 117.77 18.60
CA LYS B 1194 43.91 118.35 17.39
C LYS B 1194 42.94 117.42 16.68
N MET B 1195 42.92 116.14 17.06
CA MET B 1195 42.04 115.13 16.45
C MET B 1195 42.18 115.12 14.94
N GLN B 1196 43.43 115.14 14.46
CA GLN B 1196 43.69 115.23 13.04
C GLN B 1196 44.95 114.46 12.69
N CYS B 1197 45.05 114.06 11.42
CA CYS B 1197 46.23 113.38 10.92
C CYS B 1197 47.25 114.42 10.46
N VAL B 1198 48.44 114.38 11.05
CA VAL B 1198 49.51 115.33 10.75
C VAL B 1198 50.79 114.53 10.50
N ALA B 1199 51.75 115.20 9.86
CA ALA B 1199 53.02 114.57 9.55
C ALA B 1199 53.93 114.47 10.77
N THR B 1200 53.90 115.46 11.65
CA THR B 1200 54.72 115.46 12.86
C THR B 1200 54.04 116.28 13.93
N CYS B 1201 54.17 115.84 15.18
CA CYS B 1201 53.55 116.52 16.31
C CYS B 1201 54.47 117.58 16.89
N PRO C 40 -38.48 38.84 -53.14
CA PRO C 40 -38.20 40.18 -52.65
C PRO C 40 -36.87 40.27 -51.91
N VAL C 41 -35.88 40.93 -52.51
CA VAL C 41 -34.56 41.07 -51.93
C VAL C 41 -34.51 42.39 -51.16
N VAL C 42 -34.22 42.31 -49.87
CA VAL C 42 -34.13 43.48 -49.00
C VAL C 42 -32.70 43.54 -48.47
N ARG C 43 -32.01 44.64 -48.74
CA ARG C 43 -30.64 44.83 -48.29
C ARG C 43 -30.61 45.50 -46.93
N ALA C 44 -29.49 45.29 -46.23
CA ALA C 44 -29.29 45.90 -44.92
C ALA C 44 -27.80 46.19 -44.75
N SER C 45 -27.47 47.41 -44.35
CA SER C 45 -26.10 47.78 -44.04
C SER C 45 -25.95 48.51 -42.72
N ASN C 46 -26.92 49.33 -42.33
CA ASN C 46 -26.85 50.06 -41.07
C ASN C 46 -27.09 49.10 -39.91
N PRO C 47 -26.18 49.00 -38.94
CA PRO C 47 -26.44 48.13 -37.79
C PRO C 47 -27.20 48.80 -36.66
N ALA C 48 -27.40 50.11 -36.72
CA ALA C 48 -28.21 50.80 -35.72
C ALA C 48 -29.68 50.49 -35.95
N HIS C 49 -30.27 49.71 -35.06
CA HIS C 49 -31.66 49.28 -35.20
C HIS C 49 -32.47 49.66 -33.97
N ASN C 50 -32.26 50.88 -33.48
CA ASN C 50 -33.04 51.36 -32.33
C ASN C 50 -34.51 51.54 -32.68
N GLY C 51 -34.85 51.64 -33.96
CA GLY C 51 -36.23 51.79 -34.36
C GLY C 51 -37.06 50.52 -34.22
N ARG C 52 -36.40 49.38 -34.05
CA ARG C 52 -37.08 48.10 -33.89
C ARG C 52 -37.25 47.70 -32.43
N VAL C 53 -36.84 48.55 -31.50
CA VAL C 53 -36.80 48.21 -30.08
C VAL C 53 -37.70 49.17 -29.31
N CYS C 54 -38.60 48.62 -28.51
CA CYS C 54 -39.40 49.37 -27.56
C CYS C 54 -39.20 48.77 -26.17
N SER C 55 -39.14 49.63 -25.16
CA SER C 55 -38.82 49.16 -23.83
C SER C 55 -39.45 50.07 -22.78
N THR C 56 -39.60 49.52 -21.58
CA THR C 56 -40.03 50.28 -20.41
C THR C 56 -39.07 49.99 -19.27
N TRP C 57 -38.76 51.01 -18.48
CA TRP C 57 -37.75 50.87 -17.44
C TRP C 57 -37.96 51.93 -16.37
N GLY C 58 -37.33 51.71 -15.22
CA GLY C 58 -37.27 52.72 -14.18
C GLY C 58 -38.64 53.14 -13.68
N SER C 59 -38.79 54.44 -13.45
CA SER C 59 -40.03 55.00 -12.91
C SER C 59 -40.98 55.33 -14.06
N PHE C 60 -41.61 54.27 -14.58
CA PHE C 60 -42.65 54.39 -15.61
C PHE C 60 -42.15 55.11 -16.86
N HIS C 61 -40.92 54.80 -17.26
CA HIS C 61 -40.33 55.38 -18.46
C HIS C 61 -40.59 54.45 -19.64
N TYR C 62 -41.11 54.99 -20.74
CA TYR C 62 -41.44 54.23 -21.93
C TYR C 62 -40.70 54.79 -23.13
N LYS C 63 -40.19 53.91 -23.98
CA LYS C 63 -39.62 54.28 -25.26
C LYS C 63 -40.35 53.52 -26.35
N THR C 64 -40.96 54.26 -27.28
CA THR C 64 -41.69 53.63 -28.37
C THR C 64 -40.71 53.14 -29.44
N PHE C 65 -41.23 52.40 -30.42
CA PHE C 65 -40.40 51.93 -31.52
C PHE C 65 -39.83 53.09 -32.32
N ASP C 66 -40.54 54.22 -32.35
CA ASP C 66 -40.13 55.37 -33.16
C ASP C 66 -39.18 56.31 -32.43
N GLY C 67 -38.85 56.02 -31.19
CA GLY C 67 -37.89 56.81 -30.44
C GLY C 67 -38.48 57.84 -29.49
N ASP C 68 -39.79 57.85 -29.29
CA ASP C 68 -40.42 58.80 -28.38
C ASP C 68 -40.32 58.30 -26.95
N VAL C 69 -39.58 59.01 -26.12
CA VAL C 69 -39.41 58.65 -24.72
C VAL C 69 -40.32 59.53 -23.88
N PHE C 70 -41.17 58.89 -23.07
CA PHE C 70 -42.11 59.60 -22.22
C PHE C 70 -42.27 58.83 -20.92
N ARG C 71 -43.02 59.43 -19.98
CA ARG C 71 -43.33 58.79 -18.71
C ARG C 71 -44.84 58.69 -18.55
N PHE C 72 -45.32 57.52 -18.13
CA PHE C 72 -46.74 57.30 -17.89
C PHE C 72 -46.89 56.43 -16.64
N PRO C 73 -47.20 57.04 -15.48
CA PRO C 73 -47.31 56.30 -14.22
C PRO C 73 -48.62 55.54 -14.05
N GLY C 74 -48.92 54.66 -15.01
CA GLY C 74 -50.13 53.86 -14.94
C GLY C 74 -49.84 52.50 -14.33
N LEU C 75 -50.68 52.11 -13.38
CA LEU C 75 -50.55 50.84 -12.69
C LEU C 75 -51.60 49.82 -13.11
N CYS C 76 -52.31 50.08 -14.20
CA CYS C 76 -53.36 49.18 -14.69
C CYS C 76 -52.75 48.17 -15.66
N ASN C 77 -53.60 47.42 -16.34
CA ASN C 77 -53.18 46.49 -17.38
C ASN C 77 -53.24 47.20 -18.73
N TYR C 78 -52.12 47.24 -19.43
CA TYR C 78 -52.01 48.00 -20.67
C TYR C 78 -51.44 47.12 -21.77
N VAL C 79 -51.75 47.47 -23.01
CA VAL C 79 -51.26 46.74 -24.18
C VAL C 79 -49.87 47.26 -24.50
N PHE C 80 -48.84 46.44 -24.24
CA PHE C 80 -47.48 46.85 -24.56
C PHE C 80 -47.27 46.97 -26.06
N SER C 81 -47.66 45.94 -26.81
CA SER C 81 -47.58 45.97 -28.27
C SER C 81 -48.36 44.80 -28.85
N GLU C 82 -49.15 45.05 -29.90
CA GLU C 82 -49.93 44.03 -30.55
C GLU C 82 -49.98 44.29 -32.05
N HIS C 83 -50.20 43.22 -32.82
CA HIS C 83 -50.19 43.28 -34.28
C HIS C 83 -51.63 43.54 -34.77
N CYS C 84 -52.01 44.81 -34.76
CA CYS C 84 -53.36 45.19 -35.17
C CYS C 84 -53.45 45.58 -36.64
N GLY C 85 -52.35 45.50 -37.39
CA GLY C 85 -52.35 45.88 -38.78
C GLY C 85 -52.75 44.79 -39.76
N ALA C 86 -53.19 43.64 -39.27
CA ALA C 86 -53.59 42.54 -40.14
C ALA C 86 -54.91 41.97 -39.62
N ALA C 87 -55.57 41.20 -40.49
CA ALA C 87 -56.81 40.53 -40.11
C ALA C 87 -56.57 39.52 -39.00
N TYR C 88 -55.44 38.82 -39.04
CA TYR C 88 -55.05 37.88 -38.01
C TYR C 88 -53.89 38.47 -37.22
N GLU C 89 -53.99 38.43 -35.89
CA GLU C 89 -53.01 39.05 -35.02
C GLU C 89 -51.91 38.05 -34.68
N ASP C 90 -50.68 38.38 -35.05
CA ASP C 90 -49.56 37.48 -34.79
C ASP C 90 -49.15 37.49 -33.33
N PHE C 91 -49.15 38.65 -32.68
CA PHE C 91 -48.73 38.74 -31.29
C PHE C 91 -49.57 39.78 -30.57
N ASN C 92 -49.64 39.62 -29.24
CA ASN C 92 -50.38 40.54 -28.38
C ASN C 92 -49.74 40.45 -26.99
N ILE C 93 -48.96 41.47 -26.63
CA ILE C 93 -48.23 41.50 -25.37
C ILE C 93 -48.84 42.57 -24.48
N GLN C 94 -49.15 42.20 -23.25
CA GLN C 94 -49.69 43.13 -22.25
C GLN C 94 -48.87 43.03 -20.98
N LEU C 95 -48.74 44.16 -20.28
CA LEU C 95 -47.96 44.24 -19.06
C LEU C 95 -48.76 44.96 -17.99
N ARG C 96 -48.51 44.58 -16.74
CA ARG C 96 -49.18 45.17 -15.58
CA ARG C 96 -49.18 45.17 -15.58
C ARG C 96 -48.15 45.51 -14.51
N ARG C 97 -48.38 46.63 -13.83
CA ARG C 97 -47.49 47.11 -12.78
C ARG C 97 -48.19 47.10 -11.43
N SER C 98 -47.38 46.98 -10.39
CA SER C 98 -47.84 47.00 -9.00
C SER C 98 -46.90 47.85 -8.17
N GLN C 99 -47.44 48.41 -7.09
CA GLN C 99 -46.67 49.25 -6.18
C GLN C 99 -46.23 48.47 -4.95
N ALA C 103 -42.70 50.92 -5.05
CA ALA C 103 -41.80 50.68 -6.18
C ALA C 103 -42.58 50.26 -7.43
N PRO C 104 -42.23 50.83 -8.57
CA PRO C 104 -42.93 50.49 -9.82
C PRO C 104 -42.54 49.12 -10.33
N THR C 105 -43.02 48.07 -9.67
CA THR C 105 -42.67 46.71 -10.05
C THR C 105 -43.57 46.20 -11.15
N LEU C 106 -43.06 45.24 -11.93
CA LEU C 106 -43.85 44.57 -12.97
C LEU C 106 -44.39 43.27 -12.39
N SER C 107 -45.71 43.12 -12.41
CA SER C 107 -46.35 41.97 -11.77
C SER C 107 -46.72 40.87 -12.75
N ARG C 108 -47.20 41.21 -13.94
CA ARG C 108 -47.64 40.21 -14.90
C ARG C 108 -47.33 40.67 -16.31
N VAL C 109 -46.90 39.73 -17.14
CA VAL C 109 -46.72 39.95 -18.58
C VAL C 109 -47.49 38.87 -19.32
N LEU C 110 -48.46 39.28 -20.12
CA LEU C 110 -49.30 38.36 -20.88
C LEU C 110 -48.94 38.46 -22.36
N MET C 111 -48.63 37.32 -22.96
CA MET C 111 -48.24 37.25 -24.37
C MET C 111 -49.14 36.26 -25.08
N LYS C 112 -49.72 36.68 -26.21
CA LYS C 112 -50.43 35.80 -27.12
C LYS C 112 -49.62 35.71 -28.40
N VAL C 113 -48.97 34.58 -28.62
CA VAL C 113 -48.08 34.38 -29.76
C VAL C 113 -48.63 33.20 -30.57
N ASP C 114 -49.39 33.51 -31.61
CA ASP C 114 -49.88 32.52 -32.58
C ASP C 114 -50.57 31.35 -31.86
N GLY C 115 -51.46 31.69 -30.94
CA GLY C 115 -52.21 30.70 -30.21
C GLY C 115 -51.56 30.18 -28.95
N VAL C 116 -50.36 30.66 -28.61
CA VAL C 116 -49.67 30.26 -27.39
C VAL C 116 -49.80 31.38 -26.37
N VAL C 117 -50.27 31.06 -25.17
CA VAL C 117 -50.48 32.04 -24.12
C VAL C 117 -49.38 31.87 -23.09
N ILE C 118 -48.59 32.91 -22.87
CA ILE C 118 -47.49 32.89 -21.91
C ILE C 118 -47.76 33.96 -20.86
N GLN C 119 -47.80 33.55 -19.60
CA GLN C 119 -47.96 34.45 -18.47
C GLN C 119 -46.68 34.43 -17.65
N LEU C 120 -46.01 35.57 -17.56
CA LEU C 120 -44.78 35.72 -16.80
C LEU C 120 -45.06 36.53 -15.55
N THR C 121 -44.79 35.93 -14.39
CA THR C 121 -44.87 36.60 -13.11
C THR C 121 -43.59 36.31 -12.34
N LYS C 122 -43.41 37.03 -11.22
CA LYS C 122 -42.18 36.91 -10.46
C LYS C 122 -42.03 35.49 -9.92
N GLY C 123 -41.11 34.73 -10.51
CA GLY C 123 -40.89 33.36 -10.11
C GLY C 123 -41.83 32.35 -10.72
N SER C 124 -42.57 32.71 -11.76
CA SER C 124 -43.52 31.78 -12.35
C SER C 124 -43.66 32.04 -13.85
N VAL C 125 -43.64 30.97 -14.64
CA VAL C 125 -43.87 31.02 -16.07
C VAL C 125 -44.96 30.01 -16.40
N LEU C 126 -46.08 30.49 -16.94
CA LEU C 126 -47.20 29.64 -17.30
C LEU C 126 -47.37 29.65 -18.81
N VAL C 127 -47.56 28.47 -19.39
CA VAL C 127 -47.82 28.31 -20.82
C VAL C 127 -49.15 27.60 -20.98
N ASN C 128 -50.13 28.29 -21.56
CA ASN C 128 -51.48 27.77 -21.74
C ASN C 128 -52.08 27.32 -20.40
N GLY C 129 -51.78 28.06 -19.34
CA GLY C 129 -52.33 27.77 -18.03
C GLY C 129 -51.60 26.69 -17.25
N HIS C 130 -50.47 26.20 -17.76
CA HIS C 130 -49.74 25.13 -17.11
C HIS C 130 -48.33 25.61 -16.75
N PRO C 131 -47.90 25.47 -15.50
CA PRO C 131 -46.53 25.82 -15.15
C PRO C 131 -45.54 24.96 -15.91
N VAL C 132 -44.41 25.58 -16.30
CA VAL C 132 -43.40 24.91 -17.11
C VAL C 132 -42.04 25.10 -16.45
N LEU C 133 -41.11 24.22 -16.83
CA LEU C 133 -39.73 24.28 -16.37
C LEU C 133 -38.84 24.81 -17.48
N LEU C 134 -38.08 25.87 -17.19
CA LEU C 134 -37.24 26.47 -18.21
C LEU C 134 -35.92 25.71 -18.35
N PRO C 135 -35.35 25.64 -19.56
CA PRO C 135 -35.83 26.20 -20.83
C PRO C 135 -37.04 25.46 -21.37
N PHE C 136 -37.94 26.16 -22.06
CA PHE C 136 -39.18 25.56 -22.55
C PHE C 136 -39.38 25.98 -24.00
N SER C 137 -39.39 25.01 -24.91
CA SER C 137 -39.59 25.26 -26.32
C SER C 137 -40.88 24.60 -26.77
N GLN C 138 -41.75 25.37 -27.43
CA GLN C 138 -43.03 24.85 -27.89
C GLN C 138 -43.61 25.77 -28.94
N SER C 139 -44.04 25.19 -30.06
CA SER C 139 -44.76 25.90 -31.11
C SER C 139 -43.96 27.12 -31.61
N GLY C 140 -42.65 26.96 -31.74
CA GLY C 140 -41.81 28.03 -32.22
C GLY C 140 -41.53 29.11 -31.22
N VAL C 141 -41.85 28.90 -29.94
CA VAL C 141 -41.62 29.88 -28.88
C VAL C 141 -40.67 29.25 -27.88
N LEU C 142 -39.57 29.95 -27.59
CA LEU C 142 -38.55 29.49 -26.65
C LEU C 142 -38.48 30.45 -25.48
N ILE C 143 -38.67 29.93 -24.27
CA ILE C 143 -38.60 30.72 -23.04
C ILE C 143 -37.42 30.20 -22.23
N GLN C 144 -36.49 31.10 -21.90
CA GLN C 144 -35.29 30.70 -21.18
C GLN C 144 -34.92 31.77 -20.16
N GLN C 145 -34.50 31.33 -18.98
CA GLN C 145 -34.10 32.23 -17.91
C GLN C 145 -32.58 32.24 -17.77
N SER C 146 -32.02 33.43 -17.59
CA SER C 146 -30.60 33.60 -17.37
C SER C 146 -30.38 34.24 -15.99
N SER C 147 -29.12 34.58 -15.71
CA SER C 147 -28.79 35.18 -14.42
C SER C 147 -29.34 36.59 -14.27
N SER C 148 -29.77 37.23 -15.35
CA SER C 148 -30.24 38.60 -15.29
C SER C 148 -31.54 38.86 -16.04
N TYR C 149 -32.09 37.87 -16.74
CA TYR C 149 -33.27 38.14 -17.56
C TYR C 149 -34.06 36.87 -17.79
N THR C 150 -35.31 37.07 -18.25
CA THR C 150 -36.13 36.03 -18.82
C THR C 150 -36.44 36.40 -20.25
N LYS C 151 -36.06 35.54 -21.20
CA LYS C 151 -36.17 35.82 -22.62
C LYS C 151 -37.21 34.91 -23.25
N VAL C 152 -38.12 35.51 -24.03
CA VAL C 152 -39.11 34.78 -24.81
C VAL C 152 -38.87 35.14 -26.27
N GLU C 153 -38.44 34.17 -27.06
CA GLU C 153 -38.18 34.36 -28.49
C GLU C 153 -39.23 33.65 -29.30
N ALA C 154 -39.89 34.37 -30.20
CA ALA C 154 -40.90 33.83 -31.07
C ALA C 154 -40.38 33.87 -32.51
N ARG C 155 -40.39 32.70 -33.17
CA ARG C 155 -39.84 32.53 -34.49
C ARG C 155 -40.53 33.39 -35.54
N LEU C 156 -41.74 33.86 -35.25
CA LEU C 156 -42.38 34.82 -36.15
C LEU C 156 -41.64 36.16 -36.15
N GLY C 157 -40.68 36.35 -35.27
CA GLY C 157 -39.80 37.50 -35.34
C GLY C 157 -39.85 38.45 -34.17
N LEU C 158 -40.08 37.96 -32.95
CA LEU C 158 -40.10 38.86 -31.79
C LEU C 158 -39.22 38.31 -30.69
N VAL C 159 -38.66 39.22 -29.89
CA VAL C 159 -37.88 38.86 -28.71
C VAL C 159 -38.33 39.75 -27.57
N LEU C 160 -38.71 39.14 -26.45
CA LEU C 160 -39.11 39.88 -25.25
C LEU C 160 -38.13 39.56 -24.12
N MET C 161 -37.69 40.60 -23.42
CA MET C 161 -36.73 40.49 -22.34
C MET C 161 -37.34 41.12 -21.09
N TRP C 162 -37.49 40.32 -20.04
CA TRP C 162 -37.91 40.83 -18.73
C TRP C 162 -36.68 40.72 -17.83
N ASN C 163 -36.01 41.85 -17.60
CA ASN C 163 -34.77 41.83 -16.84
C ASN C 163 -35.06 41.92 -15.35
N HIS C 164 -34.00 41.80 -14.55
CA HIS C 164 -34.12 41.80 -13.10
C HIS C 164 -34.03 43.19 -12.48
N ASP C 165 -33.76 44.22 -13.28
CA ASP C 165 -33.95 45.60 -12.85
C ASP C 165 -35.33 46.12 -13.25
N ASP C 166 -36.27 45.21 -13.53
CA ASP C 166 -37.66 45.55 -13.83
C ASP C 166 -37.76 46.37 -15.11
N SER C 167 -37.16 45.85 -16.17
CA SER C 167 -37.23 46.46 -17.49
C SER C 167 -37.75 45.44 -18.49
N LEU C 168 -38.77 45.83 -19.26
CA LEU C 168 -39.36 44.98 -20.29
C LEU C 168 -39.00 45.58 -21.65
N LEU C 169 -38.21 44.83 -22.42
CA LEU C 169 -37.71 45.29 -23.72
C LEU C 169 -38.22 44.36 -24.81
N LEU C 170 -38.81 44.95 -25.85
CA LEU C 170 -39.34 44.18 -26.97
C LEU C 170 -38.62 44.57 -28.25
N GLU C 171 -38.14 43.57 -28.98
CA GLU C 171 -37.50 43.76 -30.27
C GLU C 171 -38.31 43.03 -31.33
N LEU C 172 -38.70 43.74 -32.37
CA LEU C 172 -39.59 43.22 -33.40
C LEU C 172 -38.89 43.14 -34.74
N ASP C 173 -39.31 42.17 -35.55
CA ASP C 173 -38.83 42.10 -36.93
C ASP C 173 -39.35 43.29 -37.72
N THR C 174 -38.58 43.69 -38.74
CA THR C 174 -38.94 44.84 -39.54
C THR C 174 -40.20 44.62 -40.37
N LYS C 175 -40.65 43.38 -40.52
CA LYS C 175 -41.86 43.10 -41.27
C LYS C 175 -43.12 43.57 -40.54
N TYR C 176 -43.03 43.87 -39.25
CA TYR C 176 -44.16 44.36 -38.48
C TYR C 176 -44.25 45.88 -38.45
N ALA C 177 -43.39 46.57 -39.20
CA ALA C 177 -43.42 48.03 -39.21
C ALA C 177 -44.74 48.53 -39.78
N ASN C 178 -45.23 49.63 -39.20
CA ASN C 178 -46.47 50.29 -39.60
C ASN C 178 -47.69 49.40 -39.39
N LYS C 179 -47.60 48.41 -38.50
CA LYS C 179 -48.70 47.47 -38.29
C LYS C 179 -48.97 47.17 -36.82
N THR C 180 -48.40 47.94 -35.89
CA THR C 180 -48.54 47.66 -34.47
C THR C 180 -49.27 48.79 -33.77
N CYS C 181 -49.69 48.52 -32.54
CA CYS C 181 -50.31 49.52 -31.68
C CYS C 181 -50.07 49.15 -30.23
N GLY C 182 -50.23 50.13 -29.35
CA GLY C 182 -50.01 49.95 -27.93
C GLY C 182 -49.13 51.05 -27.40
N LEU C 183 -48.56 50.80 -26.21
CA LEU C 183 -47.67 51.77 -25.59
C LEU C 183 -46.36 51.96 -26.36
N CYS C 184 -46.03 51.03 -27.26
CA CYS C 184 -44.77 51.08 -28.00
C CYS C 184 -44.89 51.79 -29.34
N GLY C 185 -46.04 52.39 -29.63
CA GLY C 185 -46.22 53.14 -30.86
C GLY C 185 -46.64 52.26 -32.03
N ASP C 186 -46.81 52.93 -33.17
CA ASP C 186 -47.28 52.27 -34.39
C ASP C 186 -46.14 51.78 -35.27
N PHE C 187 -44.88 52.03 -34.90
CA PHE C 187 -43.72 51.43 -35.55
C PHE C 187 -43.66 51.81 -37.03
N ASN C 188 -43.56 53.12 -37.30
CA ASN C 188 -43.44 53.62 -38.66
C ASN C 188 -42.26 54.57 -38.85
N GLY C 189 -41.40 54.71 -37.85
CA GLY C 189 -40.22 55.56 -37.98
C GLY C 189 -40.42 57.03 -37.71
N MET C 190 -41.63 57.44 -37.32
CA MET C 190 -41.92 58.84 -37.02
C MET C 190 -42.48 58.95 -35.62
N PRO C 191 -41.90 59.79 -34.76
CA PRO C 191 -42.18 59.67 -33.32
C PRO C 191 -43.58 60.09 -32.91
N VAL C 192 -44.07 61.23 -33.41
CA VAL C 192 -45.31 61.82 -32.91
C VAL C 192 -46.52 61.38 -33.73
N VAL C 193 -46.37 61.33 -35.06
CA VAL C 193 -47.52 61.07 -35.94
C VAL C 193 -48.04 59.66 -35.69
N SER C 194 -49.37 59.55 -35.65
CA SER C 194 -50.14 58.32 -35.52
C SER C 194 -50.09 57.70 -34.13
N GLU C 195 -49.39 58.32 -33.18
CA GLU C 195 -49.39 57.87 -31.80
C GLU C 195 -49.93 58.91 -30.84
N LEU C 196 -49.54 60.17 -31.02
CA LEU C 196 -50.02 61.27 -30.19
C LEU C 196 -51.14 62.06 -30.86
N LEU C 197 -51.70 61.54 -31.94
CA LEU C 197 -52.79 62.18 -32.68
C LEU C 197 -53.97 61.23 -32.70
N SER C 198 -55.11 61.68 -32.17
CA SER C 198 -56.34 60.89 -32.24
C SER C 198 -57.18 61.31 -33.45
N HIS C 199 -57.61 62.57 -33.48
CA HIS C 199 -58.25 63.17 -34.65
C HIS C 199 -57.70 64.58 -34.79
N ASN C 200 -56.56 64.70 -35.48
CA ASN C 200 -55.89 65.95 -35.78
C ASN C 200 -55.45 66.71 -34.53
N THR C 201 -55.63 66.14 -33.34
CA THR C 201 -55.29 66.80 -32.09
C THR C 201 -53.97 66.25 -31.55
N LYS C 202 -53.55 66.79 -30.41
CA LYS C 202 -52.31 66.40 -29.76
C LYS C 202 -52.63 65.67 -28.46
N LEU C 203 -52.07 64.48 -28.30
CA LEU C 203 -52.31 63.65 -27.12
C LEU C 203 -51.13 63.75 -26.17
N THR C 204 -51.40 64.09 -24.91
CA THR C 204 -50.37 64.07 -23.90
C THR C 204 -49.96 62.63 -23.61
N PRO C 205 -48.74 62.41 -23.11
CA PRO C 205 -48.32 61.04 -22.81
C PRO C 205 -49.25 60.32 -21.84
N MET C 206 -49.83 61.02 -20.87
CA MET C 206 -50.78 60.37 -19.97
C MET C 206 -52.03 59.93 -20.71
N GLU C 207 -52.56 60.78 -21.58
CA GLU C 207 -53.74 60.39 -22.38
C GLU C 207 -53.42 59.23 -23.29
N PHE C 208 -52.25 59.25 -23.93
CA PHE C 208 -51.86 58.15 -24.81
C PHE C 208 -51.72 56.85 -24.03
N GLY C 209 -51.14 56.91 -22.84
CA GLY C 209 -51.04 55.71 -22.01
C GLY C 209 -52.39 55.20 -21.57
N ASN C 210 -53.29 56.11 -21.19
CA ASN C 210 -54.63 55.69 -20.77
C ASN C 210 -55.42 55.09 -21.93
N LEU C 211 -55.16 55.54 -23.16
CA LEU C 211 -55.88 55.01 -24.31
C LEU C 211 -55.53 53.56 -24.60
N GLN C 212 -54.45 53.03 -24.04
CA GLN C 212 -54.01 51.67 -24.30
C GLN C 212 -54.34 50.71 -23.16
N LYS C 213 -55.30 51.07 -22.31
CA LYS C 213 -55.70 50.20 -21.21
C LYS C 213 -56.54 49.04 -21.71
N MET C 214 -56.33 47.87 -21.12
CA MET C 214 -57.15 46.68 -21.35
C MET C 214 -57.38 46.04 -19.98
N ASP C 215 -58.50 46.39 -19.35
CA ASP C 215 -58.75 45.99 -17.97
C ASP C 215 -59.13 44.51 -17.89
N ASP C 216 -59.00 43.97 -16.68
CA ASP C 216 -59.46 42.62 -16.39
C ASP C 216 -60.99 42.59 -16.33
N PRO C 217 -61.59 41.40 -16.46
CA PRO C 217 -63.06 41.33 -16.46
C PRO C 217 -63.71 41.92 -15.22
N THR C 218 -63.10 41.77 -14.06
CA THR C 218 -63.68 42.27 -12.82
C THR C 218 -62.82 43.33 -12.13
N ASP C 219 -61.61 43.59 -12.61
CA ASP C 219 -60.71 44.57 -11.99
C ASP C 219 -60.72 45.84 -12.83
N GLN C 220 -61.61 46.77 -12.49
CA GLN C 220 -61.67 48.07 -13.13
C GLN C 220 -60.63 48.97 -12.45
N CYS C 221 -59.38 48.86 -12.91
CA CYS C 221 -58.30 49.64 -12.33
C CYS C 221 -58.49 51.12 -12.66
N GLN C 222 -58.32 51.98 -11.66
CA GLN C 222 -58.53 53.41 -11.85
C GLN C 222 -57.36 54.03 -12.58
N ASP C 223 -57.65 54.96 -13.47
CA ASP C 223 -56.61 55.66 -14.20
C ASP C 223 -55.80 56.55 -13.26
N PRO C 224 -54.50 56.73 -13.52
CA PRO C 224 -53.70 57.57 -12.65
C PRO C 224 -54.16 59.03 -12.68
N VAL C 225 -54.06 59.67 -11.52
CA VAL C 225 -54.43 61.08 -11.38
C VAL C 225 -53.18 61.93 -11.59
N PRO C 226 -53.24 62.93 -12.48
CA PRO C 226 -52.06 63.78 -12.70
C PRO C 226 -51.66 64.51 -11.43
N GLU C 227 -50.35 64.66 -11.24
CA GLU C 227 -49.80 65.32 -10.07
C GLU C 227 -49.07 66.59 -10.48
N PRO C 228 -49.08 67.62 -9.63
CA PRO C 228 -48.32 68.82 -9.94
C PRO C 228 -46.83 68.52 -9.95
N PRO C 229 -46.07 69.21 -10.79
CA PRO C 229 -44.62 69.01 -10.81
C PRO C 229 -44.00 69.42 -9.48
N ARG C 230 -43.19 68.52 -8.91
CA ARG C 230 -42.58 68.77 -7.60
C ARG C 230 -41.53 69.86 -7.65
N ASN C 231 -41.07 70.26 -8.84
CA ASN C 231 -39.97 71.21 -9.00
C ASN C 231 -38.73 70.72 -8.24
N CYS C 232 -38.52 69.41 -8.26
CA CYS C 232 -37.42 68.78 -7.55
C CYS C 232 -36.09 68.96 -8.26
N PHE C 236 -27.07 71.15 -14.10
CA PHE C 236 -25.88 70.31 -13.96
C PHE C 236 -25.89 69.57 -12.62
N GLY C 237 -25.92 68.26 -12.68
CA GLY C 237 -25.96 67.43 -11.48
C GLY C 237 -25.20 66.13 -11.69
N ILE C 238 -25.50 65.14 -10.85
CA ILE C 238 -24.81 63.86 -10.94
C ILE C 238 -25.18 63.13 -12.21
N CYS C 239 -26.45 63.19 -12.62
CA CYS C 239 -26.86 62.54 -13.87
C CYS C 239 -26.13 63.15 -15.06
N GLU C 240 -25.98 64.47 -15.08
CA GLU C 240 -25.27 65.12 -16.18
C GLU C 240 -23.81 64.71 -16.22
N GLU C 241 -23.16 64.66 -15.05
CA GLU C 241 -21.75 64.25 -15.01
C GLU C 241 -21.59 62.79 -15.45
N LEU C 242 -22.51 61.93 -15.03
CA LEU C 242 -22.40 60.52 -15.37
C LEU C 242 -22.64 60.28 -16.86
N LEU C 243 -23.70 60.86 -17.41
CA LEU C 243 -24.05 60.59 -18.80
C LEU C 243 -23.17 61.35 -19.79
N HIS C 244 -22.76 62.57 -19.45
CA HIS C 244 -21.90 63.35 -20.32
C HIS C 244 -20.41 63.10 -20.09
N GLY C 245 -20.07 62.19 -19.19
CA GLY C 245 -18.69 61.89 -18.90
C GLY C 245 -18.07 60.97 -19.92
N GLN C 246 -16.85 60.51 -19.61
CA GLN C 246 -16.11 59.64 -20.49
C GLN C 246 -16.58 58.18 -20.44
N LEU C 247 -17.49 57.85 -19.52
CA LEU C 247 -18.02 56.49 -19.48
C LEU C 247 -18.78 56.15 -20.75
N PHE C 248 -19.59 57.08 -21.24
CA PHE C 248 -20.33 56.93 -22.49
C PHE C 248 -19.77 57.93 -23.50
N SER C 249 -18.73 57.50 -24.21
CA SER C 249 -18.11 58.34 -25.24
C SER C 249 -18.52 57.93 -26.64
N GLY C 250 -18.43 56.64 -26.97
CA GLY C 250 -18.92 56.15 -28.24
C GLY C 250 -20.41 55.93 -28.32
N CYS C 251 -21.11 56.06 -27.19
CA CYS C 251 -22.55 55.88 -27.15
C CYS C 251 -23.30 57.19 -27.39
N VAL C 252 -22.70 58.33 -27.08
CA VAL C 252 -23.38 59.61 -27.26
C VAL C 252 -23.57 59.90 -28.74
N ALA C 253 -22.57 59.61 -29.56
CA ALA C 253 -22.64 59.89 -30.98
C ALA C 253 -23.69 59.04 -31.71
N LEU C 254 -24.16 57.97 -31.07
CA LEU C 254 -25.15 57.08 -31.67
C LEU C 254 -26.55 57.29 -31.12
N VAL C 255 -26.70 57.42 -29.80
CA VAL C 255 -27.99 57.61 -29.15
C VAL C 255 -27.95 58.93 -28.39
N ASP C 256 -28.97 59.76 -28.59
CA ASP C 256 -29.06 61.03 -27.91
C ASP C 256 -29.26 60.82 -26.40
N VAL C 257 -28.67 61.73 -25.62
CA VAL C 257 -28.60 61.59 -24.17
C VAL C 257 -29.73 62.36 -23.50
N GLY C 258 -30.21 63.41 -24.18
CA GLY C 258 -31.12 64.34 -23.53
C GLY C 258 -32.36 63.69 -22.96
N SER C 259 -32.99 62.80 -23.71
CA SER C 259 -34.16 62.08 -23.20
C SER C 259 -33.77 61.21 -22.01
N TYR C 260 -32.65 60.49 -22.12
CA TYR C 260 -32.21 59.64 -21.01
C TYR C 260 -31.68 60.46 -19.84
N LEU C 261 -31.10 61.64 -20.10
CA LEU C 261 -30.73 62.54 -19.01
C LEU C 261 -31.96 63.01 -18.25
N GLU C 262 -33.02 63.39 -18.98
CA GLU C 262 -34.25 63.83 -18.35
C GLU C 262 -34.85 62.69 -17.54
N ALA C 263 -34.82 61.46 -18.10
CA ALA C 263 -35.30 60.29 -17.37
C ALA C 263 -34.47 60.03 -16.12
N CYS C 264 -33.16 60.24 -16.19
CA CYS C 264 -32.31 60.09 -15.01
C CYS C 264 -32.70 61.09 -13.92
N ARG C 265 -32.96 62.34 -14.32
CA ARG C 265 -33.40 63.33 -13.35
C ARG C 265 -34.72 62.95 -12.70
N GLN C 266 -35.67 62.45 -13.50
CA GLN C 266 -36.94 62.00 -12.93
C GLN C 266 -36.76 60.82 -11.98
N ASP C 267 -35.92 59.85 -12.37
CA ASP C 267 -35.66 58.71 -11.50
C ASP C 267 -35.03 59.15 -10.19
N LEU C 268 -34.11 60.11 -10.23
CA LEU C 268 -33.52 60.65 -9.01
C LEU C 268 -34.56 61.34 -8.16
N CYS C 269 -35.44 62.13 -8.78
CA CYS C 269 -36.41 62.90 -8.01
C CYS C 269 -37.44 62.01 -7.34
N PHE C 270 -37.84 60.93 -8.01
CA PHE C 270 -38.79 59.96 -7.45
C PHE C 270 -38.11 58.84 -6.68
N CYS C 271 -36.91 59.09 -6.13
CA CYS C 271 -36.20 58.07 -5.39
C CYS C 271 -36.95 57.69 -4.11
N GLU C 272 -36.87 56.41 -3.76
CA GLU C 272 -37.45 55.90 -2.53
C GLU C 272 -36.44 55.79 -1.39
N ASP C 273 -35.16 55.63 -1.71
CA ASP C 273 -34.10 55.54 -0.73
C ASP C 273 -33.31 56.84 -0.69
N THR C 274 -32.34 56.91 0.22
CA THR C 274 -31.55 58.12 0.40
C THR C 274 -30.35 58.20 -0.51
N ASP C 275 -29.69 57.07 -0.78
CA ASP C 275 -28.49 57.05 -1.61
C ASP C 275 -28.87 57.39 -3.05
N LEU C 276 -28.33 58.50 -3.57
CA LEU C 276 -28.64 58.92 -4.93
C LEU C 276 -27.94 58.06 -5.97
N LEU C 277 -26.89 57.35 -5.61
CA LEU C 277 -26.17 56.51 -6.56
C LEU C 277 -26.95 55.26 -6.95
N SER C 278 -28.00 54.92 -6.20
CA SER C 278 -28.76 53.71 -6.47
C SER C 278 -29.97 53.96 -7.37
N CYS C 279 -30.41 55.21 -7.50
CA CYS C 279 -31.55 55.53 -8.35
C CYS C 279 -31.17 55.79 -9.80
N VAL C 280 -29.86 55.86 -10.11
CA VAL C 280 -29.41 56.10 -11.47
C VAL C 280 -29.04 54.82 -12.19
N CYS C 281 -29.10 53.67 -11.53
CA CYS C 281 -28.70 52.42 -12.15
C CYS C 281 -29.64 52.05 -13.31
N HIS C 282 -30.95 52.24 -13.13
CA HIS C 282 -31.92 51.80 -14.12
C HIS C 282 -31.76 52.57 -15.43
N THR C 283 -31.70 53.90 -15.35
CA THR C 283 -31.59 54.72 -16.55
C THR C 283 -30.26 54.49 -17.26
N LEU C 284 -29.17 54.37 -16.51
CA LEU C 284 -27.87 54.12 -17.12
C LEU C 284 -27.84 52.75 -17.80
N ALA C 285 -28.43 51.74 -17.16
CA ALA C 285 -28.49 50.42 -17.78
C ALA C 285 -29.33 50.46 -19.05
N GLU C 286 -30.46 51.18 -19.03
CA GLU C 286 -31.27 51.29 -20.22
C GLU C 286 -30.53 52.01 -21.34
N TYR C 287 -29.78 53.06 -21.01
CA TYR C 287 -29.00 53.75 -22.03
C TYR C 287 -27.91 52.85 -22.60
N SER C 288 -27.27 52.04 -21.75
CA SER C 288 -26.30 51.09 -22.25
C SER C 288 -26.95 50.06 -23.17
N ARG C 289 -28.16 49.60 -22.82
CA ARG C 289 -28.89 48.68 -23.68
C ARG C 289 -29.18 49.29 -25.04
N GLN C 290 -29.64 50.55 -25.03
CA GLN C 290 -29.93 51.22 -26.30
C GLN C 290 -28.67 51.43 -27.11
N CYS C 291 -27.54 51.72 -26.45
CA CYS C 291 -26.27 51.84 -27.15
C CYS C 291 -25.87 50.53 -27.79
N THR C 292 -26.07 49.41 -27.09
CA THR C 292 -25.81 48.10 -27.68
C THR C 292 -26.71 47.87 -28.89
N HIS C 293 -27.98 48.26 -28.80
CA HIS C 293 -28.89 48.12 -29.93
C HIS C 293 -28.57 49.09 -31.06
N ALA C 294 -27.74 50.09 -30.81
CA ALA C 294 -27.36 51.07 -31.82
C ALA C 294 -26.09 50.70 -32.58
N GLY C 295 -25.51 49.54 -32.31
CA GLY C 295 -24.25 49.17 -32.91
C GLY C 295 -23.02 49.68 -32.21
N GLY C 296 -23.16 50.21 -30.98
CA GLY C 296 -22.03 50.70 -30.23
C GLY C 296 -21.41 49.64 -29.34
N LEU C 297 -20.33 50.02 -28.68
CA LEU C 297 -19.55 49.13 -27.82
C LEU C 297 -19.42 49.79 -26.45
N PRO C 298 -20.45 49.72 -25.61
CA PRO C 298 -20.38 50.35 -24.29
C PRO C 298 -19.28 49.73 -23.44
N GLN C 299 -18.65 50.57 -22.63
CA GLN C 299 -17.62 50.13 -21.69
C GLN C 299 -18.23 49.96 -20.31
N ASP C 300 -17.64 49.05 -19.53
CA ASP C 300 -18.17 48.74 -18.21
C ASP C 300 -18.10 49.98 -17.31
N TRP C 301 -19.22 50.27 -16.64
CA TRP C 301 -19.31 51.43 -15.77
C TRP C 301 -19.73 51.07 -14.34
N ARG C 302 -20.15 49.84 -14.09
CA ARG C 302 -20.54 49.41 -12.76
C ARG C 302 -19.32 49.20 -11.88
N GLY C 303 -19.55 48.86 -10.62
CA GLY C 303 -18.49 48.62 -9.68
C GLY C 303 -18.99 47.92 -8.43
N PRO C 304 -18.08 47.69 -7.47
CA PRO C 304 -18.51 47.05 -6.21
C PRO C 304 -19.54 47.87 -5.45
N ASP C 305 -19.51 49.20 -5.55
CA ASP C 305 -20.48 50.05 -4.88
C ASP C 305 -21.34 50.86 -5.84
N PHE C 306 -20.93 51.02 -7.09
CA PHE C 306 -21.70 51.76 -8.10
C PHE C 306 -22.50 50.74 -8.90
N CYS C 307 -23.76 50.54 -8.50
CA CYS C 307 -24.66 49.58 -9.14
C CYS C 307 -24.01 48.20 -9.22
N PRO C 308 -23.84 47.51 -8.10
CA PRO C 308 -23.14 46.22 -8.13
C PRO C 308 -24.02 45.11 -8.72
N GLN C 309 -23.40 44.28 -9.55
CA GLN C 309 -24.06 43.15 -10.17
C GLN C 309 -23.32 41.87 -9.79
N LYS C 310 -24.07 40.86 -9.38
CA LYS C 310 -23.50 39.57 -8.98
C LYS C 310 -23.70 38.55 -10.07
N CYS C 311 -22.71 37.67 -10.24
CA CYS C 311 -22.75 36.64 -11.26
C CYS C 311 -22.47 35.28 -10.63
N PRO C 312 -23.08 34.22 -11.17
CA PRO C 312 -22.83 32.89 -10.62
C PRO C 312 -21.42 32.41 -10.91
N ASN C 313 -20.91 31.57 -10.01
CA ASN C 313 -19.59 30.93 -10.13
C ASN C 313 -18.54 32.02 -10.28
N ASN C 314 -17.60 31.91 -11.22
CA ASN C 314 -16.56 32.92 -11.41
C ASN C 314 -16.83 33.82 -12.60
N MET C 315 -18.07 33.84 -13.09
CA MET C 315 -18.43 34.72 -14.20
C MET C 315 -18.36 36.18 -13.76
N GLN C 316 -18.10 37.06 -14.72
CA GLN C 316 -18.05 38.49 -14.48
C GLN C 316 -19.10 39.21 -15.31
N TYR C 317 -19.63 40.29 -14.75
CA TYR C 317 -20.65 41.08 -15.43
C TYR C 317 -19.99 42.09 -16.36
N HIS C 318 -20.40 42.06 -17.63
CA HIS C 318 -19.87 42.97 -18.63
C HIS C 318 -21.02 43.64 -19.38
N GLU C 319 -20.79 44.86 -19.84
CA GLU C 319 -21.82 45.63 -20.53
C GLU C 319 -21.93 45.29 -22.01
N CYS C 320 -20.87 44.76 -22.62
CA CYS C 320 -20.88 44.50 -24.06
C CYS C 320 -19.98 43.30 -24.35
N ARG C 321 -20.59 42.12 -24.46
CA ARG C 321 -19.91 40.92 -24.92
C ARG C 321 -20.88 40.09 -25.77
N SER C 322 -20.32 39.19 -26.56
CA SER C 322 -21.13 38.41 -27.48
C SER C 322 -22.07 37.49 -26.71
N PRO C 323 -23.37 37.47 -27.06
CA PRO C 323 -24.29 36.54 -26.38
C PRO C 323 -24.01 35.09 -26.69
N CYS C 324 -23.30 34.79 -27.77
CA CYS C 324 -22.97 33.41 -28.12
C CYS C 324 -21.79 32.98 -27.24
N ALA C 325 -22.12 32.37 -26.10
CA ALA C 325 -21.11 31.97 -25.13
C ALA C 325 -20.51 30.62 -25.50
N ASP C 326 -19.19 30.55 -25.51
CA ASP C 326 -18.50 29.30 -25.79
C ASP C 326 -18.62 28.36 -24.60
N THR C 327 -18.96 27.10 -24.87
CA THR C 327 -19.06 26.07 -23.85
C THR C 327 -18.14 24.90 -24.20
N CYS C 328 -18.16 23.86 -23.38
CA CYS C 328 -17.38 22.66 -23.67
C CYS C 328 -17.88 21.99 -24.95
N SER C 329 -19.20 21.93 -25.12
CA SER C 329 -19.76 21.30 -26.32
C SER C 329 -19.46 22.12 -27.57
N ASN C 330 -19.68 23.43 -27.50
CA ASN C 330 -19.44 24.34 -28.62
C ASN C 330 -18.45 25.39 -28.15
N GLN C 331 -17.17 25.17 -28.45
CA GLN C 331 -16.09 26.03 -27.98
C GLN C 331 -15.77 27.15 -28.97
N GLU C 332 -16.48 27.24 -30.09
CA GLU C 332 -16.29 28.31 -31.07
C GLU C 332 -17.59 29.03 -31.37
N HIS C 333 -18.51 29.06 -30.40
CA HIS C 333 -19.81 29.68 -30.61
C HIS C 333 -19.69 31.19 -30.79
N SER C 334 -18.75 31.83 -30.08
CA SER C 334 -18.61 33.27 -30.18
C SER C 334 -18.20 33.70 -31.59
N ARG C 335 -17.32 32.94 -32.23
CA ARG C 335 -16.92 33.25 -33.59
C ARG C 335 -18.09 33.14 -34.56
N ALA C 336 -18.92 32.11 -34.39
CA ALA C 336 -20.09 31.91 -35.24
C ALA C 336 -21.33 32.51 -34.55
N CYS C 337 -21.34 33.83 -34.48
CA CYS C 337 -22.43 34.57 -33.85
C CYS C 337 -22.94 35.63 -34.81
N GLU C 338 -24.26 35.79 -34.85
CA GLU C 338 -24.90 36.76 -35.71
C GLU C 338 -25.51 37.94 -34.97
N ASP C 339 -25.71 37.83 -33.66
CA ASP C 339 -26.29 38.90 -32.86
C ASP C 339 -25.20 39.87 -32.41
N HIS C 340 -25.64 41.07 -32.01
CA HIS C 340 -24.73 42.07 -31.49
C HIS C 340 -24.43 41.80 -30.02
N CYS C 341 -23.45 42.54 -29.50
CA CYS C 341 -23.04 42.36 -28.11
C CYS C 341 -24.16 42.78 -27.15
N VAL C 342 -24.19 42.14 -25.99
CA VAL C 342 -25.18 42.40 -24.96
C VAL C 342 -24.49 42.48 -23.61
N ALA C 343 -25.27 42.83 -22.59
CA ALA C 343 -24.76 42.93 -21.23
C ALA C 343 -25.24 41.74 -20.41
N GLY C 344 -24.35 41.20 -19.59
CA GLY C 344 -24.70 40.07 -18.76
C GLY C 344 -23.46 39.43 -18.16
N CYS C 345 -23.66 38.24 -17.62
CA CYS C 345 -22.58 37.47 -17.00
C CYS C 345 -21.89 36.63 -18.06
N PHE C 346 -20.57 36.75 -18.13
CA PHE C 346 -19.76 36.04 -19.11
C PHE C 346 -18.55 35.43 -18.43
N CYS C 347 -18.04 34.35 -19.02
CA CYS C 347 -16.86 33.68 -18.49
C CYS C 347 -15.63 34.55 -18.66
N PRO C 348 -14.67 34.46 -17.75
CA PRO C 348 -13.40 35.19 -17.93
C PRO C 348 -12.66 34.71 -19.17
N GLU C 349 -11.90 35.61 -19.76
CA GLU C 349 -11.19 35.31 -21.00
C GLU C 349 -10.24 34.13 -20.79
N GLY C 350 -10.19 33.24 -21.79
CA GLY C 350 -9.41 32.03 -21.70
C GLY C 350 -10.13 30.83 -21.15
N THR C 351 -11.39 30.99 -20.72
CA THR C 351 -12.19 29.89 -20.19
C THR C 351 -13.52 29.82 -20.92
N VAL C 352 -14.12 28.64 -20.91
CA VAL C 352 -15.42 28.41 -21.53
C VAL C 352 -16.33 27.78 -20.49
N LEU C 353 -17.64 27.95 -20.69
CA LEU C 353 -18.61 27.42 -19.75
C LEU C 353 -18.63 25.90 -19.77
N ASP C 354 -18.87 25.31 -18.60
CA ASP C 354 -18.96 23.86 -18.46
C ASP C 354 -20.43 23.48 -18.40
N ASP C 355 -21.01 23.22 -19.59
CA ASP C 355 -22.40 22.78 -19.65
C ASP C 355 -22.57 21.30 -19.32
N ILE C 356 -21.50 20.50 -19.47
CA ILE C 356 -21.60 19.08 -19.19
C ILE C 356 -21.74 18.83 -17.69
N GLY C 357 -20.94 19.52 -16.87
CA GLY C 357 -20.94 19.26 -15.45
C GLY C 357 -21.54 20.37 -14.61
N GLN C 358 -21.83 21.51 -15.23
CA GLN C 358 -22.39 22.68 -14.54
C GLN C 358 -21.49 23.10 -13.38
N THR C 359 -20.19 23.15 -13.64
CA THR C 359 -19.19 23.53 -12.65
C THR C 359 -18.57 24.89 -12.96
N GLY C 360 -19.38 25.81 -13.47
CA GLY C 360 -18.89 27.15 -13.77
C GLY C 360 -18.04 27.18 -15.02
N CYS C 361 -17.21 28.21 -15.11
CA CYS C 361 -16.33 28.41 -16.25
C CYS C 361 -15.01 27.67 -16.00
N VAL C 362 -14.63 26.81 -16.93
CA VAL C 362 -13.43 25.99 -16.80
C VAL C 362 -12.56 26.23 -18.02
N PRO C 363 -11.26 25.99 -17.93
CA PRO C 363 -10.40 26.12 -19.11
C PRO C 363 -10.73 25.07 -20.16
N VAL C 364 -10.31 25.35 -21.38
CA VAL C 364 -10.58 24.46 -22.51
C VAL C 364 -9.95 23.09 -22.27
N SER C 365 -8.75 23.07 -21.67
CA SER C 365 -8.05 21.82 -21.40
C SER C 365 -8.79 20.96 -20.38
N LYS C 366 -9.61 21.57 -19.53
CA LYS C 366 -10.34 20.83 -18.51
C LYS C 366 -11.74 20.42 -18.93
N CYS C 367 -12.14 20.74 -20.16
CA CYS C 367 -13.48 20.39 -20.62
C CYS C 367 -13.63 18.88 -20.79
N ALA C 368 -14.77 18.36 -20.35
CA ALA C 368 -15.06 16.94 -20.47
C ALA C 368 -15.64 16.64 -21.86
N CYS C 369 -15.91 15.36 -22.10
CA CYS C 369 -16.51 14.91 -23.34
C CYS C 369 -17.70 14.01 -23.04
N VAL C 370 -18.65 13.98 -23.96
CA VAL C 370 -19.89 13.22 -23.79
C VAL C 370 -19.99 12.20 -24.92
N TYR C 371 -20.21 10.94 -24.57
CA TYR C 371 -20.41 9.88 -25.54
C TYR C 371 -21.50 8.95 -25.04
N ASN C 372 -22.53 8.75 -25.85
CA ASN C 372 -23.66 7.87 -25.52
C ASN C 372 -24.36 8.31 -24.24
N GLY C 373 -24.35 9.61 -23.96
CA GLY C 373 -25.01 10.14 -22.79
C GLY C 373 -24.23 10.03 -21.51
N ALA C 374 -23.00 9.51 -21.54
CA ALA C 374 -22.17 9.34 -20.36
C ALA C 374 -21.00 10.31 -20.45
N ALA C 375 -20.85 11.17 -19.45
CA ALA C 375 -19.77 12.14 -19.44
C ALA C 375 -18.45 11.46 -19.13
N TYR C 376 -17.42 11.78 -19.92
CA TYR C 376 -16.09 11.26 -19.73
C TYR C 376 -15.21 12.31 -19.06
N ALA C 377 -13.91 12.04 -18.99
CA ALA C 377 -12.94 12.93 -18.36
C ALA C 377 -11.81 13.22 -19.33
N PRO C 378 -11.13 14.35 -19.17
CA PRO C 378 -9.97 14.64 -20.01
C PRO C 378 -8.92 13.55 -19.89
N GLY C 379 -8.62 12.92 -21.02
CA GLY C 379 -7.71 11.80 -21.06
C GLY C 379 -8.37 10.44 -21.07
N ALA C 380 -9.66 10.37 -20.76
CA ALA C 380 -10.37 9.09 -20.82
C ALA C 380 -10.56 8.65 -22.26
N THR C 381 -10.65 7.34 -22.45
CA THR C 381 -10.75 6.75 -23.78
C THR C 381 -11.91 5.78 -23.84
N TYR C 382 -12.49 5.64 -25.03
CA TYR C 382 -13.44 4.59 -25.33
C TYR C 382 -13.04 3.94 -26.64
N SER C 383 -13.59 2.76 -26.91
CA SER C 383 -13.25 2.00 -28.10
C SER C 383 -14.48 1.32 -28.67
N THR C 384 -14.60 1.37 -29.99
CA THR C 384 -15.58 0.59 -30.72
C THR C 384 -14.89 -0.57 -31.40
N ASP C 385 -15.65 -1.35 -32.16
CA ASP C 385 -15.05 -2.44 -32.93
C ASP C 385 -14.15 -1.92 -34.04
N CYS C 386 -14.36 -0.69 -34.50
CA CYS C 386 -13.65 -0.15 -35.66
C CYS C 386 -12.75 1.04 -35.35
N THR C 387 -12.82 1.62 -34.14
CA THR C 387 -12.08 2.83 -33.85
C THR C 387 -11.79 2.92 -32.35
N ASN C 388 -10.86 3.80 -32.00
CA ASN C 388 -10.46 4.03 -30.62
C ASN C 388 -10.30 5.54 -30.41
N CYS C 389 -11.14 6.11 -29.54
CA CYS C 389 -11.21 7.56 -29.37
C CYS C 389 -10.79 7.94 -27.96
N THR C 390 -10.19 9.13 -27.84
CA THR C 390 -9.76 9.69 -26.57
C THR C 390 -10.23 11.13 -26.45
N CYS C 391 -10.63 11.52 -25.25
CA CYS C 391 -11.11 12.88 -24.99
C CYS C 391 -9.94 13.80 -24.69
N SER C 392 -9.99 15.00 -25.27
CA SER C 392 -8.96 16.01 -25.04
C SER C 392 -9.51 17.36 -25.44
N GLY C 393 -9.40 18.34 -24.53
CA GLY C 393 -9.90 19.68 -24.82
C GLY C 393 -11.37 19.73 -25.14
N GLY C 394 -12.15 18.78 -24.64
CA GLY C 394 -13.57 18.71 -24.95
C GLY C 394 -13.91 18.11 -26.30
N ARG C 395 -12.92 17.57 -27.01
N ARG C 395 -12.92 17.59 -27.02
CA ARG C 395 -13.14 16.99 -28.32
CA ARG C 395 -13.12 17.00 -28.34
C ARG C 395 -12.56 15.58 -28.38
C ARG C 395 -12.58 15.58 -28.36
N TRP C 396 -13.15 14.76 -29.24
CA TRP C 396 -12.74 13.37 -29.38
C TRP C 396 -11.73 13.24 -30.52
N SER C 397 -10.57 12.65 -30.21
CA SER C 397 -9.56 12.33 -31.20
C SER C 397 -9.58 10.82 -31.40
N CYS C 398 -9.84 10.38 -32.63
CA CYS C 398 -10.11 8.98 -32.92
C CYS C 398 -9.06 8.42 -33.87
N GLN C 399 -8.61 7.21 -33.59
CA GLN C 399 -7.67 6.48 -34.43
C GLN C 399 -8.34 5.20 -34.94
N GLU C 400 -8.15 4.92 -36.22
CA GLU C 400 -8.71 3.72 -36.82
C GLU C 400 -7.93 2.48 -36.41
N VAL C 401 -8.64 1.37 -36.28
CA VAL C 401 -8.02 0.09 -35.93
C VAL C 401 -8.47 -0.94 -36.97
N PRO C 402 -7.72 -2.04 -37.12
CA PRO C 402 -8.16 -3.09 -38.04
C PRO C 402 -9.55 -3.58 -37.69
N CYS C 403 -10.36 -3.81 -38.72
CA CYS C 403 -11.78 -4.07 -38.53
C CYS C 403 -12.30 -5.03 -39.59
N PRO C 404 -12.66 -6.25 -39.20
CA PRO C 404 -13.24 -7.19 -40.18
C PRO C 404 -14.62 -6.74 -40.63
N GLY C 405 -14.97 -7.12 -41.86
CA GLY C 405 -16.25 -6.77 -42.43
C GLY C 405 -17.22 -7.95 -42.38
N THR C 406 -18.51 -7.63 -42.44
CA THR C 406 -19.56 -8.64 -42.33
C THR C 406 -20.59 -8.43 -43.43
N CYS C 407 -20.82 -9.46 -44.23
CA CYS C 407 -21.93 -9.53 -45.16
C CYS C 407 -22.96 -10.50 -44.63
N SER C 408 -24.22 -10.26 -44.96
CA SER C 408 -25.31 -11.09 -44.43
C SER C 408 -26.38 -11.30 -45.50
N VAL C 409 -26.81 -12.55 -45.64
CA VAL C 409 -27.95 -12.92 -46.46
C VAL C 409 -28.99 -13.54 -45.52
N LEU C 410 -30.07 -12.81 -45.28
CA LEU C 410 -31.07 -13.19 -44.29
C LEU C 410 -32.44 -13.28 -44.96
N GLY C 411 -33.19 -14.32 -44.60
CA GLY C 411 -34.51 -14.53 -45.15
C GLY C 411 -34.54 -14.96 -46.59
N GLY C 412 -33.38 -15.21 -47.21
CA GLY C 412 -33.30 -15.54 -48.61
C GLY C 412 -33.41 -14.35 -49.55
N ALA C 413 -33.72 -13.16 -49.04
CA ALA C 413 -33.87 -12.00 -49.90
C ALA C 413 -33.23 -10.72 -49.37
N HIS C 414 -32.86 -10.65 -48.10
CA HIS C 414 -32.33 -9.42 -47.51
C HIS C 414 -30.82 -9.49 -47.46
N PHE C 415 -30.16 -8.58 -48.16
CA PHE C 415 -28.71 -8.55 -48.27
C PHE C 415 -28.16 -7.32 -47.57
N SER C 416 -27.08 -7.52 -46.81
CA SER C 416 -26.34 -6.43 -46.19
C SER C 416 -24.87 -6.62 -46.53
N THR C 417 -24.30 -5.69 -47.29
CA THR C 417 -22.96 -5.87 -47.84
C THR C 417 -21.89 -5.61 -46.78
N PHE C 418 -20.63 -5.73 -47.20
CA PHE C 418 -19.51 -5.51 -46.29
C PHE C 418 -19.44 -4.06 -45.82
N ASP C 419 -19.87 -3.12 -46.66
CA ASP C 419 -19.82 -1.70 -46.34
C ASP C 419 -21.07 -1.20 -45.66
N GLY C 420 -22.01 -2.10 -45.33
CA GLY C 420 -23.22 -1.73 -44.63
C GLY C 420 -24.41 -1.44 -45.51
N LYS C 421 -24.25 -1.43 -46.82
CA LYS C 421 -25.38 -1.19 -47.71
C LYS C 421 -26.38 -2.35 -47.62
N GLN C 422 -27.67 -2.01 -47.54
CA GLN C 422 -28.73 -2.98 -47.39
C GLN C 422 -29.69 -2.89 -48.56
N TYR C 423 -30.13 -4.05 -49.04
CA TYR C 423 -31.10 -4.11 -50.12
C TYR C 423 -31.87 -5.42 -50.03
N THR C 424 -32.86 -5.59 -50.91
CA THR C 424 -33.74 -6.75 -50.86
C THR C 424 -34.18 -7.09 -52.28
N VAL C 425 -33.61 -8.17 -52.82
CA VAL C 425 -33.97 -8.67 -54.15
C VAL C 425 -34.30 -10.15 -54.02
N HIS C 426 -35.41 -10.56 -54.64
CA HIS C 426 -35.86 -11.95 -54.60
C HIS C 426 -35.37 -12.65 -55.87
N GLY C 427 -34.19 -13.26 -55.78
CA GLY C 427 -33.61 -13.92 -56.92
C GLY C 427 -34.15 -15.32 -57.16
N ASP C 428 -33.86 -15.84 -58.35
CA ASP C 428 -34.28 -17.19 -58.76
C ASP C 428 -33.14 -17.88 -59.49
N CYS C 429 -31.92 -17.79 -58.97
CA CYS C 429 -30.76 -18.35 -59.63
C CYS C 429 -29.64 -18.51 -58.60
N SER C 430 -28.45 -18.86 -59.10
CA SER C 430 -27.24 -18.93 -58.29
C SER C 430 -26.40 -17.69 -58.56
N TYR C 431 -26.01 -17.00 -57.50
CA TYR C 431 -25.41 -15.67 -57.61
C TYR C 431 -24.05 -15.64 -56.93
N VAL C 432 -23.19 -14.75 -57.41
CA VAL C 432 -21.84 -14.61 -56.88
C VAL C 432 -21.90 -13.63 -55.71
N LEU C 433 -21.67 -14.15 -54.50
CA LEU C 433 -21.72 -13.31 -53.31
C LEU C 433 -20.44 -12.52 -53.13
N THR C 434 -19.32 -13.20 -52.94
CA THR C 434 -18.03 -12.54 -52.79
C THR C 434 -16.98 -13.28 -53.59
N LYS C 435 -16.04 -12.52 -54.13
CA LYS C 435 -14.95 -13.03 -54.97
C LYS C 435 -13.94 -11.92 -55.22
N PRO C 436 -12.64 -12.22 -55.17
CA PRO C 436 -11.65 -11.26 -55.64
C PRO C 436 -11.82 -11.00 -57.12
N CYS C 437 -11.65 -9.74 -57.52
CA CYS C 437 -11.88 -9.38 -58.92
C CYS C 437 -10.75 -9.87 -59.80
N ASP C 438 -9.51 -9.74 -59.33
CA ASP C 438 -8.33 -10.05 -60.14
C ASP C 438 -7.82 -11.46 -59.95
N SER C 439 -8.52 -12.30 -59.17
CA SER C 439 -8.06 -13.65 -58.90
C SER C 439 -9.26 -14.53 -58.64
N SER C 440 -8.99 -15.81 -58.38
CA SER C 440 -10.02 -16.80 -58.06
C SER C 440 -9.58 -17.62 -56.85
N ALA C 441 -8.94 -16.97 -55.88
CA ALA C 441 -8.49 -17.67 -54.68
C ALA C 441 -9.67 -18.23 -53.90
N PHE C 442 -10.75 -17.47 -53.80
CA PHE C 442 -11.97 -17.95 -53.17
C PHE C 442 -13.17 -17.37 -53.91
N THR C 443 -14.31 -18.03 -53.76
CA THR C 443 -15.54 -17.57 -54.38
C THR C 443 -16.71 -18.17 -53.62
N VAL C 444 -17.68 -17.33 -53.25
CA VAL C 444 -18.86 -17.78 -52.52
C VAL C 444 -20.09 -17.56 -53.39
N LEU C 445 -20.87 -18.61 -53.58
CA LEU C 445 -22.10 -18.56 -54.37
C LEU C 445 -23.29 -18.88 -53.47
N ALA C 446 -24.44 -18.30 -53.81
CA ALA C 446 -25.68 -18.53 -53.09
C ALA C 446 -26.75 -18.97 -54.08
N GLU C 447 -27.47 -20.03 -53.74
CA GLU C 447 -28.54 -20.56 -54.58
C GLU C 447 -29.87 -20.05 -54.03
N LEU C 448 -30.26 -18.85 -54.46
CA LEU C 448 -31.52 -18.26 -54.06
C LEU C 448 -32.59 -18.63 -55.08
N ARG C 449 -33.58 -19.42 -54.65
CA ARG C 449 -34.58 -19.94 -55.56
C ARG C 449 -35.98 -19.65 -55.03
N ARG C 450 -36.90 -19.40 -55.95
CA ARG C 450 -38.29 -19.17 -55.57
C ARG C 450 -38.88 -20.46 -55.00
N CYS C 451 -39.34 -20.40 -53.75
CA CYS C 451 -39.83 -21.57 -53.03
C CYS C 451 -41.31 -21.42 -52.68
N GLY C 452 -42.08 -20.74 -53.52
CA GLY C 452 -43.50 -20.56 -53.27
C GLY C 452 -44.26 -20.34 -54.56
N LEU C 453 -45.57 -20.17 -54.42
CA LEU C 453 -46.42 -19.94 -55.59
C LEU C 453 -46.10 -18.60 -56.25
N THR C 454 -45.83 -17.58 -55.45
CA THR C 454 -45.52 -16.26 -55.96
C THR C 454 -44.03 -16.12 -56.26
N ASP C 455 -43.66 -14.98 -56.83
CA ASP C 455 -42.28 -14.69 -57.21
C ASP C 455 -41.51 -13.97 -56.11
N SER C 456 -42.12 -13.73 -54.95
CA SER C 456 -41.47 -12.97 -53.88
C SER C 456 -41.24 -13.83 -52.64
N GLU C 457 -41.18 -15.14 -52.78
CA GLU C 457 -40.88 -16.06 -51.67
C GLU C 457 -39.64 -16.83 -52.06
N THR C 458 -38.49 -16.34 -51.61
CA THR C 458 -37.19 -16.88 -52.00
C THR C 458 -36.55 -17.61 -50.82
N CYS C 459 -35.99 -18.78 -51.11
CA CYS C 459 -35.28 -19.58 -50.13
C CYS C 459 -33.83 -19.73 -50.55
N LEU C 460 -32.93 -19.72 -49.57
CA LEU C 460 -31.52 -20.00 -49.79
C LEU C 460 -31.32 -21.50 -49.67
N LYS C 461 -31.16 -22.18 -50.81
CA LYS C 461 -31.13 -23.64 -50.83
C LYS C 461 -29.73 -24.20 -50.63
N SER C 462 -28.69 -23.47 -51.04
CA SER C 462 -27.33 -23.95 -50.89
C SER C 462 -26.37 -22.79 -50.93
N VAL C 463 -25.17 -23.03 -50.39
CA VAL C 463 -24.07 -22.08 -50.42
C VAL C 463 -22.83 -22.83 -50.90
N THR C 464 -22.14 -22.27 -51.89
CA THR C 464 -20.98 -22.90 -52.49
C THR C 464 -19.73 -22.08 -52.18
N LEU C 465 -18.72 -22.74 -51.63
CA LEU C 465 -17.43 -22.13 -51.34
C LEU C 465 -16.40 -22.78 -52.26
N SER C 466 -15.86 -22.00 -53.19
CA SER C 466 -14.88 -22.48 -54.16
C SER C 466 -13.52 -21.90 -53.81
N LEU C 467 -12.50 -22.75 -53.81
CA LEU C 467 -11.15 -22.37 -53.38
C LEU C 467 -10.14 -22.78 -54.44
N ASP C 468 -9.23 -21.85 -54.75
CA ASP C 468 -8.09 -22.09 -55.63
C ASP C 468 -8.53 -22.51 -57.03
N GLY C 469 -9.29 -21.63 -57.68
CA GLY C 469 -9.73 -21.89 -59.03
C GLY C 469 -10.61 -23.12 -59.16
N ALA C 470 -11.58 -23.28 -58.26
CA ALA C 470 -12.50 -24.41 -58.23
C ALA C 470 -11.80 -25.73 -57.99
N GLN C 471 -10.59 -25.71 -57.42
CA GLN C 471 -9.92 -26.95 -57.04
C GLN C 471 -10.41 -27.50 -55.72
N THR C 472 -11.13 -26.72 -54.92
CA THR C 472 -11.75 -27.23 -53.69
C THR C 472 -13.14 -26.60 -53.60
N VAL C 473 -14.17 -27.39 -53.90
CA VAL C 473 -15.54 -26.91 -53.92
C VAL C 473 -16.31 -27.58 -52.79
N VAL C 474 -16.90 -26.78 -51.92
CA VAL C 474 -17.71 -27.26 -50.82
C VAL C 474 -19.12 -26.70 -51.00
N VAL C 475 -20.09 -27.59 -51.15
CA VAL C 475 -21.50 -27.20 -51.31
C VAL C 475 -22.23 -27.60 -50.04
N ILE C 476 -22.80 -26.62 -49.36
CA ILE C 476 -23.57 -26.84 -48.14
C ILE C 476 -25.03 -26.57 -48.46
N LYS C 477 -25.86 -27.59 -48.34
CA LYS C 477 -27.27 -27.51 -48.69
C LYS C 477 -28.10 -27.05 -47.49
N ALA C 478 -29.34 -26.66 -47.78
CA ALA C 478 -30.24 -26.20 -46.72
C ALA C 478 -30.68 -27.34 -45.80
N SER C 479 -30.47 -28.58 -46.21
CA SER C 479 -30.82 -29.74 -45.39
C SER C 479 -29.69 -30.19 -44.48
N GLY C 480 -28.58 -29.46 -44.45
CA GLY C 480 -27.44 -29.80 -43.63
C GLY C 480 -26.41 -30.69 -44.29
N GLU C 481 -26.69 -31.19 -45.49
CA GLU C 481 -25.72 -32.03 -46.19
C GLU C 481 -24.55 -31.20 -46.70
N VAL C 482 -23.35 -31.77 -46.60
CA VAL C 482 -22.12 -31.11 -47.05
C VAL C 482 -21.48 -32.00 -48.10
N PHE C 483 -21.19 -31.41 -49.26
CA PHE C 483 -20.54 -32.11 -50.36
C PHE C 483 -19.18 -31.47 -50.60
N LEU C 484 -18.12 -32.24 -50.35
CA LEU C 484 -16.76 -31.84 -50.66
C LEU C 484 -16.35 -32.49 -51.97
N ASN C 485 -16.06 -31.67 -52.98
CA ASN C 485 -15.62 -32.14 -54.29
C ASN C 485 -16.59 -33.19 -54.84
N GLN C 486 -17.88 -32.86 -54.77
CA GLN C 486 -18.98 -33.69 -55.27
C GLN C 486 -19.12 -35.00 -54.50
N ILE C 487 -18.56 -35.09 -53.30
CA ILE C 487 -18.65 -36.29 -52.48
C ILE C 487 -19.34 -35.91 -51.17
N TYR C 488 -20.44 -36.58 -50.85
CA TYR C 488 -21.18 -36.32 -49.63
C TYR C 488 -20.32 -36.72 -48.44
N THR C 489 -19.81 -35.73 -47.70
CA THR C 489 -18.89 -35.98 -46.60
C THR C 489 -19.61 -35.83 -45.27
N GLN C 490 -18.86 -36.06 -44.19
CA GLN C 490 -19.37 -35.93 -42.83
C GLN C 490 -18.51 -34.92 -42.07
N LEU C 491 -19.16 -33.96 -41.42
CA LEU C 491 -18.43 -32.96 -40.67
C LEU C 491 -17.81 -33.59 -39.41
N PRO C 492 -16.68 -33.06 -38.94
CA PRO C 492 -15.90 -31.94 -39.47
C PRO C 492 -14.95 -32.36 -40.59
N ILE C 493 -14.60 -31.43 -41.47
CA ILE C 493 -13.66 -31.68 -42.56
C ILE C 493 -12.51 -30.68 -42.43
N SER C 494 -11.29 -31.18 -42.53
CA SER C 494 -10.09 -30.35 -42.58
C SER C 494 -9.49 -30.54 -43.97
N ALA C 495 -10.00 -29.80 -44.94
CA ALA C 495 -9.57 -29.94 -46.32
C ALA C 495 -8.44 -28.95 -46.60
N ALA C 496 -8.08 -28.79 -47.86
CA ALA C 496 -7.03 -27.85 -48.25
C ALA C 496 -7.50 -26.43 -47.99
N ASN C 497 -6.83 -25.75 -47.05
CA ASN C 497 -7.04 -24.34 -46.75
C ASN C 497 -8.41 -24.04 -46.16
N VAL C 498 -9.14 -25.05 -45.67
CA VAL C 498 -10.48 -24.82 -45.14
C VAL C 498 -10.77 -25.87 -44.06
N THR C 499 -11.51 -25.43 -43.04
CA THR C 499 -12.00 -26.33 -41.99
C THR C 499 -13.47 -26.03 -41.75
N ILE C 500 -14.30 -27.07 -41.85
CA ILE C 500 -15.75 -26.95 -41.72
C ILE C 500 -16.20 -27.83 -40.57
N PHE C 501 -17.00 -27.26 -39.67
CA PHE C 501 -17.46 -27.99 -38.50
C PHE C 501 -18.88 -27.54 -38.15
N ARG C 502 -19.46 -28.24 -37.17
CA ARG C 502 -20.82 -28.01 -36.70
C ARG C 502 -20.79 -27.69 -35.21
N PRO C 503 -20.76 -26.41 -34.84
CA PRO C 503 -20.78 -26.07 -33.41
C PRO C 503 -22.03 -26.55 -32.69
N SER C 504 -23.16 -26.62 -33.39
CA SER C 504 -24.39 -27.13 -32.82
C SER C 504 -25.22 -27.72 -33.95
N THR C 505 -26.43 -28.16 -33.62
CA THR C 505 -27.35 -28.69 -34.62
C THR C 505 -27.97 -27.60 -35.48
N PHE C 506 -27.78 -26.33 -35.12
CA PHE C 506 -28.39 -25.22 -35.83
C PHE C 506 -27.45 -24.52 -36.81
N PHE C 507 -26.14 -24.67 -36.63
CA PHE C 507 -25.17 -23.87 -37.38
C PHE C 507 -24.08 -24.74 -37.97
N ILE C 508 -23.56 -24.30 -39.11
CA ILE C 508 -22.36 -24.88 -39.72
C ILE C 508 -21.38 -23.73 -39.96
N ILE C 509 -20.13 -23.89 -39.51
CA ILE C 509 -19.13 -22.84 -39.62
C ILE C 509 -17.98 -23.36 -40.47
N ALA C 510 -17.61 -22.58 -41.48
CA ALA C 510 -16.52 -22.91 -42.39
C ALA C 510 -15.51 -21.78 -42.38
N GLN C 511 -14.29 -22.07 -41.94
CA GLN C 511 -13.23 -21.08 -41.82
C GLN C 511 -12.11 -21.41 -42.81
N THR C 512 -11.73 -20.45 -43.63
CA THR C 512 -10.63 -20.62 -44.56
C THR C 512 -9.40 -19.87 -44.06
N SER C 513 -8.25 -20.23 -44.63
CA SER C 513 -6.99 -19.57 -44.27
C SER C 513 -6.76 -18.28 -45.02
N LEU C 514 -7.68 -17.89 -45.91
CA LEU C 514 -7.58 -16.66 -46.68
C LEU C 514 -8.24 -15.47 -45.99
N GLY C 515 -8.71 -15.65 -44.75
CA GLY C 515 -9.40 -14.59 -44.05
C GLY C 515 -10.90 -14.59 -44.18
N LEU C 516 -11.49 -15.69 -44.63
CA LEU C 516 -12.92 -15.77 -44.87
C LEU C 516 -13.56 -16.75 -43.89
N GLN C 517 -14.72 -16.37 -43.36
CA GLN C 517 -15.45 -17.23 -42.44
C GLN C 517 -16.93 -17.21 -42.79
N LEU C 518 -17.57 -18.38 -42.75
CA LEU C 518 -18.98 -18.53 -43.10
C LEU C 518 -19.71 -19.14 -41.92
N ASN C 519 -20.75 -18.46 -41.46
CA ASN C 519 -21.71 -19.00 -40.50
C ASN C 519 -23.01 -19.27 -41.23
N LEU C 520 -23.49 -20.50 -41.15
CA LEU C 520 -24.67 -20.93 -41.91
C LEU C 520 -25.70 -21.46 -40.92
N GLN C 521 -26.78 -20.72 -40.74
CA GLN C 521 -27.89 -21.13 -39.88
C GLN C 521 -28.85 -21.98 -40.68
N LEU C 522 -29.13 -23.19 -40.19
CA LEU C 522 -29.97 -24.15 -40.90
C LEU C 522 -31.35 -24.30 -40.28
N VAL C 523 -31.56 -23.81 -39.07
CA VAL C 523 -32.84 -23.93 -38.37
C VAL C 523 -33.30 -22.52 -38.00
N PRO C 524 -34.52 -22.11 -38.39
CA PRO C 524 -35.50 -22.87 -39.18
C PRO C 524 -35.26 -22.74 -40.67
N THR C 525 -34.61 -21.67 -41.12
CA THR C 525 -34.31 -21.45 -42.52
C THR C 525 -32.83 -21.14 -42.67
N MET C 526 -32.33 -21.35 -43.88
CA MET C 526 -30.90 -21.19 -44.16
C MET C 526 -30.57 -19.70 -44.30
N GLN C 527 -29.67 -19.21 -43.45
CA GLN C 527 -29.20 -17.83 -43.48
C GLN C 527 -27.69 -17.82 -43.39
N LEU C 528 -27.08 -16.81 -44.01
CA LEU C 528 -25.63 -16.76 -44.13
C LEU C 528 -25.06 -15.49 -43.53
N PHE C 529 -23.97 -15.64 -42.77
CA PHE C 529 -23.19 -14.53 -42.25
C PHE C 529 -21.74 -14.76 -42.65
N MET C 530 -21.21 -13.92 -43.54
CA MET C 530 -19.83 -14.01 -43.98
C MET C 530 -19.01 -12.93 -43.30
N GLN C 531 -17.85 -13.32 -42.78
CA GLN C 531 -16.92 -12.40 -42.15
C GLN C 531 -15.61 -12.41 -42.94
N LEU C 532 -15.09 -11.21 -43.22
CA LEU C 532 -13.90 -11.05 -44.05
C LEU C 532 -12.85 -10.27 -43.27
N ALA C 533 -11.60 -10.72 -43.41
CA ALA C 533 -10.49 -10.08 -42.73
C ALA C 533 -10.21 -8.71 -43.35
N PRO C 534 -9.63 -7.78 -42.57
CA PRO C 534 -9.34 -6.44 -43.11
C PRO C 534 -8.33 -6.45 -44.24
N LYS C 535 -7.54 -7.52 -44.39
CA LYS C 535 -6.53 -7.56 -45.46
C LYS C 535 -7.13 -7.59 -46.85
N LEU C 536 -8.43 -7.87 -46.98
CA LEU C 536 -9.10 -7.95 -48.27
C LEU C 536 -9.94 -6.72 -48.57
N ARG C 537 -9.68 -5.61 -47.89
CA ARG C 537 -10.44 -4.39 -48.12
C ARG C 537 -10.12 -3.81 -49.49
N GLY C 538 -11.16 -3.50 -50.26
CA GLY C 538 -11.00 -2.93 -51.58
C GLY C 538 -10.63 -3.92 -52.67
N GLN C 539 -10.59 -5.21 -52.37
CA GLN C 539 -10.16 -6.22 -53.33
C GLN C 539 -11.28 -7.15 -53.78
N THR C 540 -12.24 -7.47 -52.93
CA THR C 540 -13.32 -8.36 -53.30
C THR C 540 -14.36 -7.61 -54.13
N CYS C 541 -15.27 -8.37 -54.73
CA CYS C 541 -16.39 -7.81 -55.49
C CYS C 541 -17.42 -8.87 -55.83
N GLY C 542 -18.69 -8.52 -55.67
CA GLY C 542 -19.78 -9.47 -55.81
C GLY C 542 -21.07 -8.82 -55.32
N LEU C 543 -21.98 -9.68 -54.83
CA LEU C 543 -23.20 -9.16 -54.22
C LEU C 543 -22.96 -8.52 -52.86
N CYS C 544 -21.77 -8.68 -52.29
CA CYS C 544 -21.45 -8.13 -50.98
C CYS C 544 -20.59 -6.88 -51.05
N GLY C 545 -20.45 -6.29 -52.23
CA GLY C 545 -19.69 -5.06 -52.37
C GLY C 545 -18.20 -5.30 -52.49
N ASN C 546 -17.46 -4.19 -52.59
CA ASN C 546 -16.02 -4.23 -52.76
C ASN C 546 -15.25 -4.01 -51.47
N PHE C 547 -15.95 -3.89 -50.34
CA PHE C 547 -15.31 -3.84 -49.01
C PHE C 547 -14.31 -2.68 -48.91
N ASN C 548 -14.69 -1.52 -49.44
CA ASN C 548 -13.82 -0.35 -49.41
C ASN C 548 -14.44 0.80 -48.60
N SER C 549 -15.31 0.47 -47.65
CA SER C 549 -15.90 1.40 -46.70
C SER C 549 -16.79 2.45 -47.35
N ILE C 550 -17.11 2.29 -48.63
CA ILE C 550 -17.95 3.24 -49.36
C ILE C 550 -19.21 2.50 -49.80
N GLN C 551 -20.37 3.02 -49.42
CA GLN C 551 -21.64 2.41 -49.81
C GLN C 551 -22.07 2.82 -51.21
N ALA C 552 -21.57 3.95 -51.72
CA ALA C 552 -22.03 4.44 -53.01
C ALA C 552 -21.68 3.49 -54.14
N ASP C 553 -20.48 2.92 -54.12
CA ASP C 553 -20.01 2.07 -55.19
C ASP C 553 -20.30 0.59 -54.96
N ASP C 554 -21.13 0.26 -53.98
CA ASP C 554 -21.47 -1.13 -53.74
C ASP C 554 -22.42 -1.70 -54.78
N PHE C 555 -23.07 -0.84 -55.57
CA PHE C 555 -23.91 -1.26 -56.68
C PHE C 555 -23.19 -1.15 -58.02
N ARG C 556 -21.85 -1.16 -58.01
CA ARG C 556 -21.08 -1.08 -59.24
CA ARG C 556 -21.08 -1.08 -59.24
C ARG C 556 -20.95 -2.47 -59.84
N THR C 557 -21.38 -2.62 -61.09
CA THR C 557 -21.29 -3.89 -61.78
C THR C 557 -19.88 -4.10 -62.34
N LEU C 558 -19.66 -5.26 -62.94
CA LEU C 558 -18.37 -5.53 -63.57
C LEU C 558 -18.15 -4.69 -64.82
N SER C 559 -19.21 -4.11 -65.37
CA SER C 559 -19.05 -3.21 -66.51
C SER C 559 -18.25 -1.98 -66.12
N GLY C 560 -18.53 -1.40 -64.96
CA GLY C 560 -17.75 -0.28 -64.48
C GLY C 560 -18.57 0.88 -63.93
N VAL C 561 -19.89 0.81 -64.06
CA VAL C 561 -20.77 1.89 -63.61
C VAL C 561 -21.59 1.42 -62.42
N VAL C 562 -22.05 2.39 -61.63
CA VAL C 562 -22.86 2.12 -60.46
C VAL C 562 -24.33 2.17 -60.86
N GLU C 563 -25.06 1.08 -60.59
CA GLU C 563 -26.47 1.03 -60.92
C GLU C 563 -27.29 1.81 -59.89
N ALA C 564 -28.51 2.13 -60.27
CA ALA C 564 -29.41 2.92 -59.43
C ALA C 564 -30.35 2.07 -58.58
N THR C 565 -30.70 0.88 -59.05
CA THR C 565 -31.61 0.01 -58.32
C THR C 565 -30.89 -1.27 -57.92
N ALA C 566 -31.37 -1.88 -56.83
CA ALA C 566 -30.77 -3.11 -56.36
C ALA C 566 -30.99 -4.26 -57.34
N ALA C 567 -32.14 -4.29 -58.00
CA ALA C 567 -32.44 -5.39 -58.91
C ALA C 567 -31.53 -5.39 -60.13
N ALA C 568 -31.25 -4.22 -60.69
CA ALA C 568 -30.42 -4.14 -61.89
C ALA C 568 -29.01 -4.64 -61.62
N PHE C 569 -28.41 -4.22 -60.49
CA PHE C 569 -27.09 -4.69 -60.13
C PHE C 569 -27.12 -6.16 -59.70
N PHE C 570 -28.23 -6.59 -59.08
CA PHE C 570 -28.36 -7.97 -58.62
C PHE C 570 -28.40 -8.93 -59.80
N ASN C 571 -29.11 -8.57 -60.87
CA ASN C 571 -29.27 -9.45 -62.02
C ASN C 571 -27.98 -9.61 -62.82
N THR C 572 -26.97 -8.77 -62.60
CA THR C 572 -25.72 -8.89 -63.34
C THR C 572 -24.78 -9.93 -62.75
N PHE C 573 -25.10 -10.48 -61.59
CA PHE C 573 -24.27 -11.51 -60.95
C PHE C 573 -24.89 -12.89 -61.04
N LYS C 574 -25.76 -13.11 -62.03
CA LYS C 574 -26.24 -14.46 -62.31
C LYS C 574 -25.09 -15.31 -62.84
N THR C 575 -25.25 -16.62 -62.71
CA THR C 575 -24.27 -17.57 -63.23
C THR C 575 -24.74 -18.30 -64.48
N GLN C 576 -26.04 -18.29 -64.76
CA GLN C 576 -26.59 -19.00 -65.92
C GLN C 576 -27.49 -18.05 -66.70
N ALA C 577 -27.56 -18.29 -68.01
CA ALA C 577 -28.34 -17.42 -68.89
C ALA C 577 -29.84 -17.62 -68.71
N ALA C 578 -30.27 -18.85 -68.43
CA ALA C 578 -31.70 -19.15 -68.35
C ALA C 578 -32.37 -18.56 -67.12
N CYS C 579 -31.61 -18.07 -66.16
CA CYS C 579 -32.20 -17.53 -64.94
C CYS C 579 -32.96 -16.24 -65.24
N PRO C 580 -34.11 -16.02 -64.61
CA PRO C 580 -34.89 -14.82 -64.89
C PRO C 580 -34.22 -13.56 -64.39
N ASN C 581 -34.58 -12.45 -65.01
CA ASN C 581 -34.13 -11.13 -64.58
C ASN C 581 -35.13 -10.58 -63.58
N ILE C 582 -34.68 -10.35 -62.35
CA ILE C 582 -35.57 -9.93 -61.27
C ILE C 582 -35.81 -8.44 -61.37
N ARG C 583 -37.08 -8.04 -61.38
CA ARG C 583 -37.47 -6.64 -61.35
C ARG C 583 -38.16 -6.37 -60.02
N ASN C 584 -37.67 -5.37 -59.30
CA ASN C 584 -38.16 -5.09 -57.96
C ASN C 584 -39.43 -4.25 -58.03
N SER C 585 -40.54 -4.82 -57.58
CA SER C 585 -41.81 -4.10 -57.51
C SER C 585 -41.93 -3.44 -56.14
N PHE C 586 -43.11 -2.92 -55.84
CA PHE C 586 -43.33 -2.21 -54.57
C PHE C 586 -44.45 -2.85 -53.78
N GLU C 587 -44.43 -4.18 -53.68
CA GLU C 587 -45.48 -4.90 -52.97
C GLU C 587 -45.37 -4.67 -51.47
N ASP C 588 -46.52 -4.79 -50.79
CA ASP C 588 -46.59 -4.74 -49.33
C ASP C 588 -47.41 -5.93 -48.87
N PRO C 589 -46.77 -7.06 -48.57
CA PRO C 589 -47.52 -8.27 -48.21
C PRO C 589 -48.42 -8.11 -47.01
N CYS C 590 -48.01 -7.31 -46.02
CA CYS C 590 -48.81 -7.15 -44.81
C CYS C 590 -50.17 -6.53 -45.11
N SER C 591 -50.26 -5.77 -46.19
CA SER C 591 -51.53 -5.16 -46.59
C SER C 591 -52.48 -6.15 -47.24
N LEU C 592 -52.01 -7.35 -47.61
CA LEU C 592 -52.84 -8.32 -48.31
C LEU C 592 -53.62 -9.23 -47.38
N SER C 593 -53.34 -9.22 -46.08
CA SER C 593 -54.04 -10.10 -45.15
C SER C 593 -54.13 -9.43 -43.78
N VAL C 594 -55.34 -9.39 -43.22
CA VAL C 594 -55.53 -8.79 -41.90
C VAL C 594 -54.87 -9.65 -40.83
N GLU C 595 -55.14 -10.97 -40.85
CA GLU C 595 -54.61 -11.84 -39.82
C GLU C 595 -53.10 -11.95 -39.88
N ASN C 596 -52.54 -12.02 -41.10
CA ASN C 596 -51.09 -12.08 -41.24
C ASN C 596 -50.43 -10.81 -40.72
N GLU C 597 -51.02 -9.64 -41.04
CA GLU C 597 -50.48 -8.38 -40.55
C GLU C 597 -50.57 -8.30 -39.04
N LYS C 598 -51.68 -8.75 -38.46
CA LYS C 598 -51.83 -8.73 -37.00
C LYS C 598 -50.79 -9.63 -36.35
N TYR C 599 -50.59 -10.83 -36.88
CA TYR C 599 -49.61 -11.75 -36.32
C TYR C 599 -48.20 -11.17 -36.42
N ALA C 600 -47.86 -10.62 -37.60
CA ALA C 600 -46.53 -10.05 -37.79
C ALA C 600 -46.29 -8.86 -36.88
N GLN C 601 -47.28 -7.99 -36.72
CA GLN C 601 -47.13 -6.84 -35.84
C GLN C 601 -47.00 -7.27 -34.38
N HIS C 602 -47.79 -8.28 -33.97
CA HIS C 602 -47.74 -8.72 -32.58
C HIS C 602 -46.42 -9.38 -32.24
N TRP C 603 -45.88 -10.19 -33.14
CA TRP C 603 -44.70 -10.98 -32.80
C TRP C 603 -43.37 -10.37 -33.26
N CYS C 604 -43.40 -9.43 -34.21
CA CYS C 604 -42.18 -8.80 -34.67
C CYS C 604 -41.87 -7.49 -33.96
N SER C 605 -42.86 -6.88 -33.30
CA SER C 605 -42.63 -5.63 -32.59
C SER C 605 -41.75 -5.81 -31.36
N GLN C 606 -41.51 -7.05 -30.92
CA GLN C 606 -40.60 -7.29 -29.81
C GLN C 606 -39.17 -6.89 -30.14
N LEU C 607 -38.83 -6.84 -31.43
CA LEU C 607 -37.49 -6.39 -31.82
C LEU C 607 -37.28 -4.93 -31.46
N THR C 608 -38.29 -4.09 -31.67
CA THR C 608 -38.19 -2.66 -31.39
C THR C 608 -38.70 -2.29 -30.00
N ASP C 609 -39.12 -3.27 -29.20
CA ASP C 609 -39.60 -3.00 -27.85
C ASP C 609 -38.42 -2.84 -26.92
N ALA C 610 -38.24 -1.64 -26.37
CA ALA C 610 -37.08 -1.37 -25.53
C ALA C 610 -37.11 -2.15 -24.23
N ASP C 611 -38.29 -2.53 -23.75
CA ASP C 611 -38.43 -3.24 -22.49
C ASP C 611 -38.83 -4.71 -22.72
N GLY C 612 -38.37 -5.30 -23.82
CA GLY C 612 -38.68 -6.68 -24.12
C GLY C 612 -37.47 -7.58 -24.02
N PRO C 613 -37.59 -8.80 -24.55
CA PRO C 613 -36.45 -9.73 -24.51
C PRO C 613 -35.24 -9.25 -25.30
N PHE C 614 -35.42 -8.37 -26.27
CA PHE C 614 -34.33 -7.87 -27.10
C PHE C 614 -33.93 -6.45 -26.75
N GLY C 615 -34.38 -5.93 -25.61
CA GLY C 615 -34.11 -4.55 -25.25
C GLY C 615 -32.67 -4.28 -24.86
N ARG C 616 -31.93 -5.30 -24.46
CA ARG C 616 -30.53 -5.15 -24.07
C ARG C 616 -29.58 -5.04 -25.24
N CYS C 617 -30.10 -4.89 -26.46
CA CYS C 617 -29.27 -4.84 -27.65
C CYS C 617 -29.50 -3.59 -28.51
N HIS C 618 -30.46 -2.74 -28.16
CA HIS C 618 -30.78 -1.59 -29.01
C HIS C 618 -29.61 -0.62 -29.11
N ALA C 619 -28.73 -0.59 -28.11
CA ALA C 619 -27.55 0.26 -28.18
C ALA C 619 -26.48 -0.33 -29.10
N ALA C 620 -26.42 -1.66 -29.18
CA ALA C 620 -25.40 -2.30 -30.01
C ALA C 620 -25.83 -2.39 -31.47
N VAL C 621 -27.02 -2.95 -31.71
CA VAL C 621 -27.53 -3.17 -33.06
C VAL C 621 -28.86 -2.45 -33.19
N LYS C 622 -29.01 -1.67 -34.25
CA LYS C 622 -30.28 -1.01 -34.53
C LYS C 622 -31.29 -2.03 -35.06
N PRO C 623 -32.44 -2.19 -34.41
CA PRO C 623 -33.40 -3.23 -34.83
C PRO C 623 -34.38 -2.83 -35.94
N GLY C 624 -34.24 -1.64 -36.53
CA GLY C 624 -35.20 -1.22 -37.53
C GLY C 624 -35.20 -2.10 -38.77
N THR C 625 -34.00 -2.38 -39.29
CA THR C 625 -33.90 -3.24 -40.46
C THR C 625 -34.38 -4.65 -40.16
N TYR C 626 -34.04 -5.16 -38.97
CA TYR C 626 -34.51 -6.48 -38.57
C TYR C 626 -36.02 -6.50 -38.39
N TYR C 627 -36.59 -5.41 -37.87
CA TYR C 627 -38.05 -5.33 -37.76
C TYR C 627 -38.70 -5.34 -39.14
N SER C 628 -38.14 -4.59 -40.09
CA SER C 628 -38.70 -4.59 -41.45
C SER C 628 -38.61 -5.97 -42.08
N ASN C 629 -37.46 -6.64 -41.92
CA ASN C 629 -37.32 -8.00 -42.43
C ASN C 629 -38.32 -8.94 -41.78
N CYS C 630 -38.52 -8.82 -40.47
CA CYS C 630 -39.49 -9.66 -39.77
C CYS C 630 -40.88 -9.46 -40.33
N MET C 631 -41.29 -8.19 -40.48
CA MET C 631 -42.63 -7.91 -40.99
C MET C 631 -42.81 -8.47 -42.39
N PHE C 632 -41.87 -8.17 -43.30
CA PHE C 632 -42.00 -8.62 -44.67
C PHE C 632 -42.02 -10.14 -44.76
N ASP C 633 -41.09 -10.80 -44.08
CA ASP C 633 -41.01 -12.26 -44.16
C ASP C 633 -42.24 -12.92 -43.56
N THR C 634 -42.69 -12.44 -42.39
CA THR C 634 -43.85 -13.04 -41.75
C THR C 634 -45.11 -12.85 -42.60
N CYS C 635 -45.28 -11.68 -43.21
CA CYS C 635 -46.47 -11.44 -44.00
C CYS C 635 -46.40 -12.15 -45.35
N ASN C 636 -45.20 -12.42 -45.87
CA ASN C 636 -45.07 -12.92 -47.22
C ASN C 636 -45.06 -14.45 -47.29
N CYS C 637 -44.18 -15.10 -46.53
CA CYS C 637 -44.00 -16.53 -46.67
C CYS C 637 -45.18 -17.30 -46.07
N GLU C 638 -45.40 -18.51 -46.61
CA GLU C 638 -46.52 -19.33 -46.17
C GLU C 638 -46.35 -19.77 -44.72
N ARG C 639 -45.14 -20.21 -44.35
CA ARG C 639 -44.85 -20.63 -42.97
C ARG C 639 -44.40 -19.39 -42.19
N SER C 640 -45.39 -18.66 -41.67
CA SER C 640 -45.12 -17.38 -41.03
C SER C 640 -44.24 -17.53 -39.80
N GLU C 641 -44.49 -18.57 -39.00
CA GLU C 641 -43.70 -18.77 -37.79
C GLU C 641 -42.23 -19.02 -38.13
N ASP C 642 -41.96 -19.76 -39.20
CA ASP C 642 -40.59 -20.05 -39.59
C ASP C 642 -39.84 -18.76 -39.93
N CYS C 643 -40.47 -17.88 -40.70
CA CYS C 643 -39.81 -16.63 -41.10
C CYS C 643 -39.66 -15.68 -39.92
N LEU C 644 -40.67 -15.63 -39.05
CA LEU C 644 -40.55 -14.82 -37.83
C LEU C 644 -39.39 -15.30 -36.97
N CYS C 645 -39.28 -16.63 -36.79
CA CYS C 645 -38.20 -17.18 -35.99
C CYS C 645 -36.85 -16.91 -36.65
N ALA C 646 -36.81 -16.97 -37.99
CA ALA C 646 -35.57 -16.68 -38.70
C ALA C 646 -35.13 -15.24 -38.48
N ALA C 647 -36.06 -14.29 -38.55
CA ALA C 647 -35.71 -12.89 -38.32
C ALA C 647 -35.24 -12.67 -36.88
N LEU C 648 -35.96 -13.25 -35.91
CA LEU C 648 -35.56 -13.10 -34.52
C LEU C 648 -34.18 -13.71 -34.27
N SER C 649 -33.92 -14.88 -34.85
CA SER C 649 -32.63 -15.53 -34.69
C SER C 649 -31.53 -14.73 -35.35
N SER C 650 -31.82 -14.11 -36.50
CA SER C 650 -30.81 -13.26 -37.15
C SER C 650 -30.46 -12.06 -36.28
N TYR C 651 -31.46 -11.43 -35.68
CA TYR C 651 -31.16 -10.32 -34.76
C TYR C 651 -30.36 -10.80 -33.55
N VAL C 652 -30.73 -11.96 -33.01
CA VAL C 652 -30.01 -12.51 -31.85
C VAL C 652 -28.57 -12.81 -32.21
N HIS C 653 -28.34 -13.36 -33.41
CA HIS C 653 -26.98 -13.66 -33.84
C HIS C 653 -26.17 -12.38 -34.04
N ALA C 654 -26.79 -11.34 -34.59
CA ALA C 654 -26.09 -10.06 -34.71
C ALA C 654 -25.72 -9.51 -33.35
N CYS C 655 -26.64 -9.61 -32.38
CA CYS C 655 -26.34 -9.15 -31.02
C CYS C 655 -25.19 -9.95 -30.41
N ALA C 656 -25.21 -11.28 -30.60
CA ALA C 656 -24.12 -12.10 -30.08
C ALA C 656 -22.80 -11.75 -30.74
N ALA C 657 -22.82 -11.42 -32.03
CA ALA C 657 -21.61 -10.96 -32.70
C ALA C 657 -21.11 -9.65 -32.10
N LYS C 658 -22.04 -8.76 -31.74
CA LYS C 658 -21.66 -7.53 -31.05
C LYS C 658 -21.26 -7.75 -29.60
N GLY C 659 -21.46 -8.95 -29.06
CA GLY C 659 -21.08 -9.26 -27.70
C GLY C 659 -22.19 -9.24 -26.68
N VAL C 660 -23.44 -9.10 -27.11
CA VAL C 660 -24.59 -9.05 -26.21
C VAL C 660 -25.32 -10.39 -26.26
N GLN C 661 -25.63 -10.93 -25.09
CA GLN C 661 -26.33 -12.20 -24.99
C GLN C 661 -27.78 -11.94 -24.60
N LEU C 662 -28.70 -12.57 -25.33
CA LEU C 662 -30.13 -12.39 -25.07
C LEU C 662 -30.79 -13.72 -24.74
N GLY C 663 -30.17 -14.50 -23.87
CA GLY C 663 -30.73 -15.79 -23.51
C GLY C 663 -32.12 -15.67 -22.92
N GLY C 664 -32.95 -16.67 -23.19
CA GLY C 664 -34.32 -16.64 -22.76
C GLY C 664 -35.25 -15.84 -23.66
N TRP C 665 -34.88 -15.65 -24.92
CA TRP C 665 -35.70 -14.89 -25.86
C TRP C 665 -36.74 -15.74 -26.58
N ARG C 666 -36.69 -17.06 -26.42
CA ARG C 666 -37.62 -17.96 -27.09
C ARG C 666 -38.87 -18.25 -26.26
N ASP C 667 -39.05 -17.58 -25.13
CA ASP C 667 -40.25 -17.75 -24.33
C ASP C 667 -41.40 -16.95 -24.94
N GLY C 668 -42.45 -17.64 -25.36
CA GLY C 668 -43.58 -17.00 -25.99
C GLY C 668 -43.75 -17.37 -27.45
N VAL C 669 -42.62 -17.46 -28.16
CA VAL C 669 -42.62 -17.84 -29.58
C VAL C 669 -41.29 -18.52 -29.88
N CYS C 670 -41.28 -19.32 -30.96
CA CYS C 670 -40.11 -20.10 -31.34
C CYS C 670 -39.71 -21.10 -30.26
N THR C 671 -40.70 -21.65 -29.54
CA THR C 671 -40.43 -22.64 -28.51
C THR C 671 -40.15 -24.01 -29.11
N LYS C 672 -40.69 -24.31 -30.29
CA LYS C 672 -40.60 -25.66 -30.85
C LYS C 672 -39.17 -26.14 -31.07
N PRO C 673 -38.26 -25.36 -31.67
CA PRO C 673 -36.89 -25.87 -31.88
C PRO C 673 -36.18 -26.26 -30.59
N MET C 674 -36.57 -25.69 -29.46
CA MET C 674 -35.96 -26.06 -28.19
C MET C 674 -36.28 -27.49 -27.78
N THR C 675 -37.35 -28.08 -28.31
CA THR C 675 -37.80 -29.41 -27.94
C THR C 675 -37.84 -30.34 -29.15
N THR C 676 -36.78 -30.31 -29.97
CA THR C 676 -36.76 -31.15 -31.17
C THR C 676 -35.43 -31.86 -31.42
N CYS C 677 -34.39 -31.60 -30.65
CA CYS C 677 -33.10 -32.20 -30.88
C CYS C 677 -33.09 -33.67 -30.43
N PRO C 678 -32.11 -34.46 -30.87
CA PRO C 678 -32.06 -35.87 -30.52
C PRO C 678 -32.08 -36.12 -29.01
N LYS C 679 -32.17 -37.41 -28.67
CA LYS C 679 -32.47 -37.82 -27.31
C LYS C 679 -31.41 -37.32 -26.32
N SER C 680 -30.14 -37.46 -26.69
CA SER C 680 -29.05 -37.15 -25.76
C SER C 680 -28.59 -35.69 -25.86
N MET C 681 -29.22 -34.87 -26.69
CA MET C 681 -28.85 -33.47 -26.84
C MET C 681 -29.82 -32.58 -26.08
N THR C 682 -29.32 -31.44 -25.63
CA THR C 682 -30.13 -30.44 -24.94
C THR C 682 -29.81 -29.07 -25.49
N TYR C 683 -30.78 -28.16 -25.39
CA TYR C 683 -30.65 -26.84 -25.99
C TYR C 683 -29.72 -25.95 -25.16
N HIS C 684 -29.11 -24.98 -25.85
CA HIS C 684 -28.27 -23.98 -25.20
C HIS C 684 -28.39 -22.68 -25.99
N TYR C 685 -28.60 -21.58 -25.26
CA TYR C 685 -28.71 -20.27 -25.89
C TYR C 685 -27.34 -19.75 -26.31
N HIS C 686 -26.28 -20.14 -25.60
CA HIS C 686 -24.93 -19.65 -25.84
C HIS C 686 -24.01 -20.83 -26.05
N VAL C 687 -23.47 -20.95 -27.27
CA VAL C 687 -22.52 -22.01 -27.62
C VAL C 687 -21.31 -21.31 -28.22
N SER C 688 -20.33 -20.98 -27.38
CA SER C 688 -19.11 -20.31 -27.82
C SER C 688 -17.93 -21.26 -27.93
N THR C 689 -18.13 -22.53 -27.67
CA THR C 689 -17.06 -23.53 -27.72
C THR C 689 -17.38 -24.57 -28.79
N CYS C 690 -16.56 -25.61 -28.85
CA CYS C 690 -16.71 -26.67 -29.84
C CYS C 690 -17.19 -27.94 -29.15
N GLN C 691 -17.89 -28.77 -29.92
CA GLN C 691 -18.49 -29.99 -29.38
C GLN C 691 -17.40 -30.99 -28.99
N PRO C 692 -17.34 -31.42 -27.73
CA PRO C 692 -16.38 -32.48 -27.36
C PRO C 692 -16.86 -33.84 -27.83
N THR C 693 -15.92 -34.64 -28.31
CA THR C 693 -16.22 -35.97 -28.84
C THR C 693 -15.28 -37.00 -28.23
N CYS C 694 -15.64 -38.27 -28.40
CA CYS C 694 -14.75 -39.35 -27.96
C CYS C 694 -13.42 -39.30 -28.69
N ARG C 695 -13.45 -39.01 -29.99
CA ARG C 695 -12.22 -38.85 -30.74
C ARG C 695 -11.42 -37.65 -30.25
N SER C 696 -12.10 -36.59 -29.81
CA SER C 696 -11.39 -35.46 -29.21
C SER C 696 -10.74 -35.86 -27.90
N LEU C 697 -11.41 -36.70 -27.11
CA LEU C 697 -10.82 -37.19 -25.87
C LEU C 697 -9.59 -38.04 -26.15
N SER C 698 -9.67 -38.92 -27.15
CA SER C 698 -8.57 -39.83 -27.44
C SER C 698 -7.39 -39.10 -28.06
N GLU C 699 -7.60 -38.47 -29.22
CA GLU C 699 -6.50 -37.79 -29.91
C GLU C 699 -6.00 -36.59 -29.13
N GLY C 700 -6.91 -35.84 -28.50
CA GLY C 700 -6.56 -34.67 -27.73
C GLY C 700 -6.80 -33.36 -28.45
N ASP C 701 -6.97 -33.38 -29.76
CA ASP C 701 -7.21 -32.18 -30.55
C ASP C 701 -8.56 -32.29 -31.25
N ILE C 702 -9.34 -31.21 -31.19
CA ILE C 702 -10.66 -31.15 -31.78
C ILE C 702 -10.59 -30.26 -33.02
N THR C 703 -11.18 -30.73 -34.11
CA THR C 703 -11.19 -29.99 -35.37
C THR C 703 -12.15 -28.81 -35.23
N CYS C 704 -11.61 -27.61 -35.05
CA CYS C 704 -12.43 -26.43 -34.83
C CYS C 704 -11.62 -25.19 -35.18
N SER C 705 -12.33 -24.07 -35.31
CA SER C 705 -11.70 -22.78 -35.58
C SER C 705 -11.44 -21.99 -34.30
N VAL C 706 -11.69 -22.58 -33.13
CA VAL C 706 -11.43 -21.98 -31.83
C VAL C 706 -12.28 -20.72 -31.63
N GLY C 707 -12.03 -19.70 -32.45
CA GLY C 707 -12.71 -18.43 -32.29
C GLY C 707 -13.76 -18.16 -33.35
N PHE C 708 -15.03 -18.12 -32.94
CA PHE C 708 -16.12 -17.82 -33.84
C PHE C 708 -17.21 -17.07 -33.07
N ILE C 709 -18.10 -16.43 -33.81
CA ILE C 709 -19.22 -15.73 -33.18
C ILE C 709 -20.10 -16.74 -32.46
N PRO C 710 -20.43 -16.53 -31.19
CA PRO C 710 -21.21 -17.52 -30.45
C PRO C 710 -22.57 -17.77 -31.09
N VAL C 711 -22.99 -19.04 -31.08
CA VAL C 711 -24.25 -19.44 -31.69
C VAL C 711 -25.12 -20.14 -30.65
N ASP C 712 -26.30 -20.56 -31.06
CA ASP C 712 -27.26 -21.25 -30.20
C ASP C 712 -27.68 -22.55 -30.87
N GLY C 713 -28.24 -23.46 -30.08
CA GLY C 713 -28.75 -24.69 -30.63
C GLY C 713 -28.61 -25.82 -29.64
N CYS C 714 -28.90 -27.03 -30.10
CA CYS C 714 -28.89 -28.21 -29.24
C CYS C 714 -27.53 -28.89 -29.34
N ILE C 715 -26.86 -29.05 -28.20
CA ILE C 715 -25.54 -29.67 -28.13
C ILE C 715 -25.56 -30.74 -27.05
N CYS C 716 -24.45 -31.46 -26.93
CA CYS C 716 -24.29 -32.41 -25.85
C CYS C 716 -24.23 -31.67 -24.51
N PRO C 717 -24.85 -32.20 -23.46
CA PRO C 717 -24.79 -31.53 -22.15
C PRO C 717 -23.37 -31.53 -21.60
N LYS C 718 -23.17 -30.68 -20.60
CA LYS C 718 -21.84 -30.54 -20.01
C LYS C 718 -21.40 -31.85 -19.35
N GLY C 719 -20.13 -32.17 -19.52
CA GLY C 719 -19.59 -33.43 -19.04
C GLY C 719 -19.90 -34.63 -19.91
N THR C 720 -20.54 -34.43 -21.05
CA THR C 720 -20.96 -35.50 -21.94
C THR C 720 -20.35 -35.27 -23.32
N PHE C 721 -19.83 -36.34 -23.92
CA PHE C 721 -19.08 -36.26 -25.17
C PHE C 721 -19.87 -36.90 -26.30
N LEU C 722 -19.80 -36.31 -27.48
CA LEU C 722 -20.55 -36.80 -28.64
C LEU C 722 -19.86 -38.02 -29.23
N ASP C 723 -20.55 -39.15 -29.20
CA ASP C 723 -20.04 -40.39 -29.78
C ASP C 723 -20.22 -40.37 -31.29
N ASP C 724 -19.46 -41.23 -31.98
CA ASP C 724 -19.46 -41.25 -33.43
C ASP C 724 -20.82 -41.59 -34.02
N THR C 725 -21.72 -42.19 -33.24
CA THR C 725 -23.06 -42.52 -33.71
C THR C 725 -24.06 -41.41 -33.41
N GLY C 726 -23.60 -40.18 -33.23
CA GLY C 726 -24.49 -39.06 -32.96
C GLY C 726 -25.20 -39.15 -31.63
N LYS C 727 -24.53 -39.68 -30.61
CA LYS C 727 -25.11 -39.83 -29.28
C LYS C 727 -24.17 -39.25 -28.24
N CYS C 728 -24.72 -38.55 -27.26
CA CYS C 728 -23.94 -37.99 -26.16
C CYS C 728 -23.82 -39.04 -25.06
N VAL C 729 -22.60 -39.45 -24.77
CA VAL C 729 -22.32 -40.48 -23.78
C VAL C 729 -21.32 -39.95 -22.76
N GLN C 730 -21.31 -40.57 -21.59
CA GLN C 730 -20.39 -40.18 -20.54
CA GLN C 730 -20.39 -40.18 -20.54
C GLN C 730 -18.96 -40.61 -20.89
N ALA C 731 -18.00 -40.06 -20.14
CA ALA C 731 -16.60 -40.37 -20.38
C ALA C 731 -16.29 -41.85 -20.17
N SER C 732 -17.09 -42.55 -19.37
CA SER C 732 -16.88 -43.98 -19.14
C SER C 732 -17.39 -44.85 -20.28
N ASN C 733 -18.10 -44.27 -21.24
CA ASN C 733 -18.63 -45.01 -22.38
C ASN C 733 -17.96 -44.62 -23.70
N CYS C 734 -17.05 -43.66 -23.69
CA CYS C 734 -16.37 -43.25 -24.92
C CYS C 734 -15.36 -44.32 -25.30
N PRO C 735 -15.44 -44.90 -26.52
CA PRO C 735 -14.51 -45.93 -26.99
C PRO C 735 -13.05 -45.48 -26.95
N CYS C 736 -11.84 -46.53 -26.97
CA CYS C 736 -10.43 -46.21 -27.13
C CYS C 736 -10.06 -46.17 -28.61
N TYR C 737 -8.99 -45.44 -28.93
CA TYR C 737 -8.53 -45.32 -30.31
C TYR C 737 -7.02 -45.49 -30.34
N HIS C 738 -6.53 -46.31 -31.27
CA HIS C 738 -5.11 -46.54 -31.46
C HIS C 738 -4.78 -46.43 -32.93
N ARG C 739 -3.83 -45.55 -33.27
CA ARG C 739 -3.42 -45.31 -34.65
C ARG C 739 -4.61 -44.93 -35.53
N GLY C 740 -5.54 -44.16 -34.96
CA GLY C 740 -6.71 -43.72 -35.70
C GLY C 740 -7.77 -44.78 -35.90
N SER C 741 -7.66 -45.92 -35.23
CA SER C 741 -8.62 -47.01 -35.37
C SER C 741 -9.35 -47.23 -34.06
N MET C 742 -10.67 -47.40 -34.14
CA MET C 742 -11.48 -47.61 -32.95
C MET C 742 -11.17 -48.96 -32.33
N ILE C 743 -10.94 -48.97 -31.02
CA ILE C 743 -10.65 -50.18 -30.26
C ILE C 743 -11.85 -50.43 -29.34
N PRO C 744 -12.68 -51.44 -29.61
CA PRO C 744 -13.83 -51.69 -28.75
C PRO C 744 -13.41 -52.08 -27.34
N ASN C 745 -14.28 -51.80 -26.38
CA ASN C 745 -14.00 -52.14 -24.99
C ASN C 745 -13.83 -53.65 -24.83
N GLY C 746 -12.80 -54.05 -24.10
CA GLY C 746 -12.46 -55.45 -23.95
C GLY C 746 -11.49 -55.99 -24.97
N GLU C 747 -11.17 -55.22 -26.01
CA GLU C 747 -10.20 -55.61 -27.02
C GLU C 747 -8.81 -55.13 -26.64
N SER C 748 -7.80 -55.69 -27.31
CA SER C 748 -6.42 -55.37 -27.04
C SER C 748 -5.67 -55.14 -28.36
N VAL C 749 -4.57 -54.41 -28.26
CA VAL C 749 -3.70 -54.15 -29.39
C VAL C 749 -2.27 -54.48 -29.00
N HIS C 750 -1.46 -54.82 -29.99
CA HIS C 750 -0.04 -55.14 -29.80
C HIS C 750 0.79 -54.08 -30.50
N ASP C 751 1.72 -53.49 -29.75
CA ASP C 751 2.55 -52.42 -30.29
C ASP C 751 3.92 -52.49 -29.66
N SER C 752 4.95 -52.75 -30.46
CA SER C 752 6.34 -52.79 -30.01
C SER C 752 6.52 -53.74 -28.83
N GLY C 753 5.88 -54.91 -28.93
CA GLY C 753 5.97 -55.89 -27.88
C GLY C 753 5.17 -55.60 -26.63
N ALA C 754 4.27 -54.63 -26.67
CA ALA C 754 3.45 -54.26 -25.53
C ALA C 754 1.98 -54.51 -25.86
N ILE C 755 1.25 -55.09 -24.90
CA ILE C 755 -0.16 -55.41 -25.05
C ILE C 755 -0.97 -54.36 -24.30
N CYS C 756 -1.83 -53.65 -25.01
CA CYS C 756 -2.63 -52.59 -24.42
C CYS C 756 -4.11 -52.94 -24.59
N THR C 757 -4.82 -53.05 -23.48
CA THR C 757 -6.23 -53.38 -23.46
C THR C 757 -7.08 -52.14 -23.18
N CYS C 758 -8.21 -52.05 -23.87
CA CYS C 758 -9.14 -50.94 -23.71
C CYS C 758 -10.18 -51.33 -22.67
N THR C 759 -10.09 -50.72 -21.48
CA THR C 759 -11.03 -50.96 -20.40
C THR C 759 -11.56 -49.62 -19.90
N HIS C 760 -12.89 -49.53 -19.78
CA HIS C 760 -13.56 -48.34 -19.24
C HIS C 760 -13.15 -47.08 -20.00
N GLY C 761 -12.97 -47.21 -21.31
CA GLY C 761 -12.61 -46.08 -22.14
C GLY C 761 -11.17 -45.66 -22.07
N LYS C 762 -10.32 -46.40 -21.36
CA LYS C 762 -8.91 -46.08 -21.24
C LYS C 762 -8.07 -47.24 -21.76
N LEU C 763 -7.02 -46.92 -22.51
CA LEU C 763 -6.16 -47.94 -23.11
C LEU C 763 -4.99 -48.18 -22.16
N SER C 764 -5.21 -49.07 -21.19
CA SER C 764 -4.12 -49.43 -20.30
C SER C 764 -3.14 -50.34 -21.02
N CYS C 765 -1.88 -50.33 -20.59
CA CYS C 765 -0.83 -51.12 -21.24
C CYS C 765 -0.13 -51.95 -20.19
N ILE C 766 -0.05 -53.27 -20.44
CA ILE C 766 0.61 -54.15 -19.49
C ILE C 766 2.12 -53.88 -19.50
N GLY C 767 2.75 -54.06 -18.36
CA GLY C 767 4.15 -53.70 -18.21
C GLY C 767 4.39 -52.24 -17.95
N GLY C 768 3.37 -51.49 -17.54
CA GLY C 768 3.49 -50.07 -17.31
C GLY C 768 3.15 -49.24 -18.53
N GLN C 769 4.05 -49.23 -19.51
CA GLN C 769 3.85 -48.47 -20.75
C GLN C 769 4.92 -48.94 -21.74
N ALA C 770 5.01 -48.23 -22.87
CA ALA C 770 6.04 -48.45 -23.88
C ALA C 770 6.72 -47.11 -24.12
N PRO C 771 7.68 -46.73 -23.27
CA PRO C 771 8.21 -45.36 -23.27
C PRO C 771 8.73 -44.89 -24.63
N ALA C 772 9.73 -45.58 -25.18
CA ALA C 772 10.29 -45.16 -26.45
C ALA C 772 10.98 -46.31 -27.17
N PRO C 773 10.45 -46.78 -28.30
CA PRO C 773 11.18 -47.75 -29.11
C PRO C 773 12.49 -47.16 -29.61
N VAL C 774 13.52 -48.00 -29.65
CA VAL C 774 14.86 -47.59 -30.07
C VAL C 774 15.31 -48.49 -31.21
N CYS C 775 15.77 -47.86 -32.30
CA CYS C 775 16.28 -48.57 -33.46
C CYS C 775 17.81 -48.45 -33.48
N ALA C 776 18.49 -49.60 -33.46
CA ALA C 776 19.94 -49.61 -33.53
C ALA C 776 20.41 -49.20 -34.92
N ALA C 777 21.64 -48.70 -34.99
CA ALA C 777 22.19 -48.24 -36.24
C ALA C 777 22.31 -49.42 -37.23
N PRO C 778 22.11 -49.17 -38.53
CA PRO C 778 21.82 -47.88 -39.18
C PRO C 778 20.33 -47.54 -39.20
N MET C 779 19.48 -48.34 -38.55
CA MET C 779 18.06 -48.00 -38.48
C MET C 779 17.86 -46.72 -37.70
N VAL C 780 16.95 -45.88 -38.17
CA VAL C 780 16.53 -44.69 -37.45
C VAL C 780 15.08 -44.88 -37.01
N PHE C 781 14.61 -43.97 -36.16
CA PHE C 781 13.23 -43.98 -35.70
C PHE C 781 12.48 -42.84 -36.37
N PHE C 782 11.27 -43.13 -36.85
CA PHE C 782 10.42 -42.15 -37.50
C PHE C 782 9.14 -42.04 -36.69
N ASP C 783 8.87 -40.86 -36.16
CA ASP C 783 7.66 -40.57 -35.40
C ASP C 783 6.78 -39.64 -36.20
N CYS C 784 5.48 -39.94 -36.25
CA CYS C 784 4.53 -39.20 -37.06
C CYS C 784 3.91 -38.02 -36.31
N ARG C 785 4.56 -37.57 -35.22
CA ARG C 785 4.04 -36.40 -34.51
C ARG C 785 4.06 -35.16 -35.38
N ASN C 786 5.19 -34.89 -36.03
CA ASN C 786 5.32 -33.83 -37.02
C ASN C 786 5.56 -34.49 -38.38
N ALA C 787 4.46 -34.85 -39.04
CA ALA C 787 4.50 -35.60 -40.29
C ALA C 787 3.90 -34.78 -41.42
N THR C 788 4.66 -34.61 -42.51
CA THR C 788 4.15 -33.92 -43.68
C THR C 788 3.10 -34.77 -44.38
N PRO C 789 2.11 -34.14 -45.02
CA PRO C 789 1.14 -34.90 -45.80
C PRO C 789 1.80 -35.61 -46.98
N GLY C 790 1.25 -36.76 -47.35
CA GLY C 790 1.84 -37.60 -48.37
C GLY C 790 2.95 -38.50 -47.87
N ASP C 791 3.25 -38.47 -46.58
CA ASP C 791 4.35 -39.23 -46.01
C ASP C 791 3.83 -40.53 -45.41
N THR C 792 4.62 -41.59 -45.54
CA THR C 792 4.26 -42.90 -45.02
C THR C 792 5.07 -43.32 -43.80
N GLY C 793 6.24 -42.72 -43.58
CA GLY C 793 7.07 -43.09 -42.45
C GLY C 793 7.54 -44.53 -42.58
N ALA C 794 7.27 -45.33 -41.55
CA ALA C 794 7.61 -46.74 -41.55
C ALA C 794 6.52 -47.61 -42.14
N GLY C 795 5.44 -47.01 -42.65
CA GLY C 795 4.36 -47.80 -43.21
C GLY C 795 4.77 -48.57 -44.45
N CYS C 796 5.68 -48.01 -45.25
CA CYS C 796 6.15 -48.65 -46.47
C CYS C 796 7.64 -48.96 -46.40
N GLN C 797 8.10 -49.34 -45.20
CA GLN C 797 9.46 -49.84 -45.01
C GLN C 797 9.44 -51.35 -45.16
N LYS C 798 10.11 -51.87 -46.17
CA LYS C 798 10.05 -53.28 -46.52
C LYS C 798 11.19 -54.05 -45.85
N SER C 799 11.13 -55.38 -46.00
CA SER C 799 12.12 -56.27 -45.40
C SER C 799 12.49 -57.33 -46.42
N CYS C 800 13.39 -58.23 -46.01
CA CYS C 800 13.77 -59.34 -46.87
C CYS C 800 12.64 -60.37 -46.97
N HIS C 801 11.81 -60.46 -45.95
CA HIS C 801 10.69 -61.39 -45.95
C HIS C 801 9.42 -60.82 -46.58
N THR C 802 9.38 -59.52 -46.84
CA THR C 802 8.25 -58.89 -47.51
C THR C 802 8.49 -58.98 -49.01
N LEU C 803 7.97 -60.04 -49.63
CA LEU C 803 8.21 -60.29 -51.04
C LEU C 803 7.42 -59.34 -51.95
N ASP C 804 6.49 -58.57 -51.40
CA ASP C 804 5.75 -57.58 -52.17
C ASP C 804 6.43 -56.23 -51.99
N MET C 805 6.85 -55.63 -53.10
CA MET C 805 7.69 -54.45 -53.07
C MET C 805 6.90 -53.15 -53.22
N THR C 806 5.57 -53.22 -53.14
CA THR C 806 4.71 -52.08 -53.44
C THR C 806 4.30 -51.37 -52.16
N CYS C 807 4.42 -50.05 -52.16
CA CYS C 807 3.93 -49.24 -51.06
C CYS C 807 2.41 -49.27 -51.01
N TYR C 808 1.85 -49.52 -49.83
CA TYR C 808 0.40 -49.69 -49.70
C TYR C 808 -0.19 -48.77 -48.65
N SER C 809 0.56 -48.50 -47.59
CA SER C 809 0.03 -47.73 -46.48
C SER C 809 -0.24 -46.29 -46.91
N PRO C 810 -1.45 -45.77 -46.70
CA PRO C 810 -1.75 -44.38 -47.07
C PRO C 810 -1.49 -43.37 -45.98
N GLN C 811 -1.17 -43.81 -44.76
CA GLN C 811 -0.96 -42.92 -43.63
C GLN C 811 0.39 -43.20 -43.00
N CYS C 812 0.91 -42.19 -42.30
CA CYS C 812 2.20 -42.33 -41.63
C CYS C 812 2.12 -43.36 -40.52
N VAL C 813 3.17 -44.18 -40.41
CA VAL C 813 3.28 -45.19 -39.37
C VAL C 813 4.62 -45.00 -38.68
N PRO C 814 4.66 -44.79 -37.36
CA PRO C 814 5.95 -44.61 -36.68
C PRO C 814 6.64 -45.94 -36.44
N GLY C 815 7.96 -45.94 -36.61
CA GLY C 815 8.71 -47.16 -36.41
C GLY C 815 10.14 -47.03 -36.91
N CYS C 816 10.80 -48.18 -36.98
CA CYS C 816 12.17 -48.23 -37.47
C CYS C 816 12.20 -48.12 -39.00
N VAL C 817 13.09 -47.28 -39.51
CA VAL C 817 13.21 -46.99 -40.93
C VAL C 817 14.66 -47.13 -41.33
N CYS C 818 14.90 -47.83 -42.45
CA CYS C 818 16.22 -47.92 -43.03
C CYS C 818 16.58 -46.61 -43.74
N PRO C 819 17.87 -46.38 -44.01
CA PRO C 819 18.22 -45.29 -44.92
C PRO C 819 17.56 -45.49 -46.28
N ASP C 820 17.24 -44.37 -46.92
CA ASP C 820 16.43 -44.41 -48.14
C ASP C 820 17.05 -45.29 -49.20
N GLY C 821 16.22 -46.11 -49.85
CA GLY C 821 16.67 -47.04 -50.86
C GLY C 821 17.19 -48.36 -50.36
N LEU C 822 16.93 -48.70 -49.09
CA LEU C 822 17.42 -49.94 -48.50
C LEU C 822 16.28 -50.65 -47.78
N VAL C 823 16.42 -51.96 -47.63
CA VAL C 823 15.44 -52.80 -46.97
C VAL C 823 16.11 -53.47 -45.77
N ALA C 824 15.28 -53.87 -44.80
CA ALA C 824 15.80 -54.46 -43.58
C ALA C 824 16.31 -55.88 -43.83
N ASP C 825 17.40 -56.22 -43.16
CA ASP C 825 17.99 -57.55 -43.25
C ASP C 825 17.37 -58.55 -42.27
N GLY C 826 16.57 -58.08 -41.31
CA GLY C 826 16.06 -58.93 -40.26
C GLY C 826 17.03 -59.18 -39.13
N GLU C 827 18.24 -58.60 -39.19
CA GLU C 827 19.22 -58.72 -38.13
C GLU C 827 19.72 -57.38 -37.61
N GLY C 828 19.38 -56.27 -38.26
CA GLY C 828 19.77 -54.97 -37.78
C GLY C 828 20.38 -54.07 -38.85
N GLY C 829 20.72 -54.65 -40.00
CA GLY C 829 21.35 -53.92 -41.08
C GLY C 829 20.38 -53.56 -42.19
N CYS C 830 20.86 -52.72 -43.10
CA CYS C 830 20.10 -52.28 -44.26
C CYS C 830 20.94 -52.51 -45.51
N ILE C 831 20.36 -53.20 -46.49
CA ILE C 831 21.03 -53.47 -47.76
C ILE C 831 20.02 -53.33 -48.90
N THR C 832 20.54 -53.28 -50.13
CA THR C 832 19.70 -53.09 -51.30
C THR C 832 18.80 -54.31 -51.53
N ALA C 833 17.73 -54.10 -52.29
CA ALA C 833 16.69 -55.11 -52.43
C ALA C 833 17.23 -56.41 -53.03
N GLU C 834 18.02 -56.31 -54.09
CA GLU C 834 18.48 -57.52 -54.79
C GLU C 834 19.49 -58.33 -53.99
N ASP C 835 19.99 -57.81 -52.87
CA ASP C 835 20.95 -58.53 -52.04
C ASP C 835 20.29 -59.32 -50.91
N CYS C 836 18.96 -59.30 -50.81
CA CYS C 836 18.30 -60.09 -49.78
C CYS C 836 18.49 -61.58 -50.06
N PRO C 837 18.75 -62.38 -49.03
CA PRO C 837 18.78 -63.83 -49.23
C PRO C 837 17.40 -64.37 -49.54
N CYS C 838 17.38 -65.52 -50.21
CA CYS C 838 16.13 -66.16 -50.56
C CYS C 838 15.55 -66.89 -49.36
N VAL C 839 14.24 -66.78 -49.19
CA VAL C 839 13.54 -67.34 -48.03
C VAL C 839 12.77 -68.57 -48.48
N HIS C 840 12.93 -69.67 -47.74
CA HIS C 840 12.25 -70.93 -48.05
C HIS C 840 12.13 -71.76 -46.79
N ASN C 841 10.90 -72.18 -46.49
CA ASN C 841 10.60 -73.10 -45.38
C ASN C 841 11.25 -72.64 -44.08
N GLU C 842 10.96 -71.39 -43.71
CA GLU C 842 11.49 -70.77 -42.49
C GLU C 842 13.01 -70.83 -42.44
N ALA C 843 13.67 -70.64 -43.58
CA ALA C 843 15.12 -70.65 -43.65
C ALA C 843 15.57 -69.62 -44.68
N SER C 844 16.82 -69.18 -44.54
CA SER C 844 17.40 -68.20 -45.43
C SER C 844 18.61 -68.80 -46.13
N TYR C 845 18.73 -68.53 -47.43
CA TYR C 845 19.82 -69.04 -48.25
C TYR C 845 20.46 -67.88 -49.00
N ARG C 846 21.79 -67.81 -48.96
CA ARG C 846 22.50 -66.77 -49.66
C ARG C 846 22.47 -67.01 -51.16
N ALA C 847 22.82 -65.98 -51.93
CA ALA C 847 22.82 -66.09 -53.38
C ALA C 847 23.80 -67.15 -53.83
N GLY C 848 23.35 -68.02 -54.73
CA GLY C 848 24.13 -69.13 -55.21
C GLY C 848 23.85 -70.44 -54.52
N GLN C 849 23.19 -70.42 -53.37
CA GLN C 849 22.86 -71.65 -52.67
C GLN C 849 21.79 -72.43 -53.42
N THR C 850 21.76 -73.73 -53.20
CA THR C 850 20.91 -74.66 -53.94
C THR C 850 19.99 -75.41 -52.99
N ILE C 851 18.71 -75.52 -53.38
CA ILE C 851 17.74 -76.34 -52.68
C ILE C 851 17.20 -77.37 -53.67
N ARG C 852 16.73 -78.49 -53.15
CA ARG C 852 16.14 -79.54 -53.96
C ARG C 852 14.66 -79.67 -53.63
N VAL C 853 13.81 -79.49 -54.65
CA VAL C 853 12.36 -79.64 -54.48
C VAL C 853 11.88 -80.62 -55.53
N GLY C 854 11.21 -81.68 -55.08
CA GLY C 854 10.80 -82.72 -56.01
C GLY C 854 12.01 -83.34 -56.68
N CYS C 855 11.98 -83.38 -58.02
CA CYS C 855 13.10 -83.84 -58.81
C CYS C 855 13.88 -82.69 -59.44
N ASN C 856 13.69 -81.47 -58.93
CA ASN C 856 14.30 -80.27 -59.50
C ASN C 856 15.20 -79.60 -58.48
N THR C 857 16.15 -78.81 -59.00
CA THR C 857 17.08 -78.05 -58.21
C THR C 857 16.85 -76.57 -58.45
N CYS C 858 16.73 -75.79 -57.38
CA CYS C 858 16.48 -74.36 -57.46
C CYS C 858 17.64 -73.60 -56.85
N THR C 859 18.09 -72.57 -57.55
CA THR C 859 19.22 -71.74 -57.13
C THR C 859 18.74 -70.33 -56.81
N CYS C 860 19.22 -69.79 -55.71
CA CYS C 860 18.89 -68.42 -55.33
C CYS C 860 19.64 -67.43 -56.21
N ASP C 861 18.95 -66.39 -56.65
CA ASP C 861 19.56 -65.36 -57.49
C ASP C 861 18.65 -64.13 -57.45
N SER C 862 19.18 -63.03 -56.92
CA SER C 862 18.48 -61.74 -56.88
C SER C 862 17.08 -61.89 -56.29
N ARG C 863 17.02 -62.52 -55.12
CA ARG C 863 15.82 -62.76 -54.33
C ARG C 863 14.88 -63.80 -54.93
N MET C 864 15.18 -64.33 -56.11
CA MET C 864 14.27 -65.22 -56.81
C MET C 864 14.89 -66.60 -56.98
N TRP C 865 14.04 -67.61 -56.99
CA TRP C 865 14.49 -68.98 -57.16
C TRP C 865 14.41 -69.39 -58.63
N ARG C 866 15.54 -69.87 -59.16
CA ARG C 866 15.59 -70.38 -60.53
CA ARG C 866 15.60 -70.38 -60.52
C ARG C 866 15.50 -71.90 -60.46
N CYS C 867 14.44 -72.44 -61.04
CA CYS C 867 14.15 -73.87 -60.96
C CYS C 867 14.07 -74.48 -62.35
N THR C 868 14.70 -75.65 -62.50
CA THR C 868 14.60 -76.39 -63.74
C THR C 868 13.21 -77.00 -63.90
N ASP C 869 12.75 -77.08 -65.14
CA ASP C 869 11.42 -77.60 -65.45
C ASP C 869 11.56 -79.05 -65.91
N ASP C 870 11.68 -79.95 -64.93
CA ASP C 870 11.69 -81.39 -65.17
C ASP C 870 10.49 -82.01 -64.49
N PRO C 871 9.58 -82.66 -65.23
CA PRO C 871 8.45 -83.33 -64.57
C PRO C 871 8.94 -84.41 -63.61
N CYS C 872 8.26 -84.53 -62.48
CA CYS C 872 8.65 -85.43 -61.41
C CYS C 872 7.58 -86.50 -61.20
N LEU C 873 7.96 -87.54 -60.46
CA LEU C 873 7.03 -88.61 -60.14
C LEU C 873 5.98 -88.14 -59.14
N ALA C 874 4.85 -88.83 -59.13
CA ALA C 874 3.78 -88.55 -58.19
C ALA C 874 3.58 -89.74 -57.26
N THR C 875 3.34 -89.46 -55.99
CA THR C 875 3.24 -90.48 -54.96
C THR C 875 1.82 -90.55 -54.42
N CYS C 876 1.23 -91.73 -54.46
CA CYS C 876 -0.05 -92.01 -53.82
C CYS C 876 0.20 -92.87 -52.59
N ALA C 877 -0.30 -92.43 -51.44
CA ALA C 877 -0.04 -93.09 -50.17
C ALA C 877 -1.34 -93.64 -49.60
N VAL C 878 -1.32 -94.89 -49.15
CA VAL C 878 -2.44 -95.49 -48.44
C VAL C 878 -1.92 -96.11 -47.16
N TYR C 879 -2.49 -95.73 -46.02
CA TYR C 879 -1.99 -96.29 -44.77
C TYR C 879 -3.07 -96.23 -43.71
N GLY C 880 -2.84 -97.00 -42.64
CA GLY C 880 -3.71 -96.98 -41.48
C GLY C 880 -5.11 -97.48 -41.80
N ASP C 881 -6.09 -96.87 -41.12
CA ASP C 881 -7.50 -97.24 -41.29
C ASP C 881 -8.08 -96.49 -42.48
N GLY C 882 -7.57 -96.84 -43.65
CA GLY C 882 -8.05 -96.26 -44.90
C GLY C 882 -7.76 -94.77 -45.07
N HIS C 883 -6.55 -94.35 -44.76
CA HIS C 883 -6.11 -92.98 -45.00
C HIS C 883 -5.44 -92.90 -46.37
N TYR C 884 -6.03 -92.16 -47.29
CA TYR C 884 -5.55 -92.07 -48.66
C TYR C 884 -5.07 -90.66 -48.96
N LEU C 885 -3.97 -90.57 -49.71
CA LEU C 885 -3.48 -89.34 -50.30
C LEU C 885 -3.19 -89.61 -51.77
N THR C 886 -3.92 -88.92 -52.65
CA THR C 886 -3.89 -89.22 -54.07
C THR C 886 -2.62 -88.68 -54.72
N PHE C 887 -2.53 -88.89 -56.04
CA PHE C 887 -1.39 -88.37 -56.79
C PHE C 887 -1.35 -86.86 -56.78
N ASP C 888 -2.52 -86.22 -56.90
CA ASP C 888 -2.62 -84.77 -57.01
C ASP C 888 -2.65 -84.08 -55.65
N GLY C 889 -2.59 -84.83 -54.56
CA GLY C 889 -2.56 -84.26 -53.23
C GLY C 889 -3.87 -84.22 -52.49
N GLN C 890 -4.90 -84.88 -53.00
CA GLN C 890 -6.20 -84.94 -52.32
C GLN C 890 -6.13 -85.98 -51.20
N SER C 891 -6.28 -85.52 -49.96
CA SER C 891 -6.21 -86.40 -48.80
C SER C 891 -7.63 -86.66 -48.29
N TYR C 892 -7.94 -87.93 -48.01
CA TYR C 892 -9.26 -88.30 -47.54
C TYR C 892 -9.17 -89.60 -46.76
N SER C 893 -10.30 -90.00 -46.19
CA SER C 893 -10.41 -91.24 -45.42
C SER C 893 -11.57 -92.04 -45.96
N PHE C 894 -11.30 -93.29 -46.33
CA PHE C 894 -12.32 -94.22 -46.81
C PHE C 894 -12.14 -95.54 -46.10
N ASN C 895 -13.25 -96.18 -45.73
CA ASN C 895 -13.24 -97.40 -44.93
CA ASN C 895 -13.25 -97.40 -44.93
C ASN C 895 -14.02 -98.51 -45.64
N GLY C 896 -13.73 -98.69 -46.93
CA GLY C 896 -14.40 -99.75 -47.67
C GLY C 896 -13.91 -101.12 -47.22
N ASP C 897 -14.85 -102.07 -47.18
CA ASP C 897 -14.56 -103.44 -46.78
C ASP C 897 -14.25 -104.35 -47.97
N CYS C 898 -14.44 -103.88 -49.18
CA CYS C 898 -14.32 -104.71 -50.37
C CYS C 898 -12.89 -104.64 -50.93
N GLU C 899 -12.72 -105.18 -52.13
CA GLU C 899 -11.46 -105.09 -52.86
C GLU C 899 -11.57 -103.93 -53.84
N TYR C 900 -10.63 -102.99 -53.77
CA TYR C 900 -10.75 -101.72 -54.46
C TYR C 900 -9.57 -101.51 -55.42
N THR C 901 -9.86 -100.85 -56.53
CA THR C 901 -8.84 -100.53 -57.53
C THR C 901 -8.08 -99.31 -57.05
N LEU C 902 -6.84 -99.53 -56.57
CA LEU C 902 -6.01 -98.40 -56.18
C LEU C 902 -5.63 -97.55 -57.37
N VAL C 903 -5.13 -98.18 -58.43
CA VAL C 903 -4.75 -97.45 -59.64
C VAL C 903 -4.81 -98.39 -60.83
N GLN C 904 -5.10 -97.82 -62.00
CA GLN C 904 -5.17 -98.57 -63.26
C GLN C 904 -5.24 -97.58 -64.40
N ASN C 905 -4.68 -97.96 -65.54
CA ASN C 905 -4.75 -97.15 -66.74
C ASN C 905 -5.85 -97.68 -67.65
N HIS C 906 -5.95 -97.12 -68.86
CA HIS C 906 -6.98 -97.48 -69.83
C HIS C 906 -8.38 -97.31 -69.23
N CYS C 907 -8.66 -96.10 -68.76
CA CYS C 907 -9.94 -95.79 -68.14
C CYS C 907 -10.93 -95.23 -69.16
N GLY C 908 -10.57 -94.12 -69.82
CA GLY C 908 -11.40 -93.55 -70.85
C GLY C 908 -10.98 -93.99 -72.24
N GLY C 909 -11.81 -94.78 -72.90
CA GLY C 909 -11.49 -95.37 -74.18
C GLY C 909 -10.82 -96.72 -74.08
N LYS C 910 -10.03 -96.94 -73.05
CA LYS C 910 -9.39 -98.23 -72.74
C LYS C 910 -8.45 -98.69 -73.84
N ASP C 911 -7.93 -97.76 -74.66
CA ASP C 911 -6.97 -98.11 -75.69
C ASP C 911 -5.61 -97.47 -75.43
N SER C 912 -5.54 -96.14 -75.33
CA SER C 912 -4.33 -95.37 -75.06
C SER C 912 -3.09 -95.96 -75.73
N THR C 913 -2.14 -96.41 -74.92
CA THR C 913 -0.93 -97.05 -75.40
C THR C 913 -0.31 -97.81 -74.23
N GLN C 914 0.92 -98.28 -74.42
CA GLN C 914 1.67 -98.97 -73.37
C GLN C 914 0.95 -100.24 -72.90
N ASP C 915 1.39 -100.80 -71.77
CA ASP C 915 0.84 -102.04 -71.24
C ASP C 915 -0.09 -101.74 -70.08
N SER C 916 -1.21 -102.47 -70.04
CA SER C 916 -2.18 -102.29 -68.95
C SER C 916 -1.59 -102.76 -67.63
N PHE C 917 -1.81 -101.97 -66.59
CA PHE C 917 -1.38 -102.33 -65.24
C PHE C 917 -2.52 -102.04 -64.27
N ARG C 918 -2.54 -102.79 -63.17
CA ARG C 918 -3.58 -102.64 -62.15
C ARG C 918 -2.95 -102.89 -60.78
N VAL C 919 -3.08 -101.91 -59.89
CA VAL C 919 -2.75 -102.08 -58.49
C VAL C 919 -4.06 -102.03 -57.71
N VAL C 920 -4.36 -103.11 -56.99
CA VAL C 920 -5.64 -103.29 -56.32
C VAL C 920 -5.37 -103.61 -54.85
N THR C 921 -6.14 -102.99 -53.97
CA THR C 921 -6.02 -103.19 -52.54
C THR C 921 -7.15 -104.06 -52.03
N GLU C 922 -6.82 -104.95 -51.08
CA GLU C 922 -7.81 -105.78 -50.41
C GLU C 922 -7.88 -105.36 -48.95
N ASN C 923 -9.08 -105.10 -48.47
CA ASN C 923 -9.30 -104.51 -47.15
C ASN C 923 -10.03 -105.49 -46.25
N VAL C 924 -9.72 -105.44 -44.96
CA VAL C 924 -10.41 -106.24 -43.96
C VAL C 924 -10.81 -105.31 -42.81
N PRO C 925 -11.91 -105.58 -42.11
CA PRO C 925 -12.26 -104.73 -40.96
C PRO C 925 -11.16 -104.74 -39.92
N CYS C 926 -10.80 -103.55 -39.45
CA CYS C 926 -9.71 -103.37 -38.49
C CYS C 926 -10.26 -102.50 -37.35
N GLY C 927 -10.89 -103.14 -36.39
CA GLY C 927 -11.59 -102.46 -35.31
C GLY C 927 -13.08 -102.72 -35.36
N THR C 928 -13.76 -102.29 -34.31
CA THR C 928 -15.19 -102.45 -34.18
C THR C 928 -15.97 -101.17 -34.46
N THR C 929 -15.30 -100.10 -34.84
CA THR C 929 -15.95 -98.82 -35.10
C THR C 929 -16.36 -98.63 -36.55
N GLY C 930 -16.14 -99.63 -37.40
CA GLY C 930 -16.46 -99.53 -38.81
C GLY C 930 -15.28 -99.20 -39.69
N THR C 931 -14.07 -99.13 -39.15
CA THR C 931 -12.88 -98.83 -39.93
C THR C 931 -12.31 -100.12 -40.51
N THR C 932 -11.80 -100.00 -41.74
CA THR C 932 -11.17 -101.13 -42.42
C THR C 932 -9.76 -100.72 -42.84
N CYS C 933 -8.85 -101.70 -42.81
CA CYS C 933 -7.47 -101.47 -43.17
C CYS C 933 -6.99 -102.55 -44.12
N SER C 934 -5.94 -102.22 -44.88
CA SER C 934 -5.46 -103.10 -45.93
C SER C 934 -4.83 -104.36 -45.36
N LYS C 935 -4.99 -105.47 -46.07
CA LYS C 935 -4.41 -106.75 -45.71
C LYS C 935 -3.46 -107.30 -46.76
N ALA C 936 -3.83 -107.20 -48.04
CA ALA C 936 -2.98 -107.66 -49.13
C ALA C 936 -3.04 -106.66 -50.27
N ILE C 937 -1.95 -106.58 -51.03
CA ILE C 937 -1.84 -105.68 -52.17
C ILE C 937 -1.55 -106.53 -53.40
N LYS C 938 -2.40 -106.40 -54.42
CA LYS C 938 -2.28 -107.21 -55.62
C LYS C 938 -2.02 -106.32 -56.82
N ILE C 939 -0.92 -106.60 -57.53
CA ILE C 939 -0.47 -105.82 -58.67
C ILE C 939 -0.56 -106.70 -59.91
N PHE C 940 -1.27 -106.23 -60.93
CA PHE C 940 -1.43 -106.94 -62.19
C PHE C 940 -0.84 -106.11 -63.31
N LEU C 941 0.08 -106.69 -64.08
CA LEU C 941 0.43 -106.10 -65.36
C LEU C 941 1.00 -107.19 -66.26
N GLY C 942 0.85 -106.98 -67.57
CA GLY C 942 1.13 -108.05 -68.50
C GLY C 942 0.22 -109.24 -68.21
N GLY C 943 0.81 -110.42 -68.20
CA GLY C 943 0.09 -111.60 -67.76
C GLY C 943 0.49 -111.99 -66.36
N PHE C 944 1.09 -111.06 -65.64
CA PHE C 944 1.75 -111.35 -64.37
C PHE C 944 1.03 -110.65 -63.21
N GLU C 945 0.96 -111.36 -62.07
CA GLU C 945 0.30 -110.89 -60.87
C GLU C 945 1.20 -111.14 -59.66
N LEU C 946 1.38 -110.11 -58.84
CA LEU C 946 2.00 -110.23 -57.52
C LEU C 946 0.97 -110.00 -56.43
N LYS C 947 1.00 -110.86 -55.42
CA LYS C 947 0.19 -110.69 -54.21
C LYS C 947 1.16 -110.50 -53.05
N LEU C 948 1.31 -109.24 -52.60
CA LEU C 948 2.03 -108.94 -51.38
C LEU C 948 1.07 -109.16 -50.21
N SER C 949 1.29 -110.24 -49.48
CA SER C 949 0.38 -110.63 -48.41
C SER C 949 1.20 -111.11 -47.21
N HIS C 950 0.59 -111.01 -46.03
CA HIS C 950 1.27 -111.31 -44.78
C HIS C 950 2.55 -110.49 -44.68
N GLY C 951 3.68 -111.10 -45.06
CA GLY C 951 4.94 -110.38 -45.09
C GLY C 951 5.81 -110.79 -46.25
N LYS C 952 5.21 -111.40 -47.27
CA LYS C 952 5.95 -111.94 -48.40
C LYS C 952 5.17 -111.68 -49.69
N VAL C 953 5.72 -112.17 -50.79
CA VAL C 953 5.18 -111.99 -52.14
C VAL C 953 4.89 -113.34 -52.75
N GLU C 954 3.73 -113.45 -53.40
CA GLU C 954 3.39 -114.61 -54.21
C GLU C 954 3.27 -114.18 -55.66
N VAL C 955 4.00 -114.86 -56.54
CA VAL C 955 3.95 -114.59 -57.98
C VAL C 955 2.99 -115.61 -58.59
N ILE C 956 1.80 -115.17 -58.96
CA ILE C 956 0.78 -116.05 -59.50
C ILE C 956 0.66 -115.76 -60.99
N GLY C 957 1.72 -115.24 -61.59
CA GLY C 957 1.73 -114.94 -62.99
C GLY C 957 1.99 -116.16 -63.85
N THR C 958 1.89 -115.96 -65.16
CA THR C 958 2.09 -117.00 -66.16
C THR C 958 1.18 -118.20 -65.91
N GLN C 962 6.95 -113.77 -72.55
CA GLN C 962 7.74 -112.67 -72.01
C GLN C 962 8.32 -113.04 -70.65
N GLU C 963 9.40 -112.37 -70.27
CA GLU C 963 10.05 -112.64 -69.00
C GLU C 963 9.40 -111.81 -67.90
N VAL C 964 10.01 -111.80 -66.72
CA VAL C 964 9.42 -111.20 -65.52
C VAL C 964 9.85 -109.73 -65.47
N PRO C 965 8.90 -108.77 -65.61
CA PRO C 965 9.23 -107.35 -65.46
C PRO C 965 9.06 -106.86 -64.02
N TYR C 966 9.74 -107.54 -63.09
CA TYR C 966 9.63 -107.25 -61.67
C TYR C 966 11.02 -107.19 -61.05
N THR C 967 11.13 -106.44 -59.96
CA THR C 967 12.38 -106.36 -59.20
C THR C 967 11.99 -106.16 -57.74
N ILE C 968 11.92 -107.26 -57.00
CA ILE C 968 11.57 -107.23 -55.59
C ILE C 968 12.86 -107.03 -54.80
N ARG C 969 12.94 -105.94 -54.06
CA ARG C 969 14.14 -105.58 -53.31
C ARG C 969 13.77 -105.27 -51.87
N GLN C 970 14.43 -105.93 -50.92
CA GLN C 970 14.20 -105.67 -49.51
C GLN C 970 15.14 -104.56 -49.06
N MET C 971 14.58 -103.36 -48.82
CA MET C 971 15.38 -102.21 -48.42
C MET C 971 14.76 -101.60 -47.18
N GLY C 972 15.52 -101.62 -46.08
CA GLY C 972 15.00 -101.12 -44.81
C GLY C 972 13.79 -101.91 -44.36
N ILE C 973 12.82 -101.20 -43.78
CA ILE C 973 11.54 -101.81 -43.43
C ILE C 973 10.63 -101.96 -44.64
N TYR C 974 11.11 -101.61 -45.83
CA TYR C 974 10.28 -101.56 -47.01
C TYR C 974 10.63 -102.68 -47.99
N LEU C 975 9.64 -103.11 -48.74
CA LEU C 975 9.78 -104.03 -49.85
C LEU C 975 9.42 -103.26 -51.12
N VAL C 976 10.36 -103.16 -52.05
CA VAL C 976 10.22 -102.31 -53.23
C VAL C 976 10.00 -103.21 -54.43
N VAL C 977 8.85 -103.03 -55.08
CA VAL C 977 8.53 -103.69 -56.33
C VAL C 977 8.79 -102.68 -57.45
N ASP C 978 9.74 -103.00 -58.31
CA ASP C 978 10.17 -102.11 -59.39
C ASP C 978 9.71 -102.68 -60.73
N THR C 979 9.12 -101.82 -61.55
CA THR C 979 8.64 -102.19 -62.87
C THR C 979 9.34 -101.35 -63.93
N ASP C 980 9.41 -101.90 -65.13
CA ASP C 980 10.05 -101.22 -66.26
C ASP C 980 9.12 -100.24 -66.96
N ILE C 981 7.85 -100.14 -66.51
CA ILE C 981 6.89 -99.24 -67.13
C ILE C 981 6.82 -97.90 -66.45
N GLY C 982 7.62 -97.67 -65.41
CA GLY C 982 7.61 -96.41 -64.68
C GLY C 982 6.80 -96.42 -63.40
N LEU C 983 6.39 -97.59 -62.92
CA LEU C 983 5.60 -97.70 -61.70
C LEU C 983 6.44 -98.38 -60.61
N VAL C 984 6.44 -97.79 -59.42
CA VAL C 984 7.24 -98.30 -58.30
C VAL C 984 6.31 -98.44 -57.09
N LEU C 985 6.50 -99.51 -56.33
CA LEU C 985 5.70 -99.73 -55.13
C LEU C 985 6.60 -99.95 -53.92
N LEU C 986 6.25 -99.32 -52.81
CA LEU C 986 6.90 -99.54 -51.53
C LEU C 986 5.87 -100.07 -50.55
N TRP C 987 6.15 -101.23 -49.96
CA TRP C 987 5.21 -101.89 -49.06
C TRP C 987 5.92 -102.19 -47.74
N ASP C 988 5.36 -101.73 -46.64
CA ASP C 988 5.95 -101.95 -45.32
C ASP C 988 5.50 -103.27 -44.69
N LYS C 989 5.05 -104.22 -45.50
CA LYS C 989 4.55 -105.52 -45.03
C LYS C 989 3.36 -105.36 -44.09
N LYS C 990 2.66 -104.24 -44.20
CA LYS C 990 1.54 -103.89 -43.34
C LYS C 990 0.57 -103.06 -44.17
N THR C 991 -0.33 -102.35 -43.48
CA THR C 991 -1.37 -101.59 -44.17
C THR C 991 -0.85 -100.48 -45.07
N SER C 992 0.41 -100.08 -44.92
CA SER C 992 0.96 -98.97 -45.68
C SER C 992 1.44 -99.41 -47.05
N ILE C 993 1.18 -98.57 -48.05
CA ILE C 993 1.63 -98.80 -49.42
C ILE C 993 1.81 -97.44 -50.09
N PHE C 994 2.94 -97.28 -50.78
CA PHE C 994 3.26 -96.05 -51.50
C PHE C 994 3.49 -96.39 -52.97
N ILE C 995 2.81 -95.67 -53.85
CA ILE C 995 2.85 -95.94 -55.29
C ILE C 995 3.44 -94.71 -55.98
N ASN C 996 4.57 -94.90 -56.65
CA ASN C 996 5.24 -93.84 -57.39
C ASN C 996 4.97 -94.04 -58.88
N LEU C 997 4.45 -93.00 -59.52
CA LEU C 997 4.10 -93.02 -60.93
C LEU C 997 4.94 -91.98 -61.68
N SER C 998 5.44 -92.39 -62.84
CA SER C 998 6.19 -91.49 -63.69
C SER C 998 5.26 -90.45 -64.32
N PRO C 999 5.80 -89.29 -64.70
CA PRO C 999 4.97 -88.27 -65.36
C PRO C 999 4.46 -88.66 -66.74
N GLU C 1000 4.74 -89.89 -67.21
CA GLU C 1000 4.22 -90.35 -68.48
C GLU C 1000 2.77 -90.83 -68.39
N PHE C 1001 2.21 -90.91 -67.18
CA PHE C 1001 0.86 -91.43 -66.97
C PHE C 1001 -0.11 -90.35 -66.52
N LYS C 1002 0.21 -89.08 -66.75
CA LYS C 1002 -0.68 -88.01 -66.34
C LYS C 1002 -1.96 -88.04 -67.19
N GLY C 1003 -3.10 -88.07 -66.51
CA GLY C 1003 -4.39 -88.13 -67.18
C GLY C 1003 -4.77 -89.48 -67.73
N ARG C 1004 -3.97 -90.52 -67.47
CA ARG C 1004 -4.23 -91.84 -68.01
C ARG C 1004 -4.69 -92.85 -66.96
N VAL C 1005 -4.57 -92.54 -65.68
CA VAL C 1005 -4.88 -93.47 -64.60
C VAL C 1005 -6.18 -93.07 -63.94
N CYS C 1006 -6.73 -93.99 -63.14
CA CYS C 1006 -7.96 -93.75 -62.40
C CYS C 1006 -7.97 -94.70 -61.20
N GLY C 1007 -9.02 -94.59 -60.40
CA GLY C 1007 -9.15 -95.44 -59.22
C GLY C 1007 -9.24 -94.64 -57.93
N LEU C 1008 -8.92 -95.29 -56.81
CA LEU C 1008 -8.93 -94.61 -55.52
C LEU C 1008 -7.77 -93.64 -55.36
N CYS C 1009 -6.78 -93.67 -56.25
CA CYS C 1009 -5.61 -92.81 -56.16
C CYS C 1009 -5.75 -91.55 -57.02
N GLY C 1010 -6.90 -91.32 -57.61
CA GLY C 1010 -7.10 -90.15 -58.45
C GLY C 1010 -6.78 -90.42 -59.90
N ASN C 1011 -6.67 -89.33 -60.67
CA ASN C 1011 -6.45 -89.43 -62.10
C ASN C 1011 -5.17 -88.76 -62.56
N PHE C 1012 -4.39 -88.16 -61.66
CA PHE C 1012 -3.07 -87.63 -61.97
C PHE C 1012 -3.11 -86.58 -63.09
N ASP C 1013 -3.78 -85.46 -62.77
CA ASP C 1013 -3.82 -84.35 -63.71
C ASP C 1013 -3.57 -83.01 -63.00
N ASP C 1014 -2.87 -83.05 -61.87
CA ASP C 1014 -2.44 -81.88 -61.08
C ASP C 1014 -3.61 -81.18 -60.40
N ILE C 1015 -4.84 -81.62 -60.61
CA ILE C 1015 -6.01 -81.02 -59.99
C ILE C 1015 -6.55 -81.99 -58.94
N ALA C 1016 -6.64 -81.54 -57.70
CA ALA C 1016 -7.02 -82.42 -56.60
C ALA C 1016 -8.53 -82.47 -56.36
N VAL C 1017 -9.30 -81.53 -56.90
CA VAL C 1017 -10.73 -81.51 -56.61
C VAL C 1017 -11.49 -82.52 -57.47
N ASN C 1018 -10.97 -82.86 -58.64
CA ASN C 1018 -11.61 -83.84 -59.52
C ASN C 1018 -11.10 -85.25 -59.30
N ASP C 1019 -10.27 -85.46 -58.28
CA ASP C 1019 -9.80 -86.80 -57.95
C ASP C 1019 -10.89 -87.70 -57.40
N PHE C 1020 -12.06 -87.16 -57.07
CA PHE C 1020 -13.18 -87.93 -56.59
C PHE C 1020 -14.05 -88.47 -57.72
N ALA C 1021 -13.51 -88.59 -58.92
CA ALA C 1021 -14.26 -89.14 -60.04
C ALA C 1021 -14.57 -90.61 -59.79
N THR C 1022 -15.84 -90.97 -59.95
CA THR C 1022 -16.28 -92.33 -59.72
C THR C 1022 -15.92 -93.23 -60.90
N ARG C 1023 -16.30 -94.51 -60.80
CA ARG C 1023 -16.10 -95.42 -61.92
C ARG C 1023 -16.95 -95.02 -63.11
N SER C 1024 -18.11 -94.39 -62.87
CA SER C 1024 -18.98 -93.89 -63.92
C SER C 1024 -18.47 -92.59 -64.53
N ARG C 1025 -17.25 -92.17 -64.21
CA ARG C 1025 -16.63 -90.98 -64.79
C ARG C 1025 -17.41 -89.71 -64.45
N SER C 1026 -17.70 -89.55 -63.16
CA SER C 1026 -18.37 -88.35 -62.66
C SER C 1026 -17.76 -87.97 -61.32
N VAL C 1027 -17.42 -86.69 -61.17
CA VAL C 1027 -16.85 -86.19 -59.93
C VAL C 1027 -17.97 -85.93 -58.94
N VAL C 1028 -17.87 -86.54 -57.76
CA VAL C 1028 -18.90 -86.41 -56.73
C VAL C 1028 -18.28 -85.81 -55.48
N GLY C 1029 -19.14 -85.26 -54.63
CA GLY C 1029 -18.70 -84.66 -53.38
C GLY C 1029 -18.72 -85.59 -52.19
N ASP C 1030 -19.36 -86.75 -52.31
CA ASP C 1030 -19.42 -87.72 -51.23
C ASP C 1030 -18.24 -88.67 -51.36
N VAL C 1031 -17.45 -88.77 -50.30
CA VAL C 1031 -16.30 -89.68 -50.30
C VAL C 1031 -16.77 -91.12 -50.31
N LEU C 1032 -17.86 -91.42 -49.59
CA LEU C 1032 -18.35 -92.79 -49.49
C LEU C 1032 -18.79 -93.32 -50.85
N GLU C 1033 -19.53 -92.51 -51.61
CA GLU C 1033 -19.99 -92.94 -52.92
C GLU C 1033 -18.83 -93.14 -53.88
N PHE C 1034 -17.88 -92.20 -53.88
CA PHE C 1034 -16.72 -92.32 -54.77
C PHE C 1034 -15.90 -93.55 -54.44
N GLY C 1035 -15.70 -93.83 -53.14
CA GLY C 1035 -14.97 -95.02 -52.76
C GLY C 1035 -15.71 -96.30 -53.11
N ASN C 1036 -17.02 -96.35 -52.85
CA ASN C 1036 -17.80 -97.54 -53.12
C ASN C 1036 -17.95 -97.80 -54.61
N SER C 1037 -17.82 -96.78 -55.45
CA SER C 1037 -17.89 -96.99 -56.89
C SER C 1037 -16.69 -97.75 -57.44
N TRP C 1038 -15.63 -97.93 -56.66
CA TRP C 1038 -14.40 -98.55 -57.14
C TRP C 1038 -14.19 -99.96 -56.61
N LYS C 1039 -15.19 -100.54 -55.96
CA LYS C 1039 -15.06 -101.93 -55.52
C LYS C 1039 -15.07 -102.87 -56.71
N LEU C 1040 -14.23 -103.90 -56.66
CA LEU C 1040 -14.12 -104.84 -57.77
C LEU C 1040 -15.40 -105.62 -57.98
N SER C 1041 -16.03 -106.10 -56.90
CA SER C 1041 -17.20 -106.95 -57.01
C SER C 1041 -18.46 -106.11 -56.83
N PRO C 1042 -19.33 -106.03 -57.83
CA PRO C 1042 -20.60 -105.30 -57.64
C PRO C 1042 -21.48 -105.91 -56.56
N SER C 1043 -21.33 -107.21 -56.29
CA SER C 1043 -22.13 -107.87 -55.26
C SER C 1043 -21.63 -107.59 -53.85
N CYS C 1044 -20.47 -106.96 -53.70
CA CYS C 1044 -19.95 -106.66 -52.37
C CYS C 1044 -20.77 -105.54 -51.74
N PRO C 1045 -21.13 -105.66 -50.46
CA PRO C 1045 -21.94 -104.63 -49.82
C PRO C 1045 -21.23 -103.29 -49.78
N ASP C 1046 -22.02 -102.22 -49.91
CA ASP C 1046 -21.48 -100.87 -49.86
C ASP C 1046 -21.00 -100.53 -48.45
N ALA C 1047 -19.96 -99.71 -48.38
CA ALA C 1047 -19.43 -99.26 -47.10
C ALA C 1047 -20.26 -98.11 -46.56
N LEU C 1048 -20.51 -98.13 -45.25
CA LEU C 1048 -21.27 -97.09 -44.58
C LEU C 1048 -20.34 -96.16 -43.82
N ALA C 1049 -20.90 -95.05 -43.34
CA ALA C 1049 -20.11 -94.08 -42.60
C ALA C 1049 -19.75 -94.64 -41.23
N PRO C 1050 -18.48 -94.70 -40.87
CA PRO C 1050 -18.09 -95.26 -39.57
C PRO C 1050 -18.34 -94.27 -38.44
N LYS C 1051 -18.31 -94.80 -37.22
CA LYS C 1051 -18.46 -93.98 -36.04
C LYS C 1051 -17.18 -93.19 -35.76
N ASP C 1052 -17.30 -92.18 -34.91
CA ASP C 1052 -16.12 -91.44 -34.48
C ASP C 1052 -15.29 -92.33 -33.57
N PRO C 1053 -14.05 -92.64 -33.93
CA PRO C 1053 -13.27 -93.60 -33.12
C PRO C 1053 -13.04 -93.15 -31.69
N CYS C 1054 -12.84 -91.86 -31.46
CA CYS C 1054 -12.59 -91.36 -30.11
C CYS C 1054 -13.87 -91.06 -29.34
N THR C 1055 -15.02 -91.12 -30.00
CA THR C 1055 -16.30 -91.00 -29.30
C THR C 1055 -16.87 -92.37 -28.93
N ALA C 1056 -16.73 -93.34 -29.83
CA ALA C 1056 -17.16 -94.70 -29.52
C ALA C 1056 -16.26 -95.35 -28.48
N ASN C 1057 -14.98 -94.98 -28.47
CA ASN C 1057 -14.00 -95.51 -27.51
C ASN C 1057 -13.32 -94.34 -26.82
N PRO C 1058 -14.01 -93.69 -25.87
CA PRO C 1058 -13.37 -92.57 -25.17
C PRO C 1058 -12.29 -92.99 -24.21
N PHE C 1059 -12.39 -94.20 -23.64
CA PHE C 1059 -11.40 -94.66 -22.68
C PHE C 1059 -10.00 -94.79 -23.29
N ARG C 1060 -9.91 -94.90 -24.61
CA ARG C 1060 -8.62 -94.90 -25.30
C ARG C 1060 -8.14 -93.51 -25.65
N LYS C 1061 -9.05 -92.53 -25.74
CA LYS C 1061 -8.76 -91.24 -26.34
C LYS C 1061 -7.52 -90.62 -25.72
N SER C 1062 -7.48 -90.50 -24.40
CA SER C 1062 -6.34 -89.90 -23.72
C SER C 1062 -5.04 -90.56 -24.16
N TRP C 1063 -4.99 -91.90 -24.06
CA TRP C 1063 -3.80 -92.62 -24.47
C TRP C 1063 -3.41 -92.23 -25.90
N ALA C 1064 -4.39 -92.24 -26.80
CA ALA C 1064 -4.12 -91.88 -28.18
C ALA C 1064 -3.42 -90.53 -28.26
N GLN C 1065 -4.00 -89.53 -27.61
CA GLN C 1065 -3.37 -88.20 -27.63
C GLN C 1065 -1.98 -88.28 -27.03
N LYS C 1066 -1.86 -88.89 -25.85
CA LYS C 1066 -0.55 -88.99 -25.22
C LYS C 1066 0.42 -89.77 -26.07
N GLN C 1067 -0.09 -90.71 -26.89
CA GLN C 1067 0.81 -91.44 -27.76
C GLN C 1067 1.18 -90.60 -28.98
N CYS C 1068 0.26 -89.80 -29.50
CA CYS C 1068 0.49 -89.10 -30.75
C CYS C 1068 1.14 -87.74 -30.58
N SER C 1069 1.35 -87.31 -29.33
CA SER C 1069 2.05 -86.05 -29.08
C SER C 1069 3.49 -86.07 -29.57
N ILE C 1070 4.04 -87.26 -29.87
CA ILE C 1070 5.35 -87.35 -30.48
C ILE C 1070 5.38 -86.61 -31.81
N LEU C 1071 4.24 -86.53 -32.49
CA LEU C 1071 4.15 -85.80 -33.76
C LEU C 1071 4.09 -84.30 -33.57
N HIS C 1072 4.21 -83.81 -32.33
CA HIS C 1072 4.17 -82.39 -32.04
C HIS C 1072 5.32 -81.92 -31.15
N GLY C 1073 6.22 -82.80 -30.76
CA GLY C 1073 7.26 -82.46 -29.81
C GLY C 1073 8.62 -82.27 -30.44
N PRO C 1074 9.66 -82.26 -29.61
CA PRO C 1074 11.02 -82.04 -30.14
C PRO C 1074 11.51 -83.13 -31.07
N THR C 1075 10.87 -84.31 -31.08
CA THR C 1075 11.34 -85.40 -31.92
C THR C 1075 11.27 -85.04 -33.39
N PHE C 1076 10.18 -84.40 -33.82
CA PHE C 1076 9.99 -84.01 -35.21
C PHE C 1076 10.02 -82.49 -35.37
N ALA C 1077 10.79 -81.80 -34.52
CA ALA C 1077 10.85 -80.34 -34.58
C ALA C 1077 11.44 -79.85 -35.90
N ALA C 1078 12.49 -80.52 -36.38
CA ALA C 1078 13.14 -80.08 -37.61
C ALA C 1078 12.24 -80.28 -38.83
N CYS C 1079 11.41 -81.33 -38.82
CA CYS C 1079 10.56 -81.63 -39.96
C CYS C 1079 9.31 -80.75 -40.00
N HIS C 1080 8.96 -80.10 -38.90
CA HIS C 1080 7.72 -79.32 -38.85
C HIS C 1080 7.70 -78.18 -39.85
N ALA C 1081 8.86 -77.69 -40.26
CA ALA C 1081 8.93 -76.64 -41.27
C ALA C 1081 8.87 -77.16 -42.70
N HIS C 1082 8.93 -78.49 -42.89
CA HIS C 1082 8.95 -79.08 -44.22
C HIS C 1082 7.80 -80.04 -44.49
N VAL C 1083 7.20 -80.64 -43.47
CA VAL C 1083 6.01 -81.47 -43.63
C VAL C 1083 5.02 -81.09 -42.53
N GLU C 1084 3.80 -80.76 -42.93
CA GLU C 1084 2.78 -80.36 -41.97
C GLU C 1084 2.27 -81.59 -41.22
N PRO C 1085 2.34 -81.61 -39.89
CA PRO C 1085 1.96 -82.83 -39.15
C PRO C 1085 0.50 -82.86 -38.74
N ALA C 1086 -0.34 -82.00 -39.34
CA ALA C 1086 -1.73 -81.90 -38.90
C ALA C 1086 -2.51 -83.16 -39.23
N ARG C 1087 -2.61 -83.50 -40.52
CA ARG C 1087 -3.38 -84.67 -40.91
CA ARG C 1087 -3.38 -84.67 -40.91
C ARG C 1087 -2.74 -85.96 -40.38
N TYR C 1088 -1.41 -86.00 -40.28
CA TYR C 1088 -0.76 -87.18 -39.73
C TYR C 1088 -1.10 -87.36 -38.26
N TYR C 1089 -1.12 -86.27 -37.49
CA TYR C 1089 -1.53 -86.35 -36.08
C TYR C 1089 -2.98 -86.78 -35.96
N GLU C 1090 -3.86 -86.22 -36.81
CA GLU C 1090 -5.27 -86.60 -36.75
C GLU C 1090 -5.46 -88.08 -37.07
N ALA C 1091 -4.76 -88.58 -38.09
CA ALA C 1091 -4.84 -89.99 -38.42
C ALA C 1091 -4.27 -90.85 -37.29
N CYS C 1092 -3.19 -90.41 -36.67
CA CYS C 1092 -2.63 -91.13 -35.53
C CYS C 1092 -3.66 -91.27 -34.42
N VAL C 1093 -4.29 -90.16 -34.03
CA VAL C 1093 -5.26 -90.20 -32.93
C VAL C 1093 -6.45 -91.07 -33.30
N ASN C 1094 -6.96 -90.92 -34.53
CA ASN C 1094 -8.12 -91.70 -34.94
C ASN C 1094 -7.81 -93.19 -34.98
N ASP C 1095 -6.66 -93.56 -35.52
CA ASP C 1095 -6.28 -94.97 -35.59
C ASP C 1095 -6.08 -95.55 -34.19
N ALA C 1096 -5.40 -94.81 -33.30
CA ALA C 1096 -5.21 -95.30 -31.94
C ALA C 1096 -6.53 -95.42 -31.20
N CYS C 1097 -7.49 -94.55 -31.50
CA CYS C 1097 -8.83 -94.69 -30.90
C CYS C 1097 -9.57 -95.90 -31.47
N ALA C 1098 -9.38 -96.18 -32.76
CA ALA C 1098 -10.11 -97.25 -33.42
C ALA C 1098 -9.39 -98.59 -33.44
N CYS C 1099 -8.12 -98.64 -33.01
CA CYS C 1099 -7.37 -99.88 -33.00
C CYS C 1099 -7.69 -100.66 -31.72
N ASP C 1100 -8.98 -100.93 -31.49
CA ASP C 1100 -9.45 -101.51 -30.24
C ASP C 1100 -9.59 -103.02 -30.28
N SER C 1101 -9.29 -103.66 -31.41
CA SER C 1101 -9.41 -105.12 -31.52
C SER C 1101 -8.11 -105.84 -31.23
N GLY C 1102 -7.04 -105.12 -30.89
CA GLY C 1102 -5.77 -105.78 -30.61
C GLY C 1102 -4.69 -105.31 -31.56
N GLY C 1103 -3.56 -104.90 -30.98
CA GLY C 1103 -2.43 -104.45 -31.76
C GLY C 1103 -2.44 -102.97 -32.03
N ASP C 1104 -2.71 -102.16 -31.00
CA ASP C 1104 -2.74 -100.71 -31.17
C ASP C 1104 -1.35 -100.14 -31.40
N CYS C 1105 -0.32 -100.83 -30.90
CA CYS C 1105 1.04 -100.36 -31.13
C CYS C 1105 1.41 -100.43 -32.60
N GLU C 1106 0.90 -101.44 -33.32
CA GLU C 1106 1.10 -101.48 -34.77
C GLU C 1106 0.41 -100.30 -35.45
N CYS C 1107 -0.81 -99.97 -35.02
CA CYS C 1107 -1.51 -98.82 -35.58
C CYS C 1107 -0.72 -97.54 -35.34
N PHE C 1108 -0.24 -97.33 -34.12
CA PHE C 1108 0.52 -96.14 -33.78
C PHE C 1108 1.83 -96.09 -34.55
N CYS C 1109 2.52 -97.22 -34.68
CA CYS C 1109 3.79 -97.26 -35.39
C CYS C 1109 3.58 -96.94 -36.87
N THR C 1110 2.52 -97.48 -37.48
CA THR C 1110 2.23 -97.15 -38.88
C THR C 1110 1.89 -95.67 -39.03
N ALA C 1111 1.08 -95.13 -38.13
CA ALA C 1111 0.70 -93.73 -38.23
C ALA C 1111 1.90 -92.80 -38.10
N VAL C 1112 2.81 -93.11 -37.20
CA VAL C 1112 4.00 -92.27 -37.05
C VAL C 1112 5.00 -92.51 -38.17
N ALA C 1113 5.08 -93.74 -38.69
CA ALA C 1113 6.01 -94.04 -39.76
C ALA C 1113 5.58 -93.39 -41.07
N ALA C 1114 4.28 -93.14 -41.25
CA ALA C 1114 3.84 -92.38 -42.41
C ALA C 1114 4.47 -90.98 -42.41
N TYR C 1115 4.37 -90.28 -41.28
CA TYR C 1115 4.98 -88.96 -41.16
C TYR C 1115 6.49 -89.04 -41.23
N ALA C 1116 7.08 -90.10 -40.67
CA ALA C 1116 8.53 -90.27 -40.75
C ALA C 1116 9.00 -90.44 -42.19
N GLN C 1117 8.26 -91.22 -42.98
CA GLN C 1117 8.60 -91.39 -44.39
C GLN C 1117 8.42 -90.08 -45.16
N ALA C 1118 7.35 -89.33 -44.84
CA ALA C 1118 7.17 -88.02 -45.47
C ALA C 1118 8.33 -87.09 -45.14
N CYS C 1119 8.81 -87.13 -43.91
CA CYS C 1119 9.98 -86.33 -43.53
C CYS C 1119 11.22 -86.78 -44.26
N HIS C 1120 11.43 -88.09 -44.35
CA HIS C 1120 12.65 -88.62 -44.96
C HIS C 1120 12.68 -88.37 -46.46
N GLU C 1121 11.51 -88.31 -47.11
CA GLU C 1121 11.47 -88.11 -48.55
C GLU C 1121 12.01 -86.74 -48.95
N VAL C 1122 11.88 -85.75 -48.08
CA VAL C 1122 12.28 -84.38 -48.40
C VAL C 1122 13.65 -84.04 -47.82
N GLY C 1123 14.47 -85.05 -47.51
CA GLY C 1123 15.85 -84.84 -47.14
C GLY C 1123 16.14 -84.80 -45.65
N LEU C 1124 15.11 -84.83 -44.80
CA LEU C 1124 15.29 -84.78 -43.36
C LEU C 1124 15.17 -86.17 -42.78
N CYS C 1125 16.26 -86.70 -42.24
CA CYS C 1125 16.29 -88.04 -41.66
C CYS C 1125 16.37 -87.89 -40.14
N VAL C 1126 15.20 -87.92 -39.51
CA VAL C 1126 15.11 -87.83 -38.05
C VAL C 1126 15.09 -89.23 -37.47
N SER C 1127 15.75 -89.40 -36.33
CA SER C 1127 15.80 -90.67 -35.61
C SER C 1127 14.73 -90.61 -34.51
N TRP C 1128 13.60 -91.27 -34.76
CA TRP C 1128 12.47 -91.25 -33.84
C TRP C 1128 12.26 -92.55 -33.10
N ARG C 1129 12.70 -93.68 -33.65
CA ARG C 1129 12.50 -94.96 -33.01
C ARG C 1129 13.42 -95.12 -31.80
N THR C 1130 12.84 -95.50 -30.67
CA THR C 1130 13.53 -95.78 -29.43
C THR C 1130 13.11 -97.15 -28.95
N PRO C 1131 13.86 -97.77 -28.04
CA PRO C 1131 13.46 -99.10 -27.55
C PRO C 1131 12.06 -99.16 -26.97
N SER C 1132 11.46 -98.02 -26.63
CA SER C 1132 10.09 -97.97 -26.15
C SER C 1132 9.11 -97.42 -27.18
N ILE C 1133 9.59 -96.87 -28.29
CA ILE C 1133 8.74 -96.29 -29.33
C ILE C 1133 9.11 -96.97 -30.64
N CYS C 1134 8.33 -97.98 -31.03
CA CYS C 1134 8.52 -98.70 -32.29
C CYS C 1134 9.95 -99.20 -32.48
N PRO C 1135 10.43 -100.11 -31.63
CA PRO C 1135 11.79 -100.62 -31.79
C PRO C 1135 11.93 -101.48 -33.02
N LEU C 1136 13.15 -101.51 -33.58
CA LEU C 1136 13.48 -102.33 -34.73
C LEU C 1136 14.56 -103.32 -34.33
N PHE C 1137 14.30 -104.61 -34.52
CA PHE C 1137 15.23 -105.66 -34.11
C PHE C 1137 16.23 -105.92 -35.24
N CYS C 1138 17.16 -104.98 -35.39
CA CYS C 1138 18.20 -105.13 -36.41
C CYS C 1138 19.15 -106.27 -36.06
N ASP C 1139 19.45 -106.44 -34.78
CA ASP C 1139 20.38 -107.49 -34.34
C ASP C 1139 19.89 -108.88 -34.72
N TYR C 1140 18.58 -109.04 -34.98
CA TYR C 1140 18.07 -110.33 -35.44
C TYR C 1140 18.72 -110.78 -36.73
N TYR C 1141 19.17 -109.83 -37.56
CA TYR C 1141 19.76 -110.16 -38.86
C TYR C 1141 21.26 -110.40 -38.79
N ASN C 1142 21.88 -110.23 -37.63
CA ASN C 1142 23.31 -110.47 -37.51
C ASN C 1142 23.60 -111.97 -37.52
N PRO C 1143 24.48 -112.44 -38.40
CA PRO C 1143 24.90 -113.85 -38.33
C PRO C 1143 25.69 -114.12 -37.06
N GLU C 1144 25.75 -115.41 -36.70
CA GLU C 1144 26.41 -115.82 -35.47
C GLU C 1144 27.85 -115.34 -35.43
N GLY C 1145 28.14 -114.46 -34.47
CA GLY C 1145 29.45 -113.88 -34.32
C GLY C 1145 29.69 -112.60 -35.07
N GLN C 1146 28.73 -112.14 -35.86
CA GLN C 1146 28.88 -110.93 -36.66
C GLN C 1146 28.04 -109.79 -36.07
N CYS C 1147 28.39 -108.57 -36.46
CA CYS C 1147 27.66 -107.37 -36.06
C CYS C 1147 27.75 -106.37 -37.22
N GLU C 1148 26.74 -106.40 -38.09
CA GLU C 1148 26.80 -105.62 -39.32
C GLU C 1148 25.59 -104.73 -39.50
N TRP C 1149 24.42 -105.20 -39.08
CA TRP C 1149 23.17 -104.51 -39.41
C TRP C 1149 22.92 -103.35 -38.46
N HIS C 1150 22.70 -102.16 -39.03
CA HIS C 1150 22.46 -100.94 -38.27
C HIS C 1150 21.20 -100.26 -38.79
N TYR C 1151 20.54 -99.52 -37.89
CA TYR C 1151 19.36 -98.76 -38.28
C TYR C 1151 19.78 -97.48 -38.99
N GLN C 1152 19.20 -97.25 -40.17
CA GLN C 1152 19.47 -96.06 -40.96
C GLN C 1152 18.16 -95.32 -41.21
N PRO C 1153 18.02 -94.07 -40.73
CA PRO C 1153 16.85 -93.27 -41.08
C PRO C 1153 16.85 -92.86 -42.54
N CYS C 1154 17.98 -92.30 -43.00
CA CYS C 1154 18.14 -91.94 -44.40
C CYS C 1154 18.08 -93.14 -45.31
N GLY C 1155 18.45 -94.32 -44.82
CA GLY C 1155 18.62 -95.48 -45.67
C GLY C 1155 19.94 -95.43 -46.38
N VAL C 1156 20.24 -96.50 -47.11
CA VAL C 1156 21.48 -96.57 -47.87
C VAL C 1156 21.10 -96.88 -49.31
N PRO C 1157 20.83 -95.86 -50.13
CA PRO C 1157 20.38 -96.13 -51.51
C PRO C 1157 21.40 -96.90 -52.35
N CYS C 1158 22.69 -96.67 -52.11
CA CYS C 1158 23.74 -97.38 -52.86
C CYS C 1158 24.77 -98.06 -51.97
N LEU C 1159 24.30 -98.84 -51.01
CA LEU C 1159 25.10 -99.92 -50.44
C LEU C 1159 25.58 -100.84 -51.57
N ARG C 1160 26.72 -101.46 -51.37
CA ARG C 1160 27.31 -102.33 -52.38
C ARG C 1160 26.74 -103.74 -52.24
N THR C 1161 26.07 -104.20 -53.29
CA THR C 1161 25.57 -105.56 -53.38
C THR C 1161 26.03 -106.15 -54.71
N CYS C 1162 25.81 -107.45 -54.89
CA CYS C 1162 26.19 -108.10 -56.14
C CYS C 1162 25.09 -108.06 -57.19
N ARG C 1163 23.95 -107.42 -56.90
CA ARG C 1163 23.01 -107.06 -57.94
C ARG C 1163 23.25 -105.65 -58.47
N ASN C 1164 23.97 -104.82 -57.71
CA ASN C 1164 24.45 -103.52 -58.15
C ASN C 1164 25.93 -103.49 -57.79
N PRO C 1165 26.76 -104.22 -58.54
CA PRO C 1165 28.17 -104.38 -58.12
C PRO C 1165 28.94 -103.07 -58.04
N ARG C 1166 28.67 -102.13 -58.94
CA ARG C 1166 29.44 -100.89 -58.97
C ARG C 1166 29.22 -100.06 -57.71
N GLY C 1167 27.99 -100.04 -57.20
CA GLY C 1167 27.62 -99.19 -56.11
C GLY C 1167 26.83 -97.96 -56.49
N ASP C 1168 26.10 -98.00 -57.62
CA ASP C 1168 25.32 -96.86 -58.06
C ASP C 1168 23.95 -96.89 -57.41
N CYS C 1169 23.53 -95.74 -56.88
CA CYS C 1169 22.20 -95.59 -56.30
C CYS C 1169 21.27 -94.87 -57.25
N LEU C 1170 20.14 -95.51 -57.54
CA LEU C 1170 19.22 -95.17 -58.61
C LEU C 1170 18.35 -93.96 -58.30
N ARG C 1171 18.44 -93.40 -57.09
CA ARG C 1171 17.51 -92.38 -56.63
C ARG C 1171 16.09 -92.92 -56.70
N ASP C 1172 15.10 -92.06 -56.88
CA ASP C 1172 13.71 -92.44 -57.12
C ASP C 1172 13.08 -93.07 -55.89
N VAL C 1173 13.89 -93.29 -54.85
CA VAL C 1173 13.40 -93.75 -53.54
C VAL C 1173 14.23 -93.05 -52.48
N ARG C 1174 13.56 -92.37 -51.56
CA ARG C 1174 14.23 -91.55 -50.56
CA ARG C 1174 14.22 -91.54 -50.56
C ARG C 1174 13.77 -91.92 -49.17
N GLY C 1175 14.72 -91.99 -48.25
CA GLY C 1175 14.43 -92.22 -46.84
C GLY C 1175 13.68 -93.49 -46.51
N LEU C 1176 14.07 -94.60 -47.13
CA LEU C 1176 13.50 -95.90 -46.76
C LEU C 1176 14.29 -96.40 -45.55
N GLU C 1177 13.87 -95.98 -44.37
CA GLU C 1177 14.59 -96.27 -43.14
C GLU C 1177 14.48 -97.75 -42.79
N GLY C 1178 15.38 -98.21 -41.93
CA GLY C 1178 15.32 -99.56 -41.44
C GLY C 1178 16.71 -100.14 -41.27
N CYS C 1179 16.77 -101.45 -41.09
CA CYS C 1179 18.04 -102.13 -40.88
C CYS C 1179 18.75 -102.32 -42.22
N TYR C 1180 20.00 -101.86 -42.28
CA TYR C 1180 20.85 -102.00 -43.45
C TYR C 1180 22.18 -102.60 -43.05
N PRO C 1181 22.81 -103.36 -43.93
CA PRO C 1181 24.10 -103.97 -43.58
C PRO C 1181 25.28 -103.06 -43.84
N LYS C 1182 26.29 -103.16 -42.98
CA LYS C 1182 27.55 -102.44 -43.12
C LYS C 1182 28.63 -103.49 -43.30
N CYS C 1183 28.85 -103.91 -44.54
CA CYS C 1183 29.77 -105.00 -44.80
C CYS C 1183 31.21 -104.54 -44.53
N PRO C 1184 32.03 -105.40 -43.94
CA PRO C 1184 33.41 -105.00 -43.61
C PRO C 1184 34.27 -104.96 -44.86
N PRO C 1185 35.43 -104.30 -44.80
CA PRO C 1185 36.32 -104.27 -45.98
C PRO C 1185 36.80 -105.65 -46.40
N GLU C 1186 36.80 -106.64 -45.51
CA GLU C 1186 37.19 -107.98 -45.91
C GLU C 1186 36.18 -108.61 -46.86
N ALA C 1187 34.89 -108.32 -46.66
CA ALA C 1187 33.82 -108.83 -47.51
C ALA C 1187 32.91 -107.65 -47.87
N PRO C 1188 33.32 -106.82 -48.83
CA PRO C 1188 32.60 -105.57 -49.12
C PRO C 1188 31.35 -105.74 -49.99
N ILE C 1189 30.85 -106.96 -50.20
CA ILE C 1189 29.66 -107.18 -51.00
C ILE C 1189 28.59 -107.75 -50.09
N PHE C 1190 27.35 -107.30 -50.26
CA PHE C 1190 26.22 -107.84 -49.52
C PHE C 1190 25.36 -108.68 -50.46
N ASP C 1191 25.31 -109.98 -50.22
CA ASP C 1191 24.50 -110.90 -51.00
C ASP C 1191 23.14 -111.03 -50.32
N GLU C 1192 22.09 -110.57 -51.01
CA GLU C 1192 20.72 -110.66 -50.52
C GLU C 1192 20.07 -112.01 -50.80
N ASP C 1193 20.56 -112.76 -51.80
CA ASP C 1193 20.05 -114.10 -52.04
C ASP C 1193 20.34 -115.01 -50.85
N LYS C 1194 21.54 -114.93 -50.28
CA LYS C 1194 21.88 -115.66 -49.08
C LYS C 1194 21.92 -114.78 -47.84
N MET C 1195 21.91 -113.46 -48.02
CA MET C 1195 21.77 -112.47 -46.95
C MET C 1195 22.97 -112.47 -45.99
N GLN C 1196 24.15 -112.19 -46.55
CA GLN C 1196 25.32 -111.99 -45.69
C GLN C 1196 26.38 -111.22 -46.46
N CYS C 1197 27.45 -110.86 -45.76
CA CYS C 1197 28.58 -110.19 -46.38
C CYS C 1197 29.53 -111.23 -46.98
N VAL C 1198 29.83 -111.07 -48.26
CA VAL C 1198 30.75 -111.93 -49.00
C VAL C 1198 31.67 -111.03 -49.83
N ALA C 1199 32.79 -111.62 -50.27
CA ALA C 1199 33.72 -110.88 -51.12
C ALA C 1199 33.16 -110.72 -52.54
N THR C 1200 32.51 -111.76 -53.06
CA THR C 1200 31.95 -111.71 -54.40
C THR C 1200 30.83 -112.74 -54.51
N CYS C 1201 29.91 -112.49 -55.44
CA CYS C 1201 28.81 -113.41 -55.71
C CYS C 1201 29.04 -114.17 -57.00
N VAL D 41 9.74 -115.00 -51.76
CA VAL D 41 8.98 -114.94 -53.00
C VAL D 41 8.63 -116.34 -53.47
N VAL D 42 7.33 -116.62 -53.59
CA VAL D 42 6.83 -117.92 -54.02
C VAL D 42 6.23 -117.76 -55.41
N ARG D 43 6.64 -118.60 -56.35
CA ARG D 43 6.18 -118.56 -57.72
C ARG D 43 5.24 -119.72 -58.00
N ALA D 44 4.15 -119.43 -58.73
CA ALA D 44 3.18 -120.45 -59.09
C ALA D 44 2.58 -120.06 -60.43
N SER D 45 2.85 -120.85 -61.46
CA SER D 45 2.39 -120.57 -62.82
C SER D 45 1.54 -121.69 -63.41
N ASN D 46 1.18 -122.69 -62.60
CA ASN D 46 0.39 -123.80 -63.10
C ASN D 46 -1.07 -123.61 -62.69
N PRO D 47 -1.98 -123.34 -63.62
CA PRO D 47 -3.38 -123.12 -63.24
C PRO D 47 -4.06 -124.35 -62.64
N ALA D 48 -3.57 -125.55 -62.92
CA ALA D 48 -4.16 -126.77 -62.39
C ALA D 48 -3.95 -126.81 -60.88
N HIS D 49 -5.03 -126.65 -60.13
CA HIS D 49 -4.96 -126.55 -58.67
C HIS D 49 -6.03 -127.38 -58.02
N ASN D 50 -6.26 -128.60 -58.53
CA ASN D 50 -7.18 -129.51 -57.87
C ASN D 50 -6.66 -129.98 -56.52
N GLY D 51 -5.36 -129.81 -56.26
CA GLY D 51 -4.79 -130.19 -54.98
C GLY D 51 -5.23 -129.33 -53.83
N ARG D 52 -5.72 -128.12 -54.10
CA ARG D 52 -6.19 -127.21 -53.07
C ARG D 52 -7.71 -127.23 -52.93
N VAL D 53 -8.38 -128.18 -53.55
CA VAL D 53 -9.83 -128.24 -53.59
C VAL D 53 -10.29 -129.58 -53.05
N CYS D 54 -11.23 -129.56 -52.10
CA CYS D 54 -11.90 -130.75 -51.62
C CYS D 54 -13.41 -130.54 -51.73
N SER D 55 -14.12 -131.61 -52.05
CA SER D 55 -15.54 -131.47 -52.32
C SER D 55 -16.27 -132.76 -51.97
N THR D 56 -17.58 -132.63 -51.74
CA THR D 56 -18.48 -133.76 -51.56
C THR D 56 -19.69 -133.55 -52.46
N TRP D 57 -20.21 -134.64 -53.02
CA TRP D 57 -21.29 -134.54 -53.98
C TRP D 57 -21.99 -135.89 -54.12
N GLY D 58 -23.20 -135.85 -54.67
CA GLY D 58 -23.90 -137.06 -55.03
C GLY D 58 -24.21 -137.94 -53.84
N SER D 59 -24.11 -139.25 -54.05
CA SER D 59 -24.40 -140.24 -53.01
C SER D 59 -23.14 -140.47 -52.17
N PHE D 60 -22.82 -139.47 -51.35
CA PHE D 60 -21.73 -139.55 -50.38
C PHE D 60 -20.39 -139.80 -51.06
N HIS D 61 -20.05 -138.98 -52.05
CA HIS D 61 -18.77 -139.04 -52.72
C HIS D 61 -17.89 -137.91 -52.22
N TYR D 62 -16.72 -138.26 -51.70
CA TYR D 62 -15.78 -137.29 -51.13
C TYR D 62 -14.48 -137.32 -51.93
N LYS D 63 -13.98 -136.13 -52.28
CA LYS D 63 -12.67 -135.98 -52.90
C LYS D 63 -11.81 -135.15 -51.96
N THR D 64 -10.69 -135.74 -51.51
CA THR D 64 -9.81 -135.06 -50.58
C THR D 64 -8.94 -134.04 -51.32
N PHE D 65 -8.18 -133.27 -50.55
CA PHE D 65 -7.28 -132.29 -51.15
C PHE D 65 -6.20 -132.96 -52.00
N ASP D 66 -5.80 -134.18 -51.62
CA ASP D 66 -4.72 -134.88 -52.30
C ASP D 66 -5.19 -135.67 -53.51
N GLY D 67 -6.47 -135.61 -53.85
CA GLY D 67 -7.00 -136.28 -55.01
C GLY D 67 -7.69 -137.61 -54.74
N ASP D 68 -7.64 -138.09 -53.51
CA ASP D 68 -8.28 -139.36 -53.17
C ASP D 68 -9.79 -139.23 -53.24
N VAL D 69 -10.43 -140.13 -53.98
CA VAL D 69 -11.88 -140.15 -54.15
C VAL D 69 -12.41 -141.44 -53.54
N PHE D 70 -13.33 -141.31 -52.59
CA PHE D 70 -13.92 -142.45 -51.91
C PHE D 70 -15.39 -142.17 -51.68
N ARG D 71 -16.09 -143.18 -51.14
CA ARG D 71 -17.49 -143.05 -50.79
C ARG D 71 -17.68 -143.40 -49.32
N PHE D 72 -18.29 -142.51 -48.57
CA PHE D 72 -18.55 -142.71 -47.14
C PHE D 72 -19.99 -142.32 -46.86
N PRO D 73 -20.92 -143.28 -46.84
CA PRO D 73 -22.35 -142.98 -46.60
C PRO D 73 -22.66 -142.78 -45.12
N GLY D 74 -22.11 -141.71 -44.55
CA GLY D 74 -22.37 -141.36 -43.16
C GLY D 74 -23.32 -140.20 -43.06
N LEU D 75 -24.34 -140.36 -42.22
CA LEU D 75 -25.38 -139.36 -42.00
C LEU D 75 -25.19 -138.56 -40.72
N CYS D 76 -24.03 -138.70 -40.07
CA CYS D 76 -23.78 -138.04 -38.81
C CYS D 76 -23.13 -136.69 -39.05
N ASN D 77 -22.65 -136.05 -37.98
CA ASN D 77 -21.93 -134.78 -38.07
C ASN D 77 -20.44 -135.08 -38.11
N TYR D 78 -19.78 -134.64 -39.17
CA TYR D 78 -18.37 -134.95 -39.40
C TYR D 78 -17.59 -133.67 -39.63
N VAL D 79 -16.30 -133.71 -39.32
CA VAL D 79 -15.41 -132.57 -39.54
C VAL D 79 -15.01 -132.57 -41.01
N PHE D 80 -15.55 -131.62 -41.77
CA PHE D 80 -15.20 -131.51 -43.18
C PHE D 80 -13.74 -131.14 -43.35
N SER D 81 -13.28 -130.09 -42.66
CA SER D 81 -11.89 -129.68 -42.68
C SER D 81 -11.61 -128.68 -41.55
N GLU D 82 -10.53 -128.89 -40.82
CA GLU D 82 -10.15 -127.99 -39.73
C GLU D 82 -8.64 -127.82 -39.71
N HIS D 83 -8.20 -126.69 -39.15
CA HIS D 83 -6.78 -126.32 -39.14
C HIS D 83 -6.15 -126.83 -37.84
N CYS D 84 -5.72 -128.09 -37.87
CA CYS D 84 -5.10 -128.71 -36.71
C CYS D 84 -3.58 -128.63 -36.74
N GLY D 85 -2.99 -128.00 -37.76
CA GLY D 85 -1.56 -127.91 -37.89
C GLY D 85 -0.89 -126.82 -37.09
N ALA D 86 -1.64 -126.03 -36.33
CA ALA D 86 -1.11 -124.94 -35.53
C ALA D 86 -1.79 -124.92 -34.18
N ALA D 87 -1.20 -124.15 -33.25
CA ALA D 87 -1.79 -124.02 -31.92
C ALA D 87 -3.14 -123.34 -31.98
N TYR D 88 -3.29 -122.32 -32.83
CA TYR D 88 -4.53 -121.60 -33.01
C TYR D 88 -5.16 -122.02 -34.32
N GLU D 89 -6.44 -122.39 -34.28
CA GLU D 89 -7.15 -122.91 -35.44
C GLU D 89 -7.79 -121.75 -36.20
N ASP D 90 -7.37 -121.57 -37.46
CA ASP D 90 -7.92 -120.48 -38.26
C ASP D 90 -9.33 -120.78 -38.74
N PHE D 91 -9.63 -122.04 -39.06
CA PHE D 91 -10.93 -122.39 -39.59
C PHE D 91 -11.32 -123.78 -39.09
N ASN D 92 -12.63 -124.03 -39.11
CA ASN D 92 -13.18 -125.32 -38.70
C ASN D 92 -14.54 -125.47 -39.37
N ILE D 93 -14.64 -126.38 -40.34
CA ILE D 93 -15.86 -126.57 -41.12
C ILE D 93 -16.36 -127.99 -40.87
N GLN D 94 -17.64 -128.10 -40.50
CA GLN D 94 -18.30 -129.38 -40.29
C GLN D 94 -19.57 -129.45 -41.12
N LEU D 95 -19.87 -130.64 -41.64
CA LEU D 95 -21.03 -130.86 -42.47
C LEU D 95 -21.87 -132.01 -41.92
N ARG D 96 -23.18 -131.90 -42.09
CA ARG D 96 -24.12 -132.92 -41.63
CA ARG D 96 -24.12 -132.91 -41.63
C ARG D 96 -25.14 -133.21 -42.72
N ARG D 97 -25.44 -134.49 -42.90
CA ARG D 97 -26.40 -134.94 -43.90
C ARG D 97 -27.70 -135.35 -43.23
N SER D 98 -28.68 -135.68 -44.06
CA SER D 98 -30.00 -136.08 -43.57
C SER D 98 -30.61 -137.08 -44.55
N GLN D 99 -31.83 -137.51 -44.25
CA GLN D 99 -32.55 -138.44 -45.11
C GLN D 99 -34.02 -138.03 -45.25
N ALA D 103 -31.90 -139.88 -49.87
CA ALA D 103 -31.66 -138.49 -50.19
C ALA D 103 -30.43 -137.96 -49.47
N PRO D 104 -29.25 -138.16 -50.07
CA PRO D 104 -28.01 -137.69 -49.45
C PRO D 104 -27.88 -136.17 -49.53
N THR D 105 -28.81 -135.45 -48.92
CA THR D 105 -28.82 -133.99 -48.96
C THR D 105 -28.24 -133.41 -47.68
N LEU D 106 -27.37 -132.43 -47.83
CA LEU D 106 -26.81 -131.74 -46.68
C LEU D 106 -27.89 -130.96 -45.95
N SER D 107 -27.85 -130.99 -44.62
CA SER D 107 -28.82 -130.30 -43.79
C SER D 107 -28.24 -129.13 -43.00
N ARG D 108 -26.96 -129.19 -42.64
CA ARG D 108 -26.34 -128.12 -41.89
C ARG D 108 -24.84 -128.10 -42.17
N VAL D 109 -24.30 -126.90 -42.30
CA VAL D 109 -22.86 -126.69 -42.43
C VAL D 109 -22.45 -125.69 -41.36
N LEU D 110 -21.48 -126.08 -40.53
CA LEU D 110 -21.03 -125.25 -39.41
C LEU D 110 -19.59 -124.80 -39.68
N MET D 111 -19.37 -123.50 -39.61
CA MET D 111 -18.06 -122.91 -39.88
C MET D 111 -17.62 -122.07 -38.70
N LYS D 112 -16.36 -122.23 -38.29
CA LYS D 112 -15.73 -121.39 -37.29
C LYS D 112 -14.53 -120.71 -37.95
N VAL D 113 -14.67 -119.43 -38.28
CA VAL D 113 -13.65 -118.69 -39.02
C VAL D 113 -13.21 -117.52 -38.15
N ASP D 114 -12.15 -117.73 -37.37
CA ASP D 114 -11.51 -116.67 -36.58
C ASP D 114 -12.52 -115.93 -35.70
N GLY D 115 -13.16 -116.70 -34.81
CA GLY D 115 -14.11 -116.13 -33.89
C GLY D 115 -15.51 -115.92 -34.44
N VAL D 116 -15.75 -116.25 -35.71
CA VAL D 116 -17.05 -116.10 -36.34
C VAL D 116 -17.63 -117.49 -36.56
N VAL D 117 -18.87 -117.69 -36.11
CA VAL D 117 -19.57 -118.97 -36.24
C VAL D 117 -20.64 -118.78 -37.30
N ILE D 118 -20.51 -119.51 -38.40
CA ILE D 118 -21.45 -119.43 -39.52
C ILE D 118 -22.13 -120.78 -39.66
N GLN D 119 -23.45 -120.78 -39.56
CA GLN D 119 -24.27 -121.98 -39.72
C GLN D 119 -25.14 -121.81 -40.95
N LEU D 120 -25.06 -122.76 -41.88
CA LEU D 120 -25.82 -122.72 -43.12
C LEU D 120 -26.84 -123.85 -43.12
N THR D 121 -28.12 -123.49 -43.10
CA THR D 121 -29.20 -124.44 -43.25
C THR D 121 -30.00 -124.08 -44.50
N LYS D 122 -30.88 -124.98 -44.91
CA LYS D 122 -31.67 -124.77 -46.12
C LYS D 122 -32.49 -123.50 -46.01
N GLY D 123 -32.12 -122.48 -46.78
CA GLY D 123 -32.80 -121.20 -46.73
C GLY D 123 -32.52 -120.36 -45.52
N SER D 124 -31.40 -120.58 -44.83
CA SER D 124 -31.09 -119.80 -43.64
C SER D 124 -29.58 -119.73 -43.45
N VAL D 125 -29.11 -118.55 -43.08
CA VAL D 125 -27.70 -118.32 -42.75
C VAL D 125 -27.65 -117.61 -41.41
N LEU D 126 -26.93 -118.20 -40.45
CA LEU D 126 -26.78 -117.63 -39.11
C LEU D 126 -25.33 -117.27 -38.88
N VAL D 127 -25.09 -116.03 -38.46
CA VAL D 127 -23.76 -115.56 -38.11
C VAL D 127 -23.75 -115.21 -36.63
N ASN D 128 -22.93 -115.92 -35.86
CA ASN D 128 -22.86 -115.75 -34.40
C ASN D 128 -24.22 -115.97 -33.74
N GLY D 129 -25.03 -116.87 -34.31
CA GLY D 129 -26.31 -117.22 -33.74
C GLY D 129 -27.48 -116.35 -34.17
N HIS D 130 -27.24 -115.29 -34.96
CA HIS D 130 -28.32 -114.43 -35.38
C HIS D 130 -28.58 -114.56 -36.88
N PRO D 131 -29.84 -114.50 -37.31
CA PRO D 131 -30.12 -114.55 -38.75
C PRO D 131 -29.66 -113.27 -39.44
N VAL D 132 -29.13 -113.43 -40.65
CA VAL D 132 -28.61 -112.31 -41.43
C VAL D 132 -29.22 -112.36 -42.82
N LEU D 133 -29.19 -111.21 -43.49
CA LEU D 133 -29.71 -111.06 -44.84
C LEU D 133 -28.54 -110.93 -45.81
N LEU D 134 -28.47 -111.84 -46.77
CA LEU D 134 -27.37 -111.84 -47.72
C LEU D 134 -27.55 -110.74 -48.77
N PRO D 135 -26.45 -110.16 -49.27
CA PRO D 135 -25.04 -110.44 -48.92
C PRO D 135 -24.68 -109.89 -47.54
N PHE D 136 -23.75 -110.55 -46.85
CA PHE D 136 -23.39 -110.17 -45.49
C PHE D 136 -21.88 -110.19 -45.35
N SER D 137 -21.30 -109.05 -44.96
CA SER D 137 -19.86 -108.92 -44.78
C SER D 137 -19.56 -108.55 -43.34
N GLN D 138 -18.68 -109.32 -42.71
CA GLN D 138 -18.32 -109.05 -41.31
C GLN D 138 -17.04 -109.82 -40.98
N SER D 139 -16.10 -109.12 -40.32
CA SER D 139 -14.88 -109.74 -39.80
C SER D 139 -14.10 -110.49 -40.89
N GLY D 140 -14.03 -109.89 -42.07
CA GLY D 140 -13.30 -110.51 -43.16
C GLY D 140 -13.99 -111.71 -43.78
N VAL D 141 -15.27 -111.90 -43.50
CA VAL D 141 -16.05 -113.02 -44.03
C VAL D 141 -17.20 -112.44 -44.84
N LEU D 142 -17.33 -112.90 -46.09
CA LEU D 142 -18.36 -112.43 -47.00
C LEU D 142 -19.22 -113.62 -47.42
N ILE D 143 -20.52 -113.54 -47.16
CA ILE D 143 -21.48 -114.57 -47.52
C ILE D 143 -22.42 -114.00 -48.57
N GLN D 144 -22.54 -114.70 -49.70
CA GLN D 144 -23.40 -114.24 -50.79
C GLN D 144 -24.14 -115.40 -51.41
N GLN D 145 -25.39 -115.17 -51.77
CA GLN D 145 -26.24 -116.18 -52.38
C GLN D 145 -26.43 -115.88 -53.85
N SER D 146 -26.44 -116.94 -54.67
CA SER D 146 -26.68 -116.80 -56.09
C SER D 146 -27.81 -117.74 -56.51
N SER D 147 -28.05 -117.84 -57.82
CA SER D 147 -29.11 -118.71 -58.31
C SER D 147 -28.79 -120.19 -58.17
N SER D 148 -27.53 -120.54 -57.86
CA SER D 148 -27.13 -121.93 -57.80
C SER D 148 -26.28 -122.30 -56.58
N TYR D 149 -25.78 -121.33 -55.82
CA TYR D 149 -24.89 -121.66 -54.71
C TYR D 149 -24.98 -120.59 -53.62
N THR D 150 -24.47 -120.96 -52.45
CA THR D 150 -24.20 -120.02 -51.37
C THR D 150 -22.69 -120.07 -51.09
N LYS D 151 -22.04 -118.91 -51.19
CA LYS D 151 -20.59 -118.85 -51.11
C LYS D 151 -20.16 -118.04 -49.90
N VAL D 152 -19.22 -118.60 -49.13
CA VAL D 152 -18.61 -117.93 -47.99
C VAL D 152 -17.12 -117.79 -48.27
N GLU D 153 -16.64 -116.56 -48.34
CA GLU D 153 -15.23 -116.27 -48.60
C GLU D 153 -14.61 -115.65 -47.37
N ALA D 154 -13.52 -116.25 -46.90
CA ALA D 154 -12.77 -115.77 -45.75
C ALA D 154 -11.39 -115.32 -46.21
N ARG D 155 -11.04 -114.08 -45.85
CA ARG D 155 -9.82 -113.42 -46.31
C ARG D 155 -8.55 -114.08 -45.81
N LEU D 156 -8.65 -114.98 -44.83
CA LEU D 156 -7.50 -115.79 -44.47
C LEU D 156 -7.14 -116.77 -45.57
N GLY D 157 -7.97 -116.89 -46.60
CA GLY D 157 -7.66 -117.71 -47.75
C GLY D 157 -8.51 -118.96 -47.89
N LEU D 158 -9.80 -118.89 -47.55
CA LEU D 158 -10.68 -120.03 -47.72
C LEU D 158 -11.94 -119.63 -48.46
N VAL D 159 -12.45 -120.55 -49.28
CA VAL D 159 -13.71 -120.36 -49.98
C VAL D 159 -14.54 -121.63 -49.79
N LEU D 160 -15.79 -121.47 -49.35
CA LEU D 160 -16.73 -122.57 -49.25
C LEU D 160 -17.91 -122.29 -50.16
N MET D 161 -18.33 -123.30 -50.91
CA MET D 161 -19.45 -123.18 -51.85
C MET D 161 -20.43 -124.32 -51.60
N TRP D 162 -21.61 -123.99 -51.11
CA TRP D 162 -22.69 -124.96 -50.96
C TRP D 162 -23.60 -124.80 -52.17
N ASN D 163 -23.49 -125.73 -53.12
CA ASN D 163 -24.24 -125.63 -54.36
C ASN D 163 -25.65 -126.17 -54.19
N HIS D 164 -26.52 -125.81 -55.13
CA HIS D 164 -27.90 -126.27 -55.09
C HIS D 164 -28.05 -127.73 -55.48
N ASP D 165 -27.00 -128.35 -56.01
CA ASP D 165 -26.96 -129.79 -56.25
C ASP D 165 -26.64 -130.58 -54.98
N ASP D 166 -26.74 -129.94 -53.81
CA ASP D 166 -26.39 -130.54 -52.53
C ASP D 166 -24.94 -131.02 -52.52
N SER D 167 -24.06 -130.20 -53.08
CA SER D 167 -22.63 -130.48 -53.13
C SER D 167 -21.87 -129.36 -52.43
N LEU D 168 -20.91 -129.73 -51.59
CA LEU D 168 -20.10 -128.79 -50.84
C LEU D 168 -18.68 -128.81 -51.36
N LEU D 169 -18.14 -127.64 -51.69
CA LEU D 169 -16.80 -127.51 -52.22
C LEU D 169 -16.01 -126.54 -51.36
N LEU D 170 -14.70 -126.79 -51.24
CA LEU D 170 -13.83 -126.01 -50.38
C LEU D 170 -12.49 -125.77 -51.07
N GLU D 171 -12.19 -124.49 -51.32
CA GLU D 171 -10.88 -124.06 -51.79
C GLU D 171 -10.08 -123.54 -50.60
N LEU D 172 -8.86 -124.06 -50.45
CA LEU D 172 -7.96 -123.66 -49.38
C LEU D 172 -6.70 -123.05 -49.95
N ASP D 173 -6.12 -122.11 -49.20
CA ASP D 173 -4.86 -121.51 -49.59
C ASP D 173 -3.73 -122.52 -49.44
N THR D 174 -2.65 -122.28 -50.20
CA THR D 174 -1.49 -123.18 -50.13
C THR D 174 -0.77 -123.07 -48.80
N LYS D 175 -1.01 -122.00 -48.04
CA LYS D 175 -0.39 -121.84 -46.73
C LYS D 175 -0.90 -122.84 -45.70
N TYR D 176 -1.99 -123.56 -46.01
CA TYR D 176 -2.55 -124.55 -45.11
C TYR D 176 -2.12 -125.97 -45.46
N ALA D 177 -1.14 -126.13 -46.34
CA ALA D 177 -0.70 -127.46 -46.75
C ALA D 177 -0.06 -128.20 -45.58
N ASN D 178 -0.39 -129.49 -45.48
CA ASN D 178 0.16 -130.38 -44.44
C ASN D 178 -0.17 -129.87 -43.04
N LYS D 179 -1.29 -129.17 -42.90
CA LYS D 179 -1.69 -128.62 -41.62
C LYS D 179 -3.18 -128.74 -41.33
N THR D 180 -3.91 -129.54 -42.11
CA THR D 180 -5.34 -129.69 -41.94
C THR D 180 -5.69 -131.15 -41.66
N CYS D 181 -6.93 -131.36 -41.23
CA CYS D 181 -7.45 -132.70 -40.99
C CYS D 181 -8.96 -132.68 -41.19
N GLY D 182 -9.52 -133.86 -41.38
CA GLY D 182 -10.93 -134.04 -41.63
C GLY D 182 -11.15 -134.92 -42.84
N LEU D 183 -12.36 -134.90 -43.37
CA LEU D 183 -12.72 -135.73 -44.52
C LEU D 183 -11.99 -135.32 -45.79
N CYS D 184 -11.37 -134.15 -45.81
CA CYS D 184 -10.68 -133.66 -47.00
C CYS D 184 -9.18 -133.98 -46.99
N GLY D 185 -8.72 -134.80 -46.03
CA GLY D 185 -7.33 -135.20 -45.99
C GLY D 185 -6.45 -134.21 -45.26
N ASP D 186 -5.17 -134.53 -45.22
CA ASP D 186 -4.18 -133.70 -44.53
C ASP D 186 -3.56 -132.64 -45.44
N PHE D 187 -3.91 -132.64 -46.73
CA PHE D 187 -3.48 -131.58 -47.66
C PHE D 187 -1.95 -131.52 -47.76
N ASN D 188 -1.35 -132.65 -48.15
CA ASN D 188 0.09 -132.71 -48.33
C ASN D 188 0.52 -133.23 -49.70
N GLY D 189 -0.39 -133.72 -50.52
CA GLY D 189 -0.04 -134.18 -51.85
C GLY D 189 -0.16 -135.68 -52.02
N MET D 190 0.19 -136.45 -51.00
CA MET D 190 0.11 -137.89 -51.07
C MET D 190 -1.33 -138.34 -50.81
N PRO D 191 -1.98 -139.04 -51.75
CA PRO D 191 -3.40 -139.36 -51.57
C PRO D 191 -3.71 -140.25 -50.37
N VAL D 192 -2.81 -141.16 -50.01
CA VAL D 192 -3.08 -142.17 -49.00
C VAL D 192 -2.30 -141.91 -47.72
N VAL D 193 -1.06 -141.43 -47.83
CA VAL D 193 -0.19 -141.32 -46.66
C VAL D 193 -0.77 -140.33 -45.66
N SER D 194 -0.78 -140.73 -44.40
CA SER D 194 -1.17 -139.94 -43.23
C SER D 194 -2.66 -139.64 -43.18
N GLU D 195 -3.47 -140.26 -44.05
CA GLU D 195 -4.92 -140.19 -43.95
C GLU D 195 -5.55 -141.55 -43.72
N LEU D 196 -5.15 -142.55 -44.51
CA LEU D 196 -5.64 -143.91 -44.35
C LEU D 196 -4.66 -144.79 -43.60
N LEU D 197 -3.67 -144.20 -42.93
CA LEU D 197 -2.67 -144.93 -42.16
C LEU D 197 -2.72 -144.41 -40.72
N SER D 198 -3.45 -145.12 -39.85
CA SER D 198 -3.47 -144.76 -38.44
C SER D 198 -2.13 -145.05 -37.79
N HIS D 199 -1.71 -146.32 -37.80
CA HIS D 199 -0.36 -146.72 -37.39
C HIS D 199 0.02 -147.92 -38.25
N ASN D 200 0.65 -147.64 -39.39
CA ASN D 200 1.07 -148.67 -40.34
C ASN D 200 -0.08 -149.60 -40.71
N THR D 201 -1.30 -149.08 -40.71
CA THR D 201 -2.50 -149.85 -41.00
C THR D 201 -3.31 -149.14 -42.08
N LYS D 202 -3.65 -149.88 -43.14
CA LYS D 202 -4.39 -149.31 -44.27
C LYS D 202 -5.85 -149.17 -43.89
N LEU D 203 -6.28 -147.93 -43.64
CA LEU D 203 -7.66 -147.67 -43.27
C LEU D 203 -8.57 -147.70 -44.49
N THR D 204 -9.77 -148.23 -44.30
CA THR D 204 -10.80 -148.17 -45.32
C THR D 204 -11.50 -146.81 -45.27
N PRO D 205 -12.15 -146.40 -46.37
CA PRO D 205 -12.91 -145.15 -46.34
C PRO D 205 -13.97 -145.10 -45.24
N MET D 206 -14.61 -146.23 -44.93
CA MET D 206 -15.56 -146.27 -43.84
C MET D 206 -14.89 -145.92 -42.51
N GLU D 207 -13.74 -146.55 -42.23
CA GLU D 207 -13.04 -146.30 -40.98
C GLU D 207 -12.57 -144.85 -40.88
N PHE D 208 -12.04 -144.31 -41.98
CA PHE D 208 -11.58 -142.93 -41.97
C PHE D 208 -12.73 -141.96 -41.74
N GLY D 209 -13.85 -142.17 -42.46
CA GLY D 209 -15.00 -141.31 -42.28
C GLY D 209 -15.55 -141.37 -40.86
N ASN D 210 -15.59 -142.57 -40.27
CA ASN D 210 -16.02 -142.68 -38.89
C ASN D 210 -15.04 -142.03 -37.93
N LEU D 211 -13.75 -142.06 -38.26
CA LEU D 211 -12.74 -141.39 -37.44
C LEU D 211 -12.91 -139.88 -37.48
N GLN D 212 -13.41 -139.34 -38.59
CA GLN D 212 -13.62 -137.90 -38.71
C GLN D 212 -14.96 -137.44 -38.15
N LYS D 213 -15.55 -138.20 -37.22
CA LYS D 213 -16.85 -137.84 -36.65
C LYS D 213 -16.69 -136.84 -35.51
N MET D 214 -17.65 -135.92 -35.41
CA MET D 214 -17.72 -134.96 -34.30
C MET D 214 -19.20 -134.78 -33.97
N ASP D 215 -19.66 -135.45 -32.92
CA ASP D 215 -21.08 -135.54 -32.62
C ASP D 215 -21.56 -134.36 -31.79
N ASP D 216 -22.88 -134.18 -31.76
CA ASP D 216 -23.54 -133.18 -30.94
C ASP D 216 -23.62 -133.64 -29.49
N PRO D 217 -23.82 -132.71 -28.54
CA PRO D 217 -23.85 -133.10 -27.12
C PRO D 217 -24.92 -134.13 -26.79
N THR D 218 -26.19 -133.82 -27.07
CA THR D 218 -27.30 -134.70 -26.74
C THR D 218 -27.70 -135.62 -27.88
N ASP D 219 -27.05 -135.53 -29.03
CA ASP D 219 -27.39 -136.33 -30.20
C ASP D 219 -26.32 -137.39 -30.40
N GLN D 220 -26.58 -138.61 -29.93
CA GLN D 220 -25.70 -139.73 -30.18
C GLN D 220 -26.04 -140.36 -31.53
N CYS D 221 -25.01 -140.61 -32.33
CA CYS D 221 -25.16 -141.05 -33.70
C CYS D 221 -24.57 -142.45 -33.87
N GLN D 222 -25.24 -143.27 -34.68
CA GLN D 222 -24.79 -144.62 -34.99
C GLN D 222 -24.01 -144.59 -36.29
N ASP D 223 -22.82 -145.21 -36.28
CA ASP D 223 -22.02 -145.27 -37.48
C ASP D 223 -22.73 -146.08 -38.56
N PRO D 224 -22.60 -145.71 -39.83
CA PRO D 224 -23.30 -146.45 -40.89
C PRO D 224 -22.84 -147.90 -40.95
N VAL D 225 -23.80 -148.78 -41.23
CA VAL D 225 -23.51 -150.22 -41.31
C VAL D 225 -22.91 -150.52 -42.68
N PRO D 226 -21.74 -151.14 -42.75
CA PRO D 226 -21.17 -151.50 -44.06
C PRO D 226 -22.02 -152.55 -44.76
N GLU D 227 -22.62 -152.19 -45.89
CA GLU D 227 -23.52 -153.11 -46.56
C GLU D 227 -22.81 -153.83 -47.69
N PRO D 228 -23.18 -155.10 -47.94
CA PRO D 228 -22.59 -155.82 -49.07
C PRO D 228 -23.04 -155.21 -50.38
N PRO D 229 -22.25 -155.36 -51.44
CA PRO D 229 -22.61 -154.76 -52.73
C PRO D 229 -23.90 -155.37 -53.27
N ARG D 230 -24.66 -154.54 -53.99
CA ARG D 230 -25.95 -154.93 -54.56
C ARG D 230 -25.82 -155.66 -55.89
N ASN D 231 -24.60 -155.80 -56.42
CA ASN D 231 -24.35 -156.46 -57.70
C ASN D 231 -25.13 -155.78 -58.82
N CYS D 232 -24.86 -154.50 -59.01
CA CYS D 232 -25.51 -153.71 -60.04
C CYS D 232 -24.51 -153.25 -61.09
N GLY D 237 -24.04 -149.02 -69.48
CA GLY D 237 -23.12 -147.98 -69.02
C GLY D 237 -23.40 -146.63 -69.64
N ILE D 238 -24.36 -145.91 -69.04
CA ILE D 238 -24.74 -144.59 -69.57
C ILE D 238 -23.57 -143.61 -69.45
N CYS D 239 -22.91 -143.59 -68.29
CA CYS D 239 -21.83 -142.62 -68.07
C CYS D 239 -20.66 -142.84 -69.02
N GLU D 240 -20.49 -144.07 -69.52
CA GLU D 240 -19.37 -144.35 -70.41
C GLU D 240 -19.45 -143.54 -71.70
N GLU D 241 -20.66 -143.30 -72.20
CA GLU D 241 -20.80 -142.56 -73.45
C GLU D 241 -20.42 -141.10 -73.29
N LEU D 242 -20.95 -140.43 -72.25
CA LEU D 242 -20.70 -139.01 -72.11
C LEU D 242 -19.31 -138.73 -71.54
N LEU D 243 -18.88 -139.48 -70.53
CA LEU D 243 -17.59 -139.19 -69.90
C LEU D 243 -16.43 -139.45 -70.86
N HIS D 244 -16.51 -140.52 -71.65
CA HIS D 244 -15.48 -140.83 -72.64
C HIS D 244 -15.75 -140.19 -73.99
N GLY D 245 -16.89 -139.51 -74.17
CA GLY D 245 -17.22 -138.88 -75.42
C GLY D 245 -16.48 -137.58 -75.63
N GLN D 246 -16.66 -137.01 -76.83
CA GLN D 246 -16.04 -135.73 -77.16
C GLN D 246 -16.59 -134.59 -76.30
N LEU D 247 -17.79 -134.74 -75.75
CA LEU D 247 -18.41 -133.68 -74.97
C LEU D 247 -17.54 -133.29 -73.78
N PHE D 248 -16.80 -134.24 -73.21
CA PHE D 248 -15.87 -133.98 -72.13
C PHE D 248 -14.42 -134.18 -72.55
N SER D 249 -14.16 -134.25 -73.87
CA SER D 249 -12.81 -134.56 -74.34
C SER D 249 -11.80 -133.55 -73.83
N GLY D 250 -12.10 -132.26 -73.99
CA GLY D 250 -11.20 -131.21 -73.55
C GLY D 250 -10.99 -131.18 -72.04
N CYS D 251 -11.63 -132.11 -71.33
CA CYS D 251 -11.45 -132.26 -69.90
C CYS D 251 -10.74 -133.55 -69.49
N VAL D 252 -10.62 -134.53 -70.39
CA VAL D 252 -10.01 -135.80 -70.01
C VAL D 252 -8.52 -135.62 -69.76
N ALA D 253 -7.86 -134.76 -70.53
CA ALA D 253 -6.41 -134.61 -70.44
C ALA D 253 -5.96 -133.99 -69.13
N LEU D 254 -6.85 -133.36 -68.38
CA LEU D 254 -6.48 -132.69 -67.14
C LEU D 254 -6.93 -133.44 -65.89
N VAL D 255 -8.14 -133.98 -65.88
CA VAL D 255 -8.67 -134.70 -64.73
C VAL D 255 -8.98 -136.13 -65.17
N ASP D 256 -8.43 -137.11 -64.44
CA ASP D 256 -8.69 -138.50 -64.74
C ASP D 256 -10.16 -138.82 -64.47
N VAL D 257 -10.74 -139.66 -65.32
CA VAL D 257 -12.18 -139.92 -65.29
C VAL D 257 -12.55 -141.24 -64.63
N GLY D 258 -11.56 -142.08 -64.29
CA GLY D 258 -11.90 -143.39 -63.72
C GLY D 258 -12.64 -143.28 -62.40
N SER D 259 -12.14 -142.43 -61.49
CA SER D 259 -12.82 -142.24 -60.22
C SER D 259 -14.21 -141.67 -60.42
N TYR D 260 -14.35 -140.70 -61.32
CA TYR D 260 -15.65 -140.12 -61.58
C TYR D 260 -16.54 -141.06 -62.38
N LEU D 261 -15.95 -141.95 -63.19
CA LEU D 261 -16.74 -143.00 -63.83
C LEU D 261 -17.35 -143.93 -62.78
N GLU D 262 -16.54 -144.35 -61.81
CA GLU D 262 -17.05 -145.20 -60.74
C GLU D 262 -18.10 -144.45 -59.92
N ALA D 263 -17.87 -143.16 -59.66
CA ALA D 263 -18.85 -142.38 -58.91
C ALA D 263 -20.17 -142.28 -59.67
N CYS D 264 -20.12 -142.08 -60.99
CA CYS D 264 -21.33 -142.01 -61.78
C CYS D 264 -22.06 -143.35 -61.79
N ARG D 265 -21.31 -144.45 -61.90
CA ARG D 265 -21.95 -145.76 -61.81
C ARG D 265 -22.65 -145.95 -60.47
N GLN D 266 -21.98 -145.57 -59.38
CA GLN D 266 -22.59 -145.69 -58.06
C GLN D 266 -23.83 -144.83 -57.94
N ASP D 267 -23.77 -143.59 -58.43
CA ASP D 267 -24.94 -142.70 -58.35
C ASP D 267 -26.11 -143.23 -59.17
N LEU D 268 -25.82 -143.75 -60.37
CA LEU D 268 -26.88 -144.31 -61.20
C LEU D 268 -27.50 -145.54 -60.55
N CYS D 269 -26.68 -146.38 -59.93
CA CYS D 269 -27.19 -147.59 -59.30
C CYS D 269 -27.90 -147.31 -57.99
N PHE D 270 -27.45 -146.31 -57.23
CA PHE D 270 -27.93 -146.11 -55.87
C PHE D 270 -29.13 -145.17 -55.77
N CYS D 271 -29.52 -144.51 -56.86
CA CYS D 271 -30.58 -143.52 -56.75
C CYS D 271 -31.95 -144.16 -56.96
N GLU D 272 -32.96 -143.55 -56.35
CA GLU D 272 -34.23 -144.21 -56.05
C GLU D 272 -35.33 -143.96 -57.07
N ASP D 273 -35.03 -143.35 -58.21
CA ASP D 273 -36.01 -143.17 -59.26
C ASP D 273 -35.42 -143.59 -60.59
N THR D 274 -36.29 -144.03 -61.49
CA THR D 274 -35.84 -144.49 -62.81
C THR D 274 -35.75 -143.33 -63.80
N ASP D 275 -35.14 -142.23 -63.36
CA ASP D 275 -34.73 -141.15 -64.26
C ASP D 275 -33.25 -141.29 -64.59
N LEU D 276 -32.92 -142.45 -65.16
CA LEU D 276 -31.51 -142.84 -65.31
C LEU D 276 -30.74 -141.82 -66.12
N LEU D 277 -31.37 -141.22 -67.12
CA LEU D 277 -30.71 -140.16 -67.89
C LEU D 277 -30.50 -138.92 -67.03
N SER D 278 -31.44 -138.61 -66.15
CA SER D 278 -31.39 -137.41 -65.33
C SER D 278 -30.97 -137.68 -63.89
N CYS D 279 -30.50 -138.89 -63.57
CA CYS D 279 -30.06 -139.22 -62.22
C CYS D 279 -28.54 -139.25 -62.11
N VAL D 280 -27.82 -138.77 -63.13
CA VAL D 280 -26.37 -138.73 -63.12
C VAL D 280 -25.85 -137.30 -63.29
N CYS D 281 -26.72 -136.30 -63.06
CA CYS D 281 -26.32 -134.92 -63.24
C CYS D 281 -25.28 -134.48 -62.22
N HIS D 282 -25.37 -135.00 -60.99
CA HIS D 282 -24.48 -134.55 -59.92
C HIS D 282 -23.03 -134.89 -60.21
N THR D 283 -22.76 -136.14 -60.63
CA THR D 283 -21.39 -136.55 -60.91
C THR D 283 -20.82 -135.78 -62.09
N LEU D 284 -21.62 -135.57 -63.14
CA LEU D 284 -21.16 -134.80 -64.29
C LEU D 284 -20.85 -133.36 -63.90
N ALA D 285 -21.72 -132.76 -63.07
CA ALA D 285 -21.46 -131.40 -62.61
C ALA D 285 -20.19 -131.32 -61.78
N GLU D 286 -19.95 -132.32 -60.92
CA GLU D 286 -18.72 -132.33 -60.13
C GLU D 286 -17.50 -132.49 -61.03
N TYR D 287 -17.59 -133.34 -62.05
CA TYR D 287 -16.46 -133.49 -62.98
C TYR D 287 -16.20 -132.19 -63.73
N SER D 288 -17.26 -131.50 -64.13
CA SER D 288 -17.09 -130.19 -64.78
C SER D 288 -16.45 -129.19 -63.84
N ARG D 289 -16.86 -129.20 -62.57
CA ARG D 289 -16.25 -128.31 -61.58
C ARG D 289 -14.77 -128.59 -61.43
N GLN D 290 -14.40 -129.87 -61.34
CA GLN D 290 -12.99 -130.23 -61.22
C GLN D 290 -12.21 -129.85 -62.46
N CYS D 291 -12.82 -129.99 -63.64
CA CYS D 291 -12.17 -129.56 -64.87
C CYS D 291 -11.92 -128.06 -64.87
N THR D 292 -12.90 -127.27 -64.41
CA THR D 292 -12.70 -125.83 -64.30
C THR D 292 -11.59 -125.51 -63.30
N HIS D 293 -11.54 -126.25 -62.18
CA HIS D 293 -10.49 -126.03 -61.19
C HIS D 293 -9.12 -126.47 -61.70
N ALA D 294 -9.08 -127.31 -62.73
CA ALA D 294 -7.83 -127.81 -63.28
C ALA D 294 -7.28 -126.97 -64.42
N GLY D 295 -7.91 -125.83 -64.71
CA GLY D 295 -7.51 -124.99 -65.82
C GLY D 295 -8.11 -125.35 -67.15
N GLY D 296 -9.03 -126.31 -67.20
CA GLY D 296 -9.70 -126.66 -68.43
C GLY D 296 -10.86 -125.74 -68.75
N LEU D 297 -11.45 -125.97 -69.92
CA LEU D 297 -12.58 -125.17 -70.41
C LEU D 297 -13.69 -126.12 -70.84
N PRO D 298 -14.49 -126.61 -69.89
CA PRO D 298 -15.59 -127.51 -70.26
C PRO D 298 -16.62 -126.81 -71.14
N GLN D 299 -17.20 -127.57 -72.05
CA GLN D 299 -18.27 -127.08 -72.91
C GLN D 299 -19.62 -127.59 -72.41
N ASP D 300 -20.67 -126.89 -72.78
CA ASP D 300 -22.00 -127.17 -72.26
C ASP D 300 -22.44 -128.58 -72.61
N TRP D 301 -22.95 -129.31 -71.60
CA TRP D 301 -23.42 -130.67 -71.79
C TRP D 301 -24.86 -130.86 -71.37
N ARG D 302 -25.53 -129.82 -70.86
CA ARG D 302 -26.89 -129.92 -70.40
C ARG D 302 -27.85 -129.70 -71.57
N GLY D 303 -29.15 -129.66 -71.27
CA GLY D 303 -30.16 -129.44 -72.27
C GLY D 303 -31.55 -129.33 -71.67
N PRO D 304 -32.54 -129.04 -72.50
CA PRO D 304 -33.92 -128.94 -71.98
C PRO D 304 -34.42 -130.24 -71.37
N ASP D 305 -33.98 -131.39 -71.88
CA ASP D 305 -34.42 -132.68 -71.37
C ASP D 305 -33.36 -133.43 -70.58
N PHE D 306 -32.08 -133.06 -70.75
CA PHE D 306 -30.97 -133.73 -70.06
C PHE D 306 -30.38 -132.77 -69.04
N CYS D 307 -30.74 -132.97 -67.77
CA CYS D 307 -30.27 -132.17 -66.65
C CYS D 307 -30.49 -130.69 -66.92
N PRO D 308 -31.73 -130.22 -66.92
CA PRO D 308 -31.97 -128.80 -67.24
C PRO D 308 -31.77 -127.90 -66.04
N GLN D 309 -31.25 -126.70 -66.30
CA GLN D 309 -31.04 -125.69 -65.27
C GLN D 309 -31.85 -124.45 -65.61
N LYS D 310 -32.46 -123.85 -64.60
CA LYS D 310 -33.30 -122.67 -64.77
C LYS D 310 -32.55 -121.44 -64.29
N CYS D 311 -32.56 -120.39 -65.11
CA CYS D 311 -31.85 -119.17 -64.79
C CYS D 311 -32.83 -118.00 -64.71
N PRO D 312 -32.64 -117.08 -63.76
CA PRO D 312 -33.56 -115.94 -63.64
C PRO D 312 -33.44 -115.00 -64.82
N ASN D 313 -34.55 -114.32 -65.10
CA ASN D 313 -34.64 -113.28 -66.14
C ASN D 313 -34.27 -113.93 -67.47
N ASN D 314 -33.42 -113.32 -68.29
CA ASN D 314 -33.04 -113.85 -69.59
C ASN D 314 -31.66 -114.50 -69.57
N MET D 315 -31.11 -114.76 -68.39
CA MET D 315 -29.79 -115.37 -68.29
C MET D 315 -29.82 -116.81 -68.78
N GLN D 316 -28.65 -117.31 -69.17
CA GLN D 316 -28.50 -118.67 -69.64
C GLN D 316 -27.46 -119.40 -68.79
N TYR D 317 -27.66 -120.70 -68.61
CA TYR D 317 -26.72 -121.50 -67.84
C TYR D 317 -25.57 -121.94 -68.72
N HIS D 318 -24.34 -121.77 -68.22
CA HIS D 318 -23.15 -122.14 -68.95
C HIS D 318 -22.18 -122.84 -68.02
N GLU D 319 -21.30 -123.65 -68.62
CA GLU D 319 -20.37 -124.47 -67.85
C GLU D 319 -19.04 -123.81 -67.58
N CYS D 320 -18.59 -122.90 -68.46
CA CYS D 320 -17.27 -122.29 -68.29
C CYS D 320 -17.34 -120.85 -68.81
N ARG D 321 -17.59 -119.92 -67.90
CA ARG D 321 -17.54 -118.49 -68.19
C ARG D 321 -16.93 -117.76 -67.00
N SER D 322 -16.45 -116.55 -67.25
CA SER D 322 -15.79 -115.79 -66.20
C SER D 322 -16.77 -115.45 -65.09
N PRO D 323 -16.39 -115.61 -63.82
CA PRO D 323 -17.32 -115.29 -62.72
C PRO D 323 -17.48 -113.78 -62.49
N CYS D 324 -16.63 -112.96 -63.09
CA CYS D 324 -16.70 -111.50 -62.93
C CYS D 324 -17.71 -110.98 -63.93
N ALA D 325 -18.98 -111.00 -63.54
CA ALA D 325 -20.05 -110.55 -64.42
C ALA D 325 -19.98 -109.06 -64.66
N ASP D 326 -20.21 -108.64 -65.90
CA ASP D 326 -20.22 -107.23 -66.25
C ASP D 326 -21.59 -106.63 -65.95
N THR D 327 -21.60 -105.51 -65.23
CA THR D 327 -22.82 -104.81 -64.89
C THR D 327 -22.78 -103.41 -65.51
N CYS D 328 -23.87 -102.66 -65.30
CA CYS D 328 -23.91 -101.27 -65.77
C CYS D 328 -22.85 -100.43 -65.09
N SER D 329 -22.67 -100.61 -63.78
CA SER D 329 -21.66 -99.85 -63.04
C SER D 329 -20.24 -100.28 -63.45
N ASN D 330 -20.03 -101.59 -63.63
CA ASN D 330 -18.72 -102.14 -63.98
C ASN D 330 -18.87 -102.93 -65.28
N GLN D 331 -18.70 -102.26 -66.41
CA GLN D 331 -18.84 -102.88 -67.72
C GLN D 331 -17.55 -103.51 -68.23
N GLU D 332 -16.45 -103.37 -67.49
CA GLU D 332 -15.18 -103.98 -67.87
C GLU D 332 -14.70 -104.98 -66.83
N HIS D 333 -15.62 -105.53 -66.03
CA HIS D 333 -15.23 -106.43 -64.94
C HIS D 333 -14.66 -107.74 -65.49
N SER D 334 -15.25 -108.29 -66.54
CA SER D 334 -14.80 -109.57 -67.06
C SER D 334 -13.38 -109.49 -67.61
N ARG D 335 -13.02 -108.35 -68.21
CA ARG D 335 -11.67 -108.19 -68.75
C ARG D 335 -10.62 -108.02 -67.65
N ALA D 336 -11.04 -107.85 -66.41
CA ALA D 336 -10.14 -107.68 -65.27
C ALA D 336 -10.45 -108.70 -64.18
N CYS D 337 -10.64 -109.95 -64.60
CA CYS D 337 -10.96 -111.04 -63.69
C CYS D 337 -9.75 -111.95 -63.52
N GLU D 338 -9.48 -112.34 -62.28
CA GLU D 338 -8.33 -113.18 -61.95
C GLU D 338 -8.68 -114.63 -61.70
N ASP D 339 -9.94 -114.95 -61.45
CA ASP D 339 -10.36 -116.31 -61.18
C ASP D 339 -10.68 -117.03 -62.50
N HIS D 340 -10.57 -118.36 -62.45
CA HIS D 340 -10.85 -119.18 -63.61
C HIS D 340 -12.35 -119.21 -63.90
N CYS D 341 -12.70 -119.72 -65.07
CA CYS D 341 -14.10 -119.79 -65.47
C CYS D 341 -14.88 -120.74 -64.57
N VAL D 342 -16.15 -120.40 -64.35
CA VAL D 342 -17.04 -121.17 -63.50
C VAL D 342 -18.33 -121.45 -64.26
N ALA D 343 -19.17 -122.31 -63.65
CA ALA D 343 -20.45 -122.69 -64.22
C ALA D 343 -21.57 -121.99 -63.46
N GLY D 344 -22.52 -121.44 -64.19
CA GLY D 344 -23.64 -120.75 -63.56
C GLY D 344 -24.45 -119.99 -64.59
N CYS D 345 -25.32 -119.12 -64.06
CA CYS D 345 -26.17 -118.28 -64.90
C CYS D 345 -25.42 -117.02 -65.30
N PHE D 346 -25.41 -116.73 -66.60
CA PHE D 346 -24.67 -115.60 -67.14
C PHE D 346 -25.54 -114.87 -68.16
N CYS D 347 -25.24 -113.59 -68.33
CA CYS D 347 -25.97 -112.78 -69.29
C CYS D 347 -25.62 -113.19 -70.71
N PRO D 348 -26.57 -113.04 -71.65
CA PRO D 348 -26.25 -113.31 -73.05
C PRO D 348 -25.19 -112.35 -73.57
N GLU D 349 -24.38 -112.84 -74.50
CA GLU D 349 -23.29 -112.05 -75.05
C GLU D 349 -23.82 -110.78 -75.72
N GLY D 350 -23.14 -109.67 -75.47
CA GLY D 350 -23.55 -108.37 -75.98
C GLY D 350 -24.30 -107.52 -75.01
N THR D 351 -24.63 -108.02 -73.82
CA THR D 351 -25.36 -107.29 -72.81
C THR D 351 -24.61 -107.36 -71.49
N VAL D 352 -25.06 -106.55 -70.53
CA VAL D 352 -24.49 -106.53 -69.19
C VAL D 352 -25.63 -106.55 -68.18
N LEU D 353 -25.32 -107.00 -66.97
CA LEU D 353 -26.33 -107.10 -65.94
C LEU D 353 -26.75 -105.72 -65.46
N ASP D 354 -28.02 -105.58 -65.10
CA ASP D 354 -28.56 -104.31 -64.59
C ASP D 354 -28.59 -104.41 -63.07
N ASP D 355 -27.60 -103.79 -62.44
CA ASP D 355 -27.53 -103.74 -60.98
C ASP D 355 -28.20 -102.51 -60.40
N ILE D 356 -28.75 -101.65 -61.24
CA ILE D 356 -29.43 -100.43 -60.79
C ILE D 356 -30.93 -100.64 -60.69
N GLY D 357 -31.56 -101.15 -61.74
CA GLY D 357 -32.99 -101.37 -61.75
C GLY D 357 -33.39 -102.80 -61.46
N GLN D 358 -32.39 -103.70 -61.41
CA GLN D 358 -32.62 -105.13 -61.21
C GLN D 358 -33.64 -105.68 -62.21
N THR D 359 -33.43 -105.36 -63.48
CA THR D 359 -34.33 -105.77 -64.55
C THR D 359 -33.64 -106.72 -65.53
N GLY D 360 -32.80 -107.60 -65.00
CA GLY D 360 -32.14 -108.58 -65.84
C GLY D 360 -31.04 -107.96 -66.70
N CYS D 361 -30.63 -108.72 -67.70
CA CYS D 361 -29.55 -108.29 -68.59
C CYS D 361 -30.08 -107.29 -69.61
N VAL D 362 -29.38 -106.16 -69.75
CA VAL D 362 -29.77 -105.12 -70.69
C VAL D 362 -28.55 -104.75 -71.53
N PRO D 363 -28.77 -104.21 -72.73
CA PRO D 363 -27.64 -103.73 -73.53
C PRO D 363 -26.96 -102.55 -72.87
N VAL D 364 -25.67 -102.38 -73.23
CA VAL D 364 -24.86 -101.31 -72.63
C VAL D 364 -25.47 -99.94 -72.93
N SER D 365 -26.00 -99.76 -74.14
CA SER D 365 -26.54 -98.46 -74.52
C SER D 365 -27.76 -98.06 -73.71
N LYS D 366 -28.43 -99.02 -73.07
CA LYS D 366 -29.62 -98.74 -72.28
C LYS D 366 -29.35 -98.80 -70.77
N CYS D 367 -28.09 -98.84 -70.37
CA CYS D 367 -27.77 -98.86 -68.94
C CYS D 367 -28.04 -97.50 -68.31
N ALA D 368 -28.56 -97.52 -67.09
CA ALA D 368 -28.83 -96.29 -66.36
C ALA D 368 -27.56 -95.77 -65.69
N CYS D 369 -27.66 -94.56 -65.14
CA CYS D 369 -26.56 -93.93 -64.43
C CYS D 369 -27.03 -93.47 -63.05
N VAL D 370 -26.10 -93.47 -62.11
CA VAL D 370 -26.39 -93.13 -60.72
C VAL D 370 -25.56 -91.91 -60.33
N TYR D 371 -26.21 -90.91 -59.75
CA TYR D 371 -25.54 -89.72 -59.25
C TYR D 371 -26.17 -89.30 -57.94
N ASN D 372 -25.38 -89.29 -56.87
CA ASN D 372 -25.84 -88.88 -55.53
C ASN D 372 -27.02 -89.73 -55.06
N GLY D 373 -26.96 -91.03 -55.35
CA GLY D 373 -27.95 -91.96 -54.87
C GLY D 373 -29.25 -92.01 -55.65
N ALA D 374 -29.37 -91.23 -56.72
CA ALA D 374 -30.57 -91.20 -57.55
C ALA D 374 -30.25 -91.79 -58.92
N ALA D 375 -31.05 -92.76 -59.33
CA ALA D 375 -30.85 -93.41 -60.63
C ALA D 375 -31.39 -92.53 -61.74
N TYR D 376 -30.57 -92.29 -62.76
CA TYR D 376 -30.94 -91.50 -63.91
C TYR D 376 -31.30 -92.43 -65.09
N ALA D 377 -31.50 -91.83 -66.26
CA ALA D 377 -31.88 -92.57 -67.45
C ALA D 377 -30.91 -92.25 -68.58
N PRO D 378 -30.76 -93.15 -69.54
CA PRO D 378 -29.91 -92.85 -70.71
C PRO D 378 -30.37 -91.58 -71.41
N GLY D 379 -29.51 -90.57 -71.40
CA GLY D 379 -29.84 -89.26 -71.94
C GLY D 379 -30.18 -88.21 -70.91
N ALA D 380 -30.41 -88.60 -69.66
CA ALA D 380 -30.67 -87.63 -68.60
C ALA D 380 -29.41 -86.85 -68.28
N THR D 381 -29.60 -85.63 -67.78
CA THR D 381 -28.49 -84.72 -67.51
C THR D 381 -28.62 -84.13 -66.11
N TYR D 382 -27.48 -83.82 -65.52
CA TYR D 382 -27.42 -83.03 -64.30
C TYR D 382 -26.36 -81.94 -64.46
N SER D 383 -26.46 -80.93 -63.61
CA SER D 383 -25.57 -79.79 -63.69
C SER D 383 -25.22 -79.30 -62.29
N THR D 384 -24.00 -78.80 -62.15
CA THR D 384 -23.53 -78.11 -60.96
C THR D 384 -23.15 -76.68 -61.37
N ASP D 385 -22.48 -75.97 -60.46
CA ASP D 385 -22.06 -74.61 -60.77
C ASP D 385 -21.21 -74.55 -62.04
N CYS D 386 -20.25 -75.45 -62.17
CA CYS D 386 -19.37 -75.45 -63.34
C CYS D 386 -19.08 -76.85 -63.84
N THR D 387 -20.12 -77.68 -63.97
CA THR D 387 -20.02 -78.89 -64.77
C THR D 387 -21.40 -79.22 -65.31
N ASN D 388 -21.43 -79.99 -66.40
CA ASN D 388 -22.68 -80.35 -67.05
C ASN D 388 -22.53 -81.77 -67.59
N CYS D 389 -23.17 -82.74 -66.95
CA CYS D 389 -22.96 -84.14 -67.26
C CYS D 389 -24.23 -84.78 -67.81
N THR D 390 -24.04 -85.69 -68.75
CA THR D 390 -25.14 -86.43 -69.36
C THR D 390 -24.86 -87.93 -69.26
N CYS D 391 -25.93 -88.70 -69.08
CA CYS D 391 -25.83 -90.15 -68.94
C CYS D 391 -25.85 -90.81 -70.31
N SER D 392 -24.79 -91.55 -70.63
CA SER D 392 -24.67 -92.24 -71.91
C SER D 392 -24.00 -93.59 -71.69
N GLY D 393 -24.66 -94.66 -72.12
CA GLY D 393 -24.08 -95.99 -72.04
C GLY D 393 -23.71 -96.43 -70.64
N GLY D 394 -24.43 -95.96 -69.63
CA GLY D 394 -24.12 -96.27 -68.26
C GLY D 394 -23.01 -95.44 -67.64
N ARG D 395 -22.42 -94.52 -68.40
N ARG D 395 -22.42 -94.52 -68.40
CA ARG D 395 -21.36 -93.66 -67.90
CA ARG D 395 -21.34 -93.66 -67.93
C ARG D 395 -21.80 -92.21 -67.98
C ARG D 395 -21.81 -92.21 -67.97
N TRP D 396 -20.95 -91.33 -67.46
CA TRP D 396 -21.23 -89.90 -67.41
C TRP D 396 -20.26 -89.18 -68.35
N SER D 397 -20.82 -88.37 -69.26
CA SER D 397 -20.03 -87.51 -70.13
C SER D 397 -20.21 -86.08 -69.61
N CYS D 398 -19.13 -85.50 -69.10
CA CYS D 398 -19.17 -84.22 -68.42
C CYS D 398 -18.42 -83.16 -69.23
N GLN D 399 -19.04 -82.00 -69.38
CA GLN D 399 -18.44 -80.86 -70.05
C GLN D 399 -18.29 -79.72 -69.06
N GLU D 400 -17.29 -78.87 -69.30
CA GLU D 400 -16.97 -77.76 -68.41
C GLU D 400 -17.69 -76.49 -68.84
N VAL D 401 -18.12 -75.72 -67.85
CA VAL D 401 -18.71 -74.40 -68.07
C VAL D 401 -18.04 -73.42 -67.12
N PRO D 402 -18.08 -72.12 -67.43
CA PRO D 402 -17.31 -71.15 -66.64
C PRO D 402 -17.66 -71.21 -65.15
N CYS D 403 -16.64 -71.04 -64.33
CA CYS D 403 -16.75 -71.21 -62.88
C CYS D 403 -16.15 -70.00 -62.17
N PRO D 404 -16.95 -69.13 -61.57
CA PRO D 404 -16.39 -68.08 -60.72
C PRO D 404 -15.77 -68.68 -59.46
N GLY D 405 -14.69 -68.05 -59.01
CA GLY D 405 -13.97 -68.51 -57.83
C GLY D 405 -14.37 -67.74 -56.59
N THR D 406 -14.20 -68.39 -55.44
CA THR D 406 -14.61 -67.80 -54.16
C THR D 406 -13.51 -67.99 -53.14
N CYS D 407 -12.91 -66.89 -52.70
CA CYS D 407 -12.01 -66.87 -51.56
C CYS D 407 -12.78 -66.42 -50.33
N SER D 408 -12.32 -66.86 -49.16
CA SER D 408 -13.03 -66.56 -47.92
C SER D 408 -12.05 -66.41 -46.78
N VAL D 409 -12.21 -65.33 -46.01
CA VAL D 409 -11.49 -65.11 -44.77
C VAL D 409 -12.53 -65.09 -43.66
N LEU D 410 -12.50 -66.10 -42.80
CA LEU D 410 -13.51 -66.30 -41.77
C LEU D 410 -12.84 -66.37 -40.39
N GLY D 411 -13.46 -65.72 -39.42
CA GLY D 411 -12.93 -65.68 -38.07
C GLY D 411 -11.66 -64.89 -37.91
N GLY D 412 -11.21 -64.22 -38.96
CA GLY D 412 -9.96 -63.50 -38.94
C GLY D 412 -8.73 -64.36 -39.09
N ALA D 413 -8.88 -65.69 -39.10
CA ALA D 413 -7.74 -66.59 -39.15
C ALA D 413 -7.88 -67.72 -40.16
N HIS D 414 -9.09 -68.08 -40.58
CA HIS D 414 -9.30 -69.23 -41.45
C HIS D 414 -9.44 -68.76 -42.89
N PHE D 415 -8.55 -69.22 -43.76
CA PHE D 415 -8.54 -68.81 -45.16
C PHE D 415 -8.88 -69.99 -46.06
N SER D 416 -9.71 -69.73 -47.06
CA SER D 416 -10.02 -70.69 -48.11
C SER D 416 -9.79 -69.99 -49.44
N THR D 417 -8.87 -70.52 -50.25
CA THR D 417 -8.44 -69.82 -51.45
C THR D 417 -9.40 -70.09 -52.61
N PHE D 418 -9.08 -69.52 -53.77
CA PHE D 418 -9.92 -69.69 -54.95
C PHE D 418 -9.95 -71.13 -55.41
N ASP D 419 -8.85 -71.86 -55.24
CA ASP D 419 -8.74 -73.24 -55.69
C ASP D 419 -9.22 -74.24 -54.64
N GLY D 420 -9.75 -73.77 -53.52
CA GLY D 420 -10.26 -74.63 -52.48
C GLY D 420 -9.28 -74.99 -51.38
N LYS D 421 -8.02 -74.55 -51.49
CA LYS D 421 -7.06 -74.82 -50.43
C LYS D 421 -7.45 -74.05 -49.18
N GLN D 422 -7.40 -74.73 -48.03
CA GLN D 422 -7.84 -74.16 -46.77
C GLN D 422 -6.73 -74.24 -45.75
N TYR D 423 -6.47 -73.13 -45.06
CA TYR D 423 -5.44 -73.08 -44.03
C TYR D 423 -5.88 -72.13 -42.93
N THR D 424 -5.05 -72.01 -41.90
CA THR D 424 -5.39 -71.18 -40.74
C THR D 424 -4.09 -70.60 -40.19
N VAL D 425 -3.89 -69.30 -40.40
CA VAL D 425 -2.73 -68.59 -39.88
C VAL D 425 -3.23 -67.37 -39.12
N HIS D 426 -2.57 -67.07 -37.99
CA HIS D 426 -2.94 -65.96 -37.12
C HIS D 426 -1.93 -64.84 -37.33
N GLY D 427 -2.22 -63.95 -38.30
CA GLY D 427 -1.33 -62.86 -38.61
C GLY D 427 -1.50 -61.65 -37.72
N ASP D 428 -0.53 -60.75 -37.80
CA ASP D 428 -0.52 -59.51 -37.03
C ASP D 428 -0.06 -58.34 -37.91
N CYS D 429 -0.57 -58.27 -39.13
CA CYS D 429 -0.14 -57.25 -40.08
C CYS D 429 -1.23 -57.06 -41.13
N SER D 430 -0.90 -56.31 -42.18
CA SER D 430 -1.76 -56.13 -43.34
C SER D 430 -1.17 -56.95 -44.48
N TYR D 431 -1.99 -57.83 -45.05
CA TYR D 431 -1.52 -58.83 -46.01
C TYR D 431 -2.22 -58.66 -47.34
N VAL D 432 -1.54 -59.07 -48.41
CA VAL D 432 -2.06 -58.94 -49.76
C VAL D 432 -2.96 -60.15 -50.02
N LEU D 433 -4.28 -59.94 -49.96
CA LEU D 433 -5.21 -61.04 -50.19
C LEU D 433 -5.25 -61.44 -51.66
N THR D 434 -5.33 -60.46 -52.56
CA THR D 434 -5.38 -60.80 -53.97
C THR D 434 -4.85 -59.63 -54.81
N LYS D 435 -4.23 -59.97 -55.93
CA LYS D 435 -3.63 -59.00 -56.85
C LYS D 435 -3.19 -59.70 -58.14
N PRO D 436 -3.40 -59.09 -59.29
CA PRO D 436 -2.74 -59.60 -60.51
C PRO D 436 -1.22 -59.53 -60.35
N CYS D 437 -0.53 -60.56 -60.84
CA CYS D 437 0.91 -60.66 -60.59
C CYS D 437 1.67 -59.59 -61.37
N ASP D 438 1.37 -59.44 -62.66
CA ASP D 438 2.13 -58.56 -63.54
C ASP D 438 1.56 -57.16 -63.64
N SER D 439 0.36 -56.92 -63.09
CA SER D 439 -0.31 -55.63 -63.22
C SER D 439 -0.79 -55.17 -61.85
N SER D 440 -1.40 -53.99 -61.83
CA SER D 440 -1.97 -53.40 -60.63
C SER D 440 -3.38 -52.87 -60.92
N ALA D 441 -4.14 -53.62 -61.72
CA ALA D 441 -5.51 -53.23 -62.03
C ALA D 441 -6.37 -53.20 -60.76
N PHE D 442 -6.17 -54.16 -59.86
CA PHE D 442 -6.86 -54.16 -58.59
C PHE D 442 -5.94 -54.79 -57.55
N THR D 443 -6.27 -54.55 -56.29
CA THR D 443 -5.51 -55.14 -55.18
C THR D 443 -6.39 -55.13 -53.94
N VAL D 444 -6.54 -56.29 -53.31
CA VAL D 444 -7.33 -56.43 -52.09
C VAL D 444 -6.40 -56.88 -50.98
N LEU D 445 -6.37 -56.10 -49.90
CA LEU D 445 -5.59 -56.38 -48.70
C LEU D 445 -6.52 -56.55 -47.50
N ALA D 446 -6.04 -57.27 -46.49
CA ALA D 446 -6.76 -57.44 -45.25
C ALA D 446 -5.86 -57.05 -44.08
N GLU D 447 -6.45 -56.39 -43.09
CA GLU D 447 -5.72 -55.98 -41.88
C GLU D 447 -6.08 -56.95 -40.78
N LEU D 448 -5.31 -58.03 -40.69
CA LEU D 448 -5.50 -59.07 -39.68
C LEU D 448 -4.57 -58.75 -38.51
N ARG D 449 -5.15 -58.25 -37.42
CA ARG D 449 -4.38 -57.85 -36.25
C ARG D 449 -4.85 -58.65 -35.03
N ARG D 450 -4.03 -58.68 -34.00
CA ARG D 450 -4.40 -59.37 -32.77
C ARG D 450 -5.24 -58.45 -31.91
N CYS D 451 -6.53 -58.77 -31.76
CA CYS D 451 -7.42 -58.02 -30.89
C CYS D 451 -7.76 -58.83 -29.64
N GLY D 452 -6.78 -59.57 -29.15
CA GLY D 452 -6.91 -60.33 -27.92
C GLY D 452 -5.62 -60.27 -27.11
N LEU D 453 -5.64 -60.95 -25.96
CA LEU D 453 -4.51 -60.92 -25.05
C LEU D 453 -3.40 -61.89 -25.42
N THR D 454 -3.64 -62.80 -26.36
CA THR D 454 -2.64 -63.78 -26.78
C THR D 454 -2.29 -63.57 -28.25
N ASP D 455 -1.36 -64.38 -28.73
CA ASP D 455 -0.91 -64.32 -30.12
C ASP D 455 -1.75 -65.15 -31.06
N SER D 456 -2.77 -65.86 -30.54
CA SER D 456 -3.57 -66.76 -31.34
C SER D 456 -5.01 -66.28 -31.50
N GLU D 457 -5.30 -65.03 -31.19
CA GLU D 457 -6.63 -64.45 -31.38
C GLU D 457 -6.47 -63.34 -32.43
N THR D 458 -6.57 -63.72 -33.70
CA THR D 458 -6.44 -62.78 -34.80
C THR D 458 -7.83 -62.32 -35.25
N CYS D 459 -7.88 -61.15 -35.86
CA CYS D 459 -9.05 -60.31 -35.80
C CYS D 459 -9.00 -59.38 -37.01
N LEU D 460 -10.04 -59.44 -37.85
CA LEU D 460 -10.06 -58.67 -39.09
C LEU D 460 -10.55 -57.26 -38.79
N LYS D 461 -9.67 -56.27 -38.94
CA LYS D 461 -10.01 -54.89 -38.62
C LYS D 461 -10.48 -54.10 -39.84
N SER D 462 -9.86 -54.31 -40.99
CA SER D 462 -10.23 -53.56 -42.17
C SER D 462 -9.84 -54.34 -43.42
N VAL D 463 -10.52 -54.01 -44.52
CA VAL D 463 -10.24 -54.56 -45.84
C VAL D 463 -10.01 -53.40 -46.80
N THR D 464 -8.91 -53.44 -47.54
CA THR D 464 -8.53 -52.38 -48.46
C THR D 464 -8.63 -52.88 -49.90
N LEU D 465 -9.38 -52.15 -50.72
CA LEU D 465 -9.51 -52.44 -52.14
C LEU D 465 -8.84 -51.31 -52.91
N SER D 466 -7.73 -51.62 -53.57
CA SER D 466 -6.99 -50.65 -54.37
C SER D 466 -7.25 -50.92 -55.84
N LEU D 467 -7.54 -49.85 -56.59
CA LEU D 467 -7.96 -49.96 -57.98
C LEU D 467 -7.12 -49.05 -58.86
N ASP D 468 -6.60 -49.63 -59.94
CA ASP D 468 -5.93 -48.92 -61.03
C ASP D 468 -4.72 -48.12 -60.49
N GLY D 469 -3.73 -48.88 -60.07
CA GLY D 469 -2.48 -48.30 -59.59
C GLY D 469 -2.64 -47.41 -58.37
N ALA D 470 -3.44 -47.86 -57.40
CA ALA D 470 -3.71 -47.13 -56.17
C ALA D 470 -4.37 -45.77 -56.43
N GLN D 471 -5.02 -45.61 -57.58
CA GLN D 471 -5.75 -44.39 -57.85
C GLN D 471 -7.16 -44.39 -57.28
N THR D 472 -7.66 -45.54 -56.82
CA THR D 472 -8.95 -45.59 -56.13
C THR D 472 -8.80 -46.56 -54.95
N VAL D 473 -8.66 -46.02 -53.75
CA VAL D 473 -8.45 -46.82 -52.54
C VAL D 473 -9.70 -46.72 -51.69
N VAL D 474 -10.30 -47.88 -51.39
CA VAL D 474 -11.49 -47.95 -50.55
C VAL D 474 -11.14 -48.80 -49.33
N VAL D 475 -11.34 -48.24 -48.15
CA VAL D 475 -11.04 -48.93 -46.89
C VAL D 475 -12.34 -49.16 -46.14
N ILE D 476 -12.66 -50.42 -45.87
CA ILE D 476 -13.85 -50.77 -45.10
C ILE D 476 -13.39 -51.30 -43.75
N LYS D 477 -13.79 -50.63 -42.69
CA LYS D 477 -13.35 -50.95 -41.33
C LYS D 477 -14.37 -51.84 -40.64
N ALA D 478 -13.94 -52.42 -39.51
CA ALA D 478 -14.81 -53.32 -38.75
C ALA D 478 -16.02 -52.60 -38.17
N SER D 479 -15.95 -51.28 -38.00
CA SER D 479 -17.05 -50.50 -37.47
C SER D 479 -18.09 -50.13 -38.53
N GLY D 480 -17.93 -50.65 -39.75
CA GLY D 480 -18.86 -50.34 -40.82
C GLY D 480 -18.58 -49.04 -41.55
N GLU D 481 -17.48 -48.38 -41.26
CA GLU D 481 -17.14 -47.11 -41.89
C GLU D 481 -16.37 -47.35 -43.18
N VAL D 482 -16.75 -46.64 -44.23
CA VAL D 482 -16.14 -46.78 -45.55
C VAL D 482 -15.44 -45.47 -45.89
N PHE D 483 -14.16 -45.57 -46.21
CA PHE D 483 -13.35 -44.41 -46.60
C PHE D 483 -12.99 -44.55 -48.08
N LEU D 484 -13.35 -43.55 -48.87
CA LEU D 484 -13.02 -43.49 -50.29
C LEU D 484 -11.98 -42.40 -50.49
N ASN D 485 -10.74 -42.81 -50.80
CA ASN D 485 -9.63 -41.88 -50.99
C ASN D 485 -9.42 -41.01 -49.77
N GLN D 486 -9.24 -41.66 -48.61
CA GLN D 486 -9.00 -41.01 -47.32
C GLN D 486 -10.12 -40.05 -46.92
N ILE D 487 -11.32 -40.24 -47.46
CA ILE D 487 -12.47 -39.42 -47.14
C ILE D 487 -13.58 -40.32 -46.63
N TYR D 488 -14.08 -40.02 -45.43
CA TYR D 488 -15.18 -40.79 -44.85
C TYR D 488 -16.44 -40.49 -45.65
N THR D 489 -16.83 -41.42 -46.51
CA THR D 489 -17.97 -41.24 -47.39
C THR D 489 -19.20 -41.91 -46.79
N GLN D 490 -20.29 -41.95 -47.55
CA GLN D 490 -21.57 -42.50 -47.11
C GLN D 490 -22.12 -43.42 -48.18
N LEU D 491 -22.35 -44.68 -47.82
CA LEU D 491 -22.91 -45.64 -48.77
C LEU D 491 -24.36 -45.29 -49.09
N PRO D 492 -24.83 -45.58 -50.30
CA PRO D 492 -24.13 -46.25 -51.41
C PRO D 492 -23.30 -45.29 -52.25
N ILE D 493 -22.26 -45.79 -52.93
CA ILE D 493 -21.40 -44.97 -53.76
C ILE D 493 -21.30 -45.61 -55.14
N SER D 494 -21.23 -44.77 -56.16
CA SER D 494 -20.92 -45.19 -57.53
C SER D 494 -19.63 -44.47 -57.93
N ALA D 495 -18.50 -45.07 -57.55
CA ALA D 495 -17.20 -44.47 -57.77
C ALA D 495 -16.61 -44.96 -59.09
N ALA D 496 -15.34 -44.68 -59.31
CA ALA D 496 -14.66 -45.11 -60.54
C ALA D 496 -14.55 -46.62 -60.57
N ASN D 497 -15.35 -47.26 -61.42
CA ASN D 497 -15.34 -48.70 -61.71
C ASN D 497 -15.85 -49.55 -60.55
N VAL D 498 -16.19 -48.95 -59.41
CA VAL D 498 -16.59 -49.71 -58.23
C VAL D 498 -17.85 -49.10 -57.64
N THR D 499 -18.78 -49.97 -57.22
CA THR D 499 -20.00 -49.55 -56.54
C THR D 499 -20.12 -50.31 -55.22
N ILE D 500 -20.30 -49.57 -54.13
CA ILE D 500 -20.37 -50.14 -52.79
C ILE D 500 -21.71 -49.77 -52.18
N PHE D 501 -22.38 -50.74 -51.57
CA PHE D 501 -23.70 -50.51 -51.00
C PHE D 501 -23.92 -51.45 -49.82
N ARG D 502 -25.06 -51.25 -49.14
CA ARG D 502 -25.44 -52.06 -47.98
CA ARG D 502 -25.44 -52.06 -47.98
C ARG D 502 -26.73 -52.81 -48.29
N PRO D 503 -26.65 -54.10 -48.59
CA PRO D 503 -27.89 -54.87 -48.75
C PRO D 503 -28.73 -54.91 -47.47
N SER D 504 -28.07 -54.88 -46.32
CA SER D 504 -28.75 -54.82 -45.03
C SER D 504 -27.82 -54.12 -44.05
N THR D 505 -28.15 -54.18 -42.77
CA THR D 505 -27.29 -53.60 -41.73
C THR D 505 -26.17 -54.53 -41.32
N PHE D 506 -26.11 -55.74 -41.86
CA PHE D 506 -25.07 -56.71 -41.51
C PHE D 506 -23.97 -56.81 -42.56
N PHE D 507 -24.22 -56.40 -43.79
CA PHE D 507 -23.32 -56.70 -44.90
C PHE D 507 -23.02 -55.44 -45.71
N ILE D 508 -21.82 -55.40 -46.27
CA ILE D 508 -21.40 -54.39 -47.24
C ILE D 508 -20.91 -55.10 -48.48
N ILE D 509 -21.44 -54.71 -49.64
CA ILE D 509 -21.10 -55.36 -50.90
C ILE D 509 -20.44 -54.35 -51.82
N ALA D 510 -19.25 -54.69 -52.33
CA ALA D 510 -18.51 -53.84 -53.25
C ALA D 510 -18.26 -54.61 -54.54
N GLN D 511 -18.81 -54.11 -55.63
CA GLN D 511 -18.71 -54.76 -56.93
C GLN D 511 -17.88 -53.90 -57.88
N THR D 512 -16.92 -54.50 -58.55
CA THR D 512 -16.09 -53.81 -59.51
C THR D 512 -16.40 -54.27 -60.92
N SER D 513 -16.02 -53.44 -61.90
CA SER D 513 -16.21 -53.78 -63.30
C SER D 513 -15.13 -54.73 -63.82
N LEU D 514 -14.11 -55.02 -63.03
CA LEU D 514 -13.04 -55.93 -63.40
C LEU D 514 -13.38 -57.39 -63.13
N GLY D 515 -14.56 -57.68 -62.60
CA GLY D 515 -14.93 -59.03 -62.25
C GLY D 515 -14.62 -59.43 -60.83
N LEU D 516 -14.61 -58.48 -59.90
CA LEU D 516 -14.27 -58.74 -58.51
C LEU D 516 -15.38 -58.22 -57.62
N GLN D 517 -15.90 -59.09 -56.74
CA GLN D 517 -16.95 -58.73 -55.80
C GLN D 517 -16.49 -59.06 -54.39
N LEU D 518 -16.85 -58.19 -53.45
CA LEU D 518 -16.51 -58.36 -52.04
C LEU D 518 -17.79 -58.31 -51.22
N ASN D 519 -18.02 -59.36 -50.44
CA ASN D 519 -19.08 -59.40 -49.45
C ASN D 519 -18.43 -59.32 -48.07
N LEU D 520 -18.84 -58.35 -47.27
CA LEU D 520 -18.21 -58.06 -45.99
C LEU D 520 -19.25 -58.16 -44.90
N GLN D 521 -19.10 -59.16 -44.04
CA GLN D 521 -19.98 -59.35 -42.89
C GLN D 521 -19.43 -58.57 -41.72
N LEU D 522 -20.25 -57.67 -41.17
CA LEU D 522 -19.83 -56.82 -40.06
C LEU D 522 -20.44 -57.21 -38.73
N VAL D 523 -21.48 -58.05 -38.73
CA VAL D 523 -22.16 -58.48 -37.52
C VAL D 523 -22.09 -60.01 -37.47
N PRO D 524 -21.56 -60.60 -36.39
CA PRO D 524 -20.99 -59.94 -35.20
C PRO D 524 -19.54 -59.51 -35.42
N THR D 525 -18.78 -60.23 -36.24
CA THR D 525 -17.40 -59.91 -36.52
C THR D 525 -17.20 -59.85 -38.03
N MET D 526 -16.15 -59.16 -38.44
CA MET D 526 -15.86 -58.98 -39.85
C MET D 526 -15.41 -60.29 -40.49
N GLN D 527 -16.06 -60.65 -41.60
CA GLN D 527 -15.64 -61.78 -42.41
C GLN D 527 -15.75 -61.38 -43.88
N LEU D 528 -14.90 -61.96 -44.72
CA LEU D 528 -14.83 -61.57 -46.12
C LEU D 528 -15.11 -62.75 -47.03
N PHE D 529 -15.95 -62.52 -48.03
CA PHE D 529 -16.21 -63.48 -49.10
C PHE D 529 -15.93 -62.77 -50.42
N MET D 530 -14.81 -63.10 -51.04
CA MET D 530 -14.40 -62.50 -52.30
C MET D 530 -14.78 -63.44 -53.45
N GLN D 531 -15.31 -62.87 -54.52
CA GLN D 531 -15.70 -63.64 -55.69
C GLN D 531 -15.02 -63.07 -56.92
N LEU D 532 -14.45 -63.95 -57.73
CA LEU D 532 -13.68 -63.58 -58.91
C LEU D 532 -14.30 -64.20 -60.15
N ALA D 533 -14.33 -63.41 -61.23
CA ALA D 533 -14.89 -63.88 -62.48
C ALA D 533 -13.99 -64.94 -63.11
N PRO D 534 -14.54 -65.84 -63.94
CA PRO D 534 -13.71 -66.86 -64.56
C PRO D 534 -12.64 -66.32 -65.50
N LYS D 535 -12.79 -65.08 -65.97
CA LYS D 535 -11.80 -64.51 -66.89
C LYS D 535 -10.44 -64.28 -66.25
N LEU D 536 -10.35 -64.32 -64.92
CA LEU D 536 -9.11 -64.07 -64.20
C LEU D 536 -8.47 -65.35 -63.69
N ARG D 537 -8.64 -66.47 -64.41
CA ARG D 537 -8.07 -67.74 -63.99
C ARG D 537 -6.61 -67.80 -64.39
N GLY D 538 -5.76 -68.14 -63.42
CA GLY D 538 -4.33 -68.21 -63.66
C GLY D 538 -3.63 -66.88 -63.72
N GLN D 539 -4.31 -65.78 -63.38
CA GLN D 539 -3.76 -64.45 -63.49
C GLN D 539 -3.46 -63.78 -62.16
N THR D 540 -4.25 -64.06 -61.13
CA THR D 540 -4.06 -63.42 -59.84
C THR D 540 -3.04 -64.19 -59.00
N CYS D 541 -2.67 -63.59 -57.87
CA CYS D 541 -1.75 -64.21 -56.91
C CYS D 541 -1.71 -63.37 -55.65
N GLY D 542 -1.58 -64.07 -54.52
CA GLY D 542 -1.67 -63.50 -53.20
C GLY D 542 -2.01 -64.57 -52.19
N LEU D 543 -2.68 -64.17 -51.12
CA LEU D 543 -3.12 -65.14 -50.12
C LEU D 543 -4.26 -66.01 -50.60
N CYS D 544 -4.93 -65.64 -51.69
CA CYS D 544 -6.06 -66.39 -52.22
C CYS D 544 -5.68 -67.31 -53.36
N GLY D 545 -4.38 -67.52 -53.60
CA GLY D 545 -3.94 -68.42 -54.64
C GLY D 545 -3.92 -67.76 -56.01
N ASN D 546 -3.58 -68.57 -57.01
CA ASN D 546 -3.44 -68.10 -58.38
C ASN D 546 -4.61 -68.50 -59.27
N PHE D 547 -5.66 -69.11 -58.70
CA PHE D 547 -6.93 -69.32 -59.40
C PHE D 547 -6.77 -70.14 -60.67
N ASN D 548 -5.97 -71.21 -60.61
CA ASN D 548 -5.76 -72.09 -61.75
C ASN D 548 -6.20 -73.52 -61.46
N SER D 549 -7.12 -73.69 -60.52
CA SER D 549 -7.75 -74.96 -60.15
C SER D 549 -6.80 -75.95 -59.50
N ILE D 550 -5.53 -75.59 -59.30
CA ILE D 550 -4.55 -76.47 -58.69
C ILE D 550 -4.29 -76.00 -57.27
N GLN D 551 -4.53 -76.89 -56.31
CA GLN D 551 -4.31 -76.55 -54.90
C GLN D 551 -2.83 -76.60 -54.53
N ALA D 552 -2.04 -77.40 -55.25
CA ALA D 552 -0.65 -77.62 -54.85
C ALA D 552 0.17 -76.34 -54.90
N ASP D 553 -0.02 -75.53 -55.94
CA ASP D 553 0.79 -74.34 -56.15
C ASP D 553 0.21 -73.09 -55.49
N ASP D 554 -0.82 -73.25 -54.66
CA ASP D 554 -1.39 -72.09 -53.98
C ASP D 554 -0.47 -71.54 -52.89
N PHE D 555 0.46 -72.36 -52.39
CA PHE D 555 1.45 -71.91 -51.41
C PHE D 555 2.75 -71.45 -52.06
N ARG D 556 2.70 -71.06 -53.33
CA ARG D 556 3.89 -70.60 -54.04
CA ARG D 556 3.89 -70.60 -54.04
C ARG D 556 4.07 -69.10 -53.81
N THR D 557 5.24 -68.72 -53.29
CA THR D 557 5.53 -67.33 -53.03
C THR D 557 5.97 -66.63 -54.31
N LEU D 558 6.27 -65.33 -54.19
CA LEU D 558 6.72 -64.55 -55.33
C LEU D 558 8.14 -64.90 -55.75
N SER D 559 8.87 -65.69 -54.94
CA SER D 559 10.21 -66.12 -55.30
C SER D 559 10.23 -67.30 -56.26
N GLY D 560 9.10 -67.99 -56.44
CA GLY D 560 9.01 -69.08 -57.38
C GLY D 560 9.01 -70.47 -56.80
N VAL D 561 8.96 -70.62 -55.47
CA VAL D 561 8.95 -71.93 -54.85
C VAL D 561 7.67 -72.07 -54.02
N VAL D 562 7.27 -73.31 -53.80
CA VAL D 562 6.07 -73.64 -53.03
C VAL D 562 6.50 -73.99 -51.61
N GLU D 563 5.99 -73.24 -50.64
CA GLU D 563 6.30 -73.52 -49.25
C GLU D 563 5.54 -74.76 -48.77
N ALA D 564 6.01 -75.32 -47.67
CA ALA D 564 5.43 -76.52 -47.10
C ALA D 564 4.41 -76.24 -46.00
N THR D 565 4.49 -75.08 -45.36
CA THR D 565 3.59 -74.73 -44.27
C THR D 565 2.82 -73.47 -44.61
N ALA D 566 1.64 -73.33 -44.00
CA ALA D 566 0.80 -72.17 -44.26
C ALA D 566 1.45 -70.89 -43.72
N ALA D 567 2.13 -70.99 -42.59
CA ALA D 567 2.74 -69.80 -41.98
C ALA D 567 3.87 -69.25 -42.82
N ALA D 568 4.70 -70.12 -43.40
CA ALA D 568 5.83 -69.65 -44.20
C ALA D 568 5.34 -68.89 -45.43
N PHE D 569 4.33 -69.42 -46.12
CA PHE D 569 3.77 -68.72 -47.27
C PHE D 569 3.02 -67.47 -46.84
N PHE D 570 2.38 -67.52 -45.67
CA PHE D 570 1.62 -66.38 -45.17
C PHE D 570 2.53 -65.20 -44.86
N ASN D 571 3.70 -65.46 -44.28
CA ASN D 571 4.60 -64.39 -43.87
C ASN D 571 5.25 -63.65 -45.04
N THR D 572 5.18 -64.20 -46.25
CA THR D 572 5.82 -63.57 -47.40
C THR D 572 4.95 -62.49 -48.04
N PHE D 573 3.71 -62.32 -47.57
CA PHE D 573 2.81 -61.31 -48.12
C PHE D 573 2.53 -60.17 -47.14
N LYS D 574 3.43 -59.94 -46.18
CA LYS D 574 3.32 -58.76 -45.34
C LYS D 574 3.59 -57.50 -46.17
N THR D 575 3.06 -56.38 -45.68
CA THR D 575 3.28 -55.10 -46.34
C THR D 575 4.29 -54.23 -45.62
N GLN D 576 4.66 -54.56 -44.38
CA GLN D 576 5.59 -53.76 -43.60
C GLN D 576 6.64 -54.66 -42.97
N ALA D 577 7.83 -54.09 -42.75
CA ALA D 577 8.93 -54.86 -42.18
C ALA D 577 8.71 -55.12 -40.68
N ALA D 578 8.11 -54.17 -39.97
CA ALA D 578 7.96 -54.30 -38.52
C ALA D 578 6.98 -55.39 -38.12
N CYS D 579 6.18 -55.89 -39.06
CA CYS D 579 5.21 -56.92 -38.72
C CYS D 579 5.92 -58.21 -38.35
N PRO D 580 5.42 -58.94 -37.35
CA PRO D 580 6.10 -60.16 -36.91
C PRO D 580 5.98 -61.29 -37.93
N ASN D 581 6.91 -62.23 -37.84
CA ASN D 581 6.90 -63.44 -38.65
C ASN D 581 6.08 -64.50 -37.91
N ILE D 582 4.90 -64.81 -38.43
CA ILE D 582 4.00 -65.74 -37.75
C ILE D 582 4.52 -67.17 -37.91
N ARG D 583 4.61 -67.88 -36.79
CA ARG D 583 4.97 -69.30 -36.78
C ARG D 583 3.79 -70.10 -36.27
N ASN D 584 3.46 -71.17 -36.97
CA ASN D 584 2.28 -71.97 -36.63
C ASN D 584 2.60 -72.95 -35.51
N SER D 585 1.75 -72.96 -34.49
CA SER D 585 1.90 -73.87 -33.36
C SER D 585 0.72 -74.84 -33.31
N PHE D 586 0.97 -76.00 -32.72
CA PHE D 586 -0.03 -77.07 -32.64
C PHE D 586 -0.82 -76.95 -31.34
N GLU D 587 -1.53 -75.83 -31.21
CA GLU D 587 -2.33 -75.56 -30.02
C GLU D 587 -3.73 -76.15 -30.16
N ASP D 588 -4.30 -76.53 -29.01
CA ASP D 588 -5.67 -77.02 -28.93
C ASP D 588 -6.37 -76.22 -27.84
N PRO D 589 -6.96 -75.07 -28.19
CA PRO D 589 -7.60 -74.24 -27.14
C PRO D 589 -8.71 -74.94 -26.40
N CYS D 590 -9.46 -75.83 -27.07
CA CYS D 590 -10.56 -76.52 -26.40
C CYS D 590 -10.07 -77.39 -25.25
N SER D 591 -8.82 -77.82 -25.30
CA SER D 591 -8.24 -78.62 -24.22
C SER D 591 -7.81 -77.77 -23.03
N LEU D 592 -7.83 -76.44 -23.17
CA LEU D 592 -7.39 -75.56 -22.09
C LEU D 592 -8.51 -75.15 -21.16
N SER D 593 -9.76 -75.49 -21.46
CA SER D 593 -10.89 -75.11 -20.62
C SER D 593 -12.01 -76.12 -20.80
N VAL D 594 -12.52 -76.63 -19.68
CA VAL D 594 -13.61 -77.61 -19.73
C VAL D 594 -14.90 -76.94 -20.18
N GLU D 595 -15.23 -75.79 -19.57
CA GLU D 595 -16.51 -75.14 -19.87
C GLU D 595 -16.54 -74.61 -21.30
N ASN D 596 -15.42 -74.07 -21.79
CA ASN D 596 -15.37 -73.62 -23.17
C ASN D 596 -15.56 -74.80 -24.13
N GLU D 597 -14.94 -75.94 -23.82
CA GLU D 597 -15.13 -77.12 -24.64
C GLU D 597 -16.59 -77.57 -24.64
N LYS D 598 -17.23 -77.58 -23.47
CA LYS D 598 -18.62 -78.00 -23.40
C LYS D 598 -19.51 -77.06 -24.21
N TYR D 599 -19.31 -75.75 -24.06
CA TYR D 599 -20.12 -74.78 -24.79
C TYR D 599 -19.92 -74.93 -26.30
N ALA D 600 -18.66 -75.03 -26.73
CA ALA D 600 -18.37 -75.15 -28.16
C ALA D 600 -18.93 -76.44 -28.74
N GLN D 601 -18.80 -77.55 -28.01
CA GLN D 601 -19.33 -78.82 -28.50
C GLN D 601 -20.85 -78.80 -28.56
N HIS D 602 -21.49 -78.19 -27.56
CA HIS D 602 -22.95 -78.15 -27.55
C HIS D 602 -23.49 -77.29 -28.69
N TRP D 603 -22.86 -76.15 -28.96
CA TRP D 603 -23.45 -75.21 -29.92
C TRP D 603 -22.91 -75.33 -31.34
N CYS D 604 -21.68 -75.81 -31.53
CA CYS D 604 -21.13 -75.95 -32.86
C CYS D 604 -21.46 -77.27 -33.52
N SER D 605 -21.94 -78.25 -32.75
CA SER D 605 -22.30 -79.54 -33.32
C SER D 605 -23.58 -79.49 -34.13
N GLN D 606 -24.34 -78.40 -34.05
CA GLN D 606 -25.53 -78.24 -34.87
C GLN D 606 -25.20 -78.20 -36.36
N LEU D 607 -23.97 -77.83 -36.71
CA LEU D 607 -23.57 -77.81 -38.12
C LEU D 607 -23.56 -79.21 -38.71
N THR D 608 -23.10 -80.19 -37.95
CA THR D 608 -22.99 -81.56 -38.43
C THR D 608 -24.21 -82.42 -38.11
N ASP D 609 -25.24 -81.84 -37.49
CA ASP D 609 -26.47 -82.58 -37.19
C ASP D 609 -27.29 -82.72 -38.47
N ALA D 610 -27.64 -83.96 -38.81
CA ALA D 610 -28.35 -84.21 -40.06
C ALA D 610 -29.79 -83.70 -40.03
N ASP D 611 -30.38 -83.57 -38.84
CA ASP D 611 -31.76 -83.11 -38.72
C ASP D 611 -31.88 -81.74 -38.05
N GLY D 612 -30.76 -81.07 -37.77
CA GLY D 612 -30.80 -79.78 -37.11
C GLY D 612 -31.14 -78.65 -38.07
N PRO D 613 -30.99 -77.41 -37.60
CA PRO D 613 -31.30 -76.25 -38.45
C PRO D 613 -30.43 -76.17 -39.70
N PHE D 614 -29.23 -76.76 -39.68
CA PHE D 614 -28.33 -76.73 -40.82
C PHE D 614 -28.30 -78.05 -41.58
N GLY D 615 -29.23 -78.97 -41.30
CA GLY D 615 -29.22 -80.27 -41.93
C GLY D 615 -29.64 -80.26 -43.38
N ARG D 616 -30.37 -79.22 -43.81
CA ARG D 616 -30.81 -79.12 -45.20
C ARG D 616 -29.66 -78.82 -46.16
N CYS D 617 -28.47 -78.50 -45.65
CA CYS D 617 -27.37 -78.03 -46.46
C CYS D 617 -26.18 -78.99 -46.48
N HIS D 618 -26.29 -80.14 -45.83
CA HIS D 618 -25.15 -81.06 -45.76
C HIS D 618 -24.77 -81.62 -47.12
N ALA D 619 -25.65 -81.52 -48.12
CA ALA D 619 -25.32 -81.99 -49.45
C ALA D 619 -24.59 -80.91 -50.25
N ALA D 620 -25.11 -79.68 -50.22
CA ALA D 620 -24.51 -78.60 -51.00
C ALA D 620 -23.13 -78.23 -50.47
N VAL D 621 -23.01 -78.00 -49.16
CA VAL D 621 -21.76 -77.58 -48.54
C VAL D 621 -21.40 -78.57 -47.44
N LYS D 622 -20.16 -79.05 -47.45
CA LYS D 622 -19.69 -79.96 -46.41
C LYS D 622 -19.37 -79.16 -45.15
N PRO D 623 -19.95 -79.50 -44.00
CA PRO D 623 -19.80 -78.67 -42.80
C PRO D 623 -18.62 -79.01 -41.90
N GLY D 624 -17.70 -79.89 -42.32
CA GLY D 624 -16.61 -80.27 -41.44
C GLY D 624 -15.67 -79.12 -41.14
N THR D 625 -15.28 -78.38 -42.18
CA THR D 625 -14.39 -77.25 -41.98
C THR D 625 -15.05 -76.16 -41.13
N TYR D 626 -16.33 -75.90 -41.37
CA TYR D 626 -17.04 -74.91 -40.58
C TYR D 626 -17.19 -75.36 -39.13
N TYR D 627 -17.40 -76.66 -38.90
CA TYR D 627 -17.44 -77.18 -37.54
C TYR D 627 -16.10 -76.99 -36.83
N SER D 628 -14.99 -77.29 -37.54
CA SER D 628 -13.68 -77.10 -36.93
C SER D 628 -13.41 -75.63 -36.63
N ASN D 629 -13.76 -74.75 -37.55
CA ASN D 629 -13.60 -73.32 -37.31
C ASN D 629 -14.44 -72.86 -36.13
N CYS D 630 -15.67 -73.35 -36.03
CA CYS D 630 -16.54 -73.00 -34.91
C CYS D 630 -15.92 -73.43 -33.59
N MET D 631 -15.44 -74.67 -33.53
CA MET D 631 -14.83 -75.18 -32.30
C MET D 631 -13.63 -74.34 -31.92
N PHE D 632 -12.71 -74.12 -32.87
CA PHE D 632 -11.50 -73.38 -32.57
C PHE D 632 -11.79 -71.97 -32.12
N ASP D 633 -12.66 -71.26 -32.85
CA ASP D 633 -12.97 -69.87 -32.52
C ASP D 633 -13.68 -69.77 -31.18
N THR D 634 -14.67 -70.63 -30.93
CA THR D 634 -15.40 -70.58 -29.66
C THR D 634 -14.48 -70.87 -28.49
N CYS D 635 -13.59 -71.86 -28.62
CA CYS D 635 -12.68 -72.17 -27.53
C CYS D 635 -11.60 -71.10 -27.36
N ASN D 636 -11.25 -70.39 -28.42
CA ASN D 636 -10.10 -69.49 -28.41
C ASN D 636 -10.46 -68.08 -27.95
N CYS D 637 -11.43 -67.44 -28.61
CA CYS D 637 -11.70 -66.04 -28.35
C CYS D 637 -12.43 -65.84 -27.03
N GLU D 638 -12.31 -64.62 -26.50
CA GLU D 638 -12.92 -64.31 -25.21
C GLU D 638 -14.44 -64.22 -25.32
N ARG D 639 -14.95 -63.56 -26.37
CA ARG D 639 -16.38 -63.46 -26.61
C ARG D 639 -16.80 -64.70 -27.40
N SER D 640 -17.07 -65.79 -26.67
CA SER D 640 -17.33 -67.07 -27.31
C SER D 640 -18.58 -67.03 -28.18
N GLU D 641 -19.64 -66.37 -27.70
CA GLU D 641 -20.89 -66.34 -28.46
C GLU D 641 -20.70 -65.61 -29.78
N ASP D 642 -19.91 -64.54 -29.79
CA ASP D 642 -19.68 -63.80 -31.04
C ASP D 642 -18.99 -64.67 -32.07
N CYS D 643 -17.95 -65.41 -31.67
CA CYS D 643 -17.23 -66.26 -32.62
C CYS D 643 -18.10 -67.43 -33.09
N LEU D 644 -18.88 -68.01 -32.16
CA LEU D 644 -19.80 -69.08 -32.55
C LEU D 644 -20.82 -68.58 -33.57
N CYS D 645 -21.39 -67.40 -33.33
CA CYS D 645 -22.35 -66.83 -34.25
C CYS D 645 -21.70 -66.49 -35.58
N ALA D 646 -20.45 -66.02 -35.56
CA ALA D 646 -19.75 -65.73 -36.81
C ALA D 646 -19.55 -66.99 -37.63
N ALA D 647 -19.15 -68.09 -36.98
CA ALA D 647 -18.97 -69.35 -37.71
C ALA D 647 -20.28 -69.86 -38.28
N LEU D 648 -21.36 -69.82 -37.49
CA LEU D 648 -22.65 -70.27 -37.97
C LEU D 648 -23.14 -69.41 -39.14
N SER D 649 -22.95 -68.09 -39.04
CA SER D 649 -23.37 -67.20 -40.11
C SER D 649 -22.52 -67.40 -41.36
N SER D 650 -21.23 -67.73 -41.19
CA SER D 650 -20.40 -68.05 -42.35
C SER D 650 -20.90 -69.29 -43.06
N TYR D 651 -21.26 -70.33 -42.29
CA TYR D 651 -21.83 -71.52 -42.92
C TYR D 651 -23.15 -71.21 -43.61
N VAL D 652 -23.99 -70.38 -42.98
CA VAL D 652 -25.27 -70.01 -43.58
C VAL D 652 -25.06 -69.24 -44.88
N HIS D 653 -24.08 -68.34 -44.90
CA HIS D 653 -23.79 -67.59 -46.11
C HIS D 653 -23.26 -68.49 -47.21
N ALA D 654 -22.39 -69.45 -46.85
CA ALA D 654 -21.90 -70.41 -47.84
C ALA D 654 -23.05 -71.22 -48.41
N CYS D 655 -24.01 -71.61 -47.56
CA CYS D 655 -25.18 -72.32 -48.04
C CYS D 655 -26.02 -71.45 -48.97
N ALA D 656 -26.20 -70.18 -48.61
CA ALA D 656 -26.99 -69.27 -49.44
C ALA D 656 -26.33 -69.05 -50.79
N ALA D 657 -25.00 -69.09 -50.86
CA ALA D 657 -24.32 -68.98 -52.14
C ALA D 657 -24.64 -70.16 -53.05
N LYS D 658 -25.04 -71.30 -52.48
CA LYS D 658 -25.40 -72.48 -53.25
C LYS D 658 -26.88 -72.53 -53.60
N GLY D 659 -27.68 -71.59 -53.11
CA GLY D 659 -29.11 -71.59 -53.36
C GLY D 659 -29.95 -72.25 -52.29
N VAL D 660 -29.38 -72.54 -51.13
CA VAL D 660 -30.09 -73.20 -50.03
C VAL D 660 -30.44 -72.16 -48.98
N GLN D 661 -31.70 -72.11 -48.57
CA GLN D 661 -32.17 -71.18 -47.56
C GLN D 661 -32.34 -71.91 -46.24
N LEU D 662 -31.76 -71.35 -45.18
CA LEU D 662 -31.79 -71.97 -43.86
C LEU D 662 -32.44 -71.05 -42.84
N GLY D 663 -33.59 -70.47 -43.19
CA GLY D 663 -34.24 -69.54 -42.28
C GLY D 663 -34.68 -70.24 -41.01
N GLY D 664 -34.74 -69.45 -39.92
CA GLY D 664 -35.09 -69.97 -38.63
C GLY D 664 -33.96 -70.63 -37.87
N TRP D 665 -32.71 -70.45 -38.30
CA TRP D 665 -31.58 -71.08 -37.67
C TRP D 665 -31.11 -70.36 -36.41
N ARG D 666 -31.58 -69.14 -36.17
CA ARG D 666 -31.13 -68.36 -35.03
C ARG D 666 -31.90 -68.68 -33.75
N ASP D 667 -32.84 -69.61 -33.78
CA ASP D 667 -33.54 -70.02 -32.57
C ASP D 667 -32.56 -70.68 -31.60
N GLY D 668 -32.65 -70.30 -30.33
CA GLY D 668 -31.70 -70.78 -29.34
C GLY D 668 -30.59 -69.79 -29.11
N VAL D 669 -29.43 -70.03 -29.73
CA VAL D 669 -28.31 -69.12 -29.65
C VAL D 669 -28.31 -68.25 -30.91
N CYS D 670 -27.54 -67.16 -30.86
CA CYS D 670 -27.41 -66.22 -31.97
C CYS D 670 -28.73 -65.55 -32.32
N THR D 671 -29.55 -65.27 -31.28
CA THR D 671 -30.81 -64.56 -31.47
C THR D 671 -30.70 -63.08 -31.12
N LYS D 672 -29.63 -62.66 -30.45
CA LYS D 672 -29.48 -61.26 -30.09
C LYS D 672 -29.46 -60.32 -31.29
N PRO D 673 -28.76 -60.59 -32.40
CA PRO D 673 -28.83 -59.67 -33.55
C PRO D 673 -30.23 -59.52 -34.13
N MET D 674 -31.13 -60.46 -33.88
CA MET D 674 -32.50 -60.36 -34.40
C MET D 674 -33.21 -59.14 -33.82
N THR D 675 -33.02 -58.87 -32.53
CA THR D 675 -33.77 -57.85 -31.83
C THR D 675 -33.10 -56.49 -31.81
N THR D 676 -31.78 -56.43 -31.79
CA THR D 676 -31.05 -55.17 -31.63
C THR D 676 -30.67 -54.63 -32.99
N CYS D 677 -31.50 -53.74 -33.52
CA CYS D 677 -31.21 -53.02 -34.76
C CYS D 677 -32.13 -51.81 -34.82
N PRO D 678 -31.91 -50.89 -35.80
CA PRO D 678 -32.70 -49.64 -35.83
C PRO D 678 -34.20 -49.79 -35.63
N LYS D 679 -34.83 -48.71 -35.17
CA LYS D 679 -36.19 -48.79 -34.63
C LYS D 679 -37.20 -49.24 -35.68
N SER D 680 -37.11 -48.70 -36.89
CA SER D 680 -38.09 -48.98 -37.94
C SER D 680 -37.69 -50.16 -38.82
N MET D 681 -36.59 -50.83 -38.51
CA MET D 681 -36.09 -51.92 -39.33
C MET D 681 -36.41 -53.25 -38.68
N THR D 682 -36.73 -54.25 -39.51
CA THR D 682 -37.07 -55.58 -39.06
C THR D 682 -36.10 -56.58 -39.67
N TYR D 683 -35.73 -57.59 -38.89
CA TYR D 683 -34.79 -58.60 -39.35
C TYR D 683 -35.40 -59.46 -40.46
N HIS D 684 -34.53 -59.94 -41.35
CA HIS D 684 -34.92 -60.82 -42.44
C HIS D 684 -33.81 -61.83 -42.66
N TYR D 685 -34.19 -63.09 -42.81
CA TYR D 685 -33.21 -64.15 -43.05
C TYR D 685 -32.68 -64.10 -44.47
N HIS D 686 -33.54 -63.79 -45.44
CA HIS D 686 -33.19 -63.78 -46.85
C HIS D 686 -33.33 -62.38 -47.39
N VAL D 687 -32.22 -61.80 -47.86
CA VAL D 687 -32.19 -60.47 -48.46
C VAL D 687 -31.48 -60.63 -49.80
N SER D 688 -32.24 -60.86 -50.86
CA SER D 688 -31.68 -60.97 -52.21
C SER D 688 -31.87 -59.72 -53.04
N THR D 689 -32.92 -58.94 -52.77
CA THR D 689 -33.15 -57.69 -53.47
C THR D 689 -32.36 -56.58 -52.81
N CYS D 690 -32.64 -55.33 -53.19
CA CYS D 690 -31.95 -54.17 -52.64
C CYS D 690 -32.94 -53.28 -51.92
N GLN D 691 -32.44 -52.56 -50.92
CA GLN D 691 -33.30 -51.74 -50.08
C GLN D 691 -33.84 -50.54 -50.85
N PRO D 692 -35.15 -50.40 -50.99
CA PRO D 692 -35.69 -49.22 -51.66
C PRO D 692 -35.52 -47.97 -50.81
N THR D 693 -35.41 -46.84 -51.50
CA THR D 693 -35.23 -45.55 -50.83
C THR D 693 -36.11 -44.50 -51.50
N CYS D 694 -36.29 -43.38 -50.80
CA CYS D 694 -37.04 -42.26 -51.36
C CYS D 694 -36.33 -41.70 -52.59
N ARG D 695 -35.00 -41.63 -52.54
CA ARG D 695 -34.24 -41.19 -53.71
C ARG D 695 -34.41 -42.17 -54.87
N SER D 696 -34.54 -43.46 -54.57
CA SER D 696 -34.82 -44.43 -55.63
C SER D 696 -36.17 -44.17 -56.27
N LEU D 697 -37.18 -43.82 -55.46
CA LEU D 697 -38.48 -43.47 -56.01
C LEU D 697 -38.39 -42.22 -56.87
N SER D 698 -37.66 -41.21 -56.41
CA SER D 698 -37.54 -39.96 -57.16
C SER D 698 -36.84 -40.18 -58.49
N GLU D 699 -35.58 -40.63 -58.45
CA GLU D 699 -34.79 -40.80 -59.66
C GLU D 699 -35.28 -41.96 -60.52
N GLY D 700 -35.93 -42.96 -59.93
CA GLY D 700 -36.33 -44.14 -60.66
C GLY D 700 -35.25 -45.19 -60.82
N ASP D 701 -34.06 -44.94 -60.30
CA ASP D 701 -32.94 -45.88 -60.39
C ASP D 701 -32.29 -46.01 -59.03
N ILE D 702 -31.65 -47.16 -58.80
CA ILE D 702 -31.03 -47.46 -57.52
C ILE D 702 -29.56 -47.79 -57.75
N THR D 703 -28.76 -47.58 -56.71
CA THR D 703 -27.34 -47.92 -56.72
C THR D 703 -27.20 -49.30 -56.09
N CYS D 704 -27.08 -50.33 -56.94
CA CYS D 704 -27.04 -51.69 -56.45
C CYS D 704 -26.41 -52.58 -57.51
N SER D 705 -26.01 -53.78 -57.10
CA SER D 705 -25.40 -54.75 -57.99
C SER D 705 -26.40 -55.74 -58.57
N VAL D 706 -27.70 -55.56 -58.29
CA VAL D 706 -28.77 -56.40 -58.80
C VAL D 706 -28.58 -57.85 -58.37
N GLY D 707 -27.51 -58.49 -58.84
CA GLY D 707 -27.27 -59.88 -58.53
C GLY D 707 -26.13 -60.10 -57.57
N PHE D 708 -26.44 -60.59 -56.37
CA PHE D 708 -25.43 -60.89 -55.37
C PHE D 708 -25.92 -62.06 -54.52
N ILE D 709 -25.00 -62.66 -53.78
CA ILE D 709 -25.36 -63.77 -52.90
C ILE D 709 -26.29 -63.24 -51.81
N PRO D 710 -27.44 -63.87 -51.57
CA PRO D 710 -28.38 -63.35 -50.57
C PRO D 710 -27.77 -63.30 -49.18
N VAL D 711 -28.14 -62.25 -48.45
CA VAL D 711 -27.63 -62.04 -47.09
C VAL D 711 -28.81 -61.92 -46.12
N ASP D 712 -28.50 -61.68 -44.85
CA ASP D 712 -29.51 -61.52 -43.82
C ASP D 712 -29.27 -60.21 -43.08
N GLY D 713 -30.21 -59.84 -42.22
CA GLY D 713 -30.06 -58.64 -41.43
C GLY D 713 -31.31 -57.82 -41.33
N CYS D 714 -31.28 -56.71 -40.60
CA CYS D 714 -32.46 -55.86 -40.45
C CYS D 714 -32.55 -54.90 -41.62
N ILE D 715 -33.69 -54.91 -42.31
CA ILE D 715 -33.97 -54.03 -43.43
C ILE D 715 -35.32 -53.35 -43.18
N CYS D 716 -35.62 -52.38 -44.02
CA CYS D 716 -36.93 -51.74 -43.96
C CYS D 716 -38.00 -52.75 -44.37
N PRO D 717 -39.11 -52.84 -43.64
CA PRO D 717 -40.15 -53.84 -43.96
C PRO D 717 -40.80 -53.55 -45.30
N LYS D 718 -41.48 -54.57 -45.82
CA LYS D 718 -42.14 -54.44 -47.11
C LYS D 718 -43.19 -53.34 -47.07
N GLY D 719 -43.30 -52.60 -48.17
CA GLY D 719 -44.18 -51.45 -48.22
C GLY D 719 -43.64 -50.22 -47.54
N THR D 720 -42.35 -50.19 -47.20
CA THR D 720 -41.73 -49.07 -46.51
C THR D 720 -40.44 -48.70 -47.21
N PHE D 721 -40.05 -47.44 -47.09
CA PHE D 721 -38.87 -46.92 -47.77
C PHE D 721 -37.96 -46.23 -46.76
N LEU D 722 -36.68 -46.18 -47.10
CA LEU D 722 -35.65 -45.59 -46.24
C LEU D 722 -35.27 -44.21 -46.77
N ASP D 723 -35.32 -43.21 -45.90
CA ASP D 723 -34.99 -41.85 -46.28
C ASP D 723 -33.52 -41.55 -45.98
N ASP D 724 -33.13 -40.30 -46.20
CA ASP D 724 -31.75 -39.89 -45.94
C ASP D 724 -31.41 -39.87 -44.46
N THR D 725 -32.42 -39.67 -43.60
CA THR D 725 -32.16 -39.67 -42.16
C THR D 725 -31.72 -41.05 -41.68
N GLY D 726 -32.43 -42.10 -42.08
CA GLY D 726 -32.07 -43.45 -41.71
C GLY D 726 -33.18 -44.26 -41.11
N LYS D 727 -34.41 -43.77 -41.20
CA LYS D 727 -35.58 -44.50 -40.70
C LYS D 727 -36.46 -44.93 -41.86
N CYS D 728 -37.30 -45.93 -41.61
CA CYS D 728 -38.19 -46.47 -42.62
C CYS D 728 -39.51 -45.71 -42.59
N VAL D 729 -39.90 -45.14 -43.72
CA VAL D 729 -41.13 -44.37 -43.84
C VAL D 729 -41.91 -44.88 -45.04
N GLN D 730 -43.23 -44.66 -45.01
CA GLN D 730 -44.09 -45.11 -46.07
C GLN D 730 -43.89 -44.26 -47.33
N ALA D 731 -44.52 -44.70 -48.42
CA ALA D 731 -44.41 -43.97 -49.69
C ALA D 731 -45.04 -42.59 -49.59
N SER D 732 -46.01 -42.42 -48.68
CA SER D 732 -46.66 -41.13 -48.50
C SER D 732 -45.83 -40.17 -47.67
N ASN D 733 -44.73 -40.62 -47.07
CA ASN D 733 -43.87 -39.77 -46.27
C ASN D 733 -42.52 -39.49 -46.92
N CYS D 734 -42.22 -40.11 -48.06
CA CYS D 734 -40.96 -39.85 -48.74
C CYS D 734 -40.96 -38.45 -49.32
N PRO D 735 -39.94 -37.62 -49.04
CA PRO D 735 -39.81 -36.26 -49.58
C PRO D 735 -39.82 -36.23 -51.10
N CYS D 736 -40.20 -34.89 -52.02
CA CYS D 736 -39.99 -34.77 -53.46
C CYS D 736 -38.58 -34.28 -53.76
N TYR D 737 -38.05 -34.67 -54.91
CA TYR D 737 -36.70 -34.30 -55.33
C TYR D 737 -36.75 -33.69 -56.72
N HIS D 738 -36.11 -32.54 -56.88
CA HIS D 738 -36.02 -31.86 -58.16
C HIS D 738 -34.57 -31.45 -58.40
N ARG D 739 -34.03 -31.83 -59.56
CA ARG D 739 -32.64 -31.55 -59.91
C ARG D 739 -31.67 -32.10 -58.87
N GLY D 740 -32.03 -33.22 -58.25
CA GLY D 740 -31.20 -33.80 -57.21
C GLY D 740 -31.25 -33.11 -55.87
N SER D 741 -32.15 -32.14 -55.70
CA SER D 741 -32.28 -31.38 -54.46
C SER D 741 -33.59 -31.74 -53.77
N MET D 742 -33.52 -31.96 -52.47
CA MET D 742 -34.71 -32.35 -51.71
C MET D 742 -35.67 -31.17 -51.58
N ILE D 743 -36.92 -31.39 -51.96
CA ILE D 743 -37.97 -30.37 -51.88
C ILE D 743 -38.91 -30.76 -50.74
N PRO D 744 -38.97 -29.97 -49.66
CA PRO D 744 -39.86 -30.32 -48.55
C PRO D 744 -41.32 -30.24 -48.98
N ASN D 745 -42.15 -31.01 -48.28
CA ASN D 745 -43.58 -31.00 -48.56
C ASN D 745 -44.15 -29.61 -48.31
N GLY D 746 -44.95 -29.12 -49.26
CA GLY D 746 -45.47 -27.78 -49.22
C GLY D 746 -44.65 -26.75 -49.96
N GLU D 747 -43.39 -27.05 -50.26
CA GLU D 747 -42.54 -26.15 -51.02
C GLU D 747 -42.83 -26.29 -52.52
N SER D 748 -42.35 -25.32 -53.28
CA SER D 748 -42.58 -25.30 -54.72
C SER D 748 -41.29 -24.95 -55.45
N VAL D 749 -41.21 -25.38 -56.71
CA VAL D 749 -40.09 -25.07 -57.58
C VAL D 749 -40.63 -24.44 -58.86
N HIS D 750 -39.77 -23.65 -59.51
CA HIS D 750 -40.10 -22.95 -60.74
C HIS D 750 -39.11 -23.38 -61.81
N ASP D 751 -39.57 -24.20 -62.76
CA ASP D 751 -38.71 -24.70 -63.82
C ASP D 751 -39.37 -24.43 -65.17
N SER D 752 -38.67 -23.67 -66.02
CA SER D 752 -39.10 -23.39 -67.39
C SER D 752 -40.51 -22.78 -67.42
N GLY D 753 -40.78 -21.89 -66.47
CA GLY D 753 -42.06 -21.23 -66.40
C GLY D 753 -43.17 -22.04 -65.77
N ALA D 754 -42.88 -23.25 -65.30
CA ALA D 754 -43.86 -24.11 -64.67
C ALA D 754 -43.62 -24.12 -63.16
N ILE D 755 -44.70 -23.99 -62.39
CA ILE D 755 -44.64 -24.01 -60.93
C ILE D 755 -45.11 -25.38 -60.46
N CYS D 756 -44.21 -26.13 -59.82
CA CYS D 756 -44.49 -27.48 -59.36
C CYS D 756 -44.41 -27.51 -57.85
N THR D 757 -45.51 -27.87 -57.20
CA THR D 757 -45.57 -27.92 -55.74
C THR D 757 -45.46 -29.36 -55.26
N CYS D 758 -44.71 -29.57 -54.18
CA CYS D 758 -44.52 -30.88 -53.60
C CYS D 758 -45.55 -31.09 -52.50
N THR D 759 -46.54 -31.94 -52.77
CA THR D 759 -47.57 -32.27 -51.80
C THR D 759 -47.74 -33.79 -51.72
N HIS D 760 -47.84 -34.29 -50.49
CA HIS D 760 -48.04 -35.72 -50.23
C HIS D 760 -46.98 -36.57 -50.92
N GLY D 761 -45.75 -36.06 -50.95
CA GLY D 761 -44.65 -36.79 -51.55
C GLY D 761 -44.65 -36.81 -53.07
N LYS D 762 -45.49 -36.03 -53.72
CA LYS D 762 -45.56 -36.00 -55.18
C LYS D 762 -45.47 -34.56 -55.66
N LEU D 763 -44.74 -34.36 -56.76
CA LEU D 763 -44.56 -33.04 -57.36
C LEU D 763 -45.64 -32.83 -58.41
N SER D 764 -46.67 -32.07 -58.06
CA SER D 764 -47.76 -31.75 -58.97
C SER D 764 -47.52 -30.38 -59.57
N CYS D 765 -47.51 -30.29 -60.89
CA CYS D 765 -47.20 -29.05 -61.59
C CYS D 765 -48.48 -28.39 -62.09
N ILE D 766 -48.50 -27.06 -62.02
CA ILE D 766 -49.64 -26.30 -62.52
C ILE D 766 -49.74 -26.49 -64.03
N GLY D 767 -50.92 -26.88 -64.49
CA GLY D 767 -51.11 -27.20 -65.89
C GLY D 767 -50.98 -28.67 -66.22
N GLY D 768 -50.97 -29.55 -65.22
CA GLY D 768 -50.86 -30.97 -65.46
C GLY D 768 -49.42 -31.45 -65.52
N GLN D 769 -48.73 -31.13 -66.61
CA GLN D 769 -47.33 -31.52 -66.77
C GLN D 769 -46.64 -30.47 -67.63
N ALA D 770 -45.38 -30.19 -67.30
CA ALA D 770 -44.61 -29.21 -68.05
C ALA D 770 -44.25 -29.78 -69.42
N PRO D 771 -44.62 -29.11 -70.51
CA PRO D 771 -44.23 -29.61 -71.84
C PRO D 771 -42.74 -29.42 -72.08
N ALA D 772 -42.18 -30.27 -72.95
CA ALA D 772 -40.77 -30.20 -73.30
C ALA D 772 -40.46 -28.84 -73.91
N PRO D 773 -39.68 -28.00 -73.23
CA PRO D 773 -39.39 -26.66 -73.77
C PRO D 773 -38.63 -26.74 -75.09
N VAL D 774 -38.95 -25.82 -75.98
CA VAL D 774 -38.36 -25.74 -77.31
C VAL D 774 -37.65 -24.39 -77.43
N CYS D 775 -36.38 -24.43 -77.82
CA CYS D 775 -35.56 -23.24 -77.97
C CYS D 775 -35.29 -22.99 -79.46
N ALA D 776 -35.47 -21.75 -79.88
CA ALA D 776 -35.33 -21.39 -81.28
C ALA D 776 -33.86 -21.46 -81.72
N ALA D 777 -33.68 -21.53 -83.03
CA ALA D 777 -32.33 -21.59 -83.58
C ALA D 777 -31.58 -20.30 -83.32
N PRO D 778 -30.26 -20.35 -83.13
CA PRO D 778 -29.40 -21.54 -83.16
C PRO D 778 -29.28 -22.24 -81.81
N MET D 779 -30.04 -21.80 -80.80
CA MET D 779 -30.00 -22.46 -79.51
C MET D 779 -30.65 -23.84 -79.60
N VAL D 780 -29.99 -24.83 -79.03
CA VAL D 780 -30.46 -26.21 -79.04
C VAL D 780 -30.69 -26.68 -77.62
N PHE D 781 -31.77 -27.40 -77.40
CA PHE D 781 -32.10 -27.90 -76.06
C PHE D 781 -31.17 -29.06 -75.73
N PHE D 782 -30.34 -28.87 -74.71
CA PHE D 782 -29.46 -29.92 -74.22
C PHE D 782 -30.07 -30.52 -72.96
N ASP D 783 -30.22 -31.83 -72.96
CA ASP D 783 -30.76 -32.57 -71.82
C ASP D 783 -29.67 -33.44 -71.20
N CYS D 784 -29.82 -33.71 -69.90
CA CYS D 784 -28.84 -34.48 -69.15
C CYS D 784 -29.10 -35.98 -69.20
N ARG D 785 -29.89 -36.45 -70.16
CA ARG D 785 -30.11 -37.89 -70.31
C ARG D 785 -28.81 -38.60 -70.67
N ASN D 786 -28.14 -38.13 -71.72
CA ASN D 786 -26.80 -38.61 -72.07
C ASN D 786 -25.77 -37.59 -71.58
N ALA D 787 -25.54 -37.61 -70.27
CA ALA D 787 -24.67 -36.65 -69.61
C ALA D 787 -23.33 -37.33 -69.31
N THR D 788 -22.35 -37.08 -70.17
CA THR D 788 -21.01 -37.60 -69.93
C THR D 788 -20.36 -36.85 -68.76
N PRO D 789 -19.44 -37.51 -68.04
CA PRO D 789 -18.78 -36.84 -66.92
C PRO D 789 -18.05 -35.57 -67.35
N GLY D 790 -18.09 -34.57 -66.49
CA GLY D 790 -17.39 -33.32 -66.76
C GLY D 790 -18.04 -32.44 -67.80
N ASP D 791 -19.33 -32.62 -68.06
CA ASP D 791 -20.07 -31.85 -69.06
C ASP D 791 -21.17 -31.07 -68.36
N THR D 792 -21.06 -29.74 -68.39
CA THR D 792 -22.05 -28.90 -67.71
C THR D 792 -23.35 -28.77 -68.48
N GLY D 793 -23.29 -28.75 -69.81
CA GLY D 793 -24.48 -28.56 -70.61
C GLY D 793 -24.92 -27.11 -70.66
N ALA D 794 -26.09 -26.81 -70.13
CA ALA D 794 -26.60 -25.44 -70.06
C ALA D 794 -26.29 -24.76 -68.74
N GLY D 795 -25.60 -25.45 -67.82
CA GLY D 795 -25.30 -24.86 -66.53
C GLY D 795 -24.24 -23.77 -66.57
N CYS D 796 -23.40 -23.76 -67.61
CA CYS D 796 -22.38 -22.74 -67.78
C CYS D 796 -22.57 -21.98 -69.08
N GLN D 797 -23.82 -21.84 -69.52
CA GLN D 797 -24.15 -21.02 -70.68
C GLN D 797 -24.42 -19.60 -70.23
N LYS D 798 -23.65 -18.65 -70.77
CA LYS D 798 -23.70 -17.27 -70.32
C LYS D 798 -24.60 -16.44 -71.24
N SER D 799 -24.84 -15.20 -70.84
CA SER D 799 -25.69 -14.28 -71.59
C SER D 799 -25.05 -12.90 -71.55
N CYS D 800 -25.69 -11.93 -72.21
CA CYS D 800 -25.22 -10.56 -72.16
C CYS D 800 -25.44 -9.92 -70.80
N HIS D 801 -26.29 -10.51 -69.97
CA HIS D 801 -26.56 -9.98 -68.64
C HIS D 801 -25.69 -10.61 -67.56
N THR D 802 -25.17 -11.82 -67.79
CA THR D 802 -24.29 -12.48 -66.84
C THR D 802 -22.88 -11.96 -67.08
N LEU D 803 -22.49 -10.92 -66.33
CA LEU D 803 -21.18 -10.30 -66.52
C LEU D 803 -20.04 -11.16 -66.00
N ASP D 804 -20.32 -12.19 -65.20
CA ASP D 804 -19.29 -13.11 -64.73
C ASP D 804 -19.24 -14.30 -65.67
N MET D 805 -18.16 -14.41 -66.43
CA MET D 805 -18.02 -15.43 -67.46
C MET D 805 -17.44 -16.74 -66.91
N THR D 806 -17.13 -16.81 -65.63
CA THR D 806 -16.58 -18.04 -65.06
C THR D 806 -17.67 -19.11 -64.98
N CYS D 807 -17.32 -20.33 -65.34
CA CYS D 807 -18.23 -21.47 -65.30
C CYS D 807 -18.20 -22.09 -63.91
N TYR D 808 -19.33 -22.02 -63.21
CA TYR D 808 -19.39 -22.48 -61.82
C TYR D 808 -20.18 -23.76 -61.62
N SER D 809 -21.01 -24.15 -62.58
CA SER D 809 -21.87 -25.32 -62.39
C SER D 809 -21.03 -26.58 -62.30
N PRO D 810 -21.23 -27.39 -61.25
CA PRO D 810 -20.45 -28.65 -61.14
C PRO D 810 -21.10 -29.81 -61.88
N GLN D 811 -22.41 -29.75 -62.07
CA GLN D 811 -23.18 -30.85 -62.65
C GLN D 811 -24.00 -30.36 -63.83
N CYS D 812 -24.50 -31.32 -64.60
CA CYS D 812 -25.26 -31.02 -65.81
C CYS D 812 -26.60 -30.37 -65.47
N VAL D 813 -26.95 -29.34 -66.24
CA VAL D 813 -28.23 -28.67 -66.12
C VAL D 813 -28.87 -28.59 -67.51
N PRO D 814 -30.07 -29.11 -67.70
CA PRO D 814 -30.70 -29.03 -69.03
C PRO D 814 -31.12 -27.61 -69.37
N GLY D 815 -31.19 -27.32 -70.65
CA GLY D 815 -31.64 -26.02 -71.09
C GLY D 815 -31.11 -25.70 -72.48
N CYS D 816 -31.46 -24.51 -72.96
CA CYS D 816 -31.02 -24.07 -74.27
C CYS D 816 -29.54 -23.67 -74.24
N VAL D 817 -28.79 -24.17 -75.21
CA VAL D 817 -27.36 -23.89 -75.33
C VAL D 817 -27.08 -23.34 -76.72
N CYS D 818 -26.35 -22.23 -76.77
CA CYS D 818 -25.89 -21.67 -78.03
C CYS D 818 -24.74 -22.52 -78.58
N PRO D 819 -24.44 -22.40 -79.89
CA PRO D 819 -23.26 -23.08 -80.43
C PRO D 819 -21.98 -22.75 -79.66
N ASP D 820 -20.95 -23.59 -79.83
CA ASP D 820 -19.74 -23.46 -79.02
C ASP D 820 -19.11 -22.10 -79.20
N GLY D 821 -18.74 -21.47 -78.09
CA GLY D 821 -18.15 -20.16 -78.12
C GLY D 821 -19.12 -19.02 -78.35
N LEU D 822 -20.40 -19.23 -78.09
CA LEU D 822 -21.43 -18.22 -78.31
C LEU D 822 -22.21 -17.99 -77.03
N VAL D 823 -22.70 -16.77 -76.86
CA VAL D 823 -23.51 -16.40 -75.69
C VAL D 823 -24.82 -15.82 -76.18
N ALA D 824 -25.85 -15.94 -75.34
CA ALA D 824 -27.18 -15.45 -75.69
C ALA D 824 -27.24 -13.94 -75.57
N ASP D 825 -27.98 -13.30 -76.47
CA ASP D 825 -28.16 -11.86 -76.49
C ASP D 825 -29.48 -11.42 -75.86
N GLY D 826 -30.25 -12.35 -75.29
CA GLY D 826 -31.52 -12.02 -74.67
C GLY D 826 -32.69 -11.94 -75.62
N GLU D 827 -32.48 -12.09 -76.93
CA GLU D 827 -33.55 -12.06 -77.91
C GLU D 827 -33.64 -13.37 -78.70
N GLY D 828 -33.00 -14.43 -78.22
CA GLY D 828 -33.02 -15.71 -78.88
C GLY D 828 -31.80 -16.02 -79.73
N GLY D 829 -31.04 -14.99 -80.12
CA GLY D 829 -29.85 -15.20 -80.93
C GLY D 829 -28.62 -15.49 -80.09
N CYS D 830 -27.52 -15.74 -80.78
CA CYS D 830 -26.23 -16.00 -80.15
C CYS D 830 -25.19 -15.09 -80.78
N ILE D 831 -24.41 -14.40 -79.94
CA ILE D 831 -23.37 -13.49 -80.39
C ILE D 831 -22.11 -13.74 -79.57
N THR D 832 -21.00 -13.18 -80.04
CA THR D 832 -19.75 -13.28 -79.30
C THR D 832 -19.82 -12.44 -78.03
N ALA D 833 -18.97 -12.78 -77.06
CA ALA D 833 -18.97 -12.08 -75.78
C ALA D 833 -18.62 -10.61 -75.95
N GLU D 834 -17.63 -10.31 -76.79
CA GLU D 834 -17.21 -8.93 -76.99
C GLU D 834 -18.28 -8.09 -77.68
N ASP D 835 -19.24 -8.72 -78.36
CA ASP D 835 -20.30 -8.01 -79.06
C ASP D 835 -21.56 -7.84 -78.23
N CYS D 836 -21.57 -8.28 -76.97
CA CYS D 836 -22.73 -8.08 -76.12
C CYS D 836 -22.91 -6.60 -75.82
N PRO D 837 -24.14 -6.10 -75.91
CA PRO D 837 -24.38 -4.68 -75.57
C PRO D 837 -24.20 -4.44 -74.08
N CYS D 838 -23.83 -3.21 -73.75
CA CYS D 838 -23.68 -2.81 -72.36
C CYS D 838 -25.04 -2.65 -71.70
N VAL D 839 -25.10 -2.97 -70.41
CA VAL D 839 -26.33 -2.93 -69.64
C VAL D 839 -26.18 -1.89 -68.53
N HIS D 840 -27.19 -1.03 -68.40
CA HIS D 840 -27.16 0.01 -67.38
C HIS D 840 -28.58 0.44 -67.08
N ASN D 841 -29.04 0.22 -65.84
CA ASN D 841 -30.35 0.66 -65.37
C ASN D 841 -31.47 0.10 -66.24
N GLU D 842 -31.50 -1.22 -66.34
CA GLU D 842 -32.54 -1.95 -67.08
C GLU D 842 -32.62 -1.52 -68.54
N ALA D 843 -31.48 -1.16 -69.13
CA ALA D 843 -31.42 -0.73 -70.52
C ALA D 843 -30.19 -1.33 -71.17
N SER D 844 -30.25 -1.45 -72.49
CA SER D 844 -29.16 -2.00 -73.29
C SER D 844 -28.65 -0.93 -74.24
N TYR D 845 -27.33 -0.76 -74.29
CA TYR D 845 -26.69 0.23 -75.14
C TYR D 845 -25.69 -0.47 -76.06
N ARG D 846 -25.74 -0.14 -77.34
CA ARG D 846 -24.80 -0.71 -78.29
C ARG D 846 -23.42 -0.09 -78.11
N ALA D 847 -22.43 -0.71 -78.76
CA ALA D 847 -21.06 -0.21 -78.68
C ALA D 847 -20.98 1.21 -79.24
N GLY D 848 -20.32 2.09 -78.50
CA GLY D 848 -20.18 3.47 -78.90
C GLY D 848 -21.24 4.41 -78.38
N GLN D 849 -22.30 3.89 -77.76
CA GLN D 849 -23.33 4.75 -77.20
C GLN D 849 -22.81 5.46 -75.95
N THR D 850 -23.42 6.60 -75.65
CA THR D 850 -22.97 7.50 -74.60
C THR D 850 -24.04 7.63 -73.52
N ILE D 851 -23.63 7.48 -72.26
CA ILE D 851 -24.48 7.75 -71.11
C ILE D 851 -23.77 8.77 -70.22
N ARG D 852 -24.55 9.45 -69.40
CA ARG D 852 -24.03 10.48 -68.51
C ARG D 852 -24.30 10.08 -67.06
N VAL D 853 -23.24 9.92 -66.28
CA VAL D 853 -23.35 9.67 -64.85
C VAL D 853 -22.67 10.81 -64.11
N GLY D 854 -23.38 11.41 -63.16
CA GLY D 854 -22.87 12.56 -62.46
C GLY D 854 -22.52 13.69 -63.41
N CYS D 855 -21.22 13.94 -63.58
CA CYS D 855 -20.71 14.89 -64.57
C CYS D 855 -19.94 14.21 -65.69
N ASN D 856 -19.58 12.95 -65.54
CA ASN D 856 -18.72 12.25 -66.48
C ASN D 856 -19.54 11.70 -67.65
N THR D 857 -18.83 11.17 -68.64
CA THR D 857 -19.44 10.55 -69.82
C THR D 857 -18.88 9.14 -69.95
N CYS D 858 -19.78 8.16 -70.10
CA CYS D 858 -19.40 6.77 -70.21
C CYS D 858 -19.79 6.24 -71.59
N THR D 859 -18.83 5.63 -72.27
CA THR D 859 -19.02 5.06 -73.60
C THR D 859 -18.95 3.55 -73.52
N CYS D 860 -19.89 2.87 -74.16
CA CYS D 860 -19.88 1.41 -74.20
C CYS D 860 -18.80 0.91 -75.14
N ASP D 861 -18.07 -0.11 -74.71
CA ASP D 861 -17.00 -0.68 -75.51
C ASP D 861 -16.73 -2.09 -75.02
N SER D 862 -17.06 -3.09 -75.85
CA SER D 862 -16.81 -4.51 -75.58
C SER D 862 -17.25 -4.90 -74.16
N ARG D 863 -18.53 -4.67 -73.89
CA ARG D 863 -19.23 -5.01 -72.65
C ARG D 863 -18.84 -4.10 -71.49
N MET D 864 -17.87 -3.20 -71.67
CA MET D 864 -17.38 -2.39 -70.57
C MET D 864 -17.82 -0.94 -70.77
N TRP D 865 -17.76 -0.18 -69.68
CA TRP D 865 -18.04 1.26 -69.72
C TRP D 865 -16.75 2.03 -69.51
N ARG D 866 -16.41 2.90 -70.45
CA ARG D 866 -15.24 3.76 -70.35
CA ARG D 866 -15.24 3.76 -70.35
C ARG D 866 -15.72 5.14 -69.91
N CYS D 867 -15.32 5.54 -68.71
CA CYS D 867 -15.78 6.78 -68.11
C CYS D 867 -14.60 7.67 -67.75
N THR D 868 -14.76 8.97 -67.96
CA THR D 868 -13.78 9.93 -67.48
C THR D 868 -13.80 10.01 -65.95
N ASP D 869 -12.74 10.57 -65.39
CA ASP D 869 -12.57 10.62 -63.95
C ASP D 869 -12.53 12.07 -63.44
N ASP D 870 -13.44 12.89 -63.93
CA ASP D 870 -13.52 14.28 -63.50
C ASP D 870 -14.35 14.38 -62.21
N PRO D 871 -13.78 14.82 -61.10
CA PRO D 871 -14.59 15.05 -59.90
C PRO D 871 -15.52 16.23 -60.09
N CYS D 872 -16.64 16.19 -59.37
CA CYS D 872 -17.61 17.29 -59.42
C CYS D 872 -18.37 17.33 -58.10
N LEU D 873 -19.48 18.07 -58.09
CA LEU D 873 -20.15 18.46 -56.87
C LEU D 873 -20.86 17.29 -56.19
N ALA D 874 -21.25 17.52 -54.94
CA ALA D 874 -22.12 16.64 -54.19
C ALA D 874 -23.27 17.45 -53.63
N THR D 875 -24.44 16.82 -53.54
CA THR D 875 -25.67 17.51 -53.15
C THR D 875 -26.16 16.96 -51.81
N CYS D 876 -26.36 17.86 -50.86
CA CYS D 876 -27.03 17.56 -49.59
C CYS D 876 -28.45 18.08 -49.68
N ALA D 877 -29.42 17.20 -49.44
CA ALA D 877 -30.83 17.53 -49.61
C ALA D 877 -31.54 17.44 -48.27
N VAL D 878 -32.17 18.54 -47.85
CA VAL D 878 -32.97 18.57 -46.63
C VAL D 878 -34.38 18.98 -47.02
N TYR D 879 -35.37 18.18 -46.62
CA TYR D 879 -36.74 18.51 -46.99
C TYR D 879 -37.70 17.87 -46.00
N GLY D 880 -38.95 18.34 -46.05
CA GLY D 880 -40.04 17.77 -45.29
C GLY D 880 -39.85 17.92 -43.79
N ASP D 881 -40.37 16.96 -43.05
CA ASP D 881 -40.27 16.94 -41.59
C ASP D 881 -38.92 16.33 -41.19
N GLY D 882 -37.86 17.09 -41.47
CA GLY D 882 -36.53 16.69 -41.10
C GLY D 882 -35.98 15.46 -41.80
N HIS D 883 -36.17 15.38 -43.11
CA HIS D 883 -35.58 14.31 -43.92
C HIS D 883 -34.29 14.82 -44.53
N TYR D 884 -33.17 14.18 -44.17
CA TYR D 884 -31.84 14.63 -44.57
C TYR D 884 -31.16 13.56 -45.41
N LEU D 885 -30.44 14.01 -46.43
CA LEU D 885 -29.55 13.17 -47.24
C LEU D 885 -28.24 13.92 -47.37
N THR D 886 -27.16 13.33 -46.86
CA THR D 886 -25.88 14.03 -46.77
C THR D 886 -25.15 14.01 -48.10
N PHE D 887 -23.96 14.62 -48.12
CA PHE D 887 -23.14 14.64 -49.33
C PHE D 887 -22.73 13.24 -49.74
N ASP D 888 -22.40 12.39 -48.76
CA ASP D 888 -21.90 11.05 -49.04
C ASP D 888 -23.01 10.03 -49.20
N GLY D 889 -24.27 10.45 -49.17
CA GLY D 889 -25.39 9.56 -49.41
C GLY D 889 -26.03 8.96 -48.17
N GLN D 890 -25.73 9.48 -46.97
CA GLN D 890 -26.34 8.98 -45.76
C GLN D 890 -27.72 9.62 -45.59
N SER D 891 -28.76 8.79 -45.61
CA SER D 891 -30.13 9.26 -45.47
C SER D 891 -30.61 8.99 -44.06
N TYR D 892 -31.24 9.99 -43.44
CA TYR D 892 -31.74 9.84 -42.09
C TYR D 892 -32.87 10.84 -41.85
N SER D 893 -33.47 10.73 -40.68
CA SER D 893 -34.55 11.62 -40.25
C SER D 893 -34.22 12.16 -38.87
N PHE D 894 -34.24 13.49 -38.75
CA PHE D 894 -33.96 14.16 -37.49
C PHE D 894 -34.96 15.29 -37.30
N ASN D 895 -35.48 15.42 -36.09
CA ASN D 895 -36.48 16.43 -35.74
CA ASN D 895 -36.48 16.44 -35.75
C ASN D 895 -35.93 17.29 -34.61
N GLY D 896 -35.20 18.34 -34.95
CA GLY D 896 -34.62 19.25 -33.99
C GLY D 896 -35.30 20.62 -34.05
N ASP D 897 -35.59 21.18 -32.88
CA ASP D 897 -36.36 22.41 -32.79
C ASP D 897 -35.51 23.67 -32.94
N CYS D 898 -34.21 23.57 -32.73
CA CYS D 898 -33.34 24.75 -32.67
C CYS D 898 -32.78 25.05 -34.06
N GLU D 899 -31.80 25.95 -34.11
CA GLU D 899 -31.04 26.21 -35.33
C GLU D 899 -29.86 25.27 -35.38
N TYR D 900 -29.64 24.68 -36.56
CA TYR D 900 -28.63 23.64 -36.72
C TYR D 900 -27.69 23.99 -37.87
N THR D 901 -26.42 23.70 -37.68
CA THR D 901 -25.41 23.95 -38.71
C THR D 901 -25.57 22.89 -39.81
N LEU D 902 -26.15 23.30 -40.94
CA LEU D 902 -26.26 22.38 -42.07
C LEU D 902 -24.89 22.04 -42.63
N VAL D 903 -24.07 23.06 -42.88
CA VAL D 903 -22.72 22.83 -43.39
C VAL D 903 -21.84 24.00 -43.01
N GLN D 904 -20.55 23.72 -42.81
CA GLN D 904 -19.57 24.76 -42.54
C GLN D 904 -18.18 24.18 -42.77
N ASN D 905 -17.25 25.03 -43.16
CA ASN D 905 -15.86 24.65 -43.29
C ASN D 905 -15.08 25.13 -42.06
N HIS D 906 -13.76 24.90 -42.08
CA HIS D 906 -12.89 25.21 -40.96
C HIS D 906 -13.37 24.52 -39.68
N CYS D 907 -13.51 23.20 -39.77
CA CYS D 907 -13.95 22.38 -38.66
C CYS D 907 -12.76 21.82 -37.87
N GLY D 908 -11.86 21.11 -38.55
CA GLY D 908 -10.64 20.62 -37.95
C GLY D 908 -9.48 21.52 -38.31
N GLY D 909 -8.83 22.07 -37.29
CA GLY D 909 -7.77 23.03 -37.46
C GLY D 909 -8.25 24.47 -37.57
N LYS D 910 -9.43 24.69 -38.15
CA LYS D 910 -10.10 25.98 -38.25
C LYS D 910 -9.33 27.00 -39.08
N ASP D 911 -8.28 26.58 -39.79
CA ASP D 911 -7.54 27.48 -40.65
C ASP D 911 -7.65 27.08 -42.12
N SER D 912 -7.26 25.86 -42.47
CA SER D 912 -7.33 25.31 -43.82
C SER D 912 -6.96 26.33 -44.89
N THR D 913 -7.90 26.64 -45.78
CA THR D 913 -7.72 27.64 -46.82
C THR D 913 -9.10 28.23 -47.12
N GLN D 914 -9.21 28.93 -48.25
CA GLN D 914 -10.47 29.51 -48.70
C GLN D 914 -11.02 30.52 -47.70
N ASP D 915 -12.28 30.89 -47.85
CA ASP D 915 -12.96 31.78 -46.92
C ASP D 915 -14.05 31.00 -46.19
N SER D 916 -14.22 31.30 -44.91
CA SER D 916 -15.16 30.56 -44.07
C SER D 916 -16.59 30.81 -44.54
N PHE D 917 -17.35 29.73 -44.68
CA PHE D 917 -18.77 29.80 -45.01
C PHE D 917 -19.54 28.93 -44.04
N ARG D 918 -20.83 29.24 -43.89
CA ARG D 918 -21.66 28.53 -42.91
C ARG D 918 -23.11 28.62 -43.35
N VAL D 919 -23.69 27.50 -43.75
CA VAL D 919 -25.11 27.40 -44.04
C VAL D 919 -25.79 26.76 -42.84
N VAL D 920 -26.75 27.47 -42.26
CA VAL D 920 -27.42 27.07 -41.03
C VAL D 920 -28.92 27.04 -41.28
N THR D 921 -29.57 25.97 -40.84
CA THR D 921 -31.01 25.85 -40.95
C THR D 921 -31.69 26.28 -39.67
N GLU D 922 -32.83 26.94 -39.80
CA GLU D 922 -33.67 27.31 -38.68
C GLU D 922 -34.95 26.50 -38.74
N ASN D 923 -35.29 25.83 -37.65
CA ASN D 923 -36.38 24.86 -37.64
C ASN D 923 -37.51 25.34 -36.74
N VAL D 924 -38.68 24.75 -36.94
CA VAL D 924 -39.88 25.11 -36.19
C VAL D 924 -40.78 23.87 -36.16
N PRO D 925 -41.48 23.59 -35.06
CA PRO D 925 -42.39 22.44 -35.06
C PRO D 925 -43.45 22.55 -36.14
N CYS D 926 -43.68 21.43 -36.83
CA CYS D 926 -44.66 21.34 -37.92
C CYS D 926 -45.46 20.07 -37.68
N GLY D 927 -46.53 20.18 -36.91
CA GLY D 927 -47.34 19.06 -36.50
C GLY D 927 -47.42 18.96 -34.99
N THR D 928 -48.07 17.88 -34.53
CA THR D 928 -48.24 17.64 -33.11
C THR D 928 -47.58 16.36 -32.61
N THR D 929 -47.05 15.53 -33.51
CA THR D 929 -46.42 14.27 -33.14
C THR D 929 -44.96 14.43 -32.73
N GLY D 930 -44.43 15.65 -32.75
CA GLY D 930 -43.03 15.88 -32.46
C GLY D 930 -42.16 16.11 -33.68
N THR D 931 -42.74 16.15 -34.87
CA THR D 931 -41.98 16.45 -36.07
C THR D 931 -41.68 17.94 -36.16
N THR D 932 -40.68 18.27 -36.97
CA THR D 932 -40.17 19.63 -37.08
C THR D 932 -39.68 19.87 -38.49
N CYS D 933 -40.02 21.03 -39.05
CA CYS D 933 -39.63 21.35 -40.41
C CYS D 933 -38.99 22.74 -40.46
N SER D 934 -38.23 22.98 -41.52
CA SER D 934 -37.46 24.21 -41.64
C SER D 934 -38.37 25.40 -41.95
N LYS D 935 -37.98 26.56 -41.42
CA LYS D 935 -38.65 27.83 -41.67
C LYS D 935 -37.77 28.83 -42.40
N ALA D 936 -36.49 28.93 -42.02
CA ALA D 936 -35.58 29.89 -42.63
C ALA D 936 -34.22 29.24 -42.82
N ILE D 937 -33.49 29.72 -43.84
CA ILE D 937 -32.15 29.23 -44.14
C ILE D 937 -31.21 30.42 -44.12
N LYS D 938 -30.17 30.34 -43.30
CA LYS D 938 -29.20 31.43 -43.15
C LYS D 938 -27.85 30.98 -43.70
N ILE D 939 -27.32 31.75 -44.64
CA ILE D 939 -26.03 31.48 -45.27
C ILE D 939 -25.09 32.60 -44.88
N PHE D 940 -24.04 32.27 -44.14
CA PHE D 940 -23.03 33.23 -43.71
C PHE D 940 -21.77 33.00 -44.55
N LEU D 941 -21.51 33.90 -45.49
CA LEU D 941 -20.36 33.79 -46.38
C LEU D 941 -19.57 35.08 -46.29
N GLY D 942 -18.28 34.95 -45.99
CA GLY D 942 -17.46 36.13 -45.79
C GLY D 942 -18.00 36.99 -44.67
N GLY D 943 -18.15 38.28 -44.95
CA GLY D 943 -18.75 39.19 -43.98
C GLY D 943 -20.20 39.47 -44.30
N PHE D 944 -20.81 38.61 -45.11
CA PHE D 944 -22.17 38.82 -45.59
C PHE D 944 -23.07 37.69 -45.12
N GLU D 945 -24.34 38.02 -44.91
CA GLU D 945 -25.33 37.05 -44.47
C GLU D 945 -26.56 37.15 -45.37
N LEU D 946 -27.03 35.99 -45.85
CA LEU D 946 -28.28 35.87 -46.57
C LEU D 946 -29.29 35.11 -45.71
N LYS D 947 -30.51 35.62 -45.63
CA LYS D 947 -31.58 34.97 -44.90
C LYS D 947 -32.73 34.70 -45.86
N LEU D 948 -32.92 33.43 -46.22
CA LEU D 948 -34.06 33.01 -47.03
C LEU D 948 -35.17 32.62 -46.07
N SER D 949 -36.19 33.46 -45.97
CA SER D 949 -37.28 33.22 -45.03
C SER D 949 -38.61 33.59 -45.68
N HIS D 950 -39.67 32.91 -45.25
CA HIS D 950 -40.98 33.04 -45.87
C HIS D 950 -40.89 32.71 -47.36
N GLY D 951 -40.73 33.73 -48.20
CA GLY D 951 -40.50 33.53 -49.61
C GLY D 951 -39.54 34.56 -50.16
N LYS D 952 -38.91 35.32 -49.25
CA LYS D 952 -38.04 36.42 -49.58
C LYS D 952 -36.63 36.17 -49.09
N VAL D 953 -35.72 37.03 -49.55
CA VAL D 953 -34.31 37.00 -49.19
C VAL D 953 -33.94 38.34 -48.57
N GLU D 954 -33.23 38.29 -47.44
CA GLU D 954 -32.70 39.48 -46.80
C GLU D 954 -31.17 39.42 -46.84
N VAL D 955 -30.56 40.50 -47.29
CA VAL D 955 -29.10 40.63 -47.31
C VAL D 955 -28.75 41.42 -46.05
N ILE D 956 -28.48 40.69 -44.95
CA ILE D 956 -28.17 41.35 -43.69
C ILE D 956 -26.86 42.12 -43.81
N GLY D 957 -25.88 41.55 -44.49
CA GLY D 957 -24.66 42.26 -44.83
C GLY D 957 -23.82 42.66 -43.62
N THR D 958 -23.07 43.74 -43.81
CA THR D 958 -22.20 44.27 -42.77
C THR D 958 -22.22 45.80 -42.79
N GLN D 962 -16.39 44.79 -49.00
CA GLN D 962 -16.15 44.40 -50.39
C GLN D 962 -17.47 44.33 -51.15
N GLU D 963 -17.46 43.55 -52.24
CA GLU D 963 -18.65 43.34 -53.04
C GLU D 963 -19.40 42.11 -52.54
N VAL D 964 -20.69 42.06 -52.87
CA VAL D 964 -21.54 40.94 -52.46
C VAL D 964 -21.20 39.72 -53.31
N PRO D 965 -20.70 38.63 -52.70
CA PRO D 965 -20.41 37.41 -53.44
C PRO D 965 -21.62 36.47 -53.55
N TYR D 966 -22.75 37.02 -53.98
CA TYR D 966 -23.97 36.26 -54.13
C TYR D 966 -24.59 36.54 -55.49
N THR D 967 -25.26 35.52 -56.03
CA THR D 967 -26.09 35.69 -57.22
C THR D 967 -27.41 34.97 -56.96
N ILE D 968 -28.49 35.73 -56.79
CA ILE D 968 -29.81 35.18 -56.52
C ILE D 968 -30.57 35.15 -57.84
N ARG D 969 -31.04 33.96 -58.22
CA ARG D 969 -31.72 33.77 -59.50
C ARG D 969 -32.94 32.89 -59.28
N GLN D 970 -34.11 33.39 -59.68
CA GLN D 970 -35.36 32.63 -59.56
C GLN D 970 -35.57 31.85 -60.85
N MET D 971 -35.40 30.52 -60.78
CA MET D 971 -35.65 29.65 -61.92
C MET D 971 -36.63 28.57 -61.49
N GLY D 972 -37.73 28.46 -62.23
CA GLY D 972 -38.78 27.53 -61.89
C GLY D 972 -39.35 27.82 -60.51
N ILE D 973 -39.69 26.75 -59.79
CA ILE D 973 -40.11 26.88 -58.40
C ILE D 973 -38.94 27.09 -57.46
N TYR D 974 -37.71 27.17 -57.98
CA TYR D 974 -36.52 27.21 -57.15
C TYR D 974 -35.89 28.60 -57.15
N LEU D 975 -35.32 28.95 -56.01
CA LEU D 975 -34.48 30.13 -55.85
C LEU D 975 -33.05 29.64 -55.68
N VAL D 976 -32.17 30.08 -56.58
CA VAL D 976 -30.80 29.59 -56.63
C VAL D 976 -29.87 30.69 -56.16
N VAL D 977 -29.14 30.40 -55.08
CA VAL D 977 -28.09 31.28 -54.58
C VAL D 977 -26.74 30.69 -55.00
N ASP D 978 -26.02 31.42 -55.84
CA ASP D 978 -24.73 30.98 -56.36
C ASP D 978 -23.63 31.83 -55.71
N THR D 979 -22.58 31.17 -55.24
CA THR D 979 -21.42 31.87 -54.70
C THR D 979 -20.20 31.59 -55.57
N ASP D 980 -19.22 32.49 -55.47
CA ASP D 980 -18.00 32.37 -56.25
C ASP D 980 -16.98 31.40 -55.64
N ILE D 981 -17.27 30.85 -54.46
CA ILE D 981 -16.37 29.89 -53.83
C ILE D 981 -16.69 28.46 -54.23
N GLY D 982 -17.74 28.23 -55.00
CA GLY D 982 -18.16 26.90 -55.38
C GLY D 982 -19.31 26.34 -54.58
N LEU D 983 -20.25 27.19 -54.14
CA LEU D 983 -21.39 26.76 -53.33
C LEU D 983 -22.67 27.20 -53.99
N VAL D 984 -23.57 26.26 -54.24
CA VAL D 984 -24.86 26.54 -54.86
C VAL D 984 -25.96 26.08 -53.91
N LEU D 985 -27.03 26.87 -53.81
CA LEU D 985 -28.16 26.51 -52.96
C LEU D 985 -29.44 26.63 -53.76
N LEU D 986 -30.20 25.53 -53.84
CA LEU D 986 -31.54 25.54 -54.38
C LEU D 986 -32.54 25.55 -53.23
N TRP D 987 -33.49 26.48 -53.27
CA TRP D 987 -34.48 26.61 -52.21
C TRP D 987 -35.87 26.61 -52.84
N ASP D 988 -36.69 25.62 -52.48
CA ASP D 988 -38.06 25.60 -52.98
C ASP D 988 -38.96 26.62 -52.30
N LYS D 989 -38.40 27.47 -51.45
CA LYS D 989 -39.04 28.59 -50.77
C LYS D 989 -40.01 28.16 -49.68
N LYS D 990 -40.25 26.88 -49.47
CA LYS D 990 -41.10 26.46 -48.35
C LYS D 990 -40.34 25.66 -47.30
N THR D 991 -39.80 24.50 -47.66
CA THR D 991 -39.08 23.68 -46.68
C THR D 991 -37.86 22.96 -47.24
N SER D 992 -37.57 23.05 -48.54
CA SER D 992 -36.58 22.20 -49.17
C SER D 992 -35.34 23.00 -49.51
N ILE D 993 -34.18 22.46 -49.14
CA ILE D 993 -32.89 23.04 -49.49
C ILE D 993 -32.01 21.96 -50.12
N PHE D 994 -31.30 22.34 -51.17
CA PHE D 994 -30.37 21.46 -51.87
C PHE D 994 -29.05 22.21 -51.99
N ILE D 995 -28.04 21.76 -51.25
CA ILE D 995 -26.74 22.42 -51.20
C ILE D 995 -25.78 21.63 -52.07
N ASN D 996 -25.29 22.26 -53.14
CA ASN D 996 -24.32 21.67 -54.04
C ASN D 996 -22.94 22.22 -53.71
N LEU D 997 -22.02 21.31 -53.38
CA LEU D 997 -20.66 21.66 -52.96
C LEU D 997 -19.66 21.13 -53.97
N SER D 998 -18.71 21.96 -54.37
CA SER D 998 -17.69 21.56 -55.32
C SER D 998 -16.76 20.53 -54.71
N PRO D 999 -16.11 19.72 -55.54
CA PRO D 999 -15.20 18.69 -55.00
C PRO D 999 -13.98 19.25 -54.29
N GLU D 1000 -13.71 20.55 -54.41
CA GLU D 1000 -12.59 21.16 -53.72
C GLU D 1000 -12.79 21.22 -52.21
N PHE D 1001 -14.00 20.94 -51.72
CA PHE D 1001 -14.31 20.98 -50.30
C PHE D 1001 -14.41 19.59 -49.68
N LYS D 1002 -13.86 18.57 -50.33
CA LYS D 1002 -13.94 17.22 -49.82
C LYS D 1002 -13.11 17.08 -48.55
N GLY D 1003 -13.73 16.56 -47.49
CA GLY D 1003 -13.04 16.37 -46.23
C GLY D 1003 -12.80 17.62 -45.43
N ARG D 1004 -13.36 18.75 -45.85
CA ARG D 1004 -13.14 20.03 -45.18
C ARG D 1004 -14.43 20.66 -44.68
N VAL D 1005 -15.50 19.88 -44.53
CA VAL D 1005 -16.79 20.40 -44.09
C VAL D 1005 -17.32 19.52 -42.96
N CYS D 1006 -18.30 20.05 -42.25
CA CYS D 1006 -18.94 19.34 -41.15
C CYS D 1006 -20.32 19.94 -40.90
N GLY D 1007 -21.14 19.22 -40.16
CA GLY D 1007 -22.48 19.63 -39.83
C GLY D 1007 -23.45 18.49 -40.02
N LEU D 1008 -24.73 18.83 -40.18
CA LEU D 1008 -25.76 17.83 -40.41
C LEU D 1008 -25.71 17.25 -41.81
N CYS D 1009 -24.90 17.80 -42.71
CA CYS D 1009 -24.78 17.32 -44.07
C CYS D 1009 -23.57 16.40 -44.27
N GLY D 1010 -22.94 15.97 -43.18
CA GLY D 1010 -21.78 15.11 -43.28
C GLY D 1010 -20.50 15.89 -43.51
N ASN D 1011 -19.45 15.15 -43.83
CA ASN D 1011 -18.12 15.72 -44.01
C ASN D 1011 -17.57 15.57 -45.42
N PHE D 1012 -18.31 14.95 -46.34
CA PHE D 1012 -17.94 14.90 -47.76
C PHE D 1012 -16.59 14.23 -47.96
N ASP D 1013 -16.53 12.94 -47.64
CA ASP D 1013 -15.34 12.13 -47.87
C ASP D 1013 -15.69 10.78 -48.48
N ASP D 1014 -16.84 10.70 -49.15
CA ASP D 1014 -17.33 9.52 -49.87
C ASP D 1014 -17.75 8.38 -48.94
N ILE D 1015 -17.61 8.53 -47.63
CA ILE D 1015 -17.99 7.52 -46.66
C ILE D 1015 -19.24 7.99 -45.94
N ALA D 1016 -20.27 7.14 -45.89
CA ALA D 1016 -21.56 7.53 -45.33
C ALA D 1016 -21.72 7.15 -43.87
N VAL D 1017 -21.04 6.11 -43.41
CA VAL D 1017 -21.23 5.65 -42.04
C VAL D 1017 -20.68 6.67 -41.04
N ASN D 1018 -19.57 7.32 -41.38
CA ASN D 1018 -18.97 8.29 -40.48
C ASN D 1018 -19.58 9.68 -40.60
N ASP D 1019 -20.63 9.84 -41.39
CA ASP D 1019 -21.30 11.14 -41.48
C ASP D 1019 -22.03 11.50 -40.20
N PHE D 1020 -22.30 10.53 -39.34
CA PHE D 1020 -22.92 10.80 -38.05
C PHE D 1020 -21.87 11.23 -37.03
N ALA D 1021 -21.07 12.23 -37.37
CA ALA D 1021 -20.02 12.74 -36.50
C ALA D 1021 -20.56 13.94 -35.74
N THR D 1022 -20.56 13.85 -34.41
CA THR D 1022 -21.07 14.92 -33.57
C THR D 1022 -20.13 16.12 -33.61
N ARG D 1023 -20.55 17.20 -32.94
CA ARG D 1023 -19.70 18.39 -32.83
C ARG D 1023 -18.45 18.11 -32.01
N SER D 1024 -18.46 17.07 -31.19
CA SER D 1024 -17.28 16.63 -30.44
C SER D 1024 -16.33 15.79 -31.28
N ARG D 1025 -16.61 15.66 -32.59
CA ARG D 1025 -15.74 14.94 -33.52
C ARG D 1025 -15.66 13.46 -33.20
N SER D 1026 -16.80 12.85 -32.86
CA SER D 1026 -16.90 11.42 -32.61
C SER D 1026 -18.13 10.89 -33.33
N VAL D 1027 -17.94 9.81 -34.10
CA VAL D 1027 -19.05 9.20 -34.83
C VAL D 1027 -19.87 8.37 -33.86
N VAL D 1028 -21.18 8.63 -33.83
CA VAL D 1028 -22.10 7.94 -32.93
C VAL D 1028 -23.13 7.19 -33.77
N GLY D 1029 -23.84 6.29 -33.12
CA GLY D 1029 -24.87 5.51 -33.79
C GLY D 1029 -26.26 6.10 -33.60
N ASP D 1030 -26.45 6.85 -32.53
CA ASP D 1030 -27.74 7.49 -32.25
C ASP D 1030 -27.89 8.72 -33.13
N VAL D 1031 -28.96 8.76 -33.92
CA VAL D 1031 -29.23 9.91 -34.77
C VAL D 1031 -29.59 11.12 -33.91
N LEU D 1032 -30.31 10.89 -32.82
CA LEU D 1032 -30.73 11.99 -31.95
C LEU D 1032 -29.53 12.72 -31.37
N GLU D 1033 -28.54 11.97 -30.87
CA GLU D 1033 -27.35 12.60 -30.29
C GLU D 1033 -26.57 13.39 -31.33
N PHE D 1034 -26.39 12.80 -32.52
CA PHE D 1034 -25.65 13.48 -33.58
C PHE D 1034 -26.36 14.76 -34.01
N GLY D 1035 -27.69 14.71 -34.13
CA GLY D 1035 -28.43 15.90 -34.50
C GLY D 1035 -28.38 16.97 -33.41
N ASN D 1036 -28.56 16.56 -32.14
CA ASN D 1036 -28.60 17.51 -31.05
C ASN D 1036 -27.25 18.15 -30.79
N SER D 1037 -26.16 17.46 -31.15
CA SER D 1037 -24.84 18.03 -30.95
C SER D 1037 -24.55 19.21 -31.88
N TRP D 1038 -25.34 19.38 -32.94
CA TRP D 1038 -25.08 20.42 -33.94
C TRP D 1038 -26.00 21.62 -33.81
N LYS D 1039 -26.74 21.74 -32.71
CA LYS D 1039 -27.54 22.94 -32.47
C LYS D 1039 -26.63 24.13 -32.21
N LEU D 1040 -27.06 25.31 -32.70
CA LEU D 1040 -26.25 26.51 -32.54
C LEU D 1040 -26.14 26.92 -31.08
N SER D 1041 -27.28 27.02 -30.38
CA SER D 1041 -27.29 27.49 -29.00
C SER D 1041 -27.23 26.31 -28.05
N PRO D 1042 -26.18 26.21 -27.21
CA PRO D 1042 -26.13 25.10 -26.25
C PRO D 1042 -27.27 25.11 -25.24
N SER D 1043 -27.89 26.25 -24.99
CA SER D 1043 -28.97 26.33 -24.02
C SER D 1043 -30.32 25.87 -24.57
N CYS D 1044 -30.41 25.62 -25.88
CA CYS D 1044 -31.65 25.14 -26.45
C CYS D 1044 -31.93 23.71 -26.00
N PRO D 1045 -33.17 23.38 -25.64
CA PRO D 1045 -33.48 22.02 -25.19
C PRO D 1045 -33.18 20.99 -26.27
N ASP D 1046 -32.69 19.83 -25.82
CA ASP D 1046 -32.39 18.74 -26.75
C ASP D 1046 -33.66 18.10 -27.27
N ALA D 1047 -33.61 17.66 -28.52
CA ALA D 1047 -34.75 17.02 -29.16
C ALA D 1047 -34.93 15.58 -28.66
N LEU D 1048 -36.16 15.12 -28.68
CA LEU D 1048 -36.51 13.75 -28.29
C LEU D 1048 -37.06 12.99 -29.48
N ALA D 1049 -37.12 11.68 -29.33
CA ALA D 1049 -37.62 10.82 -30.41
C ALA D 1049 -39.11 11.06 -30.59
N PRO D 1050 -39.58 11.41 -31.78
CA PRO D 1050 -41.01 11.67 -31.99
C PRO D 1050 -41.81 10.38 -32.06
N LYS D 1051 -43.13 10.55 -31.86
CA LYS D 1051 -44.05 9.43 -32.00
C LYS D 1051 -44.19 9.06 -33.47
N ASP D 1052 -44.61 7.81 -33.70
CA ASP D 1052 -44.87 7.37 -35.07
C ASP D 1052 -46.09 8.11 -35.59
N PRO D 1053 -45.96 8.87 -36.69
CA PRO D 1053 -47.10 9.70 -37.14
C PRO D 1053 -48.33 8.88 -37.54
N CYS D 1054 -48.15 7.84 -38.34
CA CYS D 1054 -49.29 7.04 -38.78
C CYS D 1054 -49.88 6.20 -37.65
N THR D 1055 -49.14 6.00 -36.56
CA THR D 1055 -49.67 5.33 -35.38
C THR D 1055 -50.39 6.31 -34.45
N ALA D 1056 -49.82 7.50 -34.27
CA ALA D 1056 -50.47 8.51 -33.44
C ALA D 1056 -51.68 9.12 -34.15
N ASN D 1057 -51.70 9.09 -35.48
CA ASN D 1057 -52.79 9.63 -36.27
C ASN D 1057 -53.25 8.59 -37.28
N PRO D 1058 -53.90 7.52 -36.82
CA PRO D 1058 -54.34 6.47 -37.75
C PRO D 1058 -55.41 6.94 -38.73
N PHE D 1059 -56.27 7.86 -38.32
CA PHE D 1059 -57.40 8.28 -39.16
C PHE D 1059 -56.92 8.97 -40.44
N ARG D 1060 -55.67 9.41 -40.49
CA ARG D 1060 -55.10 9.99 -41.70
C ARG D 1060 -54.36 8.98 -42.55
N LYS D 1061 -53.96 7.84 -41.97
CA LYS D 1061 -53.02 6.93 -42.63
C LYS D 1061 -53.49 6.56 -44.02
N SER D 1062 -54.74 6.11 -44.13
CA SER D 1062 -55.28 5.71 -45.43
C SER D 1062 -55.08 6.81 -46.47
N TRP D 1063 -55.49 8.04 -46.12
CA TRP D 1063 -55.33 9.15 -47.05
C TRP D 1063 -53.87 9.27 -47.50
N ALA D 1064 -52.94 9.20 -46.55
CA ALA D 1064 -51.53 9.24 -46.89
C ALA D 1064 -51.19 8.15 -47.89
N GLN D 1065 -51.58 6.91 -47.59
CA GLN D 1065 -51.27 5.80 -48.48
C GLN D 1065 -51.97 5.96 -49.81
N LYS D 1066 -53.11 6.65 -49.84
CA LYS D 1066 -53.79 6.88 -51.10
C LYS D 1066 -53.17 8.03 -51.88
N GLN D 1067 -52.51 8.95 -51.19
CA GLN D 1067 -51.94 10.12 -51.88
C GLN D 1067 -50.52 9.86 -52.37
N CYS D 1068 -49.70 9.20 -51.56
CA CYS D 1068 -48.30 8.97 -51.93
C CYS D 1068 -48.14 7.82 -52.91
N SER D 1069 -49.19 7.05 -53.18
CA SER D 1069 -49.13 5.99 -54.16
C SER D 1069 -48.85 6.50 -55.57
N ILE D 1070 -48.85 7.82 -55.77
CA ILE D 1070 -48.41 8.40 -57.04
C ILE D 1070 -46.95 8.03 -57.29
N LEU D 1071 -46.15 7.88 -56.23
CA LEU D 1071 -44.74 7.54 -56.37
C LEU D 1071 -44.54 6.10 -56.82
N HIS D 1072 -45.58 5.27 -56.79
CA HIS D 1072 -45.49 3.88 -57.23
C HIS D 1072 -46.29 3.59 -58.49
N GLY D 1073 -47.09 4.54 -58.96
CA GLY D 1073 -47.94 4.32 -60.10
C GLY D 1073 -47.25 4.61 -61.42
N PRO D 1074 -48.03 4.70 -62.50
CA PRO D 1074 -47.44 4.95 -63.83
C PRO D 1074 -46.93 6.36 -64.02
N THR D 1075 -47.19 7.27 -63.08
CA THR D 1075 -46.71 8.65 -63.23
C THR D 1075 -45.19 8.70 -63.23
N PHE D 1076 -44.55 7.96 -62.32
CA PHE D 1076 -43.10 7.94 -62.20
C PHE D 1076 -42.50 6.63 -62.67
N ALA D 1077 -43.24 5.87 -63.49
CA ALA D 1077 -42.78 4.54 -63.89
C ALA D 1077 -41.45 4.59 -64.63
N ALA D 1078 -41.26 5.63 -65.45
CA ALA D 1078 -40.01 5.76 -66.18
C ALA D 1078 -38.82 6.06 -65.28
N CYS D 1079 -39.07 6.59 -64.09
CA CYS D 1079 -37.99 6.97 -63.18
C CYS D 1079 -37.62 5.87 -62.19
N HIS D 1080 -38.44 4.83 -62.07
CA HIS D 1080 -38.18 3.80 -61.06
C HIS D 1080 -36.87 3.07 -61.32
N ALA D 1081 -36.40 3.03 -62.57
CA ALA D 1081 -35.14 2.40 -62.88
C ALA D 1081 -33.93 3.30 -62.61
N HIS D 1082 -34.14 4.59 -62.35
CA HIS D 1082 -33.05 5.53 -62.15
C HIS D 1082 -33.00 6.12 -60.75
N VAL D 1083 -34.11 6.23 -60.05
CA VAL D 1083 -34.15 6.68 -58.66
C VAL D 1083 -35.05 5.74 -57.87
N GLU D 1084 -34.53 5.20 -56.79
CA GLU D 1084 -35.31 4.29 -55.95
C GLU D 1084 -36.31 5.10 -55.13
N PRO D 1085 -37.61 4.82 -55.25
CA PRO D 1085 -38.63 5.63 -54.56
C PRO D 1085 -39.00 5.16 -53.16
N ALA D 1086 -38.27 4.20 -52.58
CA ALA D 1086 -38.67 3.65 -51.29
C ALA D 1086 -38.61 4.69 -50.18
N ARG D 1087 -37.47 5.37 -50.03
CA ARG D 1087 -37.34 6.35 -48.97
CA ARG D 1087 -37.34 6.35 -48.98
C ARG D 1087 -38.23 7.57 -49.23
N TYR D 1088 -38.40 7.95 -50.50
CA TYR D 1088 -39.28 9.07 -50.81
C TYR D 1088 -40.74 8.74 -50.47
N TYR D 1089 -41.16 7.50 -50.78
CA TYR D 1089 -42.51 7.10 -50.42
C TYR D 1089 -42.69 7.05 -48.90
N GLU D 1090 -41.70 6.53 -48.18
CA GLU D 1090 -41.78 6.50 -46.73
C GLU D 1090 -41.87 7.89 -46.15
N ALA D 1091 -41.04 8.82 -46.63
CA ALA D 1091 -41.09 10.19 -46.17
C ALA D 1091 -42.42 10.84 -46.50
N CYS D 1092 -42.96 10.57 -47.69
CA CYS D 1092 -44.25 11.13 -48.07
C CYS D 1092 -45.34 10.66 -47.13
N VAL D 1093 -45.40 9.35 -46.86
CA VAL D 1093 -46.43 8.80 -45.99
C VAL D 1093 -46.29 9.36 -44.58
N ASN D 1094 -45.06 9.41 -44.07
CA ASN D 1094 -44.84 9.91 -42.72
C ASN D 1094 -45.21 11.38 -42.59
N ASP D 1095 -44.83 12.20 -43.58
CA ASP D 1095 -45.18 13.61 -43.55
C ASP D 1095 -46.68 13.82 -43.64
N ALA D 1096 -47.36 13.08 -44.52
CA ALA D 1096 -48.81 13.20 -44.64
C ALA D 1096 -49.50 12.79 -43.36
N CYS D 1097 -48.98 11.76 -42.69
CA CYS D 1097 -49.54 11.37 -41.39
C CYS D 1097 -49.29 12.44 -40.33
N ALA D 1098 -48.12 13.08 -40.37
CA ALA D 1098 -47.74 14.05 -39.35
C ALA D 1098 -48.14 15.49 -39.69
N CYS D 1099 -48.65 15.74 -40.90
CA CYS D 1099 -49.06 17.09 -41.28
C CYS D 1099 -50.47 17.37 -40.79
N ASP D 1100 -50.69 17.21 -39.48
CA ASP D 1100 -52.02 17.25 -38.90
C ASP D 1100 -52.39 18.60 -38.30
N SER D 1101 -51.52 19.60 -38.40
CA SER D 1101 -51.80 20.92 -37.83
C SER D 1101 -52.17 21.95 -38.90
N GLY D 1102 -52.39 21.52 -40.14
CA GLY D 1102 -52.76 22.44 -41.19
C GLY D 1102 -51.77 22.47 -42.34
N GLY D 1103 -52.24 22.18 -43.55
CA GLY D 1103 -51.39 22.23 -44.72
C GLY D 1103 -50.92 20.89 -45.22
N ASP D 1104 -51.82 19.91 -45.29
CA ASP D 1104 -51.45 18.58 -45.79
C ASP D 1104 -50.94 18.63 -47.23
N CYS D 1105 -51.56 19.48 -48.06
CA CYS D 1105 -51.17 19.53 -49.46
C CYS D 1105 -49.75 20.04 -49.64
N GLU D 1106 -49.32 20.98 -48.80
CA GLU D 1106 -47.94 21.44 -48.87
C GLU D 1106 -46.96 20.33 -48.51
N CYS D 1107 -47.27 19.57 -47.46
CA CYS D 1107 -46.42 18.44 -47.08
C CYS D 1107 -46.33 17.43 -48.21
N PHE D 1108 -47.48 17.06 -48.79
CA PHE D 1108 -47.51 16.07 -49.87
C PHE D 1108 -46.76 16.57 -51.09
N CYS D 1109 -46.95 17.85 -51.45
CA CYS D 1109 -46.30 18.41 -52.63
C CYS D 1109 -44.78 18.48 -52.44
N THR D 1110 -44.32 18.85 -51.25
CA THR D 1110 -42.89 18.86 -51.00
C THR D 1110 -42.31 17.45 -51.08
N ALA D 1111 -43.01 16.48 -50.48
CA ALA D 1111 -42.52 15.11 -50.51
C ALA D 1111 -42.44 14.57 -51.93
N VAL D 1112 -43.45 14.83 -52.76
CA VAL D 1112 -43.41 14.35 -54.14
C VAL D 1112 -42.39 15.13 -54.96
N ALA D 1113 -42.24 16.43 -54.70
CA ALA D 1113 -41.30 17.24 -55.46
C ALA D 1113 -39.85 16.87 -55.16
N ALA D 1114 -39.59 16.32 -53.97
CA ALA D 1114 -38.25 15.80 -53.71
C ALA D 1114 -37.89 14.69 -54.70
N TYR D 1115 -38.79 13.70 -54.85
CA TYR D 1115 -38.56 12.63 -55.82
C TYR D 1115 -38.57 13.17 -57.25
N ALA D 1116 -39.41 14.16 -57.53
CA ALA D 1116 -39.43 14.74 -58.87
C ALA D 1116 -38.11 15.41 -59.20
N GLN D 1117 -37.53 16.14 -58.25
CA GLN D 1117 -36.22 16.74 -58.47
C GLN D 1117 -35.13 15.69 -58.61
N ALA D 1118 -35.22 14.61 -57.82
CA ALA D 1118 -34.26 13.52 -57.97
C ALA D 1118 -34.33 12.91 -59.36
N CYS D 1119 -35.55 12.74 -59.89
CA CYS D 1119 -35.72 12.24 -61.26
C CYS D 1119 -35.18 13.23 -62.29
N HIS D 1120 -35.45 14.52 -62.09
CA HIS D 1120 -35.02 15.52 -63.04
C HIS D 1120 -33.50 15.67 -63.08
N GLU D 1121 -32.82 15.44 -61.95
CA GLU D 1121 -31.38 15.61 -61.91
C GLU D 1121 -30.66 14.64 -62.83
N VAL D 1122 -31.23 13.46 -63.05
CA VAL D 1122 -30.59 12.44 -63.88
C VAL D 1122 -31.15 12.45 -65.31
N GLY D 1123 -31.79 13.54 -65.72
CA GLY D 1123 -32.20 13.71 -67.10
C GLY D 1123 -33.54 13.15 -67.48
N LEU D 1124 -34.44 12.94 -66.52
CA LEU D 1124 -35.78 12.44 -66.80
C LEU D 1124 -36.77 13.59 -66.63
N CYS D 1125 -37.38 14.02 -67.73
CA CYS D 1125 -38.36 15.10 -67.72
C CYS D 1125 -39.74 14.49 -67.56
N VAL D 1126 -40.08 14.17 -66.32
CA VAL D 1126 -41.37 13.57 -65.99
C VAL D 1126 -42.32 14.66 -65.53
N SER D 1127 -43.51 14.69 -66.13
CA SER D 1127 -44.55 15.64 -65.78
C SER D 1127 -45.53 14.97 -64.82
N TRP D 1128 -45.70 15.56 -63.63
CA TRP D 1128 -46.56 14.97 -62.60
C TRP D 1128 -47.60 15.92 -62.04
N ARG D 1129 -47.46 17.23 -62.24
CA ARG D 1129 -48.41 18.19 -61.68
C ARG D 1129 -49.62 18.29 -62.58
N THR D 1130 -50.76 17.87 -62.07
CA THR D 1130 -52.07 18.04 -62.69
C THR D 1130 -52.85 19.11 -61.93
N PRO D 1131 -53.96 19.60 -62.50
CA PRO D 1131 -54.77 20.58 -61.76
C PRO D 1131 -55.27 20.08 -60.43
N SER D 1132 -55.28 18.78 -60.19
CA SER D 1132 -55.66 18.23 -58.89
C SER D 1132 -54.46 17.85 -58.03
N ILE D 1133 -53.29 17.67 -58.61
CA ILE D 1133 -52.10 17.23 -57.90
C ILE D 1133 -51.07 18.35 -58.01
N CYS D 1134 -50.93 19.15 -56.95
CA CYS D 1134 -49.93 20.20 -56.86
C CYS D 1134 -49.91 21.12 -58.08
N PRO D 1135 -50.98 21.87 -58.32
CA PRO D 1135 -51.00 22.77 -59.47
C PRO D 1135 -50.06 23.95 -59.29
N LEU D 1136 -49.59 24.49 -60.40
CA LEU D 1136 -48.76 25.69 -60.43
C LEU D 1136 -49.47 26.76 -61.22
N PHE D 1137 -49.54 27.97 -60.68
CA PHE D 1137 -50.27 29.06 -61.32
C PHE D 1137 -49.31 29.87 -62.19
N CYS D 1138 -48.97 29.28 -63.34
CA CYS D 1138 -48.09 29.96 -64.29
C CYS D 1138 -48.75 31.21 -64.85
N ASP D 1139 -50.05 31.12 -65.16
CA ASP D 1139 -50.76 32.24 -65.75
C ASP D 1139 -50.80 33.46 -64.83
N TYR D 1140 -50.53 33.27 -63.54
CA TYR D 1140 -50.42 34.40 -62.63
C TYR D 1140 -49.33 35.36 -63.06
N TYR D 1141 -48.30 34.87 -63.73
CA TYR D 1141 -47.17 35.70 -64.14
C TYR D 1141 -47.36 36.33 -65.52
N ASN D 1142 -48.44 36.00 -66.21
CA ASN D 1142 -48.68 36.58 -67.53
C ASN D 1142 -49.14 38.03 -67.38
N PRO D 1143 -48.48 38.98 -68.04
CA PRO D 1143 -48.97 40.37 -68.03
C PRO D 1143 -50.29 40.48 -68.77
N GLU D 1144 -50.88 41.67 -68.69
CA GLU D 1144 -52.17 41.92 -69.32
C GLU D 1144 -52.07 41.72 -70.83
N GLY D 1145 -52.91 40.83 -71.35
CA GLY D 1145 -52.88 40.54 -72.77
C GLY D 1145 -51.64 39.84 -73.26
N GLN D 1146 -51.07 38.95 -72.44
CA GLN D 1146 -49.87 38.21 -72.81
C GLN D 1146 -50.01 36.75 -72.39
N CYS D 1147 -49.27 35.88 -73.06
CA CYS D 1147 -49.24 34.46 -72.73
C CYS D 1147 -47.83 33.94 -73.07
N GLU D 1148 -46.97 33.93 -72.08
CA GLU D 1148 -45.59 33.50 -72.28
C GLU D 1148 -45.14 32.42 -71.29
N TRP D 1149 -45.61 32.46 -70.06
CA TRP D 1149 -45.11 31.58 -69.02
C TRP D 1149 -45.72 30.18 -69.17
N HIS D 1150 -44.85 29.18 -69.20
CA HIS D 1150 -45.26 27.78 -69.36
C HIS D 1150 -44.52 26.92 -68.36
N TYR D 1151 -45.17 25.84 -67.94
CA TYR D 1151 -44.55 24.90 -67.00
C TYR D 1151 -43.52 24.05 -67.73
N GLN D 1152 -42.33 23.94 -67.14
CA GLN D 1152 -41.24 23.12 -67.67
C GLN D 1152 -40.80 22.13 -66.59
N PRO D 1153 -40.83 20.82 -66.87
CA PRO D 1153 -40.41 19.83 -65.88
C PRO D 1153 -38.91 19.84 -65.65
N CYS D 1154 -38.14 19.87 -66.72
CA CYS D 1154 -36.68 19.98 -66.62
C CYS D 1154 -36.20 21.41 -66.68
N GLY D 1155 -37.10 22.37 -66.85
CA GLY D 1155 -36.72 23.76 -66.90
C GLY D 1155 -36.05 24.12 -68.20
N VAL D 1156 -35.60 25.36 -68.26
CA VAL D 1156 -34.83 25.88 -69.38
C VAL D 1156 -33.43 26.22 -68.86
N PRO D 1157 -32.44 25.37 -69.10
CA PRO D 1157 -31.09 25.63 -68.56
C PRO D 1157 -30.50 26.93 -69.06
N CYS D 1158 -30.45 27.12 -70.37
CA CYS D 1158 -29.98 28.37 -70.99
C CYS D 1158 -31.12 29.07 -71.72
N LEU D 1159 -31.75 29.98 -70.99
CA LEU D 1159 -32.78 30.88 -71.50
C LEU D 1159 -32.19 32.29 -71.58
N ARG D 1160 -32.47 32.98 -72.68
CA ARG D 1160 -31.89 34.30 -72.89
C ARG D 1160 -32.48 35.31 -71.90
N THR D 1161 -31.60 36.09 -71.27
CA THR D 1161 -32.01 37.10 -70.30
C THR D 1161 -30.98 38.22 -70.31
N CYS D 1162 -31.23 39.24 -69.48
CA CYS D 1162 -30.33 40.38 -69.42
C CYS D 1162 -28.96 39.99 -68.89
N ARG D 1163 -28.92 39.20 -67.81
CA ARG D 1163 -27.64 38.76 -67.27
C ARG D 1163 -26.97 37.69 -68.13
N ASN D 1164 -27.71 37.07 -69.05
CA ASN D 1164 -27.17 36.05 -69.95
C ASN D 1164 -27.63 36.37 -71.37
N PRO D 1165 -27.14 37.47 -71.95
CA PRO D 1165 -27.62 37.88 -73.28
C PRO D 1165 -27.33 36.86 -74.37
N ARG D 1166 -26.19 36.17 -74.28
CA ARG D 1166 -25.81 35.21 -75.31
C ARG D 1166 -26.54 33.88 -75.19
N GLY D 1167 -27.32 33.68 -74.12
CA GLY D 1167 -28.03 32.43 -73.93
C GLY D 1167 -27.10 31.29 -73.59
N ASP D 1168 -26.40 31.41 -72.46
CA ASP D 1168 -25.45 30.41 -72.01
C ASP D 1168 -26.03 29.63 -70.84
N CYS D 1169 -25.63 28.37 -70.71
CA CYS D 1169 -26.03 27.52 -69.60
C CYS D 1169 -24.86 26.71 -69.08
N LEU D 1170 -24.51 26.96 -67.83
CA LEU D 1170 -23.32 26.44 -67.15
C LEU D 1170 -23.54 25.06 -66.55
N ARG D 1171 -24.69 24.45 -66.75
CA ARG D 1171 -25.02 23.15 -66.13
C ARG D 1171 -25.00 23.36 -64.62
N ASP D 1172 -24.61 22.32 -63.88
CA ASP D 1172 -24.39 22.37 -62.43
C ASP D 1172 -25.70 22.48 -61.67
N VAL D 1173 -26.81 22.68 -62.40
CA VAL D 1173 -28.16 22.64 -61.86
C VAL D 1173 -29.06 22.03 -62.93
N ARG D 1174 -29.74 20.94 -62.60
CA ARG D 1174 -30.52 20.19 -63.59
C ARG D 1174 -31.96 20.00 -63.12
N GLY D 1175 -32.88 20.17 -64.06
CA GLY D 1175 -34.28 19.86 -63.84
C GLY D 1175 -34.97 20.69 -62.77
N LEU D 1176 -34.78 22.00 -62.81
CA LEU D 1176 -35.48 22.91 -61.90
C LEU D 1176 -36.84 23.23 -62.53
N GLU D 1177 -37.84 22.42 -62.18
CA GLU D 1177 -39.17 22.55 -62.75
C GLU D 1177 -39.83 23.84 -62.30
N GLY D 1178 -40.77 24.32 -63.11
CA GLY D 1178 -41.57 25.45 -62.73
C GLY D 1178 -41.97 26.27 -63.94
N CYS D 1179 -42.53 27.44 -63.67
CA CYS D 1179 -42.99 28.33 -64.73
C CYS D 1179 -41.80 29.11 -65.28
N TYR D 1180 -41.56 28.96 -66.59
CA TYR D 1180 -40.51 29.69 -67.29
C TYR D 1180 -41.12 30.52 -68.41
N PRO D 1181 -40.55 31.69 -68.71
CA PRO D 1181 -41.09 32.52 -69.78
C PRO D 1181 -40.60 32.09 -71.14
N LYS D 1182 -41.50 32.11 -72.12
CA LYS D 1182 -41.17 31.83 -73.51
C LYS D 1182 -41.32 33.15 -74.26
N CYS D 1183 -40.23 33.92 -74.30
CA CYS D 1183 -40.27 35.22 -74.94
C CYS D 1183 -40.49 35.08 -76.44
N PRO D 1184 -41.33 35.92 -77.03
CA PRO D 1184 -41.55 35.84 -78.48
C PRO D 1184 -40.36 36.40 -79.25
N PRO D 1185 -40.26 36.11 -80.55
CA PRO D 1185 -39.14 36.66 -81.33
C PRO D 1185 -39.09 38.17 -81.35
N GLU D 1186 -40.24 38.84 -81.21
CA GLU D 1186 -40.26 40.29 -81.19
C GLU D 1186 -39.47 40.85 -80.00
N ALA D 1187 -39.65 40.26 -78.83
CA ALA D 1187 -38.96 40.67 -77.60
C ALA D 1187 -38.34 39.43 -76.99
N PRO D 1188 -37.12 39.07 -77.40
CA PRO D 1188 -36.54 37.77 -77.03
C PRO D 1188 -35.68 37.74 -75.78
N ILE D 1189 -35.55 38.84 -75.05
CA ILE D 1189 -34.68 38.89 -73.87
C ILE D 1189 -35.56 39.10 -72.64
N PHE D 1190 -35.45 38.21 -71.66
CA PHE D 1190 -36.26 38.26 -70.46
C PHE D 1190 -35.55 39.08 -69.38
N ASP D 1191 -36.14 40.21 -69.01
CA ASP D 1191 -35.64 41.03 -67.91
C ASP D 1191 -36.31 40.57 -66.62
N GLU D 1192 -35.51 39.97 -65.73
CA GLU D 1192 -36.05 39.50 -64.46
C GLU D 1192 -36.46 40.66 -63.57
N ASP D 1193 -35.66 41.73 -63.55
CA ASP D 1193 -35.98 42.89 -62.71
C ASP D 1193 -37.31 43.50 -63.13
N LYS D 1194 -37.50 43.68 -64.44
CA LYS D 1194 -38.81 44.07 -64.96
C LYS D 1194 -39.75 42.88 -65.13
N MET D 1195 -39.21 41.66 -65.10
CA MET D 1195 -40.00 40.44 -65.26
C MET D 1195 -40.84 40.49 -66.53
N GLN D 1196 -40.21 40.90 -67.63
CA GLN D 1196 -40.93 41.10 -68.87
C GLN D 1196 -40.01 40.76 -70.05
N CYS D 1197 -40.63 40.43 -71.18
CA CYS D 1197 -39.89 40.17 -72.41
C CYS D 1197 -39.68 41.49 -73.15
N VAL D 1198 -38.42 41.82 -73.40
CA VAL D 1198 -38.03 43.06 -74.06
C VAL D 1198 -37.05 42.71 -75.19
N ALA D 1199 -36.89 43.66 -76.11
CA ALA D 1199 -35.98 43.47 -77.23
C ALA D 1199 -34.52 43.65 -76.82
N THR D 1200 -34.24 44.58 -75.92
CA THR D 1200 -32.88 44.82 -75.46
C THR D 1200 -32.92 45.37 -74.04
N CYS D 1201 -31.94 44.98 -73.24
CA CYS D 1201 -31.86 45.41 -71.84
C CYS D 1201 -31.07 46.71 -71.72
CA CA E . 27.17 135.53 35.57
CA CA F . 37.53 75.05 42.60
CU CU G . 30.47 125.70 49.91
CA CA H . 23.79 -10.84 41.85
CA CA I . 3.66 -59.24 56.12
CA CA J . 28.90 0.43 46.19
CU CU K . 8.01 -45.83 41.89
CA CA L . 36.47 86.12 46.56
CA CA M . -44.13 54.86 -37.37
CA CA N . -17.34 0.75 -50.36
CU CU O . -30.37 46.46 -30.09
CA CA P . -7.13 -85.04 -60.49
CA CA Q . -1.46 -137.46 -47.43
CA CA R . -3.38 -72.77 -57.79
CU CU S . -10.35 -123.23 -58.37
CA CA T . -18.36 10.87 -44.36
#